data_2RKJ
#
_entry.id   2RKJ
#
_cell.length_a   231.063
_cell.length_b   123.525
_cell.length_c   235.231
_cell.angle_alpha   90.000
_cell.angle_beta   90.260
_cell.angle_gamma   90.000
#
_symmetry.space_group_name_H-M   'P 1 2 1'
#
loop_
_entity.id
_entity.type
_entity.pdbx_description
1 polymer 'RNA (238-MER)'
2 polymer "RNA (5'-R(P*GP*CP*UP*U)-3')"
3 polymer 'Tyrosyl-tRNA synthetase'
#
loop_
_entity_poly.entity_id
_entity_poly.type
_entity_poly.pdbx_seq_one_letter_code
_entity_poly.pdbx_strand_id
1 'polyribonucleotide'
;GAGCCUUUAUACAGUAAUGUAUAUCGAAAAAUCCUCUAAUUCAGGGAACACCUAAACAAACUAAGAUGUAGGCAAUCCUG
AGCUAAGCUCUGCGGAAACGCAGAGAAAGUGCAACGACUAUUCCGAUAGGAAGUAGGGUCAAGUGACUCGAAAUGGGGAU
UACCCUUCUAGGGUAGUGAUAUAGUCUGAACAUAUAUGGAAACAUAUAGAAGGAUAGGAGUAACGAACCUAUCCGUAACA
UAAUUG
;
C,G,K,O
2 'polyribonucleotide' GCUU D,H,L,P
3 'polypeptide(L)'
;MLRREFGPKYTAKINEAEENWQARAEAIKKGKKQNTWDLFEERGYVKDTAGTKEHIAELMRTRRIGAYVGIDPTAPSLHV
GHLLPLMPLFWMYLEGYKAFTLIGGSTAKIGDPTGRLKSRDHLSSSDATMNMTKIHYQLKKLWENVDTQMRARGYEADWA
RKRGIVNNNHWWNKQPMLEVLRRVGHALRIGPMLSRDTVKNKMTQGDGVSFAEFTYPIMQGWDWFELFYQQGVQMQIGGS
DQYGNIISGLEVVKAARESEPDPQERKYVTPKTALDECVGFTVPLLTDSSGAKFGKSAGNAIWLDPYQTSVFDFYGYFVR
RSDQEVENLLKLFTFMPISEITKTMEEHIKDPSKRVAQHTLAREVVTLVHGKQEASAAEDQHRMMYTGQMTI
;
A,B,E,F,I,J,M,N
#
loop_
_chem_comp.id
_chem_comp.type
_chem_comp.name
_chem_comp.formula
A RNA linking ADENOSINE-5'-MONOPHOSPHATE 'C10 H14 N5 O7 P'
C RNA linking CYTIDINE-5'-MONOPHOSPHATE 'C9 H14 N3 O8 P'
G RNA linking GUANOSINE-5'-MONOPHOSPHATE 'C10 H14 N5 O8 P'
U RNA linking URIDINE-5'-MONOPHOSPHATE 'C9 H13 N2 O9 P'
#
# COMPACT_ATOMS: atom_id res chain seq x y z
N PRO I 8 35.05 35.53 38.58
CA PRO I 8 35.28 34.33 37.73
C PRO I 8 35.34 34.70 36.26
N LYS I 9 35.40 33.68 35.42
CA LYS I 9 35.45 33.86 33.97
C LYS I 9 34.18 34.54 33.49
N TYR I 10 33.08 34.23 34.19
CA TYR I 10 31.78 34.81 33.88
C TYR I 10 31.87 36.36 33.96
N THR I 11 32.49 36.85 35.02
CA THR I 11 32.66 38.28 35.24
C THR I 11 33.53 38.86 34.13
N ALA I 12 34.37 38.01 33.53
CA ALA I 12 35.28 38.40 32.45
C ALA I 12 34.55 38.92 31.20
N LYS I 13 33.55 38.19 30.76
CA LYS I 13 32.78 38.56 29.59
C LYS I 13 31.97 39.81 29.93
N ILE I 14 31.44 39.84 31.14
CA ILE I 14 30.64 40.98 31.62
C ILE I 14 31.34 42.31 31.35
N ASN I 15 32.56 42.46 31.85
CA ASN I 15 33.32 43.69 31.66
C ASN I 15 33.68 43.89 30.19
N GLU I 16 33.86 42.79 29.49
CA GLU I 16 34.17 42.84 28.07
C GLU I 16 33.00 43.54 27.38
N ALA I 17 31.79 43.16 27.77
CA ALA I 17 30.59 43.75 27.19
C ALA I 17 30.55 45.26 27.44
N GLU I 18 30.94 45.69 28.65
CA GLU I 18 30.93 47.10 28.97
C GLU I 18 31.63 47.90 27.88
N GLU I 19 32.85 47.50 27.56
CA GLU I 19 33.64 48.19 26.54
C GLU I 19 32.88 48.26 25.23
N ASN I 20 32.43 47.11 24.75
CA ASN I 20 31.68 47.02 23.50
C ASN I 20 30.63 48.13 23.49
N TRP I 21 29.80 48.14 24.53
CA TRP I 21 28.72 49.11 24.70
C TRP I 21 29.24 50.55 24.70
N GLN I 22 30.55 50.69 24.86
CA GLN I 22 31.14 52.02 24.85
C GLN I 22 31.49 52.43 23.42
N ALA I 23 31.95 51.49 22.60
CA ALA I 23 32.27 51.82 21.21
C ALA I 23 30.95 52.32 20.63
N ARG I 24 29.87 51.74 21.15
CA ARG I 24 28.50 52.08 20.75
C ARG I 24 28.14 53.47 21.27
N ALA I 25 28.26 53.66 22.58
CA ALA I 25 27.94 54.94 23.19
C ALA I 25 28.71 56.03 22.45
N GLU I 26 29.81 55.63 21.83
CA GLU I 26 30.65 56.55 21.08
C GLU I 26 30.00 56.94 19.78
N ALA I 27 29.80 55.95 18.92
CA ALA I 27 29.17 56.19 17.63
C ALA I 27 28.02 57.18 17.82
N ILE I 28 27.13 56.90 18.78
CA ILE I 28 26.01 57.79 19.03
C ILE I 28 26.47 59.20 19.40
N LYS I 29 27.58 59.29 20.14
CA LYS I 29 28.13 60.57 20.54
C LYS I 29 28.46 61.44 19.34
N LYS I 30 28.93 60.82 18.26
CA LYS I 30 29.28 61.54 17.02
C LYS I 30 28.27 61.18 15.93
N GLY I 31 27.04 60.86 16.35
CA GLY I 31 25.98 60.51 15.43
C GLY I 31 26.40 59.47 14.41
N LYS I 32 27.38 58.64 14.77
CA LYS I 32 27.88 57.61 13.87
C LYS I 32 26.84 56.49 13.70
N LYS I 33 26.01 56.30 14.72
CA LYS I 33 24.93 55.30 14.71
C LYS I 33 23.76 55.91 15.48
N GLN I 34 22.54 55.74 14.98
CA GLN I 34 21.37 56.32 15.64
C GLN I 34 21.19 55.86 17.10
N ASN I 35 20.62 56.72 17.94
CA ASN I 35 20.37 56.37 19.33
C ASN I 35 19.05 55.61 19.38
N THR I 36 19.10 54.43 19.97
CA THR I 36 17.93 53.58 20.12
C THR I 36 16.71 54.44 20.42
N TRP I 37 16.93 55.50 21.20
CA TRP I 37 15.85 56.40 21.55
C TRP I 37 15.35 57.15 20.33
N ASP I 38 16.28 57.73 19.58
CA ASP I 38 15.89 58.48 18.40
C ASP I 38 15.34 57.50 17.36
N LEU I 39 15.43 56.22 17.70
CA LEU I 39 14.90 55.20 16.82
C LEU I 39 13.40 55.16 17.11
N PHE I 40 13.07 55.32 18.39
CA PHE I 40 11.69 55.34 18.87
C PHE I 40 10.94 56.56 18.33
N GLU I 41 11.69 57.63 18.08
CA GLU I 41 11.11 58.84 17.55
C GLU I 41 10.95 58.69 16.06
N GLU I 42 11.76 57.82 15.47
CA GLU I 42 11.71 57.61 14.03
C GLU I 42 10.63 56.66 13.56
N ARG I 43 9.94 56.01 14.48
CA ARG I 43 8.89 55.10 14.07
C ARG I 43 7.60 55.52 14.75
N GLY I 44 7.74 56.50 15.65
CA GLY I 44 6.60 57.03 16.39
C GLY I 44 6.13 56.30 17.63
N TYR I 45 7.05 55.79 18.44
CA TYR I 45 6.65 55.05 19.65
C TYR I 45 6.58 55.93 20.88
N VAL I 46 6.57 57.25 20.71
CA VAL I 46 6.54 58.14 21.87
C VAL I 46 5.32 59.05 21.99
N LYS I 47 4.44 58.74 22.94
CA LYS I 47 3.24 59.55 23.18
C LYS I 47 3.57 60.54 24.31
N ASP I 48 3.90 60.00 25.47
CA ASP I 48 4.25 60.82 26.61
C ASP I 48 5.56 60.31 27.22
N THR I 49 6.11 61.09 28.14
CA THR I 49 7.34 60.68 28.80
C THR I 49 7.44 61.09 30.26
N ALA I 50 7.77 60.10 31.09
CA ALA I 50 7.95 60.25 32.52
C ALA I 50 9.45 60.19 32.65
N GLY I 51 10.07 61.33 32.34
CA GLY I 51 11.51 61.44 32.38
C GLY I 51 11.98 62.28 31.22
N THR I 52 12.66 63.38 31.52
CA THR I 52 13.18 64.27 30.50
C THR I 52 13.44 63.53 29.19
N LYS I 53 12.59 63.78 28.19
CA LYS I 53 12.68 63.14 26.87
C LYS I 53 14.16 62.99 26.54
N GLU I 54 14.89 64.07 26.80
CA GLU I 54 16.33 64.17 26.57
C GLU I 54 17.10 63.21 27.46
N HIS I 55 16.99 63.42 28.77
CA HIS I 55 17.67 62.59 29.74
C HIS I 55 17.57 61.14 29.28
N ILE I 56 16.33 60.67 29.16
CA ILE I 56 16.05 59.31 28.74
C ILE I 56 17.03 58.90 27.66
N ALA I 57 17.16 59.76 26.65
CA ALA I 57 18.06 59.48 25.53
C ALA I 57 19.45 59.13 26.00
N GLU I 58 20.05 60.03 26.76
CA GLU I 58 21.39 59.83 27.26
C GLU I 58 21.47 58.52 28.02
N LEU I 59 20.56 58.35 28.97
CA LEU I 59 20.52 57.12 29.74
C LEU I 59 20.63 55.89 28.82
N MET I 60 20.12 56.00 27.59
CA MET I 60 20.14 54.90 26.61
C MET I 60 21.40 54.76 25.79
N ARG I 61 21.86 55.88 25.26
CA ARG I 61 23.10 55.89 24.49
C ARG I 61 24.18 55.32 25.42
N THR I 62 24.19 55.84 26.65
CA THR I 62 25.16 55.49 27.70
C THR I 62 25.19 54.07 28.25
N ARG I 63 24.38 53.82 29.28
CA ARG I 63 24.30 52.52 29.94
C ARG I 63 23.56 51.45 29.12
N ARG I 64 23.77 50.20 29.49
CA ARG I 64 23.13 49.08 28.81
C ARG I 64 21.84 48.80 29.62
N ILE I 65 21.03 49.84 29.82
CA ILE I 65 19.82 49.71 30.62
C ILE I 65 18.85 48.61 30.21
N GLY I 66 17.81 48.46 31.04
CA GLY I 66 16.78 47.46 30.80
C GLY I 66 15.39 48.04 30.95
N ALA I 67 14.39 47.32 30.42
CA ALA I 67 13.01 47.75 30.48
C ALA I 67 12.08 46.55 30.41
N TYR I 68 10.78 46.80 30.48
CA TYR I 68 9.79 45.73 30.45
C TYR I 68 8.40 46.21 30.04
N VAL I 69 7.51 45.27 29.76
CA VAL I 69 6.13 45.60 29.39
C VAL I 69 5.19 44.63 30.07
N GLY I 70 4.27 45.15 30.86
CA GLY I 70 3.33 44.32 31.60
C GLY I 70 2.04 44.00 30.88
N ILE I 71 1.57 42.77 31.03
CA ILE I 71 0.36 42.34 30.36
C ILE I 71 -0.59 41.65 31.32
N ASP I 72 -1.74 42.25 31.53
CA ASP I 72 -2.78 41.70 32.40
C ASP I 72 -3.36 40.43 31.78
N PRO I 73 -3.01 39.26 32.34
CA PRO I 73 -3.52 37.99 31.81
C PRO I 73 -5.01 37.74 32.04
N THR I 74 -5.83 38.71 31.64
CA THR I 74 -7.27 38.59 31.78
C THR I 74 -7.85 37.79 30.61
N ALA I 75 -7.35 38.02 29.39
CA ALA I 75 -7.81 37.32 28.19
C ALA I 75 -6.97 36.07 27.95
N PRO I 76 -7.53 35.07 27.28
CA PRO I 76 -6.75 33.86 27.01
C PRO I 76 -5.95 34.01 25.73
N SER I 77 -5.67 35.26 25.39
CA SER I 77 -4.88 35.60 24.22
C SER I 77 -4.75 37.10 24.05
N LEU I 78 -3.56 37.53 23.65
CA LEU I 78 -3.30 38.94 23.43
C LEU I 78 -3.81 39.26 22.05
N HIS I 79 -4.09 40.54 21.84
CA HIS I 79 -4.55 40.98 20.55
C HIS I 79 -3.55 41.99 20.05
N VAL I 80 -3.66 42.35 18.78
CA VAL I 80 -2.76 43.30 18.18
C VAL I 80 -2.46 44.54 19.05
N GLY I 81 -3.46 45.08 19.74
CA GLY I 81 -3.26 46.25 20.59
C GLY I 81 -2.07 46.23 21.53
N HIS I 82 -1.58 45.03 21.81
CA HIS I 82 -0.43 44.79 22.70
C HIS I 82 0.89 44.81 21.91
N LEU I 83 0.78 44.54 20.61
CA LEU I 83 1.93 44.49 19.72
C LEU I 83 2.59 45.85 19.60
N LEU I 84 1.83 46.92 19.82
CA LEU I 84 2.42 48.24 19.70
C LEU I 84 3.55 48.44 20.69
N PRO I 85 3.24 48.42 21.99
CA PRO I 85 4.27 48.62 23.02
C PRO I 85 5.38 47.59 23.09
N LEU I 86 5.16 46.42 22.51
CA LEU I 86 6.18 45.39 22.55
C LEU I 86 7.26 45.62 21.51
N MET I 87 6.90 46.34 20.46
CA MET I 87 7.83 46.63 19.39
C MET I 87 9.06 47.39 19.91
N PRO I 88 8.87 48.59 20.47
CA PRO I 88 10.03 49.32 20.98
C PRO I 88 10.88 48.49 21.95
N LEU I 89 10.23 47.60 22.68
CA LEU I 89 10.95 46.74 23.61
C LEU I 89 11.88 45.94 22.71
N PHE I 90 11.26 45.20 21.80
CA PHE I 90 11.95 44.36 20.84
C PHE I 90 13.15 45.07 20.26
N TRP I 91 12.91 46.25 19.72
CA TRP I 91 14.00 47.02 19.15
C TRP I 91 15.13 47.13 20.19
N MET I 92 14.81 47.56 21.40
CA MET I 92 15.81 47.67 22.44
C MET I 92 16.58 46.36 22.54
N TYR I 93 15.87 45.27 22.35
CA TYR I 93 16.46 43.95 22.44
C TYR I 93 17.43 43.74 21.30
N LEU I 94 17.06 44.23 20.14
CA LEU I 94 17.87 44.08 18.96
C LEU I 94 19.15 44.87 19.10
N GLU I 95 19.16 45.81 20.04
CA GLU I 95 20.34 46.64 20.29
C GLU I 95 21.28 46.07 21.36
N GLY I 96 20.76 45.15 22.18
CA GLY I 96 21.57 44.52 23.22
C GLY I 96 21.18 44.80 24.66
N TYR I 97 20.16 45.63 24.87
CA TYR I 97 19.72 45.96 26.21
C TYR I 97 19.19 44.72 26.96
N LYS I 98 18.44 44.95 28.04
CA LYS I 98 17.87 43.88 28.85
C LYS I 98 16.39 44.11 28.89
N ALA I 99 15.66 43.38 28.09
CA ALA I 99 14.22 43.56 28.03
C ALA I 99 13.46 42.38 28.59
N PHE I 100 12.28 42.63 29.13
CA PHE I 100 11.47 41.58 29.69
C PHE I 100 10.00 41.92 29.50
N THR I 101 9.18 40.89 29.58
CA THR I 101 7.74 40.99 29.44
C THR I 101 7.09 40.45 30.72
N LEU I 102 6.64 41.34 31.58
CA LEU I 102 6.03 40.93 32.84
C LEU I 102 4.57 40.54 32.71
N ILE I 103 4.26 39.33 33.13
CA ILE I 103 2.90 38.85 33.07
C ILE I 103 2.29 39.18 34.41
N GLY I 104 1.04 39.63 34.40
CA GLY I 104 0.37 39.98 35.64
C GLY I 104 -0.42 38.90 36.35
N GLY I 105 0.05 37.66 36.19
CA GLY I 105 -0.59 36.49 36.79
C GLY I 105 -1.37 36.73 38.08
N SER I 106 -0.89 37.66 38.91
CA SER I 106 -1.60 37.95 40.14
C SER I 106 -2.41 39.22 39.94
N THR I 107 -1.79 40.22 39.34
CA THR I 107 -2.49 41.48 39.10
C THR I 107 -3.85 41.30 38.46
N ALA I 108 -3.97 40.38 37.50
CA ALA I 108 -5.25 40.16 36.85
C ALA I 108 -6.32 40.03 37.93
N LYS I 109 -6.02 39.29 39.00
CA LYS I 109 -6.95 39.07 40.11
C LYS I 109 -7.55 40.36 40.69
N ILE I 110 -6.94 41.50 40.39
CA ILE I 110 -7.43 42.79 40.85
C ILE I 110 -7.79 43.60 39.61
N GLY I 111 -6.88 43.63 38.65
CA GLY I 111 -7.10 44.33 37.40
C GLY I 111 -6.81 45.81 37.44
N ASP I 112 -6.26 46.33 36.35
CA ASP I 112 -5.93 47.74 36.27
C ASP I 112 -7.17 48.60 36.33
N PRO I 113 -7.38 49.27 37.46
CA PRO I 113 -8.54 50.16 37.65
C PRO I 113 -8.42 51.47 36.86
N THR I 114 -8.23 51.34 35.55
CA THR I 114 -8.11 52.48 34.66
C THR I 114 -9.45 52.69 33.97
N GLY I 115 -10.34 53.43 34.62
CA GLY I 115 -11.65 53.69 34.06
C GLY I 115 -12.75 53.56 35.09
N ASP I 127 -9.99 29.43 37.29
CA ASP I 127 -9.77 29.13 35.87
C ASP I 127 -8.85 30.19 35.28
N ALA I 128 -8.71 31.28 36.03
CA ALA I 128 -7.88 32.39 35.62
C ALA I 128 -6.53 31.85 35.15
N THR I 129 -6.17 30.70 35.70
CA THR I 129 -4.90 30.03 35.38
C THR I 129 -4.83 29.79 33.90
N MET I 130 -5.86 29.11 33.39
CA MET I 130 -5.96 28.79 31.99
C MET I 130 -5.49 29.99 31.20
N ASN I 131 -6.08 31.13 31.51
CA ASN I 131 -5.67 32.33 30.79
C ASN I 131 -4.16 32.55 30.97
N MET I 132 -3.76 32.92 32.17
CA MET I 132 -2.36 33.17 32.50
C MET I 132 -1.41 32.23 31.74
N THR I 133 -1.77 30.94 31.70
CA THR I 133 -0.95 29.93 31.04
C THR I 133 -0.73 30.28 29.59
N LYS I 134 -1.81 30.17 28.82
CA LYS I 134 -1.79 30.48 27.40
C LYS I 134 -0.87 31.67 27.16
N ILE I 135 -1.29 32.82 27.67
CA ILE I 135 -0.53 34.07 27.53
C ILE I 135 0.97 33.89 27.63
N HIS I 136 1.44 33.24 28.69
CA HIS I 136 2.88 33.00 28.87
C HIS I 136 3.39 32.53 27.54
N TYR I 137 3.08 31.26 27.25
CA TYR I 137 3.51 30.66 26.02
C TYR I 137 3.37 31.66 24.85
N GLN I 138 2.17 32.22 24.67
CA GLN I 138 1.91 33.17 23.59
C GLN I 138 3.06 34.19 23.48
N LEU I 139 3.54 34.65 24.62
CA LEU I 139 4.62 35.61 24.65
C LEU I 139 5.96 35.01 24.20
N LYS I 140 6.34 33.88 24.76
CA LYS I 140 7.60 33.26 24.37
C LYS I 140 7.65 33.08 22.88
N LYS I 141 6.56 32.57 22.31
CA LYS I 141 6.47 32.36 20.86
C LYS I 141 6.99 33.61 20.13
N LEU I 142 6.45 34.77 20.49
CA LEU I 142 6.90 35.99 19.85
C LEU I 142 8.42 36.09 19.85
N TRP I 143 9.03 35.99 21.03
CA TRP I 143 10.49 36.09 21.11
C TRP I 143 11.08 35.08 20.16
N GLU I 144 10.59 33.84 20.22
CA GLU I 144 11.06 32.76 19.35
C GLU I 144 11.16 33.24 17.89
N ASN I 145 10.31 34.20 17.54
CA ASN I 145 10.28 34.79 16.22
C ASN I 145 11.12 36.06 16.18
N VAL I 146 11.03 36.87 17.23
CA VAL I 146 11.82 38.09 17.28
C VAL I 146 13.29 37.72 17.05
N ASP I 147 13.73 36.62 17.67
CA ASP I 147 15.09 36.15 17.48
C ASP I 147 15.27 35.81 16.00
N THR I 148 14.58 34.75 15.55
CA THR I 148 14.63 34.28 14.17
C THR I 148 14.69 35.50 13.26
N GLN I 149 13.86 36.49 13.58
CA GLN I 149 13.82 37.72 12.83
C GLN I 149 15.15 38.44 12.99
N MET I 150 15.50 38.77 14.24
CA MET I 150 16.73 39.50 14.56
C MET I 150 17.97 39.04 13.81
N ARG I 151 18.27 37.76 13.97
CA ARG I 151 19.43 37.18 13.32
C ARG I 151 19.27 37.31 11.82
N ALA I 152 18.09 36.95 11.31
CA ALA I 152 17.82 37.04 9.88
C ALA I 152 17.97 38.45 9.28
N ARG I 153 17.17 39.42 9.74
CA ARG I 153 17.23 40.79 9.22
C ARG I 153 18.56 41.47 9.45
N GLY I 154 19.58 40.64 9.62
CA GLY I 154 20.94 41.12 9.82
C GLY I 154 21.23 41.79 11.15
N TYR I 155 21.46 40.99 12.18
CA TYR I 155 21.80 41.48 13.51
C TYR I 155 22.94 40.65 14.09
N GLU I 156 23.80 41.28 14.89
CA GLU I 156 24.94 40.59 15.47
C GLU I 156 24.69 39.93 16.81
N ALA I 157 25.39 38.82 17.01
CA ALA I 157 25.28 38.04 18.22
C ALA I 157 26.00 38.75 19.38
N ASP I 158 25.24 39.24 20.34
CA ASP I 158 25.80 39.92 21.50
C ASP I 158 25.55 39.03 22.70
N TRP I 159 26.62 38.75 23.42
CA TRP I 159 26.57 37.90 24.60
C TRP I 159 25.68 38.56 25.65
N ALA I 160 26.11 39.72 26.11
CA ALA I 160 25.41 40.48 27.12
C ALA I 160 23.91 40.68 26.85
N ARG I 161 23.52 40.67 25.59
CA ARG I 161 22.12 40.86 25.20
C ARG I 161 21.23 40.07 26.14
N LYS I 162 20.07 40.62 26.49
CA LYS I 162 19.21 39.92 27.41
C LYS I 162 17.71 40.16 27.32
N ARG I 163 16.99 39.06 27.13
CA ARG I 163 15.53 39.05 27.04
C ARG I 163 14.96 38.04 28.06
N GLY I 164 13.63 37.97 28.15
CA GLY I 164 13.02 37.04 29.10
C GLY I 164 11.58 37.33 29.45
N ILE I 165 10.92 36.35 30.06
CA ILE I 165 9.52 36.48 30.46
C ILE I 165 9.32 36.30 31.96
N VAL I 166 8.75 37.29 32.61
CA VAL I 166 8.52 37.20 34.05
C VAL I 166 7.07 37.13 34.36
N ASN I 167 6.80 36.82 35.63
CA ASN I 167 5.44 36.70 36.13
C ASN I 167 5.36 37.37 37.50
N ASN I 168 4.67 38.51 37.58
CA ASN I 168 4.55 39.25 38.84
C ASN I 168 4.16 38.34 40.00
N ASN I 169 3.50 37.22 39.72
CA ASN I 169 3.08 36.32 40.78
C ASN I 169 4.31 35.78 41.53
N HIS I 170 5.35 35.43 40.76
CA HIS I 170 6.62 34.92 41.28
C HIS I 170 6.99 35.39 42.68
N TRP I 171 6.77 36.68 42.94
CA TRP I 171 7.07 37.24 44.25
C TRP I 171 5.79 37.59 45.03
N TRP I 172 4.81 38.20 44.36
CA TRP I 172 3.55 38.60 44.97
C TRP I 172 2.81 37.50 45.69
N ASN I 173 3.08 36.26 45.29
CA ASN I 173 2.42 35.10 45.89
C ASN I 173 2.81 34.89 47.34
N LYS I 174 3.99 35.34 47.70
CA LYS I 174 4.42 35.19 49.07
C LYS I 174 4.81 36.55 49.64
N GLN I 175 4.93 37.53 48.76
CA GLN I 175 5.31 38.89 49.15
C GLN I 175 4.54 39.42 50.33
N PRO I 176 5.18 39.44 51.49
CA PRO I 176 4.56 39.93 52.72
C PRO I 176 4.20 41.39 52.58
N MET I 177 3.13 41.77 53.26
CA MET I 177 2.64 43.14 53.23
C MET I 177 3.50 44.03 54.11
N LEU I 178 3.90 43.52 55.27
CA LEU I 178 4.73 44.30 56.17
C LEU I 178 5.86 44.92 55.35
N GLU I 179 6.54 44.08 54.59
CA GLU I 179 7.66 44.51 53.74
C GLU I 179 7.29 45.77 52.96
N VAL I 180 6.28 45.61 52.10
CA VAL I 180 5.79 46.70 51.25
C VAL I 180 5.38 47.91 52.06
N LEU I 181 4.25 47.77 52.75
CA LEU I 181 3.70 48.84 53.58
C LEU I 181 4.78 49.65 54.28
N ARG I 182 5.88 49.01 54.65
CA ARG I 182 6.94 49.73 55.32
C ARG I 182 7.95 50.28 54.31
N ARG I 183 8.55 49.40 53.51
CA ARG I 183 9.54 49.82 52.52
C ARG I 183 9.10 50.98 51.63
N VAL I 184 7.81 51.27 51.58
CA VAL I 184 7.33 52.37 50.75
C VAL I 184 6.14 53.10 51.31
N GLY I 185 5.34 52.39 52.09
CA GLY I 185 4.13 52.98 52.68
C GLY I 185 4.28 54.36 53.28
N HIS I 186 5.44 54.62 53.89
CA HIS I 186 5.69 55.90 54.53
C HIS I 186 5.95 57.00 53.49
N ALA I 187 6.39 56.58 52.31
CA ALA I 187 6.73 57.51 51.23
C ALA I 187 5.54 58.00 50.41
N LEU I 188 4.62 57.10 50.09
CA LEU I 188 3.47 57.51 49.31
C LEU I 188 2.44 58.16 50.23
N ARG I 189 1.52 58.91 49.63
CA ARG I 189 0.45 59.57 50.38
C ARG I 189 -0.78 59.52 49.50
N ILE I 190 -1.88 59.01 50.03
CA ILE I 190 -3.15 58.87 49.31
C ILE I 190 -3.52 60.12 48.51
N GLY I 191 -2.80 61.21 48.78
CA GLY I 191 -3.05 62.47 48.10
C GLY I 191 -2.96 62.34 46.60
N PRO I 192 -1.76 62.48 46.01
CA PRO I 192 -1.67 62.35 44.56
C PRO I 192 -2.16 60.98 44.06
N MET I 193 -2.83 60.24 44.95
CA MET I 193 -3.41 58.93 44.63
C MET I 193 -4.92 59.07 44.49
N LEU I 194 -5.56 59.52 45.56
CA LEU I 194 -7.01 59.72 45.56
C LEU I 194 -7.33 60.88 44.61
N SER I 195 -6.35 61.76 44.40
CA SER I 195 -6.55 62.88 43.51
C SER I 195 -6.41 62.43 42.05
N ARG I 196 -5.74 61.29 41.85
CA ARG I 196 -5.53 60.76 40.48
C ARG I 196 -6.88 60.76 39.77
N ASP I 197 -6.97 61.50 38.67
CA ASP I 197 -8.23 61.58 37.96
C ASP I 197 -8.82 60.25 37.54
N THR I 198 -8.05 59.49 36.76
CA THR I 198 -8.49 58.19 36.28
C THR I 198 -9.31 57.44 37.33
N VAL I 199 -8.69 57.20 38.47
CA VAL I 199 -9.36 56.49 39.55
C VAL I 199 -10.34 57.35 40.37
N LYS I 200 -9.92 58.53 40.82
CA LYS I 200 -10.78 59.43 41.61
C LYS I 200 -12.11 59.58 40.90
N ASN I 201 -12.04 59.71 39.58
CA ASN I 201 -13.23 59.85 38.78
C ASN I 201 -14.11 58.61 38.98
N LYS I 202 -13.50 57.46 39.21
CA LYS I 202 -14.29 56.24 39.41
C LYS I 202 -15.23 56.29 40.60
N MET I 203 -14.82 56.98 41.67
CA MET I 203 -15.64 57.08 42.88
C MET I 203 -16.81 58.00 42.63
N THR I 204 -16.51 59.13 42.02
CA THR I 204 -17.55 60.10 41.72
C THR I 204 -18.48 59.51 40.65
N GLN I 205 -17.97 59.42 39.42
CA GLN I 205 -18.73 58.86 38.28
C GLN I 205 -18.53 57.35 38.22
N GLY I 206 -19.13 56.66 39.18
CA GLY I 206 -19.01 55.21 39.21
C GLY I 206 -19.53 54.67 40.53
N ASP I 207 -19.27 53.39 40.76
CA ASP I 207 -19.69 52.72 41.98
C ASP I 207 -18.78 53.18 43.10
N GLY I 208 -17.49 53.16 42.80
CA GLY I 208 -16.47 53.54 43.76
C GLY I 208 -15.18 52.80 43.46
N VAL I 209 -14.57 52.24 44.50
CA VAL I 209 -13.31 51.54 44.31
C VAL I 209 -13.01 50.65 45.51
N SER I 210 -12.42 49.49 45.25
CA SER I 210 -12.05 48.54 46.30
C SER I 210 -10.59 48.74 46.68
N PHE I 211 -10.28 48.57 47.97
CA PHE I 211 -8.92 48.75 48.46
C PHE I 211 -7.94 48.16 47.48
N ALA I 212 -8.37 47.10 46.82
CA ALA I 212 -7.52 46.44 45.85
C ALA I 212 -7.19 47.44 44.77
N GLU I 213 -8.21 47.90 44.06
CA GLU I 213 -8.01 48.85 42.98
C GLU I 213 -7.08 49.97 43.40
N PHE I 214 -7.39 50.61 44.53
CA PHE I 214 -6.58 51.73 45.01
C PHE I 214 -5.12 51.32 45.12
N THR I 215 -4.90 50.09 45.57
CA THR I 215 -3.54 49.57 45.76
C THR I 215 -2.90 49.07 44.48
N TYR I 216 -3.71 48.64 43.51
CA TYR I 216 -3.18 48.13 42.25
C TYR I 216 -1.98 48.94 41.82
N PRO I 217 -2.16 50.25 41.65
CA PRO I 217 -0.98 51.00 41.23
C PRO I 217 0.22 50.61 42.10
N ILE I 218 0.09 50.81 43.41
CA ILE I 218 1.17 50.52 44.35
C ILE I 218 1.93 49.25 43.97
N MET I 219 1.21 48.21 43.55
CA MET I 219 1.86 46.97 43.19
C MET I 219 2.61 47.12 41.90
N GLN I 220 1.97 47.78 40.93
CA GLN I 220 2.55 48.02 39.60
C GLN I 220 3.90 48.69 39.80
N GLY I 221 4.03 49.37 40.92
CA GLY I 221 5.26 50.06 41.25
C GLY I 221 6.23 49.15 41.96
N TRP I 222 5.71 48.22 42.75
CA TRP I 222 6.57 47.32 43.46
C TRP I 222 7.13 46.41 42.41
N ASP I 223 6.38 46.24 41.34
CA ASP I 223 6.82 45.41 40.24
C ASP I 223 8.03 46.06 39.59
N TRP I 224 7.86 47.28 39.11
CA TRP I 224 8.95 48.01 38.47
C TRP I 224 10.23 47.81 39.29
N PHE I 225 10.14 48.16 40.57
CA PHE I 225 11.27 48.02 41.49
C PHE I 225 11.79 46.60 41.47
N GLU I 226 10.92 45.63 41.79
CA GLU I 226 11.36 44.24 41.78
C GLU I 226 12.28 44.03 40.58
N LEU I 227 11.82 44.39 39.39
CA LEU I 227 12.62 44.24 38.18
C LEU I 227 13.95 45.00 38.25
N PHE I 228 13.96 46.15 38.93
CA PHE I 228 15.19 46.93 39.09
C PHE I 228 16.08 46.19 40.08
N TYR I 229 15.51 45.88 41.24
CA TYR I 229 16.19 45.18 42.33
C TYR I 229 16.63 43.80 41.89
N GLN I 230 15.77 43.12 41.15
CA GLN I 230 16.06 41.77 40.68
C GLN I 230 16.57 41.67 39.23
N GLN I 231 16.63 42.77 38.50
CA GLN I 231 17.09 42.67 37.13
C GLN I 231 17.60 43.92 36.47
N GLY I 232 17.86 44.96 37.27
CA GLY I 232 18.37 46.20 36.70
C GLY I 232 17.53 46.80 35.59
N VAL I 233 16.33 47.22 35.97
CA VAL I 233 15.40 47.82 35.02
C VAL I 233 15.28 49.30 35.28
N GLN I 234 15.67 50.11 34.31
CA GLN I 234 15.57 51.54 34.46
C GLN I 234 14.54 52.12 33.49
N MET I 235 13.65 51.25 32.98
CA MET I 235 12.65 51.70 32.02
C MET I 235 11.41 50.81 31.91
N GLN I 236 10.27 51.43 31.60
CA GLN I 236 9.03 50.69 31.43
C GLN I 236 8.18 51.27 30.32
N ILE I 237 7.88 50.43 29.34
CA ILE I 237 7.07 50.82 28.20
C ILE I 237 5.65 50.35 28.39
N GLY I 238 4.67 51.24 28.19
CA GLY I 238 3.29 50.83 28.40
C GLY I 238 2.16 51.41 27.56
N GLY I 239 0.94 51.16 28.03
CA GLY I 239 -0.23 51.64 27.34
C GLY I 239 -0.31 53.15 27.38
N SER I 240 -0.91 53.70 26.34
CA SER I 240 -1.08 55.15 26.20
C SER I 240 -1.66 55.73 27.49
N ASP I 241 -2.60 55.00 28.07
CA ASP I 241 -3.32 55.37 29.29
C ASP I 241 -2.56 55.01 30.57
N GLN I 242 -1.45 54.29 30.38
CA GLN I 242 -0.61 53.80 31.46
C GLN I 242 0.37 54.84 31.99
N TYR I 243 0.24 56.08 31.52
CA TYR I 243 1.12 57.14 32.00
C TYR I 243 0.84 57.35 33.48
N GLY I 244 -0.41 57.68 33.79
CA GLY I 244 -0.80 57.91 35.17
C GLY I 244 -0.28 56.85 36.12
N ASN I 245 -0.05 55.67 35.55
CA ASN I 245 0.46 54.53 36.30
C ASN I 245 1.99 54.52 36.31
N ILE I 246 2.60 54.77 35.16
CA ILE I 246 4.05 54.79 35.05
C ILE I 246 4.62 55.83 36.00
N ILE I 247 3.91 56.92 36.18
CA ILE I 247 4.37 57.95 37.09
C ILE I 247 4.29 57.43 38.52
N SER I 248 3.08 57.14 38.98
CA SER I 248 2.89 56.65 40.34
C SER I 248 3.82 55.48 40.68
N GLY I 249 4.08 54.63 39.69
CA GLY I 249 4.95 53.49 39.92
C GLY I 249 6.31 54.04 40.31
N LEU I 250 6.81 54.93 39.47
CA LEU I 250 8.10 55.57 39.69
C LEU I 250 8.27 55.86 41.16
N GLU I 251 7.48 56.80 41.65
CA GLU I 251 7.54 57.17 43.05
C GLU I 251 7.81 55.94 43.93
N VAL I 252 6.96 54.93 43.80
CA VAL I 252 7.12 53.72 44.59
C VAL I 252 8.48 53.08 44.36
N VAL I 253 8.92 53.08 43.11
CA VAL I 253 10.21 52.51 42.76
C VAL I 253 11.26 53.06 43.68
N LYS I 254 11.47 54.37 43.57
CA LYS I 254 12.44 55.09 44.37
C LYS I 254 12.30 54.79 45.87
N ALA I 255 11.12 55.08 46.42
CA ALA I 255 10.85 54.87 47.84
C ALA I 255 11.58 53.64 48.40
N ALA I 256 11.42 52.51 47.73
CA ALA I 256 12.07 51.26 48.15
C ALA I 256 13.58 51.43 48.08
N ARG I 257 14.07 51.92 46.95
CA ARG I 257 15.50 52.13 46.75
C ARG I 257 16.06 52.99 47.88
N GLU I 258 15.29 54.00 48.29
CA GLU I 258 15.68 54.89 49.38
C GLU I 258 15.85 54.08 50.67
N SER I 259 14.72 53.62 51.20
CA SER I 259 14.69 52.85 52.42
C SER I 259 15.34 51.47 52.36
N GLU I 260 16.53 51.35 51.80
CA GLU I 260 17.19 50.04 51.73
C GLU I 260 17.96 49.85 53.03
N PRO I 261 17.37 49.12 54.00
CA PRO I 261 17.96 48.84 55.33
C PRO I 261 19.21 47.97 55.29
N ASP I 262 19.83 47.94 54.11
CA ASP I 262 21.05 47.19 53.95
C ASP I 262 22.13 48.12 53.41
N PRO I 263 23.21 48.30 54.19
CA PRO I 263 24.34 49.15 53.82
C PRO I 263 25.14 48.70 52.58
N GLN I 264 25.42 47.39 52.50
CA GLN I 264 26.14 46.82 51.38
C GLN I 264 25.25 46.73 50.14
N GLU I 265 23.93 46.73 50.35
CA GLU I 265 22.96 46.68 49.26
C GLU I 265 22.52 48.09 48.85
N ARG I 266 22.81 49.07 49.70
CA ARG I 266 22.48 50.46 49.40
C ARG I 266 23.42 50.89 48.27
N LYS I 267 24.63 50.34 48.30
CA LYS I 267 25.67 50.62 47.30
C LYS I 267 25.15 50.29 45.91
N TYR I 268 24.03 49.59 45.88
CA TYR I 268 23.39 49.17 44.65
C TYR I 268 22.14 50.01 44.41
N VAL I 269 21.03 49.54 44.98
CA VAL I 269 19.73 50.18 44.84
C VAL I 269 19.64 51.71 44.95
N THR I 270 20.21 52.27 46.02
CA THR I 270 20.16 53.71 46.26
C THR I 270 20.48 54.60 45.06
N PRO I 271 19.61 55.58 44.78
CA PRO I 271 19.75 56.53 43.67
C PRO I 271 21.11 57.21 43.70
N LYS I 272 22.09 56.53 43.13
CA LYS I 272 23.45 57.02 43.07
C LYS I 272 23.53 58.16 42.05
N THR I 273 24.26 57.93 40.95
CA THR I 273 24.42 58.93 39.89
C THR I 273 23.08 59.50 39.40
N ALA I 274 23.09 60.73 38.89
CA ALA I 274 21.87 61.37 38.40
C ALA I 274 21.21 60.50 37.31
N LEU I 275 22.02 59.98 36.38
CA LEU I 275 21.54 59.14 35.29
C LEU I 275 20.93 57.82 35.78
N ASP I 276 21.28 57.46 37.01
CA ASP I 276 20.80 56.23 37.65
C ASP I 276 19.32 56.38 37.97
N GLU I 277 18.58 57.03 37.08
CA GLU I 277 17.14 57.24 37.26
C GLU I 277 16.28 56.44 36.27
N CYS I 278 15.26 55.77 36.80
CA CYS I 278 14.36 54.96 35.97
C CYS I 278 13.38 55.86 35.24
N VAL I 279 13.34 55.74 33.92
CA VAL I 279 12.44 56.57 33.11
C VAL I 279 11.54 55.67 32.27
N GLY I 280 10.49 56.26 31.70
CA GLY I 280 9.59 55.46 30.88
C GLY I 280 8.91 56.26 29.79
N PHE I 281 8.14 55.58 28.94
CA PHE I 281 7.41 56.25 27.86
C PHE I 281 6.21 55.43 27.37
N THR I 282 5.07 56.10 27.28
CA THR I 282 3.83 55.48 26.84
C THR I 282 3.71 55.61 25.34
N VAL I 283 3.66 54.48 24.65
CA VAL I 283 3.52 54.49 23.20
C VAL I 283 2.16 55.10 22.91
N PRO I 284 2.01 55.69 21.71
CA PRO I 284 0.71 56.31 21.39
C PRO I 284 -0.49 55.35 21.22
N LEU I 285 -1.68 55.87 21.48
CA LEU I 285 -2.94 55.14 21.35
C LEU I 285 -3.34 55.21 19.87
N LEU I 286 -3.33 54.08 19.15
CA LEU I 286 -3.71 54.11 17.73
C LEU I 286 -5.14 53.69 17.44
N THR I 287 -5.59 54.02 16.22
CA THR I 287 -6.93 53.68 15.74
C THR I 287 -6.88 53.46 14.22
N ASP I 288 -7.98 52.96 13.64
CA ASP I 288 -8.05 52.70 12.19
C ASP I 288 -8.45 53.97 11.42
N SER I 289 -7.90 54.12 10.20
CA SER I 289 -8.14 55.29 9.34
C SER I 289 -9.53 55.93 9.50
N SER I 290 -10.51 55.14 9.91
CA SER I 290 -11.88 55.61 10.11
C SER I 290 -12.09 56.20 11.53
N GLY I 291 -12.50 55.35 12.47
CA GLY I 291 -12.73 55.81 13.83
C GLY I 291 -12.63 54.73 14.90
N ALA I 292 -13.00 53.50 14.55
CA ALA I 292 -12.96 52.39 15.49
C ALA I 292 -11.57 52.29 16.14
N LYS I 293 -11.53 52.28 17.48
CA LYS I 293 -10.26 52.18 18.19
C LYS I 293 -9.37 51.08 17.62
N PHE I 294 -8.08 51.12 17.96
CA PHE I 294 -7.16 50.13 17.44
C PHE I 294 -7.22 48.80 18.20
N GLY I 295 -7.18 47.72 17.44
CA GLY I 295 -7.23 46.42 18.06
C GLY I 295 -8.61 45.82 17.93
N LYS I 296 -9.66 46.65 18.01
CA LYS I 296 -11.03 46.14 17.89
C LYS I 296 -11.49 46.07 16.41
N SER I 297 -12.40 45.15 16.11
CA SER I 297 -12.93 44.99 14.74
C SER I 297 -14.43 44.68 14.73
N ALA I 298 -15.20 45.72 14.44
CA ALA I 298 -16.67 45.65 14.39
C ALA I 298 -17.23 45.49 15.80
N GLY I 299 -16.71 44.49 16.51
CA GLY I 299 -17.12 44.21 17.87
C GLY I 299 -15.93 43.80 18.73
N ASN I 300 -15.47 42.56 18.52
CA ASN I 300 -14.33 42.02 19.25
C ASN I 300 -13.06 42.70 18.80
N ALA I 301 -11.99 41.92 18.60
CA ALA I 301 -10.73 42.49 18.19
C ALA I 301 -9.94 41.57 17.29
N ILE I 302 -8.76 42.05 16.88
CA ILE I 302 -7.85 41.31 16.01
C ILE I 302 -7.02 40.32 16.82
N TRP I 303 -7.68 39.38 17.48
CA TRP I 303 -6.98 38.39 18.29
C TRP I 303 -5.70 37.88 17.66
N LEU I 304 -4.98 37.10 18.46
CA LEU I 304 -3.74 36.46 18.02
C LEU I 304 -3.98 34.95 17.95
N ASP I 305 -4.84 34.44 18.82
CA ASP I 305 -5.16 33.02 18.85
C ASP I 305 -5.76 32.58 17.52
N PRO I 306 -5.11 31.66 16.82
CA PRO I 306 -5.58 31.17 15.54
C PRO I 306 -7.02 30.68 15.57
N TYR I 307 -7.38 29.90 16.59
CA TYR I 307 -8.75 29.39 16.70
C TYR I 307 -9.69 30.46 17.26
N GLN I 308 -9.42 31.69 16.88
CA GLN I 308 -10.23 32.83 17.31
C GLN I 308 -10.03 34.00 16.36
N THR I 309 -9.14 33.80 15.39
CA THR I 309 -8.83 34.82 14.38
C THR I 309 -7.92 34.14 13.35
N SER I 310 -8.55 33.41 12.43
CA SER I 310 -7.80 32.70 11.41
C SER I 310 -6.70 33.54 10.84
N VAL I 311 -5.60 32.85 10.54
CA VAL I 311 -4.43 33.44 9.94
C VAL I 311 -4.90 34.35 8.82
N PHE I 312 -5.86 33.89 8.04
CA PHE I 312 -6.41 34.67 6.93
C PHE I 312 -6.89 36.03 7.46
N ASP I 313 -7.92 35.99 8.32
CA ASP I 313 -8.50 37.19 8.91
C ASP I 313 -7.45 38.11 9.45
N PHE I 314 -6.42 37.53 10.05
CA PHE I 314 -5.32 38.32 10.58
C PHE I 314 -4.83 39.09 9.36
N TYR I 315 -4.19 38.38 8.43
CA TYR I 315 -3.66 38.98 7.22
C TYR I 315 -4.61 40.08 6.74
N GLY I 316 -5.89 39.86 6.99
CA GLY I 316 -6.91 40.81 6.60
C GLY I 316 -6.86 42.22 7.21
N TYR I 317 -7.17 42.36 8.50
CA TYR I 317 -7.17 43.68 9.15
C TYR I 317 -5.91 44.49 8.91
N PHE I 318 -4.86 43.84 8.43
CA PHE I 318 -3.60 44.52 8.13
C PHE I 318 -3.61 44.99 6.69
N VAL I 319 -3.91 44.10 5.75
CA VAL I 319 -3.95 44.50 4.35
C VAL I 319 -5.10 45.48 4.17
N ARG I 320 -6.00 45.50 5.14
CA ARG I 320 -7.16 46.37 5.10
C ARG I 320 -6.75 47.84 5.10
N ARG I 321 -5.98 48.27 6.10
CA ARG I 321 -5.59 49.67 6.21
C ARG I 321 -5.26 50.36 4.89
N SER I 322 -5.88 51.52 4.67
CA SER I 322 -5.68 52.30 3.45
C SER I 322 -4.31 52.92 3.41
N ASP I 323 -4.04 53.64 2.31
CA ASP I 323 -2.74 54.28 2.06
C ASP I 323 -2.43 55.53 2.90
N GLN I 324 -3.46 56.12 3.48
CA GLN I 324 -3.31 57.30 4.32
C GLN I 324 -2.48 56.98 5.56
N GLU I 325 -2.77 55.84 6.17
CA GLU I 325 -2.05 55.43 7.37
C GLU I 325 -0.89 54.46 7.09
N VAL I 326 -0.98 53.68 6.01
CA VAL I 326 0.06 52.68 5.70
C VAL I 326 1.47 53.17 5.97
N GLU I 327 1.68 54.47 5.79
CA GLU I 327 3.00 55.02 6.02
C GLU I 327 3.32 54.97 7.51
N ASN I 328 2.60 55.78 8.29
CA ASN I 328 2.79 55.86 9.74
C ASN I 328 2.69 54.49 10.45
N LEU I 329 1.80 53.63 9.96
CA LEU I 329 1.59 52.32 10.56
C LEU I 329 2.55 51.26 10.05
N LEU I 330 3.26 51.58 8.98
CA LEU I 330 4.23 50.64 8.45
C LEU I 330 5.48 50.73 9.31
N LYS I 331 5.82 51.95 9.70
CA LYS I 331 6.99 52.25 10.53
C LYS I 331 6.78 51.76 11.95
N LEU I 332 5.51 51.57 12.31
CA LEU I 332 5.17 51.13 13.64
C LEU I 332 5.25 49.62 13.87
N PHE I 333 4.82 48.81 12.91
CA PHE I 333 4.84 47.38 13.17
C PHE I 333 5.71 46.44 12.35
N THR I 334 6.77 46.97 11.76
CA THR I 334 7.64 46.12 10.97
C THR I 334 9.04 46.33 11.46
N PHE I 335 9.87 45.31 11.35
CA PHE I 335 11.25 45.44 11.77
C PHE I 335 12.09 45.76 10.53
N MET I 336 11.71 46.84 9.83
CA MET I 336 12.39 47.24 8.60
C MET I 336 13.01 48.64 8.67
N PRO I 337 14.29 48.78 8.30
CA PRO I 337 14.98 50.08 8.32
C PRO I 337 14.17 51.12 7.58
N ILE I 338 13.84 52.24 8.23
CA ILE I 338 13.05 53.29 7.56
C ILE I 338 13.67 53.46 6.18
N SER I 339 14.95 53.11 6.09
CA SER I 339 15.70 53.18 4.85
C SER I 339 14.97 52.36 3.76
N GLU I 340 14.81 51.07 4.04
CA GLU I 340 14.13 50.19 3.11
C GLU I 340 12.62 50.46 3.08
N ILE I 341 12.09 51.03 4.17
CA ILE I 341 10.67 51.34 4.26
C ILE I 341 10.23 52.26 3.13
N THR I 342 10.90 53.40 3.03
CA THR I 342 10.56 54.37 2.01
C THR I 342 10.73 53.77 0.62
N LYS I 343 11.46 52.65 0.54
CA LYS I 343 11.67 51.98 -0.75
C LYS I 343 10.42 51.22 -1.19
N THR I 344 9.75 50.64 -0.21
CA THR I 344 8.55 49.90 -0.47
C THR I 344 7.44 50.92 -0.69
N MET I 345 7.45 51.97 0.14
CA MET I 345 6.48 53.05 0.04
C MET I 345 6.56 53.87 -1.24
N GLU I 346 7.79 54.16 -1.67
CA GLU I 346 8.04 54.94 -2.90
C GLU I 346 7.66 54.11 -4.12
N GLU I 347 7.54 52.80 -3.92
CA GLU I 347 7.16 51.87 -4.98
C GLU I 347 5.63 51.79 -5.02
N HIS I 348 5.05 51.73 -3.83
CA HIS I 348 3.62 51.65 -3.69
C HIS I 348 2.95 52.91 -4.24
N ILE I 349 3.45 54.09 -3.86
CA ILE I 349 2.85 55.36 -4.30
C ILE I 349 2.80 55.62 -5.81
N LYS I 350 3.43 54.75 -6.60
CA LYS I 350 3.43 54.87 -8.06
C LYS I 350 2.42 53.86 -8.62
N ASP I 351 1.56 53.36 -7.72
CA ASP I 351 0.52 52.37 -8.03
C ASP I 351 -0.33 52.09 -6.77
N PRO I 352 -1.01 53.13 -6.24
CA PRO I 352 -1.84 53.00 -5.04
C PRO I 352 -2.85 51.88 -5.15
N SER I 353 -3.53 51.84 -6.29
CA SER I 353 -4.57 50.85 -6.56
C SER I 353 -4.17 49.41 -6.26
N LYS I 354 -3.03 48.98 -6.82
CA LYS I 354 -2.56 47.61 -6.64
C LYS I 354 -2.18 47.33 -5.21
N ARG I 355 -1.96 48.40 -4.46
CA ARG I 355 -1.61 48.34 -3.04
C ARG I 355 -0.47 47.38 -2.72
N VAL I 356 0.71 47.66 -3.27
CA VAL I 356 1.88 46.81 -3.04
C VAL I 356 2.32 46.95 -1.58
N ALA I 357 2.13 48.16 -1.03
CA ALA I 357 2.51 48.48 0.34
C ALA I 357 1.62 47.84 1.38
N GLN I 358 0.33 47.74 1.07
CA GLN I 358 -0.61 47.14 2.00
C GLN I 358 -0.44 45.60 2.03
N HIS I 359 -0.15 45.00 0.87
CA HIS I 359 0.03 43.54 0.78
C HIS I 359 1.31 43.12 1.50
N THR I 360 2.31 43.99 1.46
CA THR I 360 3.59 43.72 2.10
C THR I 360 3.52 43.94 3.62
N LEU I 361 3.16 45.14 4.07
CA LEU I 361 3.06 45.40 5.51
C LEU I 361 2.25 44.33 6.23
N ALA I 362 1.18 43.86 5.60
CA ALA I 362 0.38 42.84 6.24
C ALA I 362 1.23 41.59 6.34
N ARG I 363 1.73 41.11 5.21
CA ARG I 363 2.55 39.89 5.25
C ARG I 363 3.67 39.94 6.28
N GLU I 364 4.30 41.10 6.42
CA GLU I 364 5.40 41.26 7.38
C GLU I 364 4.99 40.98 8.83
N VAL I 365 3.95 41.66 9.32
CA VAL I 365 3.51 41.46 10.71
C VAL I 365 2.92 40.07 10.98
N VAL I 366 2.36 39.43 9.95
CA VAL I 366 1.78 38.09 10.10
C VAL I 366 2.91 37.12 10.35
N THR I 367 4.07 37.44 9.79
CA THR I 367 5.24 36.61 9.95
C THR I 367 5.63 36.66 11.44
N LEU I 368 6.10 37.81 11.87
CA LEU I 368 6.54 38.00 13.25
C LEU I 368 5.68 37.28 14.27
N VAL I 369 4.37 37.42 14.14
CA VAL I 369 3.47 36.75 15.09
C VAL I 369 3.13 35.31 14.71
N HIS I 370 2.96 35.04 13.42
CA HIS I 370 2.62 33.68 12.96
C HIS I 370 3.68 32.96 12.09
N GLY I 371 4.91 33.45 12.07
CA GLY I 371 5.95 32.81 11.29
C GLY I 371 5.77 32.88 9.79
N LYS I 372 6.88 32.92 9.07
CA LYS I 372 6.88 33.02 7.61
C LYS I 372 6.10 31.95 6.86
N GLN I 373 6.39 30.68 7.16
CA GLN I 373 5.75 29.53 6.50
C GLN I 373 4.26 29.77 6.27
N GLU I 374 3.54 30.04 7.35
CA GLU I 374 2.12 30.30 7.26
C GLU I 374 1.87 31.65 6.58
N ALA I 375 2.25 32.73 7.26
CA ALA I 375 2.07 34.08 6.76
C ALA I 375 2.19 34.23 5.25
N SER I 376 3.01 33.37 4.65
CA SER I 376 3.21 33.39 3.20
C SER I 376 2.00 32.75 2.52
N ALA I 377 1.56 31.62 3.06
CA ALA I 377 0.41 30.90 2.52
C ALA I 377 -0.84 31.75 2.73
N ALA I 378 -0.89 32.47 3.84
CA ALA I 378 -2.02 33.35 4.17
C ALA I 378 -2.17 34.49 3.17
N GLU I 379 -1.09 34.79 2.45
CA GLU I 379 -1.09 35.84 1.45
C GLU I 379 -1.80 35.28 0.22
N ASP I 380 -1.54 34.01 -0.07
CA ASP I 380 -2.16 33.35 -1.21
C ASP I 380 -3.68 33.42 -1.10
N GLN I 381 -4.19 33.17 0.09
CA GLN I 381 -5.63 33.21 0.30
C GLN I 381 -6.17 34.60 -0.05
N HIS I 382 -5.80 35.60 0.75
CA HIS I 382 -6.28 36.98 0.56
C HIS I 382 -5.90 37.71 -0.76
N ARG I 383 -4.94 37.16 -1.51
CA ARG I 383 -4.51 37.77 -2.77
C ARG I 383 -5.05 36.92 -3.97
N MET I 384 -6.09 36.13 -3.71
CA MET I 384 -6.64 35.16 -4.66
C MET I 384 -8.01 35.51 -5.31
N MET I 385 -8.62 34.60 -6.09
CA MET I 385 -9.94 34.80 -6.75
C MET I 385 -9.93 34.79 -8.31
N PRO J 8 -11.86 11.04 73.71
CA PRO J 8 -10.69 11.27 74.60
C PRO J 8 -11.08 12.09 75.83
N LYS J 9 -10.32 11.93 76.91
CA LYS J 9 -10.59 12.66 78.15
C LYS J 9 -10.63 14.17 77.90
N TYR J 10 -9.55 14.70 77.33
CA TYR J 10 -9.45 16.12 77.03
C TYR J 10 -10.82 16.58 76.50
N THR J 11 -11.38 15.76 75.63
CA THR J 11 -12.69 16.02 75.03
C THR J 11 -13.70 16.30 76.15
N ALA J 12 -13.93 15.30 76.99
CA ALA J 12 -14.87 15.43 78.09
C ALA J 12 -14.62 16.71 78.87
N LYS J 13 -13.36 17.10 78.98
CA LYS J 13 -13.00 18.31 79.72
C LYS J 13 -13.67 19.55 79.15
N ILE J 14 -13.39 19.82 77.87
CA ILE J 14 -13.98 21.01 77.25
C ILE J 14 -15.48 20.96 77.47
N ASN J 15 -16.02 19.76 77.53
CA ASN J 15 -17.46 19.61 77.74
C ASN J 15 -17.89 20.07 79.13
N GLU J 16 -17.09 19.73 80.12
CA GLU J 16 -17.38 20.09 81.49
C GLU J 16 -17.73 21.56 81.59
N ALA J 17 -16.71 22.38 81.43
CA ALA J 17 -16.85 23.82 81.52
C ALA J 17 -18.02 24.30 80.70
N GLU J 18 -18.28 23.58 79.61
CA GLU J 18 -19.36 23.94 78.74
C GLU J 18 -20.68 23.91 79.48
N GLU J 19 -20.97 22.76 80.06
CA GLU J 19 -22.20 22.55 80.81
C GLU J 19 -22.39 23.64 81.83
N ASN J 20 -21.37 23.86 82.66
CA ASN J 20 -21.44 24.88 83.69
C ASN J 20 -21.84 26.21 83.10
N TRP J 21 -21.22 26.57 81.98
CA TRP J 21 -21.51 27.83 81.30
C TRP J 21 -23.01 28.01 81.10
N GLN J 22 -23.72 26.90 80.89
CA GLN J 22 -25.15 26.96 80.72
C GLN J 22 -25.83 27.23 82.06
N ALA J 23 -25.29 26.64 83.12
CA ALA J 23 -25.85 26.83 84.45
C ALA J 23 -25.82 28.32 84.75
N ARG J 24 -24.69 28.95 84.40
CA ARG J 24 -24.50 30.37 84.62
C ARG J 24 -25.31 31.21 83.61
N ALA J 25 -25.50 30.67 82.42
CA ALA J 25 -26.28 31.34 81.38
C ALA J 25 -27.69 31.51 81.92
N GLU J 26 -28.12 30.53 82.69
CA GLU J 26 -29.43 30.50 83.31
C GLU J 26 -29.56 31.53 84.44
N ALA J 27 -28.55 31.60 85.31
CA ALA J 27 -28.56 32.53 86.44
C ALA J 27 -28.89 33.92 86.00
N ILE J 28 -28.33 34.33 84.87
CA ILE J 28 -28.63 35.64 84.35
C ILE J 28 -30.07 35.61 83.83
N LYS J 29 -30.44 34.48 83.20
CA LYS J 29 -31.79 34.30 82.65
C LYS J 29 -32.88 34.27 83.73
N LYS J 30 -32.48 33.99 84.97
CA LYS J 30 -33.44 33.98 86.06
C LYS J 30 -32.98 34.85 87.22
N GLY J 31 -32.20 35.87 86.88
CA GLY J 31 -31.69 36.81 87.89
C GLY J 31 -30.98 36.19 89.07
N LYS J 32 -29.69 35.95 88.93
CA LYS J 32 -28.91 35.37 90.01
C LYS J 32 -27.45 35.82 89.95
N LYS J 33 -26.96 36.15 88.76
CA LYS J 33 -25.60 36.66 88.64
C LYS J 33 -25.59 37.66 87.51
N GLN J 34 -25.03 38.84 87.77
CA GLN J 34 -24.97 39.90 86.77
C GLN J 34 -24.29 39.44 85.49
N ASN J 35 -24.92 39.67 84.35
CA ASN J 35 -24.31 39.28 83.08
C ASN J 35 -23.07 40.15 82.93
N THR J 36 -21.96 39.52 82.60
CA THR J 36 -20.68 40.17 82.41
C THR J 36 -20.83 41.57 81.80
N TRP J 37 -21.62 41.64 80.73
CA TRP J 37 -21.88 42.89 80.03
C TRP J 37 -22.62 43.92 80.86
N ASP J 38 -23.45 43.46 81.79
CA ASP J 38 -24.15 44.39 82.64
C ASP J 38 -23.12 44.93 83.61
N LEU J 39 -22.24 44.05 84.08
CA LEU J 39 -21.19 44.47 84.99
C LEU J 39 -20.32 45.47 84.26
N PHE J 40 -20.33 45.40 82.94
CA PHE J 40 -19.55 46.31 82.11
C PHE J 40 -20.13 47.74 82.11
N GLU J 41 -21.32 47.87 81.54
CA GLU J 41 -21.98 49.16 81.46
C GLU J 41 -22.22 49.71 82.84
N GLU J 42 -22.29 48.81 83.81
CA GLU J 42 -22.53 49.17 85.20
C GLU J 42 -21.34 49.84 85.85
N ARG J 43 -20.18 49.19 85.80
CA ARG J 43 -18.97 49.76 86.40
C ARG J 43 -18.45 50.87 85.48
N GLY J 44 -19.29 51.27 84.54
CA GLY J 44 -18.95 52.34 83.62
C GLY J 44 -17.75 52.12 82.75
N TYR J 45 -17.65 50.93 82.19
CA TYR J 45 -16.52 50.65 81.33
C TYR J 45 -16.95 51.01 79.91
N VAL J 46 -18.24 51.15 79.69
CA VAL J 46 -18.69 51.42 78.33
C VAL J 46 -19.11 52.81 78.02
N LYS J 47 -18.71 53.28 76.83
CA LYS J 47 -19.06 54.61 76.34
C LYS J 47 -19.71 54.48 74.96
N ASP J 48 -19.17 53.62 74.10
CA ASP J 48 -19.75 53.41 72.78
C ASP J 48 -19.85 51.90 72.50
N THR J 49 -20.65 51.51 71.50
CA THR J 49 -20.78 50.10 71.14
C THR J 49 -21.02 49.83 69.65
N ALA J 50 -20.48 48.70 69.20
CA ALA J 50 -20.63 48.26 67.83
C ALA J 50 -21.39 46.94 67.94
N GLY J 51 -22.71 47.04 67.78
CA GLY J 51 -23.57 45.87 67.88
C GLY J 51 -24.71 46.25 68.80
N THR J 52 -25.74 45.41 68.89
CA THR J 52 -26.88 45.73 69.74
C THR J 52 -26.54 45.60 71.21
N LYS J 53 -26.95 46.60 71.98
CA LYS J 53 -26.72 46.55 73.41
C LYS J 53 -27.22 45.17 73.92
N GLU J 54 -28.39 44.70 73.46
CA GLU J 54 -28.92 43.40 73.89
C GLU J 54 -28.20 42.27 73.19
N HIS J 55 -27.71 42.57 71.99
CA HIS J 55 -26.98 41.61 71.19
C HIS J 55 -25.79 41.13 72.02
N ILE J 56 -24.88 42.06 72.29
CA ILE J 56 -23.70 41.75 73.07
C ILE J 56 -24.05 41.11 74.40
N ALA J 57 -25.21 41.47 74.93
CA ALA J 57 -25.66 40.91 76.20
C ALA J 57 -25.83 39.40 76.08
N GLU J 58 -26.82 38.99 75.27
CA GLU J 58 -27.12 37.58 75.05
C GLU J 58 -25.86 36.77 74.72
N LEU J 59 -25.06 37.26 73.78
CA LEU J 59 -23.83 36.58 73.38
C LEU J 59 -22.96 36.26 74.61
N MET J 60 -22.88 37.19 75.56
CA MET J 60 -22.06 36.96 76.74
C MET J 60 -22.72 36.02 77.72
N ARG J 61 -24.00 35.72 77.50
CA ARG J 61 -24.71 34.81 78.38
C ARG J 61 -24.55 33.35 77.96
N THR J 62 -24.44 33.13 76.65
CA THR J 62 -24.32 31.78 76.12
C THR J 62 -23.01 31.49 75.39
N ARG J 63 -21.97 32.25 75.68
CA ARG J 63 -20.72 32.01 74.99
C ARG J 63 -19.49 32.53 75.71
N ARG J 64 -18.56 31.62 75.99
CA ARG J 64 -17.31 31.94 76.66
C ARG J 64 -16.41 32.64 75.65
N ILE J 65 -17.02 33.54 74.89
CA ILE J 65 -16.32 34.28 73.84
C ILE J 65 -14.92 34.73 74.21
N GLY J 66 -14.19 35.13 73.18
CA GLY J 66 -12.84 35.63 73.35
C GLY J 66 -12.81 37.10 72.99
N ALA J 67 -12.05 37.89 73.74
CA ALA J 67 -11.94 39.32 73.49
C ALA J 67 -10.51 39.76 73.75
N TYR J 68 -10.05 40.77 73.04
CA TYR J 68 -8.69 41.23 73.22
C TYR J 68 -8.56 42.74 73.31
N VAL J 69 -7.36 43.19 73.70
CA VAL J 69 -7.06 44.61 73.83
C VAL J 69 -5.75 44.90 73.10
N GLY J 70 -5.82 45.71 72.04
CA GLY J 70 -4.62 46.01 71.27
C GLY J 70 -3.71 47.08 71.85
N ILE J 71 -2.41 46.83 71.85
CA ILE J 71 -1.43 47.79 72.38
C ILE J 71 -0.10 47.89 71.61
N ASP J 72 0.07 48.99 70.90
CA ASP J 72 1.27 49.23 70.12
C ASP J 72 2.40 49.68 71.03
N PRO J 73 3.54 48.99 70.93
CA PRO J 73 4.75 49.27 71.72
C PRO J 73 5.58 50.43 71.15
N THR J 74 5.00 51.61 71.18
CA THR J 74 5.66 52.80 70.67
C THR J 74 6.39 53.50 71.80
N ALA J 75 6.13 53.06 73.02
CA ALA J 75 6.77 53.65 74.17
C ALA J 75 7.41 52.56 75.01
N PRO J 76 8.41 52.91 75.82
CA PRO J 76 9.12 51.97 76.68
C PRO J 76 8.38 51.64 77.97
N SER J 77 7.06 51.85 77.97
CA SER J 77 6.26 51.57 79.16
C SER J 77 4.79 51.89 79.00
N LEU J 78 3.95 51.00 79.52
CA LEU J 78 2.53 51.21 79.44
C LEU J 78 2.19 52.26 80.44
N HIS J 79 1.49 53.28 79.97
CA HIS J 79 1.08 54.38 80.84
C HIS J 79 -0.28 54.04 81.44
N VAL J 80 -0.53 54.55 82.65
CA VAL J 80 -1.77 54.30 83.38
C VAL J 80 -3.00 54.30 82.51
N GLY J 81 -2.93 54.97 81.37
CA GLY J 81 -4.07 55.01 80.48
C GLY J 81 -4.45 53.65 79.96
N HIS J 82 -3.44 52.85 79.62
CA HIS J 82 -3.65 51.52 79.08
C HIS J 82 -4.40 50.58 80.03
N LEU J 83 -4.53 50.99 81.29
CA LEU J 83 -5.23 50.19 82.30
C LEU J 83 -6.71 50.04 81.98
N LEU J 84 -7.42 51.15 82.11
CA LEU J 84 -8.86 51.19 81.86
C LEU J 84 -9.34 50.20 80.81
N PRO J 85 -8.85 50.35 79.57
CA PRO J 85 -9.28 49.43 78.53
C PRO J 85 -9.04 47.95 78.90
N LEU J 86 -7.90 47.66 79.51
CA LEU J 86 -7.59 46.29 79.89
C LEU J 86 -8.48 45.84 81.03
N MET J 87 -8.72 46.74 81.97
CA MET J 87 -9.53 46.45 83.14
C MET J 87 -10.74 45.55 82.90
N PRO J 88 -11.70 45.99 82.06
CA PRO J 88 -12.85 45.13 81.83
C PRO J 88 -12.39 43.75 81.36
N LEU J 89 -11.43 43.72 80.45
CA LEU J 89 -10.91 42.46 79.95
C LEU J 89 -10.62 41.56 81.14
N PHE J 90 -9.74 42.02 82.01
CA PHE J 90 -9.39 41.28 83.21
C PHE J 90 -10.65 40.70 83.84
N TRP J 91 -11.64 41.57 84.08
CA TRP J 91 -12.87 41.10 84.68
C TRP J 91 -13.38 39.87 83.94
N MET J 92 -13.56 39.97 82.63
CA MET J 92 -14.04 38.84 81.89
C MET J 92 -13.26 37.59 82.26
N TYR J 93 -11.94 37.71 82.26
CA TYR J 93 -11.08 36.58 82.62
C TYR J 93 -11.53 36.08 83.98
N LEU J 94 -11.80 37.01 84.88
CA LEU J 94 -12.24 36.65 86.21
C LEU J 94 -13.53 35.87 86.17
N GLU J 95 -14.51 36.35 85.40
CA GLU J 95 -15.77 35.64 85.33
C GLU J 95 -15.65 34.30 84.62
N GLY J 96 -14.56 34.12 83.90
CA GLY J 96 -14.34 32.85 83.21
C GLY J 96 -14.48 32.86 81.70
N TYR J 97 -13.77 33.77 81.04
CA TYR J 97 -13.83 33.89 79.59
C TYR J 97 -12.51 33.60 78.93
N LYS J 98 -12.43 34.00 77.67
CA LYS J 98 -11.22 33.82 76.90
C LYS J 98 -10.78 35.24 76.63
N ALA J 99 -9.73 35.66 77.31
CA ALA J 99 -9.23 37.01 77.13
C ALA J 99 -7.78 37.05 76.64
N PHE J 100 -7.48 38.08 75.87
CA PHE J 100 -6.14 38.23 75.36
C PHE J 100 -5.75 39.69 75.29
N THR J 101 -4.43 39.86 75.14
CA THR J 101 -3.82 41.15 75.01
C THR J 101 -2.92 40.94 73.79
N LEU J 102 -3.07 41.82 72.83
CA LEU J 102 -2.33 41.79 71.58
C LEU J 102 -1.22 42.81 71.56
N ILE J 103 -0.02 42.40 71.19
CA ILE J 103 1.08 43.36 71.13
C ILE J 103 1.32 43.73 69.69
N GLY J 104 1.39 45.03 69.42
CA GLY J 104 1.60 45.49 68.06
C GLY J 104 3.04 45.63 67.59
N GLY J 105 3.88 44.69 68.03
CA GLY J 105 5.30 44.69 67.69
C GLY J 105 5.71 44.95 66.25
N SER J 106 4.74 45.08 65.36
CA SER J 106 5.03 45.37 63.97
C SER J 106 4.23 46.58 63.55
N THR J 107 3.05 46.74 64.12
CA THR J 107 2.21 47.86 63.79
C THR J 107 2.77 49.18 64.30
N ALA J 108 3.78 49.10 65.15
CA ALA J 108 4.41 50.30 65.69
C ALA J 108 5.00 51.14 64.56
N LYS J 109 5.54 50.48 63.54
CA LYS J 109 6.14 51.18 62.40
C LYS J 109 5.04 51.82 61.58
N ILE J 110 3.86 51.96 62.20
CA ILE J 110 2.71 52.55 61.56
C ILE J 110 1.89 53.39 62.52
N GLY J 111 1.40 52.77 63.59
CA GLY J 111 0.62 53.48 64.59
C GLY J 111 -0.74 54.00 64.16
N ASP J 112 -1.65 54.06 65.13
CA ASP J 112 -2.99 54.55 64.86
C ASP J 112 -2.97 56.00 64.46
N PRO J 113 -3.50 56.31 63.28
CA PRO J 113 -3.54 57.70 62.84
C PRO J 113 -4.75 58.41 63.45
N THR J 114 -4.50 59.57 64.05
CA THR J 114 -5.54 60.35 64.70
C THR J 114 -5.09 61.79 65.04
N GLY J 115 -5.10 62.68 64.05
CA GLY J 115 -4.71 64.06 64.29
C GLY J 115 -3.78 64.63 63.25
N ASP J 127 16.51 48.93 68.65
CA ASP J 127 15.99 50.19 69.13
C ASP J 127 14.55 50.04 69.57
N ALA J 128 13.65 50.64 68.82
CA ALA J 128 12.23 50.56 69.12
C ALA J 128 11.88 49.10 69.38
N THR J 129 12.78 48.21 68.96
CA THR J 129 12.62 46.77 69.11
C THR J 129 12.47 46.44 70.57
N MET J 130 13.35 46.99 71.39
CA MET J 130 13.27 46.69 72.80
C MET J 130 12.10 47.42 73.43
N ASN J 131 11.68 48.52 72.80
CA ASN J 131 10.55 49.27 73.33
C ASN J 131 9.49 48.22 73.60
N MET J 132 9.24 47.46 72.55
CA MET J 132 8.29 46.38 72.63
C MET J 132 8.66 45.42 73.76
N THR J 133 9.87 44.85 73.68
CA THR J 133 10.33 43.91 74.70
C THR J 133 9.85 44.37 76.06
N LYS J 134 10.16 45.62 76.39
CA LYS J 134 9.73 46.14 77.67
C LYS J 134 8.26 45.78 77.92
N ILE J 135 7.35 46.23 77.07
CA ILE J 135 5.93 45.91 77.28
C ILE J 135 5.62 44.44 77.46
N HIS J 136 6.30 43.58 76.71
CA HIS J 136 6.09 42.15 76.82
C HIS J 136 6.16 41.82 78.31
N TYR J 137 7.38 41.70 78.84
CA TYR J 137 7.65 41.42 80.26
C TYR J 137 6.52 42.08 81.06
N GLN J 138 6.12 43.30 80.67
CA GLN J 138 5.08 44.02 81.38
C GLN J 138 3.80 43.16 81.42
N LEU J 139 2.95 43.33 80.42
CA LEU J 139 1.70 42.58 80.34
C LEU J 139 1.77 41.29 81.13
N LYS J 140 2.83 40.53 80.92
CA LYS J 140 2.98 39.29 81.65
C LYS J 140 2.82 39.53 83.14
N LYS J 141 3.89 40.00 83.79
CA LYS J 141 3.93 40.29 85.23
C LYS J 141 2.54 40.79 85.66
N LEU J 142 1.96 41.72 84.88
CA LEU J 142 0.64 42.26 85.22
C LEU J 142 -0.37 41.14 85.28
N TRP J 143 -0.52 40.45 84.15
CA TRP J 143 -1.45 39.34 84.08
C TRP J 143 -1.32 38.56 85.38
N GLU J 144 -0.09 38.22 85.71
CA GLU J 144 0.19 37.47 86.90
C GLU J 144 -0.60 37.93 88.10
N ASN J 145 -0.52 39.21 88.41
CA ASN J 145 -1.25 39.77 89.55
C ASN J 145 -2.75 39.65 89.34
N VAL J 146 -3.21 39.88 88.11
CA VAL J 146 -4.62 39.80 87.79
C VAL J 146 -5.05 38.44 88.24
N ASP J 147 -4.37 37.43 87.71
CA ASP J 147 -4.65 36.05 88.07
C ASP J 147 -4.54 35.99 89.60
N THR J 148 -3.46 36.55 90.13
CA THR J 148 -3.23 36.56 91.55
C THR J 148 -4.47 37.03 92.30
N GLN J 149 -4.77 38.32 92.22
CA GLN J 149 -5.95 38.80 92.92
C GLN J 149 -7.15 37.89 92.66
N MET J 150 -7.32 37.42 91.43
CA MET J 150 -8.46 36.57 91.09
C MET J 150 -8.77 35.55 92.19
N ARG J 151 -7.97 34.50 92.24
CA ARG J 151 -8.16 33.44 93.23
C ARG J 151 -8.02 34.05 94.60
N ALA J 152 -7.24 35.12 94.67
CA ALA J 152 -7.02 35.79 95.92
C ALA J 152 -8.34 36.12 96.58
N ARG J 153 -9.38 36.37 95.78
CA ARG J 153 -10.67 36.72 96.35
C ARG J 153 -11.88 35.90 95.89
N GLY J 154 -11.96 34.68 96.42
CA GLY J 154 -13.05 33.78 96.13
C GLY J 154 -13.41 33.54 94.68
N TYR J 155 -12.40 33.46 93.82
CA TYR J 155 -12.61 33.22 92.39
C TYR J 155 -12.24 31.80 92.00
N GLU J 156 -13.23 30.95 91.74
CA GLU J 156 -12.92 29.57 91.39
C GLU J 156 -12.50 29.36 89.95
N ALA J 157 -11.27 28.92 89.77
CA ALA J 157 -10.72 28.68 88.45
C ALA J 157 -11.64 27.84 87.58
N ASP J 158 -11.47 27.99 86.28
CA ASP J 158 -12.28 27.28 85.31
C ASP J 158 -11.37 26.71 84.23
N TRP J 159 -11.58 25.44 83.93
CA TRP J 159 -10.76 24.80 82.91
C TRP J 159 -10.69 25.66 81.64
N ALA J 160 -11.84 26.11 81.17
CA ALA J 160 -11.96 26.91 79.94
C ALA J 160 -11.49 28.35 80.01
N ARG J 161 -11.45 28.88 81.22
CA ARG J 161 -10.98 30.24 81.43
C ARG J 161 -9.54 30.29 80.96
N LYS J 162 -9.21 31.14 79.99
CA LYS J 162 -7.82 31.20 79.57
C LYS J 162 -7.46 32.62 79.22
N ARG J 163 -6.19 32.95 79.47
CA ARG J 163 -5.65 34.26 79.19
C ARG J 163 -4.51 34.08 78.20
N GLY J 164 -3.82 35.16 77.86
CA GLY J 164 -2.72 35.01 76.94
C GLY J 164 -2.33 36.24 76.17
N ILE J 165 -1.09 36.27 75.73
CA ILE J 165 -0.58 37.40 74.96
C ILE J 165 -0.12 36.94 73.60
N VAL J 166 -0.28 37.81 72.60
CA VAL J 166 0.15 37.46 71.28
C VAL J 166 0.66 38.62 70.50
N ASN J 167 1.84 38.40 69.94
CA ASN J 167 2.56 39.39 69.15
C ASN J 167 1.85 39.54 67.82
N ASN J 168 1.78 40.77 67.30
CA ASN J 168 1.12 40.96 66.01
C ASN J 168 2.06 40.55 64.87
N ASN J 169 3.38 40.70 65.07
CA ASN J 169 4.34 40.32 64.04
C ASN J 169 4.19 38.82 63.85
N HIS J 170 3.79 38.16 64.93
CA HIS J 170 3.60 36.71 64.96
C HIS J 170 3.14 36.22 63.61
N TRP J 171 2.30 37.02 62.94
CA TRP J 171 1.81 36.65 61.64
C TRP J 171 2.28 37.58 60.53
N TRP J 172 2.15 38.88 60.74
CA TRP J 172 2.55 39.90 59.74
C TRP J 172 3.94 39.66 59.21
N ASN J 173 4.78 39.10 60.07
CA ASN J 173 6.14 38.81 59.73
C ASN J 173 6.26 38.28 58.32
N LYS J 174 5.30 37.46 57.91
CA LYS J 174 5.32 36.86 56.58
C LYS J 174 3.94 36.79 55.92
N GLN J 175 3.01 37.67 56.30
CA GLN J 175 1.69 37.62 55.69
C GLN J 175 1.67 38.00 54.23
N PRO J 176 1.25 37.07 53.36
CA PRO J 176 1.18 37.29 51.91
C PRO J 176 0.25 38.47 51.54
N MET J 177 0.79 39.42 50.80
CA MET J 177 0.02 40.59 50.37
C MET J 177 -1.18 40.15 49.54
N LEU J 178 -0.89 39.41 48.47
CA LEU J 178 -1.93 38.90 47.56
C LEU J 178 -3.16 38.47 48.30
N GLU J 179 -3.06 37.36 49.01
CA GLU J 179 -4.19 36.82 49.77
C GLU J 179 -4.97 37.90 50.50
N VAL J 180 -4.33 38.50 51.50
CA VAL J 180 -4.94 39.55 52.27
C VAL J 180 -5.82 40.40 51.37
N LEU J 181 -5.15 41.14 50.50
CA LEU J 181 -5.80 42.00 49.54
C LEU J 181 -7.06 41.37 48.97
N ARG J 182 -7.00 40.09 48.64
CA ARG J 182 -8.16 39.42 48.07
C ARG J 182 -9.16 39.04 49.15
N ARG J 183 -8.69 38.32 50.16
CA ARG J 183 -9.54 37.87 51.25
C ARG J 183 -10.38 38.97 51.88
N VAL J 184 -10.30 40.19 51.36
CA VAL J 184 -11.09 41.27 51.95
C VAL J 184 -11.16 42.52 51.09
N GLY J 185 -10.15 42.73 50.27
CA GLY J 185 -10.13 43.92 49.44
C GLY J 185 -11.25 44.01 48.43
N HIS J 186 -11.68 42.87 47.93
CA HIS J 186 -12.75 42.83 46.95
C HIS J 186 -14.10 43.28 47.47
N ALA J 187 -14.20 43.45 48.79
CA ALA J 187 -15.45 43.88 49.42
C ALA J 187 -15.32 45.19 50.21
N LEU J 188 -14.13 45.80 50.16
CA LEU J 188 -13.90 47.05 50.86
C LEU J 188 -13.73 48.20 49.87
N ARG J 189 -14.48 49.29 50.10
CA ARG J 189 -14.43 50.48 49.26
C ARG J 189 -13.62 51.56 49.98
N ILE J 190 -12.69 52.22 49.27
CA ILE J 190 -11.85 53.25 49.90
C ILE J 190 -12.70 54.47 50.23
N GLY J 191 -13.96 54.43 49.80
CA GLY J 191 -14.87 55.54 50.08
C GLY J 191 -15.05 55.75 51.58
N PRO J 192 -16.03 55.07 52.21
CA PRO J 192 -16.29 55.21 53.65
C PRO J 192 -15.03 54.99 54.48
N MET J 193 -14.09 54.21 53.94
CA MET J 193 -12.84 53.92 54.62
C MET J 193 -12.04 55.24 54.73
N LEU J 194 -12.41 56.21 53.88
CA LEU J 194 -11.76 57.53 53.87
C LEU J 194 -12.74 58.58 54.39
N SER J 195 -13.99 58.19 54.54
CA SER J 195 -15.02 59.10 55.02
C SER J 195 -14.98 59.20 56.53
N ARG J 196 -14.20 58.30 57.13
CA ARG J 196 -14.06 58.30 58.58
C ARG J 196 -13.44 59.66 58.85
N ASP J 197 -13.98 60.39 59.80
CA ASP J 197 -13.45 61.72 60.09
C ASP J 197 -11.97 61.66 60.42
N THR J 198 -11.63 60.73 61.32
CA THR J 198 -10.26 60.50 61.76
C THR J 198 -9.28 60.80 60.59
N VAL J 199 -9.71 60.44 59.39
CA VAL J 199 -8.95 60.62 58.15
C VAL J 199 -9.07 62.01 57.56
N LYS J 200 -10.25 62.31 57.03
CA LYS J 200 -10.56 63.60 56.40
C LYS J 200 -9.79 64.73 57.06
N ASN J 201 -9.74 64.70 58.39
CA ASN J 201 -8.99 65.73 59.09
C ASN J 201 -7.50 65.53 58.82
N LYS J 202 -7.01 64.30 59.03
CA LYS J 202 -5.60 63.98 58.80
C LYS J 202 -5.22 64.21 57.33
N MET J 203 -5.97 65.07 56.66
CA MET J 203 -5.72 65.39 55.25
C MET J 203 -5.98 66.87 54.98
N THR J 204 -7.20 67.31 55.30
CA THR J 204 -7.58 68.71 55.10
C THR J 204 -6.79 69.51 56.11
N GLN J 205 -7.21 69.41 57.36
CA GLN J 205 -6.50 70.08 58.42
C GLN J 205 -5.16 69.40 58.56
N GLY J 206 -4.19 70.10 59.13
CA GLY J 206 -2.86 69.52 59.33
C GLY J 206 -2.17 69.06 58.07
N ASP J 207 -1.56 67.87 58.14
CA ASP J 207 -0.80 67.30 57.03
C ASP J 207 -1.59 66.37 56.12
N GLY J 208 -0.90 65.34 55.65
CA GLY J 208 -1.53 64.37 54.78
C GLY J 208 -1.56 62.97 55.38
N VAL J 209 -2.23 62.05 54.71
CA VAL J 209 -2.34 60.68 55.18
C VAL J 209 -1.69 59.66 54.23
N SER J 210 -0.56 59.11 54.67
CA SER J 210 0.22 58.12 53.92
C SER J 210 -0.55 56.84 53.59
N PHE J 211 0.00 56.02 52.70
CA PHE J 211 -0.66 54.78 52.32
C PHE J 211 -0.55 53.85 53.50
N ALA J 212 0.62 53.88 54.11
CA ALA J 212 0.84 53.07 55.25
C ALA J 212 -0.30 53.30 56.24
N GLU J 213 -0.19 54.37 57.02
CA GLU J 213 -1.20 54.69 58.04
C GLU J 213 -2.63 54.45 57.57
N PHE J 214 -2.90 54.69 56.30
CA PHE J 214 -4.26 54.49 55.80
C PHE J 214 -4.62 53.05 56.07
N THR J 215 -3.64 52.18 55.93
CA THR J 215 -3.88 50.76 56.11
C THR J 215 -3.99 50.28 57.57
N TYR J 216 -3.50 51.08 58.53
CA TYR J 216 -3.57 50.68 59.95
C TYR J 216 -4.95 50.19 60.31
N PRO J 217 -6.02 50.93 59.92
CA PRO J 217 -7.35 50.44 60.26
C PRO J 217 -7.63 49.02 59.79
N ILE J 218 -7.20 48.72 58.57
CA ILE J 218 -7.40 47.41 57.99
C ILE J 218 -6.62 46.39 58.81
N MET J 219 -5.36 46.68 59.03
CA MET J 219 -4.51 45.80 59.78
C MET J 219 -5.21 45.34 61.05
N GLN J 220 -5.43 46.28 61.97
CA GLN J 220 -6.07 46.02 63.28
C GLN J 220 -7.33 45.21 63.06
N GLY J 221 -7.86 45.30 61.84
CA GLY J 221 -9.06 44.55 61.53
C GLY J 221 -8.64 43.11 61.30
N TRP J 222 -7.57 42.93 60.53
CA TRP J 222 -7.07 41.61 60.25
C TRP J 222 -6.67 40.95 61.54
N ASP J 223 -5.89 41.65 62.35
CA ASP J 223 -5.47 41.12 63.64
C ASP J 223 -6.65 40.39 64.26
N TRP J 224 -7.75 41.11 64.41
CA TRP J 224 -8.98 40.58 64.99
C TRP J 224 -9.25 39.22 64.35
N PHE J 225 -9.41 39.24 63.03
CA PHE J 225 -9.67 38.02 62.28
C PHE J 225 -8.79 36.90 62.83
N GLU J 226 -7.47 37.15 62.83
CA GLU J 226 -6.52 36.18 63.36
C GLU J 226 -7.06 35.60 64.66
N LEU J 227 -7.08 36.45 65.68
CA LEU J 227 -7.57 36.06 67.00
C LEU J 227 -8.86 35.27 66.94
N PHE J 228 -9.78 35.66 66.07
CA PHE J 228 -11.04 34.98 65.95
C PHE J 228 -10.80 33.56 65.45
N TYR J 229 -9.78 33.43 64.64
CA TYR J 229 -9.41 32.18 64.05
C TYR J 229 -8.56 31.31 64.95
N GLN J 230 -7.47 31.88 65.45
CA GLN J 230 -6.55 31.12 66.30
C GLN J 230 -6.99 30.89 67.76
N GLN J 231 -8.16 31.40 68.16
CA GLN J 231 -8.63 31.20 69.54
C GLN J 231 -10.15 31.35 69.78
N GLY J 232 -10.85 31.99 68.86
CA GLY J 232 -12.29 32.17 69.05
C GLY J 232 -12.61 33.52 69.67
N VAL J 233 -11.81 34.52 69.30
CA VAL J 233 -11.99 35.88 69.79
C VAL J 233 -12.92 36.61 68.84
N GLN J 234 -14.11 36.93 69.32
CA GLN J 234 -15.07 37.64 68.46
C GLN J 234 -15.53 38.94 69.11
N MET J 235 -14.59 39.71 69.66
CA MET J 235 -14.93 40.96 70.32
C MET J 235 -13.71 41.81 70.67
N GLN J 236 -13.74 43.07 70.27
CA GLN J 236 -12.62 43.95 70.54
C GLN J 236 -12.94 44.96 71.62
N ILE J 237 -11.90 45.35 72.34
CA ILE J 237 -12.03 46.32 73.41
C ILE J 237 -10.96 47.35 73.21
N GLY J 238 -11.36 48.54 72.76
CA GLY J 238 -10.35 49.56 72.50
C GLY J 238 -10.53 50.89 73.21
N GLY J 239 -9.54 51.75 73.05
CA GLY J 239 -9.60 53.06 73.66
C GLY J 239 -10.87 53.77 73.23
N SER J 240 -11.29 54.76 73.99
CA SER J 240 -12.50 55.54 73.72
C SER J 240 -12.51 56.09 72.30
N ASP J 241 -11.32 56.37 71.80
CA ASP J 241 -11.19 56.91 70.47
C ASP J 241 -11.09 55.78 69.46
N GLN J 242 -10.37 54.70 69.80
CA GLN J 242 -10.21 53.56 68.89
C GLN J 242 -11.56 53.01 68.38
N TYR J 243 -12.65 53.69 68.74
CA TYR J 243 -13.99 53.28 68.29
C TYR J 243 -14.01 53.01 66.79
N GLY J 244 -13.73 54.06 66.03
CA GLY J 244 -13.70 53.96 64.59
C GLY J 244 -13.02 52.69 64.16
N ASN J 245 -11.78 52.49 64.63
CA ASN J 245 -11.05 51.30 64.27
C ASN J 245 -11.90 50.07 64.56
N ILE J 246 -12.62 50.10 65.68
CA ILE J 246 -13.44 48.96 66.05
C ILE J 246 -14.46 48.69 64.95
N ILE J 247 -14.87 49.74 64.27
CA ILE J 247 -15.84 49.59 63.19
C ILE J 247 -15.17 49.12 61.92
N SER J 248 -14.26 49.95 61.40
CA SER J 248 -13.49 49.65 60.18
C SER J 248 -12.91 48.24 60.30
N GLY J 249 -12.58 47.86 61.53
CA GLY J 249 -12.03 46.54 61.78
C GLY J 249 -13.07 45.49 61.51
N LEU J 250 -14.15 45.52 62.29
CA LEU J 250 -15.21 44.56 62.12
C LEU J 250 -15.49 44.26 60.65
N GLU J 251 -15.37 45.27 59.80
CA GLU J 251 -15.61 45.13 58.36
C GLU J 251 -14.72 44.04 57.81
N VAL J 252 -13.43 44.23 57.96
CA VAL J 252 -12.48 43.25 57.48
C VAL J 252 -12.80 41.85 58.02
N VAL J 253 -13.23 41.82 59.29
CA VAL J 253 -13.58 40.59 59.97
C VAL J 253 -14.61 39.77 59.22
N LYS J 254 -15.71 40.41 58.88
CA LYS J 254 -16.77 39.75 58.15
C LYS J 254 -16.27 39.17 56.83
N ALA J 255 -15.96 40.04 55.88
CA ALA J 255 -15.48 39.63 54.55
C ALA J 255 -14.51 38.47 54.65
N ALA J 256 -13.77 38.45 55.76
CA ALA J 256 -12.81 37.39 55.99
C ALA J 256 -13.50 36.04 56.16
N ARG J 257 -14.36 35.92 57.17
CA ARG J 257 -15.08 34.68 57.45
C ARG J 257 -15.81 34.18 56.22
N GLU J 258 -16.04 35.08 55.27
CA GLU J 258 -16.71 34.76 54.00
C GLU J 258 -15.71 34.28 52.96
N SER J 259 -14.68 35.08 52.75
CA SER J 259 -13.64 34.77 51.81
C SER J 259 -13.09 33.36 51.98
N GLU J 260 -13.06 32.84 53.20
CA GLU J 260 -12.51 31.51 53.42
C GLU J 260 -12.77 30.61 52.22
N PRO J 261 -11.69 30.21 51.50
CA PRO J 261 -11.75 29.35 50.32
C PRO J 261 -12.34 27.98 50.58
N ASP J 262 -11.63 27.13 51.32
CA ASP J 262 -12.16 25.79 51.59
C ASP J 262 -13.48 25.86 52.36
N PRO J 263 -14.58 25.34 51.75
CA PRO J 263 -15.93 25.33 52.32
C PRO J 263 -15.98 24.65 53.66
N GLN J 264 -15.61 23.38 53.70
CA GLN J 264 -15.61 22.62 54.93
C GLN J 264 -15.23 23.52 56.12
N GLU J 265 -14.22 24.37 55.95
CA GLU J 265 -13.78 25.27 57.01
C GLU J 265 -14.83 26.33 57.23
N ARG J 266 -15.31 26.90 56.14
CA ARG J 266 -16.34 27.92 56.21
C ARG J 266 -17.39 27.42 57.18
N LYS J 267 -17.64 26.12 57.17
CA LYS J 267 -18.64 25.51 58.04
C LYS J 267 -18.50 25.93 59.50
N TYR J 268 -17.34 26.47 59.85
CA TYR J 268 -17.11 26.89 61.21
C TYR J 268 -16.82 28.37 61.20
N VAL J 269 -15.81 28.74 60.43
CA VAL J 269 -15.35 30.10 60.30
C VAL J 269 -16.32 31.14 59.74
N THR J 270 -17.36 30.68 59.05
CA THR J 270 -18.32 31.60 58.49
C THR J 270 -19.47 31.85 59.46
N PRO J 271 -19.91 33.12 59.55
CA PRO J 271 -21.01 33.52 60.44
C PRO J 271 -22.30 32.78 60.09
N LYS J 272 -22.58 31.69 60.80
CA LYS J 272 -23.79 30.91 60.56
C LYS J 272 -25.02 31.55 61.21
N THR J 273 -25.27 31.27 62.48
CA THR J 273 -26.42 31.86 63.15
C THR J 273 -26.11 33.30 63.61
N ALA J 274 -27.07 33.97 64.25
CA ALA J 274 -26.86 35.34 64.75
C ALA J 274 -25.91 35.36 65.94
N LEU J 275 -25.68 34.18 66.52
CA LEU J 275 -24.78 34.00 67.67
C LEU J 275 -23.29 34.20 67.29
N ASP J 276 -22.92 33.78 66.09
CA ASP J 276 -21.55 33.91 65.59
C ASP J 276 -21.26 35.37 65.19
N GLU J 277 -21.78 36.30 65.98
CA GLU J 277 -21.61 37.72 65.75
C GLU J 277 -20.51 38.31 66.61
N CYS J 278 -19.53 38.93 65.95
CA CYS J 278 -18.42 39.53 66.66
C CYS J 278 -18.70 41.01 66.92
N VAL J 279 -18.84 41.35 68.20
CA VAL J 279 -19.10 42.73 68.62
C VAL J 279 -17.90 43.36 69.31
N GLY J 280 -17.85 44.68 69.33
CA GLY J 280 -16.74 45.36 69.97
C GLY J 280 -17.23 46.60 70.69
N PHE J 281 -16.64 46.90 71.86
CA PHE J 281 -17.05 48.08 72.60
C PHE J 281 -15.85 48.91 73.04
N THR J 282 -16.11 50.19 73.32
CA THR J 282 -15.06 51.09 73.72
C THR J 282 -15.28 51.68 75.08
N VAL J 283 -14.20 51.68 75.86
CA VAL J 283 -14.24 52.23 77.20
C VAL J 283 -14.41 53.72 77.04
N PRO J 284 -14.71 54.42 78.13
CA PRO J 284 -14.89 55.87 78.10
C PRO J 284 -13.59 56.65 77.99
N LEU J 285 -13.71 57.95 77.80
CA LEU J 285 -12.57 58.84 77.71
C LEU J 285 -12.33 59.33 79.13
N LEU J 286 -11.35 58.75 79.82
CA LEU J 286 -11.08 59.18 81.18
C LEU J 286 -9.91 60.15 81.25
N THR J 287 -10.22 61.35 81.71
CA THR J 287 -9.24 62.42 81.84
C THR J 287 -9.37 63.00 83.24
N ASP J 288 -8.25 63.45 83.83
CA ASP J 288 -8.29 64.02 85.17
C ASP J 288 -9.11 65.32 85.18
N SER J 289 -9.42 65.79 86.38
CA SER J 289 -10.17 67.03 86.52
C SER J 289 -9.34 68.17 85.90
N SER J 290 -8.23 67.82 85.26
CA SER J 290 -7.33 68.79 84.63
C SER J 290 -7.52 68.95 83.12
N GLY J 291 -8.68 68.55 82.60
CA GLY J 291 -8.92 68.68 81.17
C GLY J 291 -7.80 68.07 80.33
N ALA J 292 -7.01 67.20 80.95
CA ALA J 292 -5.91 66.53 80.28
C ALA J 292 -6.09 65.02 80.50
N LYS J 293 -5.91 64.23 79.44
CA LYS J 293 -6.06 62.77 79.50
C LYS J 293 -5.55 62.26 80.83
N PHE J 294 -6.19 61.23 81.36
CA PHE J 294 -5.73 60.70 82.65
C PHE J 294 -4.39 59.96 82.52
N GLY J 295 -3.64 60.25 81.46
CA GLY J 295 -2.36 59.59 81.24
C GLY J 295 -1.23 60.48 80.76
N LYS J 296 -1.59 61.66 80.24
CA LYS J 296 -0.60 62.63 79.75
C LYS J 296 -0.45 63.82 80.73
N SER J 297 -0.57 63.53 82.02
CA SER J 297 -0.47 64.54 83.09
C SER J 297 0.91 64.50 83.74
N ALA J 298 1.12 65.33 84.75
CA ALA J 298 2.40 65.43 85.46
C ALA J 298 3.37 66.21 84.58
N GLY J 299 4.64 65.84 84.60
CA GLY J 299 5.62 66.52 83.78
C GLY J 299 5.56 66.09 82.31
N ASN J 300 4.91 64.95 82.07
CA ASN J 300 4.75 64.36 80.73
C ASN J 300 3.60 63.34 80.77
N ALA J 301 3.83 62.23 81.46
CA ALA J 301 2.83 61.16 81.60
C ALA J 301 2.86 60.53 83.00
N ILE J 302 2.12 59.45 83.14
CA ILE J 302 2.06 58.72 84.40
C ILE J 302 2.22 57.29 84.00
N TRP J 303 3.42 56.76 84.12
CA TRP J 303 3.65 55.37 83.70
C TRP J 303 3.63 54.36 84.84
N LEU J 304 3.97 53.12 84.52
CA LEU J 304 4.03 52.04 85.50
C LEU J 304 5.48 51.79 85.84
N ASP J 305 6.33 51.90 84.82
CA ASP J 305 7.76 51.72 84.98
C ASP J 305 8.27 52.44 86.22
N PRO J 306 8.60 51.70 87.27
CA PRO J 306 9.09 52.23 88.54
C PRO J 306 10.25 53.20 88.38
N TYR J 307 11.24 52.80 87.61
CA TYR J 307 12.37 53.66 87.38
C TYR J 307 12.01 54.72 86.35
N GLN J 308 10.75 55.12 86.32
CA GLN J 308 10.28 56.15 85.39
C GLN J 308 9.10 56.89 85.99
N THR J 309 8.69 56.42 87.18
CA THR J 309 7.57 57.01 87.92
C THR J 309 7.57 56.41 89.32
N SER J 310 8.29 57.06 90.22
CA SER J 310 8.37 56.61 91.60
C SER J 310 7.07 55.95 92.07
N VAL J 311 7.19 54.81 92.76
CA VAL J 311 6.02 54.11 93.25
C VAL J 311 5.22 55.13 94.01
N PHE J 312 5.94 55.87 94.85
CA PHE J 312 5.34 56.89 95.69
C PHE J 312 4.58 57.91 94.85
N ASP J 313 5.27 58.44 93.84
CA ASP J 313 4.67 59.43 92.95
C ASP J 313 3.41 58.77 92.34
N PHE J 314 3.53 57.51 91.90
CA PHE J 314 2.38 56.81 91.33
C PHE J 314 1.29 56.82 92.39
N TYR J 315 1.50 56.07 93.46
CA TYR J 315 0.54 55.99 94.55
C TYR J 315 -0.22 57.27 94.65
N GLY J 316 0.54 58.36 94.72
CA GLY J 316 -0.05 59.66 94.85
C GLY J 316 -1.13 59.95 93.83
N TYR J 317 -0.80 59.80 92.56
CA TYR J 317 -1.74 60.06 91.49
C TYR J 317 -3.16 59.65 91.85
N PHE J 318 -3.28 58.71 92.77
CA PHE J 318 -4.60 58.26 93.17
C PHE J 318 -5.00 58.81 94.52
N VAL J 319 -4.21 58.51 95.55
CA VAL J 319 -4.52 58.98 96.91
C VAL J 319 -5.09 60.40 96.89
N ARG J 320 -4.71 61.17 95.87
CA ARG J 320 -5.19 62.55 95.74
C ARG J 320 -6.01 62.67 94.45
N ARG J 321 -7.33 62.71 94.62
CA ARG J 321 -8.26 62.85 93.51
C ARG J 321 -9.61 63.31 94.05
N SER J 322 -10.40 63.93 93.18
CA SER J 322 -11.72 64.47 93.52
C SER J 322 -12.49 63.61 94.54
N ASP J 323 -12.90 64.23 95.64
CA ASP J 323 -13.65 63.53 96.68
C ASP J 323 -14.89 62.89 96.08
N GLN J 324 -15.29 63.38 94.92
CA GLN J 324 -16.45 62.85 94.22
C GLN J 324 -15.99 61.72 93.29
N GLU J 325 -14.90 61.95 92.57
CA GLU J 325 -14.35 60.97 91.64
C GLU J 325 -14.17 59.58 92.22
N VAL J 326 -13.82 59.51 93.50
CA VAL J 326 -13.59 58.25 94.19
C VAL J 326 -14.53 57.14 93.73
N GLU J 327 -15.82 57.44 93.77
CA GLU J 327 -16.87 56.50 93.37
C GLU J 327 -16.50 55.80 92.08
N ASN J 328 -17.03 56.33 90.98
CA ASN J 328 -16.79 55.78 89.66
C ASN J 328 -15.32 55.37 89.41
N LEU J 329 -14.39 55.91 90.21
CA LEU J 329 -12.98 55.58 90.06
C LEU J 329 -12.65 54.25 90.71
N LEU J 330 -13.46 53.87 91.70
CA LEU J 330 -13.27 52.59 92.36
C LEU J 330 -13.81 51.48 91.45
N LYS J 331 -14.96 51.74 90.83
CA LYS J 331 -15.59 50.79 89.91
C LYS J 331 -14.69 50.48 88.72
N LEU J 332 -13.95 51.48 88.27
CA LEU J 332 -13.09 51.34 87.11
C LEU J 332 -11.69 50.82 87.35
N PHE J 333 -11.17 50.94 88.56
CA PHE J 333 -9.82 50.46 88.79
C PHE J 333 -9.59 49.47 89.90
N THR J 334 -10.67 48.88 90.42
CA THR J 334 -10.51 47.89 91.48
C THR J 334 -11.51 46.78 91.29
N PHE J 335 -11.03 45.57 91.48
CA PHE J 335 -11.86 44.40 91.33
C PHE J 335 -12.59 44.22 92.65
N MET J 336 -13.15 45.31 93.14
CA MET J 336 -13.90 45.31 94.40
C MET J 336 -15.38 45.13 94.15
N PRO J 337 -16.01 44.14 94.80
CA PRO J 337 -17.45 43.90 94.62
C PRO J 337 -18.28 45.17 94.90
N ILE J 338 -19.16 45.53 93.95
CA ILE J 338 -19.99 46.73 94.08
C ILE J 338 -20.45 46.84 95.54
N SER J 339 -20.74 45.67 96.09
CA SER J 339 -21.18 45.55 97.47
C SER J 339 -20.33 46.42 98.41
N GLU J 340 -19.24 45.86 98.93
CA GLU J 340 -18.39 46.61 99.86
C GLU J 340 -17.65 47.77 99.21
N ILE J 341 -17.85 47.99 97.90
CA ILE J 341 -17.20 49.11 97.22
C ILE J 341 -17.83 50.35 97.84
N THR J 342 -19.14 50.25 98.12
CA THR J 342 -19.87 51.35 98.73
C THR J 342 -19.46 51.53 100.19
N LYS J 343 -19.11 50.43 100.84
CA LYS J 343 -18.65 50.50 102.23
C LYS J 343 -17.51 51.49 102.33
N THR J 344 -16.56 51.33 101.42
CA THR J 344 -15.41 52.20 101.38
C THR J 344 -15.93 53.63 101.27
N MET J 345 -17.08 53.81 100.61
CA MET J 345 -17.65 55.15 100.50
C MET J 345 -18.29 55.62 101.80
N GLU J 346 -18.53 54.67 102.71
CA GLU J 346 -19.15 54.96 104.01
C GLU J 346 -18.15 55.60 104.97
N GLU J 347 -16.94 55.06 104.96
CA GLU J 347 -15.84 55.55 105.79
C GLU J 347 -15.33 56.88 105.26
N HIS J 348 -15.27 56.96 103.93
CA HIS J 348 -14.79 58.16 103.27
C HIS J 348 -15.64 59.39 103.60
N ILE J 349 -16.96 59.28 103.46
CA ILE J 349 -17.85 60.41 103.73
C ILE J 349 -17.95 60.86 105.20
N LYS J 350 -17.52 60.01 106.13
CA LYS J 350 -17.54 60.41 107.53
C LYS J 350 -16.43 61.43 107.70
N ASP J 351 -15.53 61.50 106.73
CA ASP J 351 -14.41 62.45 106.73
C ASP J 351 -13.86 62.67 105.31
N PRO J 352 -14.46 63.61 104.56
CA PRO J 352 -14.03 63.92 103.19
C PRO J 352 -12.50 64.14 103.08
N SER J 353 -11.98 65.07 103.88
CA SER J 353 -10.55 65.40 103.86
C SER J 353 -9.64 64.34 104.48
N LYS J 354 -10.14 63.13 104.68
CA LYS J 354 -9.32 62.07 105.25
C LYS J 354 -8.90 61.10 104.14
N ARG J 355 -9.56 61.21 102.98
CA ARG J 355 -9.24 60.34 101.85
C ARG J 355 -9.29 58.85 102.24
N VAL J 356 -10.28 58.48 103.03
CA VAL J 356 -10.41 57.09 103.44
C VAL J 356 -10.52 56.22 102.19
N ALA J 357 -11.39 56.63 101.26
CA ALA J 357 -11.61 55.92 100.02
C ALA J 357 -10.43 56.05 99.07
N GLN J 358 -9.78 57.21 99.09
CA GLN J 358 -8.63 57.43 98.21
C GLN J 358 -7.49 56.47 98.51
N HIS J 359 -7.34 56.10 99.77
CA HIS J 359 -6.29 55.17 100.17
C HIS J 359 -6.63 53.78 99.64
N THR J 360 -7.88 53.37 99.85
CA THR J 360 -8.33 52.06 99.40
C THR J 360 -8.28 51.95 97.86
N LEU J 361 -8.75 52.99 97.17
CA LEU J 361 -8.71 52.98 95.71
C LEU J 361 -7.28 53.17 95.20
N ALA J 362 -6.51 54.01 95.87
CA ALA J 362 -5.13 54.21 95.48
C ALA J 362 -4.38 52.88 95.67
N ARG J 363 -4.47 52.30 96.86
CA ARG J 363 -3.80 51.03 97.16
C ARG J 363 -4.06 49.95 96.10
N GLU J 364 -5.33 49.66 95.84
CA GLU J 364 -5.72 48.68 94.84
C GLU J 364 -4.87 48.81 93.60
N VAL J 365 -4.94 49.96 92.96
CA VAL J 365 -4.16 50.17 91.75
C VAL J 365 -2.70 49.81 91.92
N VAL J 366 -2.06 50.37 92.95
CA VAL J 366 -0.65 50.10 93.20
C VAL J 366 -0.39 48.61 93.36
N THR J 367 -1.16 47.99 94.24
CA THR J 367 -1.02 46.58 94.50
C THR J 367 -1.14 45.79 93.19
N LEU J 368 -2.14 46.12 92.39
CA LEU J 368 -2.33 45.44 91.13
C LEU J 368 -1.12 45.54 90.23
N VAL J 369 -0.67 46.76 89.98
CA VAL J 369 0.46 46.99 89.09
C VAL J 369 1.80 47.08 89.79
N HIS J 370 1.86 46.74 91.07
CA HIS J 370 3.12 46.81 91.79
C HIS J 370 3.20 45.88 92.98
N GLY J 371 2.19 45.04 93.16
CA GLY J 371 2.19 44.10 94.27
C GLY J 371 1.83 44.66 95.63
N LYS J 372 1.39 43.79 96.53
CA LYS J 372 1.00 44.22 97.87
C LYS J 372 2.19 44.81 98.64
N GLN J 373 3.30 44.08 98.66
CA GLN J 373 4.49 44.53 99.38
C GLN J 373 4.76 45.99 99.11
N GLU J 374 4.53 46.41 97.88
CA GLU J 374 4.76 47.78 97.55
C GLU J 374 3.55 48.62 97.93
N ALA J 375 2.36 48.07 97.72
CA ALA J 375 1.14 48.78 98.06
C ALA J 375 1.30 49.40 99.43
N SER J 376 1.83 48.62 100.37
CA SER J 376 2.07 49.09 101.73
C SER J 376 3.19 50.11 101.77
N ALA J 377 4.41 49.64 101.50
CA ALA J 377 5.59 50.51 101.49
C ALA J 377 5.28 51.94 101.00
N ALA J 378 4.48 52.02 99.94
CA ALA J 378 4.09 53.30 99.36
C ALA J 378 3.18 54.07 100.30
N GLU J 379 2.09 53.42 100.70
CA GLU J 379 1.14 54.04 101.62
C GLU J 379 1.89 54.65 102.81
N ASP J 380 2.86 53.91 103.33
CA ASP J 380 3.66 54.37 104.45
C ASP J 380 4.26 55.73 104.19
N GLN J 381 5.04 55.83 103.12
CA GLN J 381 5.64 57.11 102.80
C GLN J 381 4.53 58.15 102.72
N HIS J 382 3.44 57.83 102.04
CA HIS J 382 2.34 58.79 101.91
C HIS J 382 1.48 58.90 103.18
N ARG J 383 1.97 58.30 104.26
CA ARG J 383 1.28 58.30 105.56
C ARG J 383 2.09 59.01 106.68
N MET J 384 3.27 59.54 106.34
CA MET J 384 4.16 60.19 107.31
C MET J 384 3.61 61.48 107.93
N MET J 385 4.36 62.23 108.72
CA MET J 385 3.80 63.45 109.37
C MET J 385 3.83 64.70 108.45
N PRO K 8 9.09 -15.93 12.16
CA PRO K 8 8.89 -14.52 12.56
C PRO K 8 9.01 -13.58 11.37
N LYS K 9 8.97 -12.29 11.65
CA LYS K 9 9.09 -11.25 10.62
C LYS K 9 10.47 -11.36 9.97
N TYR K 10 11.45 -11.79 10.76
CA TYR K 10 12.81 -11.97 10.29
C TYR K 10 12.82 -12.98 9.13
N THR K 11 12.10 -14.09 9.31
CA THR K 11 12.01 -15.13 8.29
C THR K 11 11.31 -14.57 7.04
N ALA K 12 10.51 -13.54 7.25
CA ALA K 12 9.76 -12.88 6.18
C ALA K 12 10.67 -12.26 5.10
N LYS K 13 11.68 -11.50 5.53
CA LYS K 13 12.59 -10.86 4.62
C LYS K 13 13.43 -11.93 3.93
N ILE K 14 13.81 -12.93 4.72
CA ILE K 14 14.61 -14.05 4.22
C ILE K 14 14.04 -14.62 2.92
N ASN K 15 12.79 -15.03 2.96
CA ASN K 15 12.14 -15.61 1.79
C ASN K 15 11.98 -14.56 0.70
N GLU K 16 11.81 -13.31 1.11
CA GLU K 16 11.67 -12.22 0.16
C GLU K 16 12.95 -12.17 -0.66
N ALA K 17 14.08 -12.33 0.02
CA ALA K 17 15.38 -12.29 -0.63
C ALA K 17 15.49 -13.41 -1.66
N GLU K 18 14.99 -14.59 -1.32
CA GLU K 18 15.05 -15.71 -2.24
C GLU K 18 14.55 -15.32 -3.61
N GLU K 19 13.34 -14.76 -3.64
CA GLU K 19 12.71 -14.33 -4.90
C GLU K 19 13.63 -13.38 -5.66
N ASN K 20 14.06 -12.32 -4.99
CA ASN K 20 14.95 -11.34 -5.58
C ASN K 20 16.07 -12.06 -6.34
N TRP K 21 16.76 -12.92 -5.60
CA TRP K 21 17.88 -13.70 -6.13
C TRP K 21 17.45 -14.55 -7.32
N GLN K 22 16.15 -14.69 -7.50
CA GLN K 22 15.66 -15.47 -8.62
C GLN K 22 15.51 -14.59 -9.85
N ALA K 23 15.09 -13.34 -9.65
CA ALA K 23 14.96 -12.43 -10.79
C ALA K 23 16.35 -12.36 -11.37
N ARG K 24 17.32 -12.47 -10.46
CA ARG K 24 18.74 -12.45 -10.81
C ARG K 24 19.14 -13.73 -11.53
N ALA K 25 18.88 -14.88 -10.91
CA ALA K 25 19.20 -16.16 -11.50
C ALA K 25 18.62 -16.20 -12.92
N GLU K 26 17.56 -15.41 -13.12
CA GLU K 26 16.88 -15.35 -14.41
C GLU K 26 17.71 -14.58 -15.43
N ALA K 27 17.93 -13.30 -15.15
CA ALA K 27 18.72 -12.49 -16.03
C ALA K 27 19.90 -13.31 -16.55
N ILE K 28 20.65 -13.92 -15.64
CA ILE K 28 21.80 -14.73 -16.04
C ILE K 28 21.40 -15.86 -16.98
N LYS K 29 20.22 -16.43 -16.74
CA LYS K 29 19.69 -17.53 -17.57
C LYS K 29 19.57 -17.09 -19.03
N LYS K 30 19.19 -15.83 -19.25
CA LYS K 30 19.05 -15.30 -20.60
C LYS K 30 20.16 -14.27 -20.85
N GLY K 31 21.30 -14.48 -20.20
CA GLY K 31 22.44 -13.58 -20.34
C GLY K 31 22.08 -12.12 -20.19
N LYS K 32 21.00 -11.84 -19.45
CA LYS K 32 20.55 -10.47 -19.24
C LYS K 32 21.53 -9.70 -18.34
N LYS K 33 22.22 -10.43 -17.46
CA LYS K 33 23.22 -9.86 -16.55
C LYS K 33 24.33 -10.91 -16.41
N GLN K 34 25.58 -10.47 -16.44
CA GLN K 34 26.70 -11.41 -16.36
C GLN K 34 26.68 -12.27 -15.09
N ASN K 35 27.20 -13.50 -15.20
CA ASN K 35 27.26 -14.39 -14.04
C ASN K 35 28.52 -14.04 -13.25
N THR K 36 28.32 -13.78 -11.96
CA THR K 36 29.40 -13.43 -11.06
C THR K 36 30.64 -14.26 -11.40
N TRP K 37 30.40 -15.51 -11.79
CA TRP K 37 31.48 -16.40 -12.16
C TRP K 37 32.16 -15.95 -13.42
N ASP K 38 31.37 -15.66 -14.46
CA ASP K 38 31.94 -15.20 -15.71
C ASP K 38 32.54 -13.81 -15.50
N LEU K 39 32.33 -13.26 -14.30
CA LEU K 39 32.90 -11.98 -13.96
C LEU K 39 34.35 -12.25 -13.57
N PHE K 40 34.55 -13.39 -12.88
CA PHE K 40 35.86 -13.86 -12.42
C PHE K 40 36.74 -14.24 -13.62
N GLU K 41 36.09 -14.66 -14.69
CA GLU K 41 36.81 -15.03 -15.90
C GLU K 41 37.13 -13.75 -16.66
N GLU K 42 36.33 -12.70 -16.43
CA GLU K 42 36.54 -11.44 -17.13
C GLU K 42 37.60 -10.53 -16.53
N ARG K 43 38.14 -10.91 -15.38
CA ARG K 43 39.17 -10.08 -14.78
C ARG K 43 40.39 -10.96 -14.54
N GLY K 44 40.22 -12.25 -14.79
CA GLY K 44 41.31 -13.21 -14.62
C GLY K 44 41.57 -13.77 -13.23
N TYR K 45 40.53 -14.04 -12.45
CA TYR K 45 40.74 -14.57 -11.10
C TYR K 45 40.72 -16.09 -11.04
N VAL K 46 40.83 -16.76 -12.18
CA VAL K 46 40.78 -18.22 -12.16
C VAL K 46 42.02 -18.94 -12.65
N LYS K 47 42.76 -19.54 -11.72
CA LYS K 47 43.97 -20.29 -12.08
C LYS K 47 43.59 -21.76 -12.22
N ASP K 48 43.11 -22.34 -11.13
CA ASP K 48 42.66 -23.72 -11.10
C ASP K 48 41.26 -23.82 -10.49
N THR K 49 40.64 -24.99 -10.61
CA THR K 49 39.32 -25.18 -10.05
C THR K 49 39.09 -26.59 -9.50
N ALA K 50 38.60 -26.60 -8.26
CA ALA K 50 38.27 -27.82 -7.54
C ALA K 50 36.75 -27.80 -7.60
N GLY K 51 36.25 -28.22 -8.76
CA GLY K 51 34.82 -28.24 -8.99
C GLY K 51 34.55 -27.82 -10.42
N THR K 52 33.91 -28.69 -11.18
CA THR K 52 33.59 -28.42 -12.57
C THR K 52 33.43 -26.91 -12.82
N LYS K 53 34.42 -26.33 -13.51
CA LYS K 53 34.44 -24.89 -13.81
C LYS K 53 33.00 -24.47 -14.09
N GLU K 54 32.32 -25.31 -14.86
CA GLU K 54 30.93 -25.10 -15.26
C GLU K 54 29.99 -25.19 -14.07
N HIS K 55 29.97 -26.36 -13.43
CA HIS K 55 29.12 -26.57 -12.28
C HIS K 55 29.19 -25.32 -11.40
N ILE K 56 30.40 -24.99 -10.95
CA ILE K 56 30.62 -23.82 -10.10
C ILE K 56 29.76 -22.67 -10.55
N ALA K 57 29.80 -22.39 -11.85
CA ALA K 57 29.04 -21.30 -12.42
C ALA K 57 27.59 -21.38 -12.04
N GLU K 58 26.95 -22.50 -12.37
CA GLU K 58 25.54 -22.70 -12.09
C GLU K 58 25.30 -22.49 -10.60
N LEU K 59 26.08 -23.17 -9.77
CA LEU K 59 25.93 -23.03 -8.32
C LEU K 59 25.85 -21.54 -7.92
N MET K 60 26.51 -20.67 -8.69
CA MET K 60 26.54 -19.23 -8.42
C MET K 60 25.37 -18.45 -8.98
N ARG K 61 25.05 -18.68 -10.25
CA ARG K 61 23.92 -18.01 -10.86
C ARG K 61 22.69 -18.33 -9.99
N THR K 62 22.59 -19.60 -9.64
CA THR K 62 21.50 -20.18 -8.86
C THR K 62 21.31 -19.73 -7.42
N ARG K 63 21.97 -20.44 -6.50
CA ARG K 63 21.88 -20.17 -5.08
C ARG K 63 22.62 -18.91 -4.64
N ARG K 64 22.27 -18.40 -3.46
CA ARG K 64 22.92 -17.22 -2.91
C ARG K 64 24.07 -17.75 -2.04
N ILE K 65 24.93 -18.57 -2.63
CA ILE K 65 26.05 -19.19 -1.91
C ILE K 65 26.99 -18.25 -1.17
N GLY K 66 27.91 -18.87 -0.42
CA GLY K 66 28.88 -18.12 0.35
C GLY K 66 30.26 -18.67 0.15
N ALA K 67 31.26 -17.88 0.53
CA ALA K 67 32.66 -18.25 0.42
C ALA K 67 33.53 -17.50 1.42
N TYR K 68 34.82 -17.79 1.43
CA TYR K 68 35.72 -17.14 2.37
C TYR K 68 37.18 -17.20 1.92
N VAL K 69 38.04 -16.43 2.61
CA VAL K 69 39.48 -16.43 2.30
C VAL K 69 40.26 -16.41 3.60
N GLY K 70 41.11 -17.42 3.79
CA GLY K 70 41.90 -17.54 5.00
C GLY K 70 43.24 -16.84 4.95
N ILE K 71 43.61 -16.22 6.07
CA ILE K 71 44.86 -15.49 6.17
C ILE K 71 45.64 -15.86 7.41
N ASP K 72 46.80 -16.46 7.21
CA ASP K 72 47.68 -16.88 8.30
C ASP K 72 48.23 -15.64 8.99
N PRO K 73 47.74 -15.33 10.21
CA PRO K 73 48.21 -14.16 10.95
C PRO K 73 49.65 -14.25 11.48
N THR K 74 50.59 -14.57 10.57
CA THR K 74 52.00 -14.69 10.92
C THR K 74 52.67 -13.31 10.90
N ALA K 75 52.32 -12.47 9.93
CA ALA K 75 52.88 -11.13 9.81
C ALA K 75 51.99 -10.13 10.53
N PRO K 76 52.56 -9.00 10.98
CA PRO K 76 51.74 -8.01 11.69
C PRO K 76 51.10 -7.05 10.70
N SER K 77 50.94 -7.54 9.48
CA SER K 77 50.33 -6.78 8.39
C SER K 77 50.30 -7.56 7.09
N LEU K 78 49.19 -7.46 6.37
CA LEU K 78 49.07 -8.14 5.09
C LEU K 78 49.77 -7.30 4.07
N HIS K 79 50.15 -7.93 2.97
CA HIS K 79 50.79 -7.21 1.91
C HIS K 79 49.92 -7.37 0.68
N VAL K 80 50.21 -6.60 -0.34
CA VAL K 80 49.45 -6.67 -1.56
C VAL K 80 49.12 -8.10 -2.04
N GLY K 81 50.07 -9.03 -1.94
CA GLY K 81 49.87 -10.41 -2.38
C GLY K 81 48.57 -11.08 -1.95
N HIS K 82 47.96 -10.53 -0.89
CA HIS K 82 46.70 -11.01 -0.31
C HIS K 82 45.50 -10.33 -0.96
N LEU K 83 45.74 -9.14 -1.52
CA LEU K 83 44.70 -8.35 -2.17
C LEU K 83 44.15 -9.07 -3.40
N LEU K 84 44.95 -9.93 -4.00
CA LEU K 84 44.48 -10.63 -5.18
C LEU K 84 43.25 -11.46 -4.89
N PRO K 85 43.39 -12.50 -4.05
CA PRO K 85 42.27 -13.38 -3.71
C PRO K 85 41.09 -12.73 -2.99
N LEU K 86 41.30 -11.56 -2.42
CA LEU K 86 40.21 -10.92 -1.70
C LEU K 86 39.28 -10.19 -2.65
N MET K 87 39.82 -9.82 -3.81
CA MET K 87 39.04 -9.12 -4.79
C MET K 87 37.81 -9.92 -5.21
N PRO K 88 38.01 -11.12 -5.80
CA PRO K 88 36.84 -11.90 -6.21
C PRO K 88 35.84 -12.11 -5.09
N LEU K 89 36.34 -12.16 -3.86
CA LEU K 89 35.45 -12.32 -2.72
C LEU K 89 34.59 -11.08 -2.74
N PHE K 90 35.26 -9.94 -2.63
CA PHE K 90 34.63 -8.64 -2.63
C PHE K 90 33.56 -8.56 -3.70
N TRP K 91 33.94 -8.87 -4.93
CA TRP K 91 32.98 -8.84 -6.02
C TRP K 91 31.75 -9.67 -5.61
N MET K 92 31.95 -10.90 -5.18
CA MET K 92 30.82 -11.74 -4.76
C MET K 92 29.98 -10.99 -3.76
N TYR K 93 30.62 -10.19 -2.93
CA TYR K 93 29.95 -9.40 -1.90
C TYR K 93 29.11 -8.31 -2.54
N LEU K 94 29.66 -7.71 -3.58
CA LEU K 94 28.98 -6.65 -4.28
C LEU K 94 27.74 -7.19 -4.97
N GLU K 95 27.67 -8.52 -5.15
CA GLU K 95 26.53 -9.18 -5.81
C GLU K 95 25.43 -9.61 -4.82
N GLY K 96 25.79 -9.72 -3.54
CA GLY K 96 24.81 -10.09 -2.52
C GLY K 96 25.06 -11.41 -1.81
N TYR K 97 26.10 -12.13 -2.22
CA TYR K 97 26.42 -13.42 -1.61
C TYR K 97 26.78 -13.28 -0.12
N LYS K 98 27.39 -14.32 0.44
CA LYS K 98 27.78 -14.32 1.85
C LYS K 98 29.28 -14.58 1.87
N ALA K 99 30.04 -13.52 2.06
CA ALA K 99 31.50 -13.67 2.05
C ALA K 99 32.08 -13.42 3.42
N PHE K 100 33.21 -14.07 3.70
CA PHE K 100 33.89 -13.92 4.97
C PHE K 100 35.39 -14.06 4.77
N THR K 101 36.13 -13.52 5.73
CA THR K 101 37.57 -13.55 5.73
C THR K 101 38.02 -14.26 7.01
N LEU K 102 38.43 -15.51 6.89
CA LEU K 102 38.85 -16.29 8.05
C LEU K 102 40.29 -16.01 8.46
N ILE K 103 40.47 -15.62 9.72
CA ILE K 103 41.79 -15.36 10.24
C ILE K 103 42.27 -16.64 10.86
N GLY K 104 43.54 -16.96 10.65
CA GLY K 104 44.08 -18.20 11.21
C GLY K 104 44.70 -18.12 12.59
N GLY K 105 44.18 -17.21 13.41
CA GLY K 105 44.66 -17.01 14.76
C GLY K 105 45.29 -18.22 15.45
N SER K 106 44.80 -19.41 15.18
CA SER K 106 45.36 -20.60 15.79
C SER K 106 46.25 -21.25 14.77
N THR K 107 45.78 -21.35 13.54
CA THR K 107 46.59 -21.98 12.50
C THR K 107 48.01 -21.44 12.41
N ALA K 108 48.18 -20.14 12.57
CA ALA K 108 49.50 -19.55 12.51
C ALA K 108 50.43 -20.39 13.37
N LYS K 109 49.96 -20.75 14.57
CA LYS K 109 50.73 -21.54 15.53
C LYS K 109 51.34 -22.84 14.95
N ILE K 110 50.85 -23.26 13.79
CA ILE K 110 51.36 -24.44 13.14
C ILE K 110 51.92 -23.97 11.81
N GLY K 111 51.13 -23.18 11.11
CA GLY K 111 51.55 -22.64 9.81
C GLY K 111 51.36 -23.56 8.62
N ASP K 112 50.97 -22.99 7.48
CA ASP K 112 50.75 -23.78 6.28
C ASP K 112 52.04 -24.44 5.81
N PRO K 113 52.16 -25.77 6.00
CA PRO K 113 53.34 -26.51 5.58
C PRO K 113 53.40 -26.68 4.04
N THR K 114 53.36 -25.55 3.33
CA THR K 114 53.41 -25.56 1.88
C THR K 114 54.84 -25.19 1.45
N GLY K 115 55.69 -26.22 1.37
CA GLY K 115 57.07 -26.00 1.01
C GLY K 115 58.03 -26.82 1.85
N ASP K 127 53.46 -13.55 21.80
CA ASP K 127 53.38 -12.25 21.14
C ASP K 127 52.59 -12.38 19.84
N ALA K 128 52.46 -13.64 19.42
CA ALA K 128 51.74 -13.95 18.19
C ALA K 128 50.42 -13.18 18.16
N THR K 129 49.91 -12.88 19.35
CA THR K 129 48.65 -12.16 19.53
C THR K 129 48.74 -10.84 18.81
N MET K 130 49.78 -10.08 19.17
CA MET K 130 50.02 -8.77 18.58
C MET K 130 49.74 -8.87 17.09
N ASN K 131 50.37 -9.85 16.45
CA ASN K 131 50.13 -10.01 15.04
C ASN K 131 48.63 -10.20 14.79
N MET K 132 48.12 -11.36 15.18
CA MET K 132 46.71 -11.68 15.01
C MET K 132 45.78 -10.46 15.18
N THR K 133 46.05 -9.66 16.20
CA THR K 133 45.25 -8.47 16.49
C THR K 133 45.23 -7.53 15.31
N LYS K 134 46.39 -6.91 15.06
CA LYS K 134 46.55 -5.98 13.95
C LYS K 134 45.74 -6.47 12.76
N ILE K 135 46.18 -7.60 12.22
CA ILE K 135 45.54 -8.22 11.07
C ILE K 135 44.02 -8.11 11.08
N HIS K 136 43.39 -8.52 12.17
CA HIS K 136 41.93 -8.44 12.28
C HIS K 136 41.54 -7.07 11.79
N TYR K 137 41.81 -6.08 12.64
CA TYR K 137 41.50 -4.72 12.31
C TYR K 137 41.83 -4.42 10.84
N GLN K 138 43.08 -4.68 10.45
CA GLN K 138 43.52 -4.43 9.08
C GLN K 138 42.46 -4.91 8.08
N LEU K 139 41.88 -6.08 8.33
CA LEU K 139 40.87 -6.65 7.45
C LEU K 139 39.56 -5.85 7.50
N LYS K 140 39.04 -5.57 8.69
CA LYS K 140 37.80 -4.81 8.78
C LYS K 140 37.91 -3.51 8.01
N LYS K 141 39.02 -2.81 8.19
CA LYS K 141 39.27 -1.55 7.49
C LYS K 141 38.92 -1.71 6.00
N LEU K 142 39.49 -2.73 5.37
CA LEU K 142 39.20 -2.96 3.95
C LEU K 142 37.71 -2.95 3.70
N TRP K 143 36.94 -3.79 4.40
CA TRP K 143 35.50 -3.84 4.19
C TRP K 143 34.95 -2.42 4.34
N GLU K 144 35.36 -1.74 5.40
CA GLU K 144 34.92 -0.37 5.68
C GLU K 144 35.01 0.48 4.41
N ASN K 145 35.96 0.12 3.56
CA ASN K 145 36.19 0.80 2.29
C ASN K 145 35.44 0.09 1.18
N VAL K 146 35.47 -1.24 1.19
CA VAL K 146 34.77 -1.99 0.16
C VAL K 146 33.33 -1.50 0.14
N ASP K 147 32.73 -1.29 1.31
CA ASP K 147 31.37 -0.76 1.40
C ASP K 147 31.34 0.62 0.75
N THR K 148 32.02 1.57 1.39
CA THR K 148 32.09 2.94 0.91
C THR K 148 32.22 2.93 -0.61
N GLN K 149 33.07 2.03 -1.10
CA GLN K 149 33.29 1.86 -2.52
C GLN K 149 32.00 1.34 -3.16
N MET K 150 31.52 0.18 -2.71
CA MET K 150 30.31 -0.46 -3.25
C MET K 150 29.15 0.48 -3.47
N ARG K 151 28.74 1.16 -2.42
CA ARG K 151 27.63 2.10 -2.48
C ARG K 151 27.97 3.19 -3.49
N ALA K 152 29.17 3.74 -3.35
CA ALA K 152 29.62 4.79 -4.25
C ALA K 152 29.63 4.40 -5.74
N ARG K 153 30.43 3.39 -6.13
CA ARG K 153 30.53 2.96 -7.54
C ARG K 153 29.24 2.44 -8.10
N GLY K 154 28.14 2.87 -7.48
CA GLY K 154 26.81 2.51 -7.90
C GLY K 154 26.40 1.07 -7.65
N TYR K 155 26.00 0.76 -6.42
CA TYR K 155 25.55 -0.58 -6.05
C TYR K 155 24.31 -0.46 -5.19
N GLU K 156 23.40 -1.43 -5.31
CA GLU K 156 22.15 -1.41 -4.55
C GLU K 156 22.19 -2.07 -3.18
N ALA K 157 21.40 -1.50 -2.27
CA ALA K 157 21.30 -1.98 -0.92
C ALA K 157 20.50 -3.27 -0.87
N ASP K 158 21.18 -4.37 -0.58
CA ASP K 158 20.54 -5.68 -0.48
C ASP K 158 20.58 -6.10 0.98
N TRP K 159 19.41 -6.41 1.53
CA TRP K 159 19.28 -6.83 2.90
C TRP K 159 20.07 -8.12 3.14
N ALA K 160 19.67 -9.18 2.44
CA ALA K 160 20.31 -10.50 2.55
C ALA K 160 21.83 -10.48 2.41
N ARG K 161 22.38 -9.49 1.69
CA ARG K 161 23.82 -9.38 1.47
C ARG K 161 24.54 -9.67 2.79
N LYS K 162 25.69 -10.34 2.71
CA LYS K 162 26.39 -10.69 3.94
C LYS K 162 27.89 -10.85 3.88
N ARG K 163 28.56 -10.07 4.73
CA ARG K 163 30.01 -10.08 4.86
C ARG K 163 30.38 -10.29 6.33
N GLY K 164 31.68 -10.38 6.61
CA GLY K 164 32.11 -10.57 7.98
C GLY K 164 33.52 -11.11 8.15
N ILE K 165 34.04 -11.01 9.37
CA ILE K 165 35.39 -11.48 9.69
C ILE K 165 35.39 -12.55 10.79
N VAL K 166 35.95 -13.71 10.47
CA VAL K 166 36.00 -14.80 11.43
C VAL K 166 37.40 -15.08 11.85
N ASN K 167 37.51 -15.89 12.90
CA ASN K 167 38.79 -16.29 13.48
C ASN K 167 38.74 -17.79 13.80
N ASN K 168 39.47 -18.58 13.03
CA ASN K 168 39.49 -20.04 13.22
C ASN K 168 39.68 -20.43 14.68
N ASN K 169 40.29 -19.55 15.46
CA ASN K 169 40.52 -19.84 16.87
C ASN K 169 39.18 -20.03 17.58
N HIS K 170 38.23 -19.16 17.26
CA HIS K 170 36.88 -19.18 17.82
C HIS K 170 36.38 -20.55 18.25
N TRP K 171 36.65 -21.57 17.44
CA TRP K 171 36.23 -22.93 17.75
C TRP K 171 37.43 -23.82 18.11
N TRP K 172 38.52 -23.71 17.35
CA TRP K 172 39.72 -24.51 17.56
C TRP K 172 40.29 -24.44 18.96
N ASN K 173 39.99 -23.35 19.66
CA ASN K 173 40.49 -23.15 21.00
C ASN K 173 39.91 -24.12 22.01
N LYS K 174 38.73 -24.63 21.72
CA LYS K 174 38.14 -25.58 22.62
C LYS K 174 37.78 -26.85 21.85
N GLN K 175 37.84 -26.76 20.53
CA GLN K 175 37.50 -27.89 19.65
C GLN K 175 38.17 -29.20 20.03
N PRO K 176 37.40 -30.10 20.65
CA PRO K 176 37.90 -31.40 21.09
C PRO K 176 38.35 -32.20 19.91
N MET K 177 39.36 -33.02 20.15
CA MET K 177 39.94 -33.85 19.12
C MET K 177 39.05 -35.04 18.84
N LEU K 178 38.47 -35.60 19.89
CA LEU K 178 37.61 -36.75 19.72
C LEU K 178 36.62 -36.43 18.59
N GLU K 179 35.98 -35.28 18.70
CA GLU K 179 35.01 -34.83 17.71
C GLU K 179 35.55 -35.01 16.31
N VAL K 180 36.63 -34.30 16.03
CA VAL K 180 37.28 -34.32 14.71
C VAL K 180 37.69 -35.72 14.32
N LEU K 181 38.71 -36.24 14.99
CA LEU K 181 39.23 -37.57 14.71
C LEU K 181 38.13 -38.57 14.37
N ARG K 182 36.95 -38.40 14.96
CA ARG K 182 35.87 -39.32 14.67
C ARG K 182 35.03 -38.83 13.50
N ARG K 183 34.46 -37.63 13.64
CA ARG K 183 33.63 -37.05 12.58
C ARG K 183 34.25 -37.08 11.18
N VAL K 184 35.56 -37.28 11.07
CA VAL K 184 36.21 -37.33 9.76
C VAL K 184 37.37 -38.29 9.69
N GLY K 185 38.02 -38.51 10.83
CA GLY K 185 39.17 -39.40 10.87
C GLY K 185 39.04 -40.72 10.15
N HIS K 186 37.85 -41.30 10.17
CA HIS K 186 37.61 -42.58 9.51
C HIS K 186 37.56 -42.42 7.98
N ALA K 187 37.23 -41.21 7.54
CA ALA K 187 37.08 -40.92 6.11
C ALA K 187 38.39 -40.62 5.38
N LEU K 188 39.28 -39.87 6.00
CA LEU K 188 40.54 -39.57 5.35
C LEU K 188 41.49 -40.75 5.53
N ARG K 189 42.53 -40.79 4.70
CA ARG K 189 43.55 -41.83 4.76
C ARG K 189 44.88 -41.16 4.41
N ILE K 190 45.86 -41.33 5.29
CA ILE K 190 47.18 -40.74 5.11
C ILE K 190 47.71 -40.91 3.70
N GLY K 191 47.05 -41.75 2.91
CA GLY K 191 47.46 -42.01 1.54
C GLY K 191 47.53 -40.74 0.72
N PRO K 192 46.42 -40.31 0.10
CA PRO K 192 46.49 -39.07 -0.69
C PRO K 192 46.96 -37.88 0.15
N MET K 193 47.46 -38.16 1.36
CA MET K 193 48.00 -37.13 2.26
C MET K 193 49.53 -37.18 2.25
N LEU K 194 50.07 -38.33 2.64
CA LEU K 194 51.51 -38.53 2.65
C LEU K 194 52.01 -38.52 1.21
N SER K 195 51.13 -38.83 0.27
CA SER K 195 51.50 -38.84 -1.14
C SER K 195 51.51 -37.40 -1.68
N ARG K 196 50.80 -36.50 -0.99
CA ARG K 196 50.72 -35.10 -1.42
C ARG K 196 52.14 -34.62 -1.69
N ASP K 197 52.41 -34.22 -2.93
CA ASP K 197 53.75 -33.79 -3.28
C ASP K 197 54.29 -32.67 -2.41
N THR K 198 53.57 -31.54 -2.39
CA THR K 198 53.99 -30.38 -1.61
C THR K 198 54.62 -30.79 -0.27
N VAL K 199 53.85 -31.51 0.54
CA VAL K 199 54.32 -31.96 1.84
C VAL K 199 55.26 -33.18 1.78
N LYS K 200 54.86 -34.24 1.05
CA LYS K 200 55.68 -35.45 0.93
C LYS K 200 57.11 -35.07 0.55
N ASN K 201 57.19 -34.10 -0.35
CA ASN K 201 58.48 -33.61 -0.78
C ASN K 201 59.24 -33.04 0.40
N LYS K 202 58.53 -32.49 1.38
CA LYS K 202 59.21 -31.94 2.55
C LYS K 202 60.00 -32.97 3.36
N MET K 203 59.52 -34.21 3.41
CA MET K 203 60.20 -35.26 4.17
C MET K 203 61.44 -35.69 3.45
N THR K 204 61.30 -35.89 2.15
CA THR K 204 62.43 -36.29 1.34
C THR K 204 63.45 -35.14 1.25
N GLN K 205 63.09 -34.09 0.52
CA GLN K 205 63.93 -32.90 0.36
C GLN K 205 63.65 -31.92 1.49
N GLY K 206 64.09 -32.27 2.69
CA GLY K 206 63.86 -31.40 3.82
C GLY K 206 64.19 -32.12 5.12
N ASP K 207 63.82 -31.50 6.23
CA ASP K 207 64.05 -32.09 7.57
C ASP K 207 63.03 -33.20 7.77
N GLY K 208 61.78 -32.88 7.44
CA GLY K 208 60.69 -33.81 7.59
C GLY K 208 59.39 -33.06 7.84
N VAL K 209 58.63 -33.49 8.83
CA VAL K 209 57.36 -32.86 9.11
C VAL K 209 56.86 -33.25 10.50
N SER K 210 56.23 -32.30 11.18
CA SER K 210 55.68 -32.52 12.52
C SER K 210 54.21 -32.87 12.41
N PHE K 211 53.75 -33.76 13.29
CA PHE K 211 52.35 -34.17 13.27
C PHE K 211 51.45 -32.98 13.03
N ALA K 212 51.88 -31.82 13.51
CA ALA K 212 51.12 -30.61 13.32
C ALA K 212 50.99 -30.35 11.82
N GLU K 213 52.11 -30.11 11.16
CA GLU K 213 52.09 -29.85 9.73
C GLU K 213 51.19 -30.83 8.99
N PHE K 214 51.42 -32.13 9.20
CA PHE K 214 50.63 -33.17 8.52
C PHE K 214 49.14 -32.93 8.73
N THR K 215 48.78 -32.52 9.95
CA THR K 215 47.38 -32.27 10.29
C THR K 215 46.86 -30.92 9.83
N TYR K 216 47.76 -29.94 9.68
CA TYR K 216 47.35 -28.59 9.25
C TYR K 216 46.26 -28.68 8.21
N PRO K 217 46.55 -29.37 7.11
CA PRO K 217 45.48 -29.43 6.11
C PRO K 217 44.16 -29.82 6.80
N ILE K 218 44.15 -30.98 7.44
CA ILE K 218 42.95 -31.49 8.12
C ILE K 218 42.16 -30.36 8.80
N MET K 219 42.86 -29.43 9.44
CA MET K 219 42.17 -28.34 10.11
C MET K 219 41.60 -27.37 9.11
N GLN K 220 42.40 -27.06 8.10
CA GLN K 220 41.98 -26.13 7.04
C GLN K 220 40.66 -26.63 6.46
N GLY K 221 40.45 -27.94 6.58
CA GLY K 221 39.23 -28.55 6.07
C GLY K 221 38.11 -28.51 7.09
N TRP K 222 38.47 -28.57 8.38
CA TRP K 222 37.47 -28.52 9.43
C TRP K 222 36.98 -27.11 9.45
N ASP K 223 37.85 -26.21 9.01
CA ASP K 223 37.49 -24.80 8.94
C ASP K 223 36.41 -24.62 7.88
N TRP K 224 36.72 -25.02 6.66
CA TRP K 224 35.77 -24.91 5.56
C TRP K 224 34.39 -25.36 6.06
N PHE K 225 34.35 -26.59 6.57
CA PHE K 225 33.12 -27.17 7.10
C PHE K 225 32.50 -26.24 8.14
N GLU K 226 33.25 -25.95 9.20
CA GLU K 226 32.73 -25.07 10.22
C GLU K 226 31.95 -23.96 9.53
N LEU K 227 32.58 -23.26 8.60
CA LEU K 227 31.92 -22.17 7.87
C LEU K 227 30.64 -22.62 7.16
N PHE K 228 30.63 -23.86 6.68
CA PHE K 228 29.45 -24.42 6.00
C PHE K 228 28.39 -24.68 7.08
N TYR K 229 28.81 -25.45 8.09
CA TYR K 229 27.95 -25.83 9.21
C TYR K 229 27.47 -24.62 9.99
N GLN K 230 28.36 -23.65 10.17
CA GLN K 230 28.04 -22.43 10.91
C GLN K 230 27.71 -21.20 10.07
N GLN K 231 27.80 -21.29 8.73
CA GLN K 231 27.50 -20.13 7.91
C GLN K 231 27.16 -20.36 6.46
N GLY K 232 26.87 -21.60 6.10
CA GLY K 232 26.51 -21.90 4.73
C GLY K 232 27.53 -21.44 3.70
N VAL K 233 28.70 -22.05 3.74
CA VAL K 233 29.77 -21.73 2.83
C VAL K 233 29.96 -22.85 1.83
N GLN K 234 29.74 -22.56 0.55
CA GLN K 234 29.92 -23.58 -0.48
C GLN K 234 31.09 -23.22 -1.39
N MET K 235 31.97 -22.34 -0.91
CA MET K 235 33.11 -21.91 -1.71
C MET K 235 34.29 -21.35 -0.92
N GLN K 236 35.49 -21.54 -1.45
CA GLN K 236 36.70 -21.02 -0.82
C GLN K 236 37.71 -20.55 -1.86
N ILE K 237 38.07 -19.28 -1.74
CA ILE K 237 39.02 -18.66 -2.64
C ILE K 237 40.39 -18.59 -1.97
N GLY K 238 41.44 -19.02 -2.69
CA GLY K 238 42.75 -19.01 -2.06
C GLY K 238 44.00 -18.75 -2.88
N GLY K 239 45.13 -19.05 -2.25
CA GLY K 239 46.42 -18.88 -2.89
C GLY K 239 46.60 -19.84 -4.04
N SER K 240 47.36 -19.40 -5.03
CA SER K 240 47.63 -20.19 -6.23
C SER K 240 48.09 -21.58 -5.85
N ASP K 241 48.89 -21.63 -4.79
CA ASP K 241 49.48 -22.87 -4.25
C ASP K 241 48.56 -23.62 -3.29
N GLN K 242 47.44 -22.96 -2.96
CA GLN K 242 46.44 -23.46 -2.03
C GLN K 242 45.47 -24.47 -2.65
N TYR K 243 45.74 -24.87 -3.89
CA TYR K 243 44.89 -25.84 -4.56
C TYR K 243 45.01 -27.16 -3.79
N GLY K 244 46.23 -27.69 -3.70
CA GLY K 244 46.47 -28.95 -3.00
C GLY K 244 45.76 -29.02 -1.65
N ASN K 245 45.53 -27.83 -1.10
CA ASN K 245 44.86 -27.68 0.17
C ASN K 245 43.34 -27.59 0.00
N ILE K 246 42.89 -26.80 -0.97
CA ILE K 246 41.46 -26.65 -1.22
C ILE K 246 40.86 -27.99 -1.54
N ILE K 247 41.62 -28.85 -2.19
CA ILE K 247 41.13 -30.18 -2.52
C ILE K 247 41.01 -30.99 -1.24
N SER K 248 42.13 -31.23 -0.58
CA SER K 248 42.12 -32.00 0.67
C SER K 248 41.09 -31.50 1.69
N GLY K 249 40.88 -30.19 1.73
CA GLY K 249 39.91 -29.62 2.65
C GLY K 249 38.55 -30.20 2.31
N LEU K 250 38.21 -30.05 1.02
CA LEU K 250 36.95 -30.56 0.48
C LEU K 250 36.62 -31.89 1.13
N GLU K 251 37.41 -32.91 0.77
CA GLU K 251 37.22 -34.25 1.32
C GLU K 251 36.77 -34.14 2.78
N VAL K 252 37.57 -33.46 3.60
CA VAL K 252 37.24 -33.31 5.00
C VAL K 252 35.87 -32.68 5.20
N VAL K 253 35.58 -31.66 4.40
CA VAL K 253 34.30 -30.98 4.47
C VAL K 253 33.18 -32.00 4.45
N LYS K 254 33.07 -32.69 3.33
CA LYS K 254 32.06 -33.71 3.13
C LYS K 254 32.02 -34.72 4.30
N ALA K 255 33.14 -35.38 4.56
CA ALA K 255 33.22 -36.38 5.62
C ALA K 255 32.36 -36.03 6.82
N ALA K 256 32.52 -34.81 7.32
CA ALA K 256 31.75 -34.36 8.47
C ALA K 256 30.27 -34.32 8.13
N ARG K 257 29.94 -33.72 6.98
CA ARG K 257 28.56 -33.62 6.53
C ARG K 257 27.93 -35.00 6.47
N GLU K 258 28.71 -35.98 6.01
CA GLU K 258 28.25 -37.37 5.93
C GLU K 258 27.88 -37.87 7.32
N SER K 259 28.90 -38.07 8.14
CA SER K 259 28.74 -38.55 9.50
C SER K 259 28.01 -37.62 10.47
N GLU K 260 26.90 -37.02 10.06
CA GLU K 260 26.17 -36.14 10.97
C GLU K 260 25.23 -37.01 11.81
N PRO K 261 25.65 -37.38 13.05
CA PRO K 261 24.90 -38.21 13.99
C PRO K 261 23.61 -37.56 14.49
N ASP K 262 23.13 -36.59 13.73
CA ASP K 262 21.89 -35.93 14.08
C ASP K 262 20.95 -36.02 12.89
N PRO K 263 19.80 -36.69 13.07
CA PRO K 263 18.77 -36.88 12.04
C PRO K 263 18.11 -35.57 11.56
N GLN K 264 17.75 -34.70 12.49
CA GLN K 264 17.12 -33.42 12.18
C GLN K 264 18.15 -32.44 11.62
N GLU K 265 19.43 -32.69 11.92
CA GLU K 265 20.51 -31.85 11.41
C GLU K 265 21.08 -32.40 10.10
N ARG K 266 20.77 -33.67 9.81
CA ARG K 266 21.22 -34.30 8.56
C ARG K 266 20.46 -33.64 7.41
N LYS K 267 19.22 -33.26 7.71
CA LYS K 267 18.32 -32.59 6.77
C LYS K 267 18.99 -31.30 6.27
N TYR K 268 20.06 -30.92 6.93
CA TYR K 268 20.81 -29.71 6.57
C TYR K 268 22.12 -30.10 5.93
N VAL K 269 23.12 -30.33 6.77
CA VAL K 269 24.47 -30.69 6.36
C VAL K 269 24.64 -31.72 5.24
N THR K 270 23.98 -32.87 5.39
CA THR K 270 24.11 -33.95 4.41
C THR K 270 23.98 -33.53 2.94
N PRO K 271 24.95 -33.97 2.10
CA PRO K 271 25.00 -33.68 0.67
C PRO K 271 23.71 -34.04 -0.01
N LYS K 272 22.75 -33.11 0.05
CA LYS K 272 21.44 -33.29 -0.53
C LYS K 272 21.56 -33.19 -2.06
N THR K 273 20.96 -32.16 -2.64
CA THR K 273 20.98 -31.92 -4.10
C THR K 273 22.41 -31.95 -4.68
N ALA K 274 22.54 -32.31 -5.95
CA ALA K 274 23.85 -32.38 -6.60
C ALA K 274 24.58 -31.04 -6.49
N LEU K 275 23.86 -29.95 -6.75
CA LEU K 275 24.41 -28.58 -6.68
C LEU K 275 24.86 -28.20 -5.27
N ASP K 276 24.34 -28.92 -4.29
CA ASP K 276 24.65 -28.70 -2.87
C ASP K 276 26.10 -29.11 -2.60
N GLU K 277 26.98 -28.85 -3.57
CA GLU K 277 28.39 -29.20 -3.45
C GLU K 277 29.30 -27.98 -3.32
N CYS K 278 30.21 -28.02 -2.34
CA CYS K 278 31.17 -26.93 -2.09
C CYS K 278 32.28 -26.97 -3.12
N VAL K 279 32.46 -25.86 -3.82
CA VAL K 279 33.49 -25.77 -4.83
C VAL K 279 34.43 -24.60 -4.53
N GLY K 280 35.58 -24.57 -5.20
CA GLY K 280 36.51 -23.48 -4.96
C GLY K 280 37.38 -23.15 -6.17
N PHE K 281 38.19 -22.10 -6.05
CA PHE K 281 39.08 -21.72 -7.14
C PHE K 281 40.27 -20.90 -6.66
N THR K 282 41.46 -21.29 -7.10
CA THR K 282 42.69 -20.62 -6.74
C THR K 282 43.00 -19.52 -7.73
N VAL K 283 43.05 -18.28 -7.24
CA VAL K 283 43.36 -17.15 -8.11
C VAL K 283 44.78 -17.38 -8.60
N PRO K 284 45.13 -16.83 -9.77
CA PRO K 284 46.49 -17.01 -10.29
C PRO K 284 47.64 -16.35 -9.49
N LEU K 285 48.82 -16.95 -9.59
CA LEU K 285 50.04 -16.45 -8.93
C LEU K 285 50.62 -15.36 -9.84
N LEU K 286 50.61 -14.09 -9.39
CA LEU K 286 51.15 -13.00 -10.23
C LEU K 286 52.58 -12.59 -9.91
N THR K 287 53.18 -11.85 -10.83
CA THR K 287 54.55 -11.34 -10.68
C THR K 287 54.65 -10.01 -11.44
N ASP K 288 55.78 -9.32 -11.26
CA ASP K 288 56.02 -8.04 -11.93
C ASP K 288 56.59 -8.22 -13.35
N SER K 289 56.20 -7.34 -14.28
CA SER K 289 56.63 -7.40 -15.69
C SER K 289 58.02 -7.99 -15.93
N SER K 290 58.90 -7.87 -14.94
CA SER K 290 60.25 -8.40 -15.01
C SER K 290 60.33 -9.87 -14.59
N GLY K 291 60.57 -10.12 -13.31
CA GLY K 291 60.66 -11.48 -12.81
C GLY K 291 60.36 -11.65 -11.33
N ALA K 292 60.71 -10.63 -10.52
CA ALA K 292 60.47 -10.69 -9.08
C ALA K 292 59.02 -11.06 -8.78
N LYS K 293 58.83 -12.10 -7.96
CA LYS K 293 57.47 -12.55 -7.61
C LYS K 293 56.58 -11.37 -7.21
N PHE K 294 55.27 -11.59 -7.22
CA PHE K 294 54.35 -10.50 -6.85
C PHE K 294 54.23 -10.30 -5.35
N GLY K 295 54.20 -9.04 -4.95
CA GLY K 295 54.09 -8.73 -3.54
C GLY K 295 55.42 -8.33 -2.97
N LYS K 296 56.51 -8.94 -3.44
CA LYS K 296 57.86 -8.62 -2.95
C LYS K 296 58.49 -7.43 -3.74
N SER K 297 59.36 -6.68 -3.08
CA SER K 297 60.04 -5.54 -3.72
C SER K 297 61.51 -5.42 -3.29
N ALA K 298 62.39 -5.87 -4.19
CA ALA K 298 63.85 -5.87 -3.99
C ALA K 298 64.23 -6.92 -2.93
N GLY K 299 63.55 -6.83 -1.79
CA GLY K 299 63.78 -7.76 -0.69
C GLY K 299 62.47 -8.12 0.01
N ASN K 300 61.96 -7.17 0.78
CA ASN K 300 60.71 -7.35 1.51
C ASN K 300 59.55 -7.33 0.54
N ALA K 301 58.46 -6.65 0.90
CA ALA K 301 57.28 -6.61 0.05
C ALA K 301 56.54 -5.29 0.12
N ILE K 302 55.46 -5.21 -0.64
CA ILE K 302 54.63 -4.00 -0.70
C ILE K 302 53.64 -3.99 0.45
N TRP K 303 54.16 -3.95 1.68
CA TRP K 303 53.30 -3.94 2.86
C TRP K 303 52.09 -3.07 2.73
N LEU K 304 51.22 -3.17 3.74
CA LEU K 304 50.00 -2.37 3.80
C LEU K 304 50.13 -1.39 4.95
N ASP K 305 50.86 -1.82 5.99
CA ASP K 305 51.07 -0.99 7.19
C ASP K 305 51.79 0.30 6.80
N PRO K 306 51.16 1.44 7.03
CA PRO K 306 51.76 2.73 6.69
C PRO K 306 53.16 2.93 7.27
N TYR K 307 53.34 2.59 8.54
CA TYR K 307 54.64 2.74 9.19
C TYR K 307 55.58 1.59 8.80
N GLN K 308 55.44 1.13 7.57
CA GLN K 308 56.27 0.06 7.04
C GLN K 308 56.24 0.09 5.53
N THR K 309 55.48 1.03 4.99
CA THR K 309 55.34 1.22 3.55
C THR K 309 54.53 2.49 3.34
N SER K 310 55.21 3.64 3.44
CA SER K 310 54.54 4.91 3.27
C SER K 310 53.58 4.91 2.13
N VAL K 311 52.49 5.61 2.36
CA VAL K 311 51.45 5.79 1.38
C VAL K 311 52.09 6.08 0.03
N PHE K 312 53.11 6.93 0.05
CA PHE K 312 53.83 7.29 -1.16
C PHE K 312 54.34 6.03 -1.85
N ASP K 313 55.26 5.33 -1.18
CA ASP K 313 55.84 4.09 -1.68
C ASP K 313 54.79 3.14 -2.22
N PHE K 314 53.65 3.09 -1.53
CA PHE K 314 52.54 2.25 -1.96
C PHE K 314 52.23 2.76 -3.38
N TYR K 315 51.66 3.96 -3.46
CA TYR K 315 51.33 4.56 -4.73
C TYR K 315 52.41 4.22 -5.76
N GLY K 316 53.65 4.10 -5.29
CA GLY K 316 54.77 3.76 -6.14
C GLY K 316 54.74 2.42 -6.87
N TYR K 317 54.90 1.29 -6.17
CA TYR K 317 54.91 -0.05 -6.80
C TYR K 317 53.74 -0.29 -7.74
N PHE K 318 52.71 0.56 -7.64
CA PHE K 318 51.54 0.45 -8.52
C PHE K 318 51.76 1.29 -9.78
N VAL K 319 52.11 2.56 -9.62
CA VAL K 319 52.35 3.42 -10.76
C VAL K 319 53.58 2.90 -11.50
N ARG K 320 54.35 2.07 -10.81
CA ARG K 320 55.55 1.50 -11.38
C ARG K 320 55.24 0.61 -12.60
N ARG K 321 54.40 -0.40 -12.41
CA ARG K 321 54.09 -1.32 -13.51
C ARG K 321 53.96 -0.68 -14.88
N SER K 322 54.67 -1.25 -15.84
CA SER K 322 54.67 -0.77 -17.21
C SER K 322 53.34 -1.04 -17.90
N ASP K 323 53.25 -0.61 -19.15
CA ASP K 323 52.04 -0.74 -19.97
C ASP K 323 51.72 -2.16 -20.48
N GLN K 324 52.73 -3.03 -20.48
CA GLN K 324 52.56 -4.41 -20.92
C GLN K 324 51.57 -5.14 -20.02
N GLU K 325 51.71 -4.93 -18.72
CA GLU K 325 50.84 -5.57 -17.75
C GLU K 325 49.67 -4.69 -17.29
N VAL K 326 49.83 -3.37 -17.33
CA VAL K 326 48.77 -2.47 -16.87
C VAL K 326 47.38 -2.92 -17.26
N GLU K 327 47.25 -3.55 -18.43
CA GLU K 327 45.94 -4.02 -18.89
C GLU K 327 45.44 -5.15 -17.98
N ASN K 328 46.11 -6.30 -18.06
CA ASN K 328 45.76 -7.49 -17.26
C ASN K 328 45.70 -7.20 -15.74
N LEU K 329 46.59 -6.35 -15.25
CA LEU K 329 46.64 -6.01 -13.84
C LEU K 329 45.68 -4.89 -13.43
N LEU K 330 45.11 -4.20 -14.42
CA LEU K 330 44.16 -3.16 -14.13
C LEU K 330 42.81 -3.82 -13.82
N LYS K 331 42.51 -4.86 -14.59
CA LYS K 331 41.28 -5.64 -14.46
C LYS K 331 41.30 -6.47 -13.19
N LEU K 332 42.50 -6.71 -12.68
CA LEU K 332 42.66 -7.50 -11.48
C LEU K 332 42.44 -6.75 -10.17
N PHE K 333 42.92 -5.51 -10.06
CA PHE K 333 42.79 -4.82 -8.79
C PHE K 333 41.97 -3.56 -8.66
N THR K 334 41.03 -3.37 -9.56
CA THR K 334 40.21 -2.18 -9.47
C THR K 334 38.77 -2.63 -9.51
N PHE K 335 37.89 -1.85 -8.87
CA PHE K 335 36.47 -2.19 -8.89
C PHE K 335 35.81 -1.37 -10.01
N MET K 336 36.33 -1.51 -11.22
CA MET K 336 35.82 -0.77 -12.39
C MET K 336 35.31 -1.66 -13.53
N PRO K 337 34.09 -1.37 -14.02
CA PRO K 337 33.48 -2.14 -15.10
C PRO K 337 34.45 -2.24 -16.26
N ILE K 338 34.77 -3.46 -16.70
CA ILE K 338 35.70 -3.64 -17.84
C ILE K 338 35.25 -2.62 -18.88
N SER K 339 33.97 -2.25 -18.82
CA SER K 339 33.39 -1.27 -19.73
C SER K 339 34.18 0.03 -19.65
N GLU K 340 34.23 0.60 -18.45
CA GLU K 340 34.95 1.83 -18.24
C GLU K 340 36.46 1.61 -18.27
N ILE K 341 36.90 0.38 -18.00
CA ILE K 341 38.32 0.05 -18.02
C ILE K 341 38.96 0.33 -19.37
N THR K 342 38.37 -0.25 -20.42
CA THR K 342 38.90 -0.07 -21.76
C THR K 342 38.85 1.41 -22.15
N LYS K 343 38.07 2.19 -21.42
CA LYS K 343 37.96 3.64 -21.69
C LYS K 343 39.22 4.39 -21.19
N THR K 344 39.71 3.96 -20.05
CA THR K 344 40.90 4.55 -19.47
C THR K 344 42.08 4.03 -20.27
N MET K 345 42.05 2.73 -20.59
CA MET K 345 43.10 2.08 -21.38
C MET K 345 43.19 2.60 -22.82
N GLU K 346 42.05 2.81 -23.47
CA GLU K 346 41.99 3.32 -24.86
C GLU K 346 42.47 4.77 -24.91
N GLU K 347 42.47 5.42 -23.73
CA GLU K 347 42.92 6.80 -23.59
C GLU K 347 44.43 6.79 -23.36
N HIS K 348 44.86 5.88 -22.50
CA HIS K 348 46.26 5.73 -22.19
C HIS K 348 47.08 5.36 -23.43
N ILE K 349 46.63 4.35 -24.19
CA ILE K 349 47.35 3.87 -25.39
C ILE K 349 47.59 4.91 -26.51
N LYS K 350 47.00 6.10 -26.37
CA LYS K 350 47.18 7.18 -27.34
C LYS K 350 48.17 8.20 -26.75
N ASP K 351 48.88 7.76 -25.71
CA ASP K 351 49.88 8.55 -25.00
C ASP K 351 50.55 7.68 -23.91
N PRO K 352 51.25 6.58 -24.33
CA PRO K 352 51.92 5.66 -23.40
C PRO K 352 52.88 6.39 -22.46
N SER K 353 53.68 7.27 -23.03
CA SER K 353 54.67 8.04 -22.29
C SER K 353 54.14 8.73 -21.02
N LYS K 354 53.07 9.50 -21.17
CA LYS K 354 52.49 10.21 -20.04
C LYS K 354 51.93 9.28 -18.99
N ARG K 355 51.68 8.03 -19.41
CA ARG K 355 51.15 6.98 -18.53
C ARG K 355 49.92 7.39 -17.72
N VAL K 356 48.84 7.72 -18.42
CA VAL K 356 47.60 8.12 -17.78
C VAL K 356 46.99 6.91 -17.06
N ALA K 357 47.18 5.73 -17.65
CA ALA K 357 46.68 4.47 -17.13
C ALA K 357 47.40 3.99 -15.88
N GLN K 358 48.70 4.24 -15.83
CA GLN K 358 49.49 3.83 -14.68
C GLN K 358 49.23 4.74 -13.48
N HIS K 359 49.02 6.03 -13.75
CA HIS K 359 48.75 7.01 -12.67
C HIS K 359 47.37 6.79 -12.07
N THR K 360 46.44 6.33 -12.90
CA THR K 360 45.08 6.06 -12.46
C THR K 360 44.98 4.73 -11.69
N LEU K 361 45.36 3.60 -12.31
CA LEU K 361 45.31 2.30 -11.63
C LEU K 361 45.96 2.35 -10.26
N ALA K 362 47.06 3.06 -10.15
CA ALA K 362 47.72 3.14 -8.87
C ALA K 362 46.78 3.89 -7.92
N ARG K 363 46.38 5.12 -8.29
CA ARG K 363 45.49 5.90 -7.40
C ARG K 363 44.26 5.12 -6.96
N GLU K 364 43.70 4.32 -7.85
CA GLU K 364 42.51 3.53 -7.54
C GLU K 364 42.73 2.52 -6.40
N VAL K 365 43.74 1.67 -6.50
CA VAL K 365 44.00 0.66 -5.46
C VAL K 365 44.47 1.28 -4.12
N VAL K 366 45.09 2.45 -4.16
CA VAL K 366 45.55 3.12 -2.95
C VAL K 366 44.33 3.60 -2.17
N THR K 367 43.28 3.90 -2.91
CA THR K 367 42.04 4.35 -2.31
C THR K 367 41.50 3.18 -1.49
N LEU K 368 41.04 2.15 -2.19
CA LEU K 368 40.47 0.97 -1.57
C LEU K 368 41.15 0.57 -0.28
N VAL K 369 42.48 0.52 -0.30
CA VAL K 369 43.20 0.13 0.90
C VAL K 369 43.48 1.29 1.85
N HIS K 370 43.77 2.48 1.30
CA HIS K 370 44.09 3.64 2.14
C HIS K 370 43.11 4.82 2.03
N GLY K 371 41.93 4.58 1.49
CA GLY K 371 40.95 5.64 1.37
C GLY K 371 41.31 6.77 0.43
N LYS K 372 40.30 7.38 -0.17
CA LYS K 372 40.48 8.48 -1.12
C LYS K 372 41.27 9.71 -0.63
N GLN K 373 40.86 10.25 0.52
CA GLN K 373 41.50 11.43 1.09
C GLN K 373 43.01 11.38 0.93
N GLU K 374 43.60 10.34 1.48
CA GLU K 374 45.04 10.18 1.40
C GLU K 374 45.46 9.87 -0.04
N ALA K 375 45.08 8.69 -0.53
CA ALA K 375 45.41 8.23 -1.88
C ALA K 375 45.49 9.35 -2.91
N SER K 376 44.70 10.40 -2.70
CA SER K 376 44.67 11.53 -3.61
C SER K 376 45.89 12.39 -3.37
N ALA K 377 46.17 12.63 -2.10
CA ALA K 377 47.33 13.43 -1.72
C ALA K 377 48.62 12.70 -2.12
N ALA K 378 48.57 11.37 -2.01
CA ALA K 378 49.71 10.52 -2.34
C ALA K 378 50.05 10.59 -3.83
N GLU K 379 49.09 11.02 -4.64
CA GLU K 379 49.29 11.16 -6.08
C GLU K 379 50.09 12.44 -6.30
N ASP K 380 49.80 13.47 -5.51
CA ASP K 380 50.50 14.74 -5.60
C ASP K 380 52.00 14.53 -5.41
N GLN K 381 52.36 13.73 -4.41
CA GLN K 381 53.75 13.46 -4.14
C GLN K 381 54.41 12.85 -5.38
N HIS K 382 54.04 11.61 -5.70
CA HIS K 382 54.63 10.88 -6.86
C HIS K 382 54.43 11.50 -8.27
N ARG K 383 53.53 12.47 -8.43
CA ARG K 383 53.29 13.12 -9.74
C ARG K 383 53.90 14.56 -9.71
N MET K 384 54.85 14.79 -8.81
CA MET K 384 55.46 16.09 -8.55
C MET K 384 56.91 16.31 -9.06
N MET K 385 57.55 17.46 -8.75
CA MET K 385 58.95 17.78 -9.14
C MET K 385 59.13 19.02 -10.08
N PRO L 8 49.83 -31.05 58.51
CA PRO L 8 48.59 -31.82 58.73
C PRO L 8 48.89 -33.31 58.88
N LYS L 9 48.00 -34.02 59.56
CA LYS L 9 48.17 -35.45 59.78
C LYS L 9 48.33 -36.18 58.46
N TYR L 10 47.36 -35.99 57.56
CA TYR L 10 47.39 -36.63 56.24
C TYR L 10 48.82 -36.57 55.74
N THR L 11 49.44 -35.41 55.93
CA THR L 11 50.82 -35.17 55.52
C THR L 11 51.70 -36.27 56.11
N ALA L 12 51.76 -36.34 57.43
CA ALA L 12 52.57 -37.35 58.10
C ALA L 12 52.32 -38.73 57.53
N LYS L 13 51.08 -39.00 57.15
CA LYS L 13 50.72 -40.31 56.61
C LYS L 13 51.52 -40.66 55.36
N ILE L 14 51.41 -39.83 54.33
CA ILE L 14 52.14 -40.09 53.10
C ILE L 14 53.61 -40.31 53.46
N ASN L 15 54.07 -39.65 54.51
CA ASN L 15 55.46 -39.79 54.93
C ASN L 15 55.76 -41.19 55.46
N GLU L 16 54.82 -41.71 56.24
CA GLU L 16 54.96 -43.02 56.83
C GLU L 16 55.38 -44.03 55.78
N ALA L 17 54.42 -44.36 54.90
CA ALA L 17 54.66 -45.31 53.83
C ALA L 17 55.95 -45.03 53.10
N GLU L 18 56.29 -43.74 53.04
CA GLU L 18 57.50 -43.32 52.37
C GLU L 18 58.72 -43.97 53.00
N GLU L 19 58.88 -43.71 54.29
CA GLU L 19 59.99 -44.25 55.05
C GLU L 19 60.12 -45.76 54.85
N ASN L 20 59.03 -46.48 55.07
CA ASN L 20 59.03 -47.93 54.90
C ASN L 20 59.59 -48.30 53.53
N TRP L 21 59.13 -47.60 52.50
CA TRP L 21 59.57 -47.86 51.14
C TRP L 21 61.08 -47.91 51.06
N GLN L 22 61.74 -47.10 51.89
CA GLN L 22 63.19 -47.07 51.92
C GLN L 22 63.73 -48.32 52.60
N ALA L 23 63.04 -48.77 53.64
CA ALA L 23 63.44 -49.97 54.37
C ALA L 23 63.47 -51.12 53.38
N ARG L 24 62.44 -51.15 52.53
CA ARG L 24 62.30 -52.18 51.51
C ARG L 24 63.28 -51.95 50.35
N ALA L 25 63.57 -50.68 50.09
CA ALA L 25 64.50 -50.33 49.02
C ALA L 25 65.86 -50.95 49.39
N GLU L 26 66.12 -50.97 50.69
CA GLU L 26 67.35 -51.52 51.24
C GLU L 26 67.41 -53.06 51.14
N ALA L 27 66.32 -53.72 51.49
CA ALA L 27 66.25 -55.17 51.45
C ALA L 27 66.74 -55.70 50.12
N ILE L 28 66.34 -55.04 49.05
CA ILE L 28 66.78 -55.46 47.74
C ILE L 28 68.25 -55.11 47.62
N LYS L 29 68.63 -53.95 48.18
CA LYS L 29 70.01 -53.47 48.15
C LYS L 29 70.95 -54.37 48.96
N LYS L 30 70.40 -55.14 49.89
CA LYS L 30 71.23 -56.03 50.67
C LYS L 30 70.70 -57.45 50.63
N GLY L 31 70.03 -57.77 49.53
CA GLY L 31 69.47 -59.10 49.33
C GLY L 31 68.59 -59.63 50.46
N LYS L 32 67.29 -59.30 50.40
CA LYS L 32 66.35 -59.76 51.41
C LYS L 32 64.94 -59.90 50.85
N LYS L 33 64.63 -59.16 49.79
CA LYS L 33 63.33 -59.29 49.16
C LYS L 33 63.52 -59.00 47.67
N GLN L 34 63.02 -59.90 46.84
CA GLN L 34 63.15 -59.76 45.40
C GLN L 34 62.58 -58.45 44.91
N ASN L 35 63.37 -57.73 44.11
CA ASN L 35 62.87 -56.47 43.57
C ASN L 35 61.72 -56.83 42.64
N THR L 36 60.63 -56.11 42.81
CA THR L 36 59.42 -56.31 42.03
C THR L 36 59.73 -56.69 40.57
N TRP L 37 60.65 -55.94 39.97
CA TRP L 37 61.06 -56.16 38.59
C TRP L 37 61.77 -57.48 38.37
N ASP L 38 62.43 -57.97 39.40
CA ASP L 38 63.10 -59.24 39.27
C ASP L 38 61.99 -60.28 39.30
N LEU L 39 61.01 -60.06 40.16
CA LEU L 39 59.89 -60.97 40.27
C LEU L 39 59.16 -60.98 38.94
N PHE L 40 59.32 -59.89 38.19
CA PHE L 40 58.71 -59.77 36.86
C PHE L 40 59.38 -60.67 35.81
N GLU L 41 60.63 -60.36 35.51
CA GLU L 41 61.38 -61.13 34.53
C GLU L 41 61.50 -62.58 34.98
N GLU L 42 61.40 -62.79 36.28
CA GLU L 42 61.50 -64.11 36.87
C GLU L 42 60.27 -64.98 36.59
N ARG L 43 59.10 -64.48 36.92
CA ARG L 43 57.86 -65.23 36.70
C ARG L 43 57.52 -65.16 35.22
N GLY L 44 58.51 -64.73 34.43
CA GLY L 44 58.36 -64.64 32.99
C GLY L 44 57.25 -63.75 32.48
N TYR L 45 57.14 -62.56 33.06
CA TYR L 45 56.11 -61.66 32.62
C TYR L 45 56.70 -60.78 31.54
N VAL L 46 58.02 -60.76 31.44
CA VAL L 46 58.65 -59.90 30.46
C VAL L 46 59.21 -60.55 29.21
N LYS L 47 58.97 -59.88 28.09
CA LYS L 47 59.44 -60.33 26.79
C LYS L 47 60.25 -59.19 26.13
N ASP L 48 59.75 -57.96 26.21
CA ASP L 48 60.49 -56.81 25.66
C ASP L 48 60.51 -55.66 26.68
N THR L 49 61.39 -54.68 26.49
CA THR L 49 61.47 -53.54 27.40
C THR L 49 61.86 -52.23 26.76
N ALA L 50 61.31 -51.16 27.30
CA ALA L 50 61.59 -49.81 26.84
C ALA L 50 62.25 -49.13 28.02
N GLY L 51 63.59 -49.12 28.00
CA GLY L 51 64.37 -48.54 29.07
C GLY L 51 65.42 -49.56 29.46
N THR L 52 66.38 -49.17 30.29
CA THR L 52 67.42 -50.10 30.71
C THR L 52 66.90 -51.15 31.67
N LYS L 53 67.27 -52.41 31.42
CA LYS L 53 66.86 -53.48 32.29
C LYS L 53 67.21 -53.06 33.74
N GLU L 54 68.39 -52.47 33.97
CA GLU L 54 68.79 -52.02 35.32
C GLU L 54 68.08 -50.74 35.71
N HIS L 55 67.76 -49.96 34.69
CA HIS L 55 67.07 -48.69 34.87
C HIS L 55 65.77 -48.98 35.59
N ILE L 56 64.89 -49.72 34.92
CA ILE L 56 63.60 -50.07 35.48
C ILE L 56 63.77 -50.74 36.83
N ALA L 57 64.87 -51.44 37.03
CA ALA L 57 65.14 -52.12 38.28
C ALA L 57 65.23 -51.10 39.42
N GLU L 58 66.27 -50.27 39.36
CA GLU L 58 66.50 -49.26 40.37
C GLU L 58 65.24 -48.42 40.67
N LEU L 59 64.59 -47.96 39.60
CA LEU L 59 63.38 -47.16 39.74
C LEU L 59 62.36 -47.87 40.63
N MET L 60 62.23 -49.19 40.47
CA MET L 60 61.25 -49.92 41.26
C MET L 60 61.73 -50.14 42.67
N ARG L 61 63.00 -49.85 42.94
CA ARG L 61 63.54 -50.03 44.29
C ARG L 61 63.35 -48.79 45.15
N THR L 62 63.38 -47.63 44.52
CA THR L 62 63.24 -46.37 45.25
C THR L 62 62.01 -45.55 44.87
N ARG L 63 60.99 -46.18 44.32
CA ARG L 63 59.80 -45.42 43.92
C ARG L 63 58.53 -46.25 43.78
N ARG L 64 57.53 -45.85 44.56
CA ARG L 64 56.22 -46.51 44.58
C ARG L 64 55.50 -46.09 43.29
N ILE L 65 56.25 -46.09 42.20
CA ILE L 65 55.73 -45.70 40.90
C ILE L 65 54.32 -46.17 40.60
N GLY L 66 53.76 -45.59 39.56
CA GLY L 66 52.43 -45.96 39.13
C GLY L 66 52.54 -46.57 37.74
N ALA L 67 51.75 -47.61 37.49
CA ALA L 67 51.75 -48.29 36.21
C ALA L 67 50.33 -48.68 35.84
N TYR L 68 50.03 -48.72 34.56
CA TYR L 68 48.69 -49.08 34.13
C TYR L 68 48.64 -50.05 32.98
N VAL L 69 47.45 -50.57 32.72
CA VAL L 69 47.23 -51.53 31.65
C VAL L 69 46.03 -51.06 30.80
N GLY L 70 46.28 -50.73 29.53
CA GLY L 70 45.21 -50.26 28.67
C GLY L 70 44.31 -51.34 28.07
N ILE L 71 43.00 -51.11 28.12
CA ILE L 71 42.02 -52.07 27.59
C ILE L 71 40.79 -51.45 26.86
N ASP L 72 40.79 -51.56 25.54
CA ASP L 72 39.70 -51.03 24.72
C ASP L 72 38.50 -51.95 24.78
N PRO L 73 37.33 -51.39 25.13
CA PRO L 73 36.06 -52.11 25.25
C PRO L 73 35.39 -52.34 23.90
N THR L 74 36.04 -53.12 23.05
CA THR L 74 35.53 -53.42 21.73
C THR L 74 34.73 -54.68 21.77
N ALA L 75 34.80 -55.38 22.89
CA ALA L 75 34.07 -56.62 23.05
C ALA L 75 33.25 -56.58 24.33
N PRO L 76 32.18 -57.39 24.41
CA PRO L 76 31.33 -57.44 25.60
C PRO L 76 31.88 -58.30 26.72
N SER L 77 33.20 -58.50 26.73
CA SER L 77 33.83 -59.30 27.77
C SER L 77 35.33 -59.44 27.60
N LEU L 78 36.04 -59.37 28.72
CA LEU L 78 37.47 -59.51 28.69
C LEU L 78 37.78 -60.96 28.52
N HIS L 79 38.59 -61.26 27.52
CA HIS L 79 38.96 -62.63 27.23
C HIS L 79 40.21 -62.97 28.02
N VAL L 80 40.34 -64.23 28.39
CA VAL L 80 41.47 -64.72 29.16
C VAL L 80 42.80 -64.10 28.78
N GLY L 81 42.90 -63.61 27.56
CA GLY L 81 44.15 -63.02 27.16
C GLY L 81 44.50 -61.79 27.95
N HIS L 82 43.49 -60.98 28.24
CA HIS L 82 43.69 -59.74 28.97
C HIS L 82 44.26 -59.96 30.36
N LEU L 83 44.27 -61.21 30.83
CA LEU L 83 44.78 -61.53 32.15
C LEU L 83 46.26 -61.27 32.28
N LEU L 84 47.03 -62.10 31.59
CA LEU L 84 48.48 -62.00 31.58
C LEU L 84 49.00 -60.60 31.77
N PRO L 85 48.66 -59.69 30.84
CA PRO L 85 49.15 -58.32 30.99
C PRO L 85 48.80 -57.68 32.33
N LEU L 86 47.58 -57.91 32.79
CA LEU L 86 47.13 -57.36 34.07
C LEU L 86 47.85 -58.03 35.23
N MET L 87 48.03 -59.35 35.12
CA MET L 87 48.69 -60.14 36.17
C MET L 87 49.86 -59.46 36.89
N PRO L 88 50.91 -59.11 36.14
CA PRO L 88 52.04 -58.46 36.82
C PRO L 88 51.55 -57.22 37.55
N LEU L 89 50.71 -56.42 36.89
CA LEU L 89 50.18 -55.22 37.52
C LEU L 89 49.70 -55.59 38.92
N PHE L 90 48.75 -56.53 38.98
CA PHE L 90 48.20 -57.00 40.25
C PHE L 90 49.34 -57.20 41.24
N TRP L 91 50.33 -57.98 40.81
CA TRP L 91 51.45 -58.22 41.70
C TRP L 91 51.98 -56.90 42.28
N MET L 92 52.32 -55.96 41.42
CA MET L 92 52.82 -54.69 41.93
C MET L 92 51.93 -54.17 43.03
N TYR L 93 50.62 -54.19 42.79
CA TYR L 93 49.66 -53.72 43.78
C TYR L 93 49.91 -54.51 45.05
N LEU L 94 50.12 -55.81 44.90
CA LEU L 94 50.37 -56.64 46.05
C LEU L 94 51.60 -56.20 46.80
N GLU L 95 52.69 -55.95 46.08
CA GLU L 95 53.91 -55.53 46.73
C GLU L 95 53.79 -54.15 47.34
N GLY L 96 52.77 -53.39 46.91
CA GLY L 96 52.55 -52.06 47.46
C GLY L 96 52.88 -50.89 46.55
N TYR L 97 52.30 -50.90 45.36
CA TYR L 97 52.56 -49.83 44.41
C TYR L 97 51.31 -49.05 44.07
N LYS L 98 51.39 -48.29 42.99
CA LYS L 98 50.27 -47.52 42.49
C LYS L 98 49.96 -48.14 41.15
N ALA L 99 48.85 -48.88 41.10
CA ALA L 99 48.49 -49.54 39.86
C ALA L 99 47.13 -49.13 39.37
N PHE L 100 46.98 -49.16 38.06
CA PHE L 100 45.73 -48.77 37.46
C PHE L 100 45.42 -49.58 36.24
N THR L 101 44.15 -49.50 35.86
CA THR L 101 43.64 -50.16 34.69
C THR L 101 42.89 -49.04 34.01
N LEU L 102 43.20 -48.84 32.74
CA LEU L 102 42.61 -47.79 31.93
C LEU L 102 41.58 -48.34 30.98
N ILE L 103 40.42 -47.71 30.90
CA ILE L 103 39.40 -48.20 29.99
C ILE L 103 39.35 -47.29 28.79
N GLY L 104 39.40 -47.87 27.60
CA GLY L 104 39.38 -47.07 26.38
C GLY L 104 38.01 -46.71 25.82
N GLY L 105 37.06 -46.44 26.71
CA GLY L 105 35.70 -46.09 26.33
C GLY L 105 35.49 -45.11 25.20
N SER L 106 36.57 -44.55 24.68
CA SER L 106 36.45 -43.61 23.57
C SER L 106 37.37 -44.06 22.46
N THR L 107 38.49 -44.66 22.83
CA THR L 107 39.44 -45.14 21.85
C THR L 107 38.91 -46.33 21.04
N ALA L 108 37.79 -46.89 21.49
CA ALA L 108 37.19 -48.03 20.81
C ALA L 108 36.79 -47.62 19.39
N LYS L 109 36.34 -46.39 19.23
CA LYS L 109 35.93 -45.88 17.92
C LYS L 109 37.16 -45.70 17.06
N ILE L 110 38.24 -46.34 17.47
CA ILE L 110 39.50 -46.24 16.76
C ILE L 110 40.25 -47.56 16.79
N GLY L 111 40.56 -48.05 17.99
CA GLY L 111 41.27 -49.32 18.11
C GLY L 111 42.71 -49.38 17.61
N ASP L 112 43.49 -50.24 18.26
CA ASP L 112 44.87 -50.41 17.89
C ASP L 112 45.01 -50.97 16.50
N PRO L 113 45.70 -50.26 15.62
CA PRO L 113 45.87 -50.76 14.26
C PRO L 113 47.05 -51.73 14.22
N THR L 114 46.81 -52.91 13.65
CA THR L 114 47.81 -53.97 13.54
C THR L 114 47.40 -55.11 12.57
N GLY L 115 47.58 -54.89 11.27
CA GLY L 115 47.25 -55.91 10.29
C GLY L 115 46.49 -55.37 9.10
N ASP L 127 24.73 -48.86 22.19
CA ASP L 127 25.29 -50.04 21.55
C ASP L 127 26.66 -50.38 22.13
N ALA L 128 27.68 -50.21 21.31
CA ALA L 128 29.05 -50.46 21.73
C ALA L 128 29.27 -49.78 23.08
N THR L 129 28.38 -48.86 23.40
CA THR L 129 28.42 -48.11 24.65
C THR L 129 28.37 -49.05 25.82
N MET L 130 27.45 -49.99 25.76
CA MET L 130 27.32 -50.92 26.86
C MET L 130 28.46 -51.92 26.81
N ASN L 131 29.01 -52.13 25.62
CA ASN L 131 30.14 -53.06 25.49
C ASN L 131 31.09 -52.69 26.60
N MET L 132 31.42 -51.41 26.61
CA MET L 132 32.29 -50.87 27.63
C MET L 132 31.71 -51.14 29.03
N THR L 133 30.48 -50.65 29.28
CA THR L 133 29.84 -50.84 30.58
C THR L 133 30.18 -52.21 31.10
N LYS L 134 29.93 -53.23 30.29
CA LYS L 134 30.23 -54.58 30.70
C LYS L 134 31.63 -54.65 31.32
N ILE L 135 32.67 -54.31 30.55
CA ILE L 135 34.02 -54.37 31.10
C ILE L 135 34.21 -53.61 32.40
N HIS L 136 33.57 -52.46 32.54
CA HIS L 136 33.68 -51.66 33.76
C HIS L 136 33.41 -52.63 34.92
N TYR L 137 32.12 -52.90 35.19
CA TYR L 137 31.67 -53.84 36.23
C TYR L 137 32.75 -54.95 36.35
N GLN L 138 33.26 -55.41 35.20
CA GLN L 138 34.27 -56.46 35.20
C GLN L 138 35.47 -56.04 36.05
N LEU L 139 36.45 -55.41 35.41
CA LEU L 139 37.64 -54.97 36.10
C LEU L 139 37.39 -54.78 37.59
N LYS L 140 36.30 -54.10 37.93
CA LYS L 140 36.00 -53.88 39.33
C LYS L 140 36.01 -55.20 40.07
N LYS L 141 34.90 -55.92 39.94
CA LYS L 141 34.71 -57.23 40.58
C LYS L 141 36.07 -57.97 40.63
N LEU L 142 36.80 -57.96 39.51
CA LEU L 142 38.09 -58.63 39.45
C LEU L 142 39.01 -58.05 40.49
N TRP L 143 39.24 -56.75 40.37
CA TRP L 143 40.09 -56.06 41.31
C TRP L 143 39.77 -56.59 42.68
N GLU L 144 38.49 -56.57 43.00
CA GLU L 144 38.01 -57.02 44.28
C GLU L 144 38.70 -58.29 44.75
N ASN L 145 38.66 -59.31 43.91
CA ASN L 145 39.29 -60.58 44.26
C ASN L 145 40.80 -60.44 44.41
N VAL L 146 41.41 -59.64 43.52
CA VAL L 146 42.85 -59.42 43.57
C VAL L 146 43.13 -58.96 44.98
N ASP L 147 42.44 -57.88 45.37
CA ASP L 147 42.58 -57.33 46.71
C ASP L 147 42.29 -58.50 47.66
N THR L 148 41.19 -59.19 47.41
CA THR L 148 40.80 -60.31 48.24
C THR L 148 41.98 -61.26 48.48
N GLN L 149 42.36 -62.01 47.46
CA GLN L 149 43.48 -62.92 47.64
C GLN L 149 44.64 -62.22 48.36
N MET L 150 44.92 -60.97 47.99
CA MET L 150 46.04 -60.24 48.61
C MET L 150 46.16 -60.49 50.10
N ARG L 151 45.29 -59.83 50.86
CA ARG L 151 45.28 -59.97 52.31
C ARG L 151 45.02 -61.43 52.65
N ALA L 152 44.31 -62.08 51.74
CA ALA L 152 43.99 -63.46 51.94
C ALA L 152 45.25 -64.27 52.25
N ARG L 153 46.39 -63.84 51.70
CA ARG L 153 47.62 -64.58 51.94
C ARG L 153 48.82 -63.78 52.46
N GLY L 154 48.76 -63.47 53.76
CA GLY L 154 49.83 -62.73 54.42
C GLY L 154 50.33 -61.46 53.76
N TYR L 155 49.43 -60.68 53.17
CA TYR L 155 49.80 -59.41 52.51
C TYR L 155 49.38 -58.20 53.35
N GLU L 156 50.33 -57.54 54.01
CA GLU L 156 49.98 -56.39 54.83
C GLU L 156 49.73 -55.12 54.07
N ALA L 157 48.50 -54.64 54.14
CA ALA L 157 48.09 -53.42 53.46
C ALA L 157 49.06 -52.27 53.73
N ASP L 158 49.05 -51.33 52.79
CA ASP L 158 49.92 -50.17 52.86
C ASP L 158 49.11 -48.92 52.55
N TRP L 159 49.26 -47.91 53.38
CA TRP L 159 48.54 -46.68 53.17
C TRP L 159 48.68 -46.21 51.73
N ALA L 160 49.91 -46.17 51.22
CA ALA L 160 50.22 -45.70 49.87
C ALA L 160 49.83 -46.62 48.71
N ARG L 161 49.68 -47.90 49.01
CA ARG L 161 49.28 -48.88 48.01
C ARG L 161 47.89 -48.46 47.52
N LYS L 162 47.75 -48.21 46.23
CA LYS L 162 46.43 -47.85 45.74
C LYS L 162 46.19 -48.43 44.37
N ARG L 163 44.94 -48.76 44.11
CA ARG L 163 44.53 -49.33 42.83
C ARG L 163 43.52 -48.37 42.25
N GLY L 164 42.94 -48.75 41.12
CA GLY L 164 41.94 -47.88 40.53
C GLY L 164 41.73 -47.99 39.04
N ILE L 165 40.55 -47.58 38.60
CA ILE L 165 40.21 -47.63 37.19
C ILE L 165 39.89 -46.23 36.66
N VAL L 166 40.22 -46.00 35.40
CA VAL L 166 39.92 -44.72 34.83
C VAL L 166 39.58 -44.82 33.37
N ASN L 167 38.46 -44.17 33.05
CA ASN L 167 37.91 -44.13 31.70
C ASN L 167 38.77 -43.22 30.86
N ASN L 168 38.98 -43.56 29.60
CA ASN L 168 39.80 -42.70 28.75
C ASN L 168 38.98 -41.50 28.25
N ASN L 169 37.67 -41.69 28.10
CA ASN L 169 36.81 -40.59 27.66
C ASN L 169 36.88 -39.52 28.74
N HIS L 170 37.10 -39.98 29.97
CA HIS L 170 37.20 -39.13 31.15
C HIS L 170 37.77 -37.78 30.78
N TRP L 171 38.72 -37.80 29.85
CA TRP L 171 39.35 -36.57 29.40
C TRP L 171 39.08 -36.25 27.94
N TRP L 172 39.28 -37.23 27.06
CA TRP L 172 39.08 -37.05 25.61
C TRP L 172 37.75 -36.40 25.31
N ASN L 173 36.78 -36.70 26.16
CA ASN L 173 35.44 -36.16 26.01
C ASN L 173 35.44 -34.70 25.56
N LYS L 174 36.38 -33.94 26.09
CA LYS L 174 36.48 -32.54 25.74
C LYS L 174 37.93 -32.04 25.57
N GLN L 175 38.86 -32.93 25.20
CA GLN L 175 40.26 -32.51 25.04
C GLN L 175 40.46 -31.59 23.84
N PRO L 176 40.94 -30.36 24.10
CA PRO L 176 41.19 -29.35 23.07
C PRO L 176 42.21 -29.82 22.04
N MET L 177 41.83 -29.79 20.77
CA MET L 177 42.69 -30.22 19.68
C MET L 177 43.96 -29.38 19.66
N LEU L 178 43.76 -28.06 19.59
CA LEU L 178 44.86 -27.10 19.56
C LEU L 178 46.00 -27.47 20.48
N GLU L 179 45.74 -27.34 21.78
CA GLU L 179 46.72 -27.67 22.81
C GLU L 179 47.49 -28.95 22.50
N VAL L 180 46.78 -30.07 22.58
CA VAL L 180 47.37 -31.37 22.29
C VAL L 180 48.38 -31.21 21.16
N LEU L 181 47.86 -30.95 19.97
CA LEU L 181 48.67 -30.77 18.79
C LEU L 181 49.94 -30.00 19.10
N ARG L 182 49.83 -28.95 19.90
CA ARG L 182 51.02 -28.15 20.22
C ARG L 182 51.87 -28.83 21.31
N ARG L 183 51.23 -29.15 22.43
CA ARG L 183 51.92 -29.79 23.56
C ARG L 183 52.75 -31.00 23.18
N VAL L 184 52.82 -31.34 21.89
CA VAL L 184 53.60 -32.49 21.50
C VAL L 184 53.86 -32.59 20.03
N GLY L 185 52.97 -32.02 19.23
CA GLY L 185 53.12 -32.09 17.79
C GLY L 185 54.36 -31.43 17.22
N HIS L 186 54.78 -30.37 17.89
CA HIS L 186 55.94 -29.60 17.46
C HIS L 186 57.24 -30.37 17.59
N ALA L 187 57.19 -31.54 18.24
CA ALA L 187 58.37 -32.35 18.43
C ALA L 187 58.24 -33.76 17.86
N LEU L 188 57.11 -34.03 17.22
CA LEU L 188 56.88 -35.34 16.62
C LEU L 188 56.87 -35.27 15.10
N ARG L 189 57.66 -36.16 14.49
CA ARG L 189 57.79 -36.24 13.04
C ARG L 189 56.96 -37.43 12.53
N ILE L 190 56.17 -37.22 11.48
CA ILE L 190 55.35 -38.31 10.94
C ILE L 190 56.25 -39.37 10.28
N GLY L 191 57.54 -39.07 10.21
CA GLY L 191 58.48 -40.01 9.62
C GLY L 191 58.50 -41.32 10.37
N PRO L 192 59.35 -41.46 11.42
CA PRO L 192 59.44 -42.69 12.21
C PRO L 192 58.08 -43.14 12.74
N MET L 193 57.18 -42.20 12.92
CA MET L 193 55.81 -42.49 13.39
C MET L 193 55.10 -43.35 12.33
N LEU L 194 55.61 -43.30 11.08
CA LEU L 194 55.08 -44.06 9.95
C LEU L 194 56.05 -45.17 9.55
N SER L 195 57.26 -45.12 10.11
CA SER L 195 58.28 -46.12 9.83
C SER L 195 58.06 -47.36 10.67
N ARG L 196 57.17 -47.24 11.65
CA ARG L 196 56.86 -48.37 12.52
C ARG L 196 56.30 -49.38 11.53
N ASP L 197 56.77 -50.61 11.59
CA ASP L 197 56.29 -51.62 10.66
C ASP L 197 54.76 -51.76 10.73
N THR L 198 54.25 -51.88 11.97
CA THR L 198 52.82 -52.02 12.24
C THR L 198 52.01 -51.24 11.17
N VAL L 199 52.56 -50.09 10.76
CA VAL L 199 51.97 -49.18 9.76
C VAL L 199 52.24 -49.58 8.33
N LYS L 200 53.50 -49.40 7.93
CA LYS L 200 53.97 -49.72 6.59
C LYS L 200 53.19 -50.88 6.02
N ASN L 201 52.98 -51.90 6.84
CA ASN L 201 52.23 -53.05 6.36
C ASN L 201 50.78 -52.63 6.18
N LYS L 202 50.21 -52.01 7.20
CA LYS L 202 48.81 -51.58 7.13
C LYS L 202 48.63 -50.55 6.03
N MET L 203 49.50 -50.59 5.02
CA MET L 203 49.43 -49.66 3.89
C MET L 203 49.81 -50.37 2.59
N THR L 204 51.01 -50.95 2.59
CA THR L 204 51.50 -51.68 1.42
C THR L 204 50.63 -52.92 1.31
N GLN L 205 50.90 -53.86 2.20
CA GLN L 205 50.12 -55.09 2.23
C GLN L 205 48.73 -54.69 2.68
N GLY L 206 47.75 -55.52 2.34
CA GLY L 206 46.39 -55.25 2.76
C GLY L 206 45.82 -53.94 2.26
N ASP L 207 45.14 -53.24 3.17
CA ASP L 207 44.49 -51.97 2.87
C ASP L 207 45.31 -50.73 3.14
N GLY L 208 44.61 -49.68 3.57
CA GLY L 208 45.26 -48.42 3.89
C GLY L 208 45.12 -48.05 5.35
N VAL L 209 45.81 -46.98 5.75
CA VAL L 209 45.77 -46.52 7.13
C VAL L 209 45.18 -45.10 7.27
N SER L 210 43.97 -45.06 7.83
CA SER L 210 43.23 -43.82 8.06
C SER L 210 43.96 -42.83 8.95
N PHE L 211 43.48 -41.59 8.98
CA PHE L 211 44.09 -40.56 9.81
C PHE L 211 43.78 -40.89 11.24
N ALA L 212 42.55 -41.33 11.45
CA ALA L 212 42.13 -41.71 12.76
C ALA L 212 43.16 -42.70 13.33
N GLU L 213 43.04 -43.97 12.93
CA GLU L 213 43.93 -45.03 13.42
C GLU L 213 45.39 -44.61 13.51
N PHE L 214 45.83 -43.76 12.58
CA PHE L 214 47.21 -43.28 12.60
C PHE L 214 47.45 -42.62 13.93
N THR L 215 46.45 -41.93 14.43
CA THR L 215 46.55 -41.21 15.69
C THR L 215 46.45 -42.07 16.95
N TYR L 216 45.90 -43.29 16.84
CA TYR L 216 45.78 -44.17 18.02
C TYR L 216 47.10 -44.23 18.81
N PRO L 217 48.24 -44.47 18.13
CA PRO L 217 49.49 -44.53 18.88
C PRO L 217 49.73 -43.28 19.74
N ILE L 218 49.43 -42.10 19.18
CA ILE L 218 49.60 -40.83 19.90
C ILE L 218 48.67 -40.80 21.09
N MET L 219 47.41 -41.07 20.83
CA MET L 219 46.42 -41.08 21.87
C MET L 219 46.95 -41.84 23.08
N GLN L 220 47.12 -43.16 22.93
CA GLN L 220 47.59 -44.06 24.00
C GLN L 220 48.81 -43.48 24.69
N GLY L 221 49.48 -42.60 23.95
CA GLY L 221 50.64 -41.94 24.50
C GLY L 221 50.15 -40.86 25.44
N TRP L 222 49.19 -40.08 24.98
CA TRP L 222 48.65 -39.03 25.79
C TRP L 222 48.07 -39.60 27.04
N ASP L 223 47.25 -40.63 26.86
CA ASP L 223 46.64 -41.30 28.00
C ASP L 223 47.68 -41.40 29.09
N TRP L 224 48.80 -42.02 28.73
CA TRP L 224 49.90 -42.21 29.67
C TRP L 224 50.15 -40.89 30.38
N PHE L 225 50.46 -39.86 29.60
CA PHE L 225 50.73 -38.54 30.13
C PHE L 225 49.72 -38.23 31.22
N GLU L 226 48.44 -38.32 30.88
CA GLU L 226 47.38 -38.09 31.84
C GLU L 226 47.72 -38.79 33.14
N LEU L 227 47.70 -40.11 33.09
CA LEU L 227 47.99 -40.93 34.25
C LEU L 227 49.23 -40.47 35.01
N PHE L 228 50.26 -40.08 34.28
CA PHE L 228 51.48 -39.63 34.92
C PHE L 228 51.22 -38.35 35.71
N TYR L 229 50.28 -37.59 35.19
CA TYR L 229 49.90 -36.32 35.77
C TYR L 229 48.89 -36.44 36.89
N GLN L 230 47.79 -37.13 36.62
CA GLN L 230 46.73 -37.31 37.60
C GLN L 230 46.98 -38.31 38.72
N GLN L 231 48.12 -39.01 38.71
CA GLN L 231 48.42 -40.00 39.76
C GLN L 231 49.90 -40.34 39.98
N GLY L 232 50.75 -40.07 39.00
CA GLY L 232 52.15 -40.39 39.15
C GLY L 232 52.50 -41.72 38.49
N VAL L 233 51.81 -42.02 37.40
CA VAL L 233 52.03 -43.25 36.65
C VAL L 233 53.11 -43.02 35.63
N GLN L 234 54.26 -43.65 35.82
CA GLN L 234 55.33 -43.47 34.87
C GLN L 234 55.78 -44.80 34.31
N MET L 235 54.84 -45.64 33.90
CA MET L 235 55.18 -46.95 33.36
C MET L 235 54.00 -47.68 32.74
N GLN L 236 54.17 -48.14 31.51
CA GLN L 236 53.08 -48.85 30.85
C GLN L 236 53.33 -50.34 30.76
N ILE L 237 52.25 -51.09 30.76
CA ILE L 237 52.32 -52.53 30.66
C ILE L 237 51.34 -52.97 29.59
N GLY L 238 51.86 -53.35 28.43
CA GLY L 238 50.96 -53.73 27.35
C GLY L 238 51.13 -55.11 26.76
N GLY L 239 50.22 -55.46 25.86
CA GLY L 239 50.29 -56.75 25.22
C GLY L 239 51.65 -56.92 24.58
N SER L 240 52.04 -58.17 24.30
CA SER L 240 53.32 -58.49 23.68
C SER L 240 53.54 -57.73 22.37
N ASP L 241 52.44 -57.43 21.69
CA ASP L 241 52.51 -56.70 20.43
C ASP L 241 52.46 -55.19 20.69
N GLN L 242 51.64 -54.76 21.66
CA GLN L 242 51.49 -53.33 22.00
C GLN L 242 52.86 -52.67 22.29
N TYR L 243 53.95 -53.42 22.11
CA TYR L 243 55.31 -52.91 22.32
C TYR L 243 55.48 -51.57 21.62
N GLY L 244 55.35 -51.60 20.29
CA GLY L 244 55.49 -50.40 19.51
C GLY L 244 54.78 -49.23 20.15
N ASN L 245 53.50 -49.41 20.44
CA ASN L 245 52.75 -48.35 21.08
C ASN L 245 53.47 -47.88 22.33
N ILE L 246 54.02 -48.82 23.09
CA ILE L 246 54.73 -48.45 24.30
C ILE L 246 55.86 -47.47 23.97
N ILE L 247 56.43 -47.60 22.77
CA ILE L 247 57.51 -46.71 22.37
C ILE L 247 56.95 -45.38 21.87
N SER L 248 56.16 -45.44 20.80
CA SER L 248 55.54 -44.26 20.19
C SER L 248 54.87 -43.45 21.31
N GLY L 249 54.38 -44.17 22.30
CA GLY L 249 53.71 -43.52 23.40
C GLY L 249 54.70 -42.71 24.20
N LEU L 250 55.68 -43.39 24.77
CA LEU L 250 56.69 -42.74 25.57
C LEU L 250 57.13 -41.42 24.96
N GLU L 251 57.17 -41.38 23.62
CA GLU L 251 57.56 -40.17 22.91
C GLU L 251 56.68 -39.01 23.32
N VAL L 252 55.39 -39.17 23.09
CA VAL L 252 54.44 -38.14 23.44
C VAL L 252 54.60 -37.72 24.91
N VAL L 253 54.88 -38.71 25.76
CA VAL L 253 55.07 -38.53 27.20
C VAL L 253 56.12 -37.49 27.53
N LYS L 254 57.31 -37.67 26.95
CA LYS L 254 58.41 -36.74 27.14
C LYS L 254 58.02 -35.32 26.73
N ALA L 255 57.89 -35.08 25.42
CA ALA L 255 57.53 -33.77 24.88
C ALA L 255 56.48 -33.08 25.74
N ALA L 256 55.61 -33.88 26.34
CA ALA L 256 54.56 -33.36 27.19
C ALA L 256 55.15 -32.71 28.45
N ARG L 257 55.87 -33.49 29.26
CA ARG L 257 56.48 -32.98 30.49
C ARG L 257 57.31 -31.75 30.23
N GLU L 258 57.70 -31.56 28.97
CA GLU L 258 58.49 -30.41 28.54
C GLU L 258 57.60 -29.25 28.18
N SER L 259 56.65 -29.53 27.29
CA SER L 259 55.72 -28.53 26.84
C SER L 259 55.06 -27.75 27.98
N GLU L 260 54.87 -28.39 29.12
CA GLU L 260 54.20 -27.72 30.23
C GLU L 260 54.54 -26.23 30.24
N PRO L 261 53.52 -25.38 29.97
CA PRO L 261 53.68 -23.93 29.93
C PRO L 261 54.14 -23.32 31.25
N ASP L 262 53.31 -23.34 32.28
CA ASP L 262 53.71 -22.75 33.56
C ASP L 262 54.91 -23.47 34.13
N PRO L 263 56.03 -22.74 34.30
CA PRO L 263 57.31 -23.23 34.82
C PRO L 263 57.16 -23.87 36.18
N GLN L 264 56.68 -23.10 37.15
CA GLN L 264 56.51 -23.60 38.50
C GLN L 264 56.06 -25.07 38.47
N GLU L 265 55.14 -25.41 37.57
CA GLU L 265 54.63 -26.76 37.46
C GLU L 265 55.72 -27.66 36.89
N ARG L 266 56.37 -27.17 35.84
CA ARG L 266 57.43 -27.91 35.22
C ARG L 266 58.33 -28.43 36.32
N LYS L 267 58.49 -27.64 37.36
CA LYS L 267 59.33 -27.98 38.50
C LYS L 267 59.05 -29.37 39.03
N TYR L 268 57.90 -29.93 38.67
CA TYR L 268 57.54 -31.24 39.13
C TYR L 268 57.36 -32.16 37.93
N VAL L 269 56.48 -31.72 37.05
CA VAL L 269 56.11 -32.43 35.84
C VAL L 269 57.22 -32.68 34.82
N THR L 270 58.27 -31.91 34.90
CA THR L 270 59.37 -32.08 33.95
C THR L 270 60.39 -33.06 34.49
N PRO L 271 60.90 -33.93 33.60
CA PRO L 271 61.91 -34.94 33.96
C PRO L 271 63.19 -34.28 34.49
N LYS L 272 63.31 -34.18 35.81
CA LYS L 272 64.49 -33.58 36.41
C LYS L 272 65.68 -34.56 36.45
N THR L 273 65.75 -35.39 37.48
CA THR L 273 66.86 -36.34 37.57
C THR L 273 66.58 -37.57 36.68
N ALA L 274 67.51 -38.54 36.67
CA ALA L 274 67.32 -39.75 35.86
C ALA L 274 66.23 -40.64 36.45
N LEU L 275 65.86 -40.36 37.70
CA LEU L 275 64.82 -41.10 38.42
C LEU L 275 63.41 -40.86 37.86
N ASP L 276 63.16 -39.64 37.39
CA ASP L 276 61.87 -39.26 36.82
C ASP L 276 61.72 -39.82 35.40
N GLU L 277 62.21 -41.04 35.22
CA GLU L 277 62.16 -41.72 33.94
C GLU L 277 61.01 -42.69 33.84
N CYS L 278 60.14 -42.50 32.86
CA CYS L 278 59.00 -43.37 32.67
C CYS L 278 59.33 -44.52 31.70
N VAL L 279 59.34 -45.74 32.23
CA VAL L 279 59.65 -46.93 31.44
C VAL L 279 58.42 -47.79 31.22
N GLY L 280 58.45 -48.63 30.19
CA GLY L 280 57.34 -49.50 29.89
C GLY L 280 57.81 -50.86 29.42
N PHE L 281 57.11 -51.92 29.82
CA PHE L 281 57.50 -53.25 29.39
C PHE L 281 56.31 -54.04 28.86
N THR L 282 56.61 -55.05 28.06
CA THR L 282 55.58 -55.88 27.46
C THR L 282 55.66 -57.34 27.87
N VAL L 283 54.51 -57.88 28.22
CA VAL L 283 54.42 -59.27 28.60
C VAL L 283 54.70 -60.06 27.34
N PRO L 284 54.93 -61.37 27.49
CA PRO L 284 55.20 -62.24 26.35
C PRO L 284 53.97 -62.56 25.50
N LEU L 285 54.21 -63.22 24.38
CA LEU L 285 53.14 -63.63 23.50
C LEU L 285 52.77 -65.04 23.95
N LEU L 286 51.69 -65.19 24.71
CA LEU L 286 51.27 -66.51 25.17
C LEU L 286 50.17 -67.11 24.30
N THR L 287 50.49 -68.22 23.67
CA THR L 287 49.58 -68.91 22.79
C THR L 287 49.58 -70.39 23.20
N ASP L 288 48.44 -71.07 23.06
CA ASP L 288 48.35 -72.49 23.43
C ASP L 288 49.22 -73.33 22.51
N SER L 289 49.43 -74.58 22.90
CA SER L 289 50.24 -75.49 22.11
C SER L 289 49.57 -75.66 20.74
N SER L 290 48.52 -74.88 20.50
CA SER L 290 47.77 -74.93 19.25
C SER L 290 48.14 -73.85 18.22
N GLY L 291 49.32 -73.25 18.36
CA GLY L 291 49.73 -72.22 17.42
C GLY L 291 48.69 -71.13 17.25
N ALA L 292 47.78 -71.04 18.22
CA ALA L 292 46.73 -70.04 18.20
C ALA L 292 46.79 -69.30 19.53
N LYS L 293 46.68 -67.97 19.49
CA LYS L 293 46.72 -67.13 20.70
C LYS L 293 46.02 -67.83 21.85
N PHE L 294 46.52 -67.64 23.06
CA PHE L 294 45.89 -68.31 24.19
C PHE L 294 44.54 -67.68 24.53
N GLY L 295 43.93 -66.99 23.56
CA GLY L 295 42.65 -66.35 23.80
C GLY L 295 41.66 -66.46 22.66
N LYS L 296 42.13 -66.80 21.46
CA LYS L 296 41.27 -66.95 20.29
C LYS L 296 41.09 -68.44 19.92
N SER L 297 41.03 -69.28 20.96
CA SER L 297 40.87 -70.74 20.80
C SER L 297 39.42 -71.15 21.07
N ALA L 298 39.16 -72.46 21.01
CA ALA L 298 37.82 -73.00 21.21
C ALA L 298 37.01 -72.75 19.93
N GLY L 299 35.72 -72.43 20.08
CA GLY L 299 34.89 -72.16 18.91
C GLY L 299 35.08 -70.75 18.36
N ASN L 300 35.69 -69.89 19.19
CA ASN L 300 35.97 -68.48 18.86
C ASN L 300 37.04 -67.95 19.83
N ALA L 301 36.65 -67.81 21.10
CA ALA L 301 37.56 -67.33 22.13
C ALA L 301 37.33 -68.03 23.47
N ILE L 302 37.98 -67.52 24.51
CA ILE L 302 37.84 -68.05 25.85
C ILE L 302 37.63 -66.84 26.72
N TRP L 303 36.40 -66.54 27.06
CA TRP L 303 36.14 -65.35 27.85
C TRP L 303 35.96 -65.63 29.35
N LEU L 304 35.59 -64.59 30.10
CA LEU L 304 35.33 -64.68 31.53
C LEU L 304 33.84 -64.73 31.74
N ASP L 305 33.12 -63.95 30.94
CA ASP L 305 31.66 -63.89 30.99
C ASP L 305 31.06 -65.29 31.11
N PRO L 306 30.56 -65.63 32.31
CA PRO L 306 29.97 -66.93 32.60
C PRO L 306 28.91 -67.33 31.60
N TYR L 307 27.98 -66.42 31.32
CA TYR L 307 26.95 -66.72 30.36
C TYR L 307 27.49 -66.58 28.95
N GLN L 308 28.78 -66.87 28.77
CA GLN L 308 29.41 -66.78 27.46
C GLN L 308 30.56 -67.79 27.39
N THR L 309 30.80 -68.44 28.52
CA THR L 309 31.85 -69.45 28.64
C THR L 309 31.65 -70.19 29.96
N SER L 310 30.87 -71.27 29.92
CA SER L 310 30.59 -72.08 31.10
C SER L 310 31.78 -72.10 32.05
N VAL L 311 31.52 -71.92 33.35
CA VAL L 311 32.59 -71.96 34.35
C VAL L 311 33.36 -73.24 34.12
N PHE L 312 32.60 -74.32 33.98
CA PHE L 312 33.14 -75.63 33.74
C PHE L 312 34.05 -75.63 32.52
N ASP L 313 33.52 -75.13 31.40
CA ASP L 313 34.29 -75.06 30.15
C ASP L 313 35.56 -74.24 30.43
N PHE L 314 35.41 -73.12 31.14
CA PHE L 314 36.57 -72.29 31.50
C PHE L 314 37.53 -73.20 32.28
N TYR L 315 37.14 -73.57 33.49
CA TYR L 315 37.95 -74.42 34.35
C TYR L 315 38.79 -75.35 33.52
N GLY L 316 38.10 -76.02 32.61
CA GLY L 316 38.75 -76.95 31.72
C GLY L 316 39.96 -76.38 31.01
N TYR L 317 39.77 -75.27 30.29
CA TYR L 317 40.86 -74.64 29.55
C TYR L 317 42.20 -74.75 30.27
N PHE L 318 42.16 -74.90 31.60
CA PHE L 318 43.37 -75.02 32.36
C PHE L 318 43.65 -76.45 32.80
N VAL L 319 42.72 -77.03 33.56
CA VAL L 319 42.90 -78.39 34.04
C VAL L 319 43.55 -79.29 33.00
N ARG L 320 43.35 -78.95 31.73
CA ARG L 320 43.94 -79.70 30.64
C ARG L 320 44.92 -78.81 29.87
N ARG L 321 46.20 -79.04 30.10
CA ARG L 321 47.27 -78.30 29.43
C ARG L 321 48.58 -79.07 29.55
N SER L 322 49.49 -78.82 28.63
CA SER L 322 50.80 -79.49 28.58
C SER L 322 51.38 -79.80 29.95
N ASP L 323 51.69 -81.07 30.18
CA ASP L 323 52.26 -81.52 31.45
C ASP L 323 53.51 -80.71 31.75
N GLN L 324 54.06 -80.12 30.71
CA GLN L 324 55.26 -79.31 30.83
C GLN L 324 54.84 -77.86 31.12
N GLU L 325 53.86 -77.38 30.36
CA GLU L 325 53.38 -76.01 30.49
C GLU L 325 53.05 -75.61 31.92
N VAL L 326 52.56 -76.56 32.70
CA VAL L 326 52.18 -76.31 34.10
C VAL L 326 53.08 -75.32 34.81
N GLU L 327 54.38 -75.61 34.76
CA GLU L 327 55.39 -74.76 35.38
C GLU L 327 55.14 -73.29 35.09
N ASN L 328 55.82 -72.77 34.08
CA ASN L 328 55.71 -71.37 33.68
C ASN L 328 54.26 -70.86 33.66
N LEU L 329 53.28 -71.77 33.60
CA LEU L 329 51.87 -71.36 33.60
C LEU L 329 51.38 -71.05 35.01
N LEU L 330 52.04 -71.64 36.01
CA LEU L 330 51.70 -71.36 37.40
C LEU L 330 52.26 -69.98 37.76
N LYS L 331 53.49 -69.71 37.34
CA LYS L 331 54.16 -68.44 37.61
C LYS L 331 53.41 -67.24 37.01
N LEU L 332 52.79 -67.48 35.85
CA LEU L 332 52.07 -66.43 35.16
C LEU L 332 50.61 -66.23 35.55
N PHE L 333 49.96 -67.23 36.12
CA PHE L 333 48.55 -67.04 36.46
C PHE L 333 48.12 -67.29 37.90
N THR L 334 49.09 -67.41 38.80
CA THR L 334 48.74 -67.63 40.20
C THR L 334 49.69 -66.84 41.08
N PHE L 335 49.13 -66.21 42.10
CA PHE L 335 49.90 -65.43 43.04
C PHE L 335 50.44 -66.39 44.07
N MET L 336 51.02 -67.47 43.57
CA MET L 336 51.60 -68.51 44.42
C MET L 336 53.09 -68.28 44.57
N PRO L 337 53.57 -68.22 45.82
CA PRO L 337 55.00 -68.01 46.09
C PRO L 337 55.87 -69.05 45.36
N ILE L 338 56.87 -68.59 44.59
CA ILE L 338 57.77 -69.47 43.85
C ILE L 338 58.05 -70.71 44.69
N SER L 339 58.20 -70.44 45.99
CA SER L 339 58.46 -71.45 46.99
C SER L 339 57.57 -72.71 46.78
N GLU L 340 56.40 -72.71 47.41
CA GLU L 340 55.49 -73.85 47.28
C GLU L 340 54.92 -74.01 45.86
N ILE L 341 55.30 -73.13 44.93
CA ILE L 341 54.81 -73.25 43.55
C ILE L 341 55.44 -74.53 43.01
N THR L 342 56.68 -74.75 43.44
CA THR L 342 57.42 -75.95 43.03
C THR L 342 56.84 -77.19 43.73
N LYS L 343 56.35 -76.99 44.95
CA LYS L 343 55.74 -78.11 45.68
C LYS L 343 54.65 -78.75 44.82
N THR L 344 53.80 -77.89 44.28
CA THR L 344 52.72 -78.32 43.42
C THR L 344 53.34 -79.15 42.30
N MET L 345 54.56 -78.80 41.90
CA MET L 345 55.24 -79.56 40.86
C MET L 345 55.74 -80.92 41.37
N GLU L 346 55.81 -81.05 42.70
CA GLU L 346 56.28 -82.29 43.33
C GLU L 346 55.23 -83.37 43.28
N GLU L 347 54.00 -82.97 43.55
CA GLU L 347 52.85 -83.88 43.53
C GLU L 347 52.49 -84.23 42.10
N HIS L 348 52.60 -83.25 41.21
CA HIS L 348 52.27 -83.45 39.81
C HIS L 348 53.14 -84.49 39.14
N ILE L 349 54.46 -84.39 39.31
CA ILE L 349 55.38 -85.34 38.70
C ILE L 349 55.33 -86.77 39.24
N LYS L 350 54.74 -86.97 40.43
CA LYS L 350 54.61 -88.33 40.98
C LYS L 350 53.55 -89.05 40.15
N ASP L 351 52.79 -88.26 39.38
CA ASP L 351 51.76 -88.79 38.50
C ASP L 351 51.40 -87.79 37.41
N PRO L 352 52.14 -87.80 36.28
CA PRO L 352 51.89 -86.89 35.16
C PRO L 352 50.41 -86.85 34.71
N SER L 353 49.85 -88.02 34.40
CA SER L 353 48.46 -88.13 33.95
C SER L 353 47.41 -87.92 35.05
N LYS L 354 47.80 -87.36 36.19
CA LYS L 354 46.85 -87.10 37.27
C LYS L 354 46.51 -85.62 37.33
N ARG L 355 47.30 -84.81 36.62
CA ARG L 355 47.08 -83.36 36.56
C ARG L 355 46.98 -82.75 37.97
N VAL L 356 47.86 -83.20 38.86
CA VAL L 356 47.84 -82.68 40.22
C VAL L 356 48.04 -81.17 40.14
N ALA L 357 49.04 -80.76 39.36
CA ALA L 357 49.35 -79.35 39.21
C ALA L 357 48.31 -78.63 38.40
N GLN L 358 47.73 -79.32 37.41
CA GLN L 358 46.70 -78.70 36.57
C GLN L 358 45.49 -78.28 37.37
N HIS L 359 45.17 -79.03 38.41
CA HIS L 359 44.02 -78.70 39.24
C HIS L 359 44.33 -77.45 40.06
N THR L 360 45.52 -77.42 40.65
CA THR L 360 45.93 -76.29 41.46
C THR L 360 46.05 -75.01 40.61
N LEU L 361 46.66 -75.13 39.44
CA LEU L 361 46.80 -73.98 38.56
C LEU L 361 45.46 -73.62 37.94
N ALA L 362 44.67 -74.63 37.60
CA ALA L 362 43.36 -74.36 37.01
C ALA L 362 42.51 -73.66 38.07
N ARG L 363 42.43 -74.25 39.26
CA ARG L 363 41.65 -73.66 40.35
C ARG L 363 41.96 -72.18 40.57
N GLU L 364 43.23 -71.87 40.79
CA GLU L 364 43.67 -70.50 41.01
C GLU L 364 42.98 -69.54 40.07
N VAL L 365 43.20 -69.76 38.79
CA VAL L 365 42.58 -68.90 37.79
C VAL L 365 41.09 -68.74 38.01
N VAL L 366 40.37 -69.85 38.09
CA VAL L 366 38.93 -69.81 38.29
C VAL L 366 38.55 -69.00 39.53
N THR L 367 39.19 -69.35 40.64
CA THR L 367 38.92 -68.67 41.90
C THR L 367 39.14 -67.16 41.74
N LEU L 368 40.25 -66.80 41.11
CA LEU L 368 40.55 -65.39 40.91
C LEU L 368 39.46 -64.69 40.12
N VAL L 369 39.13 -65.22 38.94
CA VAL L 369 38.13 -64.59 38.09
C VAL L 369 36.73 -65.12 38.26
N HIS L 370 36.48 -65.91 39.31
CA HIS L 370 35.15 -66.46 39.56
C HIS L 370 34.87 -66.83 41.00
N GLY L 371 35.80 -66.50 41.90
CA GLY L 371 35.60 -66.79 43.31
C GLY L 371 35.84 -68.22 43.74
N LYS L 372 36.10 -68.43 45.02
CA LYS L 372 36.35 -69.77 45.55
C LYS L 372 35.14 -70.68 45.41
N GLN L 373 33.99 -70.19 45.86
CA GLN L 373 32.75 -70.96 45.80
C GLN L 373 32.60 -71.63 44.45
N GLU L 374 33.00 -70.93 43.40
CA GLU L 374 32.90 -71.50 42.08
C GLU L 374 34.11 -72.39 41.80
N ALA L 375 35.28 -71.94 42.26
CA ALA L 375 36.50 -72.71 42.06
C ALA L 375 36.21 -74.18 42.38
N SER L 376 35.54 -74.39 43.50
CA SER L 376 35.18 -75.74 43.92
C SER L 376 34.12 -76.34 43.01
N ALA L 377 32.92 -75.77 43.05
CA ALA L 377 31.81 -76.23 42.22
C ALA L 377 32.25 -76.74 40.85
N ALA L 378 33.17 -76.00 40.24
CA ALA L 378 33.70 -76.35 38.93
C ALA L 378 34.55 -77.61 39.02
N GLU L 379 35.54 -77.59 39.91
CA GLU L 379 36.41 -78.74 40.09
C GLU L 379 35.57 -80.01 40.24
N ASP L 380 34.49 -79.91 41.02
CA ASP L 380 33.59 -81.04 41.23
C ASP L 380 33.12 -81.64 39.93
N GLN L 381 32.47 -80.82 39.10
CA GLN L 381 32.00 -81.32 37.83
C GLN L 381 33.18 -81.96 37.09
N HIS L 382 34.33 -81.30 37.07
CA HIS L 382 35.50 -81.84 36.38
C HIS L 382 36.22 -82.95 37.16
N ARG L 383 35.56 -83.41 38.24
CA ARG L 383 36.09 -84.46 39.12
C ARG L 383 35.20 -85.73 39.14
N MET L 384 34.12 -85.73 38.37
CA MET L 384 33.14 -86.85 38.33
C MET L 384 33.70 -88.17 37.76
N MET L 385 32.90 -89.22 37.55
CA MET L 385 33.46 -90.50 37.06
C MET L 385 33.63 -90.51 35.53
N PRO M 8 -45.42 77.45 -34.83
CA PRO M 8 -46.07 77.70 -36.13
C PRO M 8 -47.19 78.73 -36.00
N LYS M 9 -47.93 78.92 -37.09
CA LYS M 9 -49.07 79.85 -37.12
C LYS M 9 -50.13 79.36 -36.16
N TYR M 10 -50.22 78.04 -36.01
CA TYR M 10 -51.17 77.40 -35.10
C TYR M 10 -50.93 77.92 -33.67
N THR M 11 -49.66 77.96 -33.26
CA THR M 11 -49.28 78.43 -31.92
C THR M 11 -49.63 79.91 -31.78
N ALA M 12 -49.71 80.60 -32.93
CA ALA M 12 -50.04 82.02 -32.99
C ALA M 12 -51.43 82.35 -32.42
N LYS M 13 -52.43 81.59 -32.86
CA LYS M 13 -53.79 81.80 -32.41
C LYS M 13 -53.89 81.42 -30.94
N ILE M 14 -53.19 80.34 -30.60
CA ILE M 14 -53.16 79.84 -29.22
C ILE M 14 -52.89 80.95 -28.23
N ASN M 15 -51.77 81.63 -28.41
CA ASN M 15 -51.38 82.71 -27.50
C ASN M 15 -52.36 83.89 -27.61
N GLU M 16 -52.92 84.05 -28.79
CA GLU M 16 -53.90 85.12 -29.02
C GLU M 16 -55.07 84.86 -28.08
N ALA M 17 -55.47 83.60 -28.01
CA ALA M 17 -56.58 83.20 -27.16
C ALA M 17 -56.28 83.52 -25.69
N GLU M 18 -55.06 83.28 -25.26
CA GLU M 18 -54.68 83.56 -23.88
C GLU M 18 -55.10 84.95 -23.49
N GLU M 19 -54.69 85.93 -24.28
CA GLU M 19 -55.01 87.34 -24.01
C GLU M 19 -56.51 87.54 -23.87
N ASN M 20 -57.25 87.08 -24.87
CA ASN M 20 -58.70 87.20 -24.87
C ASN M 20 -59.24 86.77 -23.51
N TRP M 21 -58.87 85.55 -23.12
CA TRP M 21 -59.27 84.96 -21.85
C TRP M 21 -58.86 85.82 -20.67
N GLN M 22 -57.97 86.77 -20.92
CA GLN M 22 -57.54 87.65 -19.85
C GLN M 22 -58.45 88.86 -19.76
N ALA M 23 -58.93 89.37 -20.90
CA ALA M 23 -59.85 90.50 -20.87
C ALA M 23 -61.04 90.00 -20.06
N ARG M 24 -61.29 88.69 -20.20
CA ARG M 24 -62.36 87.98 -19.50
C ARG M 24 -62.05 87.86 -18.00
N ALA M 25 -60.89 87.27 -17.69
CA ALA M 25 -60.48 87.11 -16.30
C ALA M 25 -60.55 88.47 -15.61
N GLU M 26 -60.46 89.53 -16.40
CA GLU M 26 -60.51 90.90 -15.90
C GLU M 26 -61.93 91.28 -15.51
N ALA M 27 -62.82 91.29 -16.48
CA ALA M 27 -64.21 91.61 -16.22
C ALA M 27 -64.62 90.96 -14.91
N ILE M 28 -64.38 89.67 -14.78
CA ILE M 28 -64.75 88.95 -13.56
C ILE M 28 -64.09 89.55 -12.33
N LYS M 29 -62.84 90.00 -12.50
CA LYS M 29 -62.07 90.61 -11.41
C LYS M 29 -62.80 91.84 -10.85
N LYS M 30 -63.45 92.60 -11.72
CA LYS M 30 -64.20 93.78 -11.31
C LYS M 30 -65.70 93.51 -11.47
N GLY M 31 -66.08 92.24 -11.32
CA GLY M 31 -67.47 91.84 -11.46
C GLY M 31 -68.16 92.39 -12.70
N LYS M 32 -67.36 92.67 -13.73
CA LYS M 32 -67.90 93.22 -14.98
C LYS M 32 -68.71 92.17 -15.73
N LYS M 33 -68.37 90.90 -15.52
CA LYS M 33 -69.08 89.75 -16.13
C LYS M 33 -69.07 88.63 -15.09
N GLN M 34 -70.20 87.94 -14.93
CA GLN M 34 -70.29 86.87 -13.94
C GLN M 34 -69.25 85.76 -14.14
N ASN M 35 -68.81 85.15 -13.03
CA ASN M 35 -67.87 84.04 -13.11
C ASN M 35 -68.64 82.76 -13.41
N THR M 36 -68.23 82.07 -14.46
CA THR M 36 -68.85 80.83 -14.88
C THR M 36 -69.24 80.02 -13.66
N TRP M 37 -68.40 80.09 -12.63
CA TRP M 37 -68.66 79.37 -11.38
C TRP M 37 -69.85 79.95 -10.67
N ASP M 38 -69.89 81.25 -10.51
CA ASP M 38 -71.02 81.87 -9.84
C ASP M 38 -72.25 81.71 -10.72
N LEU M 39 -72.04 81.18 -11.92
CA LEU M 39 -73.14 80.94 -12.83
C LEU M 39 -73.78 79.64 -12.37
N PHE M 40 -72.92 78.72 -11.95
CA PHE M 40 -73.32 77.40 -11.43
C PHE M 40 -74.08 77.53 -10.11
N GLU M 41 -73.76 78.58 -9.38
CA GLU M 41 -74.43 78.84 -8.11
C GLU M 41 -75.75 79.52 -8.41
N GLU M 42 -75.83 80.17 -9.57
CA GLU M 42 -77.05 80.89 -9.94
C GLU M 42 -78.14 80.03 -10.57
N ARG M 43 -77.83 78.77 -10.83
CA ARG M 43 -78.84 77.91 -11.41
C ARG M 43 -78.98 76.69 -10.52
N GLY M 44 -78.10 76.60 -9.54
CA GLY M 44 -78.12 75.51 -8.59
C GLY M 44 -77.44 74.20 -8.97
N TYR M 45 -76.29 74.27 -9.63
CA TYR M 45 -75.58 73.05 -10.03
C TYR M 45 -74.54 72.59 -9.01
N VAL M 46 -74.59 73.11 -7.80
CA VAL M 46 -73.60 72.71 -6.82
C VAL M 46 -74.13 72.03 -5.56
N LYS M 47 -73.88 70.73 -5.44
CA LYS M 47 -74.31 69.95 -4.27
C LYS M 47 -73.14 69.88 -3.30
N ASP M 48 -72.04 69.30 -3.77
CA ASP M 48 -70.83 69.18 -2.96
C ASP M 48 -69.63 69.65 -3.78
N THR M 49 -68.50 69.81 -3.11
CA THR M 49 -67.29 70.23 -3.78
C THR M 49 -66.00 69.60 -3.24
N ALA M 50 -65.24 69.07 -4.18
CA ALA M 50 -63.95 68.45 -3.89
C ALA M 50 -63.00 69.50 -4.40
N GLY M 51 -62.80 70.52 -3.57
CA GLY M 51 -61.92 71.61 -3.92
C GLY M 51 -62.54 72.90 -3.42
N THR M 52 -61.80 73.60 -2.56
CA THR M 52 -62.26 74.86 -2.00
C THR M 52 -63.25 75.56 -2.95
N LYS M 53 -64.54 75.55 -2.58
CA LYS M 53 -65.60 76.16 -3.38
C LYS M 53 -65.03 77.42 -4.01
N GLU M 54 -64.31 78.17 -3.19
CA GLU M 54 -63.67 79.43 -3.58
C GLU M 54 -62.57 79.20 -4.60
N HIS M 55 -61.56 78.44 -4.20
CA HIS M 55 -60.45 78.13 -5.08
C HIS M 55 -60.99 77.84 -6.47
N ILE M 56 -61.85 76.82 -6.54
CA ILE M 56 -62.45 76.42 -7.80
C ILE M 56 -62.80 77.63 -8.63
N ALA M 57 -63.48 78.57 -8.00
CA ALA M 57 -63.89 79.79 -8.66
C ALA M 57 -62.74 80.47 -9.37
N GLU M 58 -61.71 80.80 -8.60
CA GLU M 58 -60.55 81.47 -9.14
C GLU M 58 -60.00 80.66 -10.30
N LEU M 59 -59.76 79.37 -10.07
CA LEU M 59 -59.25 78.51 -11.12
C LEU M 59 -60.02 78.71 -12.44
N MET M 60 -61.32 79.05 -12.33
CA MET M 60 -62.18 79.25 -13.51
C MET M 60 -62.11 80.63 -14.11
N ARG M 61 -62.21 81.65 -13.28
CA ARG M 61 -62.13 83.02 -13.76
C ARG M 61 -60.80 83.14 -14.51
N THR M 62 -59.76 82.61 -13.88
CA THR M 62 -58.38 82.63 -14.36
C THR M 62 -58.03 81.87 -15.63
N ARG M 63 -57.68 80.60 -15.47
CA ARG M 63 -57.28 79.75 -16.59
C ARG M 63 -58.45 79.32 -17.46
N ARG M 64 -58.13 78.87 -18.67
CA ARG M 64 -59.12 78.38 -19.62
C ARG M 64 -59.21 76.87 -19.39
N ILE M 65 -59.45 76.48 -18.15
CA ILE M 65 -59.54 75.07 -17.77
C ILE M 65 -60.51 74.20 -18.55
N GLY M 66 -60.44 72.90 -18.27
CA GLY M 66 -61.30 71.93 -18.93
C GLY M 66 -61.94 70.99 -17.93
N ALA M 67 -62.99 70.30 -18.36
CA ALA M 67 -63.71 69.36 -17.52
C ALA M 67 -64.39 68.30 -18.36
N TYR M 68 -65.07 67.35 -17.71
CA TYR M 68 -65.74 66.28 -18.43
C TYR M 68 -66.83 65.61 -17.60
N VAL M 69 -67.65 64.79 -18.25
CA VAL M 69 -68.71 64.06 -17.55
C VAL M 69 -68.78 62.63 -18.09
N GLY M 70 -68.61 61.66 -17.19
CA GLY M 70 -68.62 60.26 -17.59
C GLY M 70 -69.98 59.60 -17.57
N ILE M 71 -70.23 58.77 -18.58
CA ILE M 71 -71.50 58.07 -18.70
C ILE M 71 -71.32 56.59 -18.95
N ASP M 72 -71.76 55.78 -17.98
CA ASP M 72 -71.67 54.33 -18.06
C ASP M 72 -72.61 53.84 -19.16
N PRO M 73 -72.05 53.40 -20.30
CA PRO M 73 -72.88 52.92 -21.40
C PRO M 73 -73.58 51.58 -21.16
N THR M 74 -74.31 51.50 -20.05
CA THR M 74 -75.05 50.28 -19.68
C THR M 74 -76.40 50.23 -20.39
N ALA M 75 -77.05 51.38 -20.49
CA ALA M 75 -78.36 51.47 -21.15
C ALA M 75 -78.17 51.83 -22.61
N PRO M 76 -79.11 51.47 -23.49
CA PRO M 76 -78.99 51.81 -24.91
C PRO M 76 -79.57 53.19 -25.19
N SER M 77 -79.58 54.00 -24.13
CA SER M 77 -80.05 55.38 -24.20
C SER M 77 -79.99 56.09 -22.85
N LEU M 78 -79.58 57.34 -22.86
CA LEU M 78 -79.50 58.11 -21.64
C LEU M 78 -80.89 58.61 -21.34
N HIS M 79 -81.12 58.94 -20.09
CA HIS M 79 -82.41 59.47 -19.69
C HIS M 79 -82.16 60.84 -19.12
N VAL M 80 -83.24 61.58 -18.91
CA VAL M 80 -83.13 62.92 -18.39
C VAL M 80 -82.15 63.06 -17.20
N GLY M 81 -82.12 62.09 -16.28
CA GLY M 81 -81.24 62.15 -15.11
C GLY M 81 -79.78 62.51 -15.38
N HIS M 82 -79.36 62.34 -16.64
CA HIS M 82 -78.00 62.62 -17.11
C HIS M 82 -77.89 64.07 -17.61
N LEU M 83 -79.03 64.62 -18.02
CA LEU M 83 -79.09 65.99 -18.52
C LEU M 83 -78.70 66.99 -17.45
N LEU M 84 -78.89 66.64 -16.18
CA LEU M 84 -78.54 67.58 -15.13
C LEU M 84 -77.06 67.95 -15.17
N PRO M 85 -76.18 66.98 -14.93
CA PRO M 85 -74.74 67.23 -14.93
C PRO M 85 -74.12 67.70 -16.25
N LEU M 86 -74.83 67.49 -17.35
CA LEU M 86 -74.27 67.90 -18.61
C LEU M 86 -74.48 69.38 -18.86
N MET M 87 -75.49 69.93 -18.21
CA MET M 87 -75.80 71.34 -18.36
C MET M 87 -74.61 72.22 -17.97
N PRO M 88 -74.16 72.15 -16.70
CA PRO M 88 -73.03 72.99 -16.30
C PRO M 88 -71.81 72.81 -17.22
N LEU M 89 -71.66 71.61 -17.78
CA LEU M 89 -70.56 71.35 -18.70
C LEU M 89 -70.81 72.29 -19.87
N PHE M 90 -71.97 72.10 -20.49
CA PHE M 90 -72.42 72.89 -21.61
C PHE M 90 -72.16 74.36 -21.38
N TRP M 91 -72.67 74.89 -20.26
CA TRP M 91 -72.44 76.28 -19.95
C TRP M 91 -70.92 76.57 -20.07
N MET M 92 -70.08 75.77 -19.41
CA MET M 92 -68.63 75.99 -19.50
C MET M 92 -68.20 76.08 -20.94
N TYR M 93 -68.86 75.29 -21.78
CA TYR M 93 -68.56 75.27 -23.20
C TYR M 93 -68.95 76.57 -23.86
N LEU M 94 -70.08 77.10 -23.43
CA LEU M 94 -70.58 78.34 -23.98
C LEU M 94 -69.66 79.51 -23.60
N GLU M 95 -68.82 79.29 -22.59
CA GLU M 95 -67.86 80.30 -22.13
C GLU M 95 -66.50 80.22 -22.85
N GLY M 96 -66.20 79.06 -23.44
CA GLY M 96 -64.93 78.91 -24.15
C GLY M 96 -63.97 77.88 -23.57
N TYR M 97 -64.33 77.26 -22.45
CA TYR M 97 -63.47 76.25 -21.82
C TYR M 97 -63.26 75.03 -22.72
N LYS M 98 -62.79 73.92 -22.14
CA LYS M 98 -62.54 72.69 -22.87
C LYS M 98 -63.35 71.62 -22.18
N ALA M 99 -64.48 71.28 -22.75
CA ALA M 99 -65.34 70.29 -22.15
C ALA M 99 -65.40 69.01 -22.97
N PHE M 100 -65.61 67.89 -22.28
CA PHE M 100 -65.71 66.60 -22.93
C PHE M 100 -66.69 65.70 -22.18
N THR M 101 -67.19 64.71 -22.90
CA THR M 101 -68.12 63.75 -22.36
C THR M 101 -67.50 62.36 -22.51
N LEU M 102 -66.98 61.82 -21.41
CA LEU M 102 -66.34 60.51 -21.44
C LEU M 102 -67.31 59.35 -21.39
N ILE M 103 -67.23 58.48 -22.38
CA ILE M 103 -68.09 57.32 -22.42
C ILE M 103 -67.34 56.20 -21.74
N GLY M 104 -68.03 55.41 -20.93
CA GLY M 104 -67.39 54.33 -20.22
C GLY M 104 -67.34 52.98 -20.92
N GLY M 105 -67.29 53.01 -22.25
CA GLY M 105 -67.26 51.81 -23.06
C GLY M 105 -66.64 50.56 -22.44
N SER M 106 -65.63 50.75 -21.60
CA SER M 106 -65.00 49.62 -20.96
C SER M 106 -65.53 49.55 -19.55
N THR M 107 -65.59 50.68 -18.87
CA THR M 107 -66.08 50.69 -17.50
C THR M 107 -67.41 49.96 -17.31
N ALA M 108 -68.32 50.11 -18.26
CA ALA M 108 -69.61 49.45 -18.16
C ALA M 108 -69.36 47.99 -17.79
N LYS M 109 -68.37 47.37 -18.46
CA LYS M 109 -68.01 45.97 -18.23
C LYS M 109 -67.77 45.60 -16.76
N ILE M 110 -67.59 46.61 -15.91
CA ILE M 110 -67.39 46.39 -14.50
C ILE M 110 -68.54 47.06 -13.79
N GLY M 111 -68.81 48.31 -14.18
CA GLY M 111 -69.90 49.08 -13.60
C GLY M 111 -69.60 49.77 -12.28
N ASP M 112 -70.12 50.98 -12.11
CA ASP M 112 -69.89 51.74 -10.89
C ASP M 112 -70.48 51.03 -9.67
N PRO M 113 -69.61 50.45 -8.84
CA PRO M 113 -70.06 49.75 -7.64
C PRO M 113 -70.53 50.73 -6.54
N THR M 114 -71.50 51.57 -6.91
CA THR M 114 -72.06 52.53 -5.97
C THR M 114 -73.38 51.98 -5.44
N GLY M 115 -73.31 51.18 -4.38
CA GLY M 115 -74.49 50.59 -3.81
C GLY M 115 -74.29 49.13 -3.42
N ASP M 127 -72.82 42.09 -26.73
CA ASP M 127 -73.87 42.97 -27.26
C ASP M 127 -73.74 44.35 -26.62
N ALA M 128 -72.97 44.38 -25.54
CA ALA M 128 -72.74 45.62 -24.81
C ALA M 128 -72.39 46.73 -25.80
N THR M 129 -71.81 46.32 -26.93
CA THR M 129 -71.40 47.23 -27.99
C THR M 129 -72.58 48.05 -28.43
N MET M 130 -73.63 47.33 -28.82
CA MET M 130 -74.88 47.94 -29.27
C MET M 130 -75.16 49.13 -28.39
N ASN M 131 -75.15 48.89 -27.08
CA ASN M 131 -75.40 50.00 -26.16
C ASN M 131 -74.38 51.11 -26.40
N MET M 132 -73.13 50.85 -26.02
CA MET M 132 -72.05 51.81 -26.21
C MET M 132 -72.19 52.63 -27.48
N THR M 133 -72.51 51.97 -28.59
CA THR M 133 -72.67 52.64 -29.88
C THR M 133 -73.71 53.74 -29.81
N LYS M 134 -74.96 53.32 -29.68
CA LYS M 134 -76.08 54.25 -29.58
C LYS M 134 -75.66 55.48 -28.76
N ILE M 135 -75.39 55.26 -27.49
CA ILE M 135 -74.97 56.30 -26.57
C ILE M 135 -74.05 57.32 -27.19
N HIS M 136 -72.96 56.86 -27.82
CA HIS M 136 -72.01 57.78 -28.46
C HIS M 136 -72.84 58.75 -29.24
N TYR M 137 -73.35 58.27 -30.36
CA TYR M 137 -74.15 59.09 -31.22
C TYR M 137 -75.11 59.97 -30.40
N GLN M 138 -75.90 59.35 -29.52
CA GLN M 138 -76.86 60.09 -28.69
C GLN M 138 -76.20 61.35 -28.10
N LEU M 139 -74.95 61.22 -27.66
CA LEU M 139 -74.23 62.34 -27.07
C LEU M 139 -73.87 63.40 -28.11
N LYS M 140 -73.30 62.99 -29.24
CA LYS M 140 -72.93 63.97 -30.26
C LYS M 140 -74.14 64.81 -30.64
N LYS M 141 -75.27 64.14 -30.85
CA LYS M 141 -76.52 64.81 -31.21
C LYS M 141 -76.70 66.03 -30.30
N LEU M 142 -76.65 65.80 -28.98
CA LEU M 142 -76.81 66.90 -28.04
C LEU M 142 -75.93 68.09 -28.41
N TRP M 143 -74.63 67.86 -28.55
CA TRP M 143 -73.72 68.94 -28.90
C TRP M 143 -74.23 69.61 -30.18
N GLU M 144 -74.56 68.80 -31.17
CA GLU M 144 -75.07 69.29 -32.45
C GLU M 144 -76.14 70.35 -32.22
N ASN M 145 -76.83 70.20 -31.09
CA ASN M 145 -77.89 71.12 -30.71
C ASN M 145 -77.33 72.20 -29.79
N VAL M 146 -76.47 71.79 -28.87
CA VAL M 146 -75.88 72.75 -27.93
C VAL M 146 -75.26 73.87 -28.79
N ASP M 147 -74.60 73.50 -29.87
CA ASP M 147 -74.01 74.49 -30.76
C ASP M 147 -75.13 75.34 -31.32
N THR M 148 -75.98 74.72 -32.13
CA THR M 148 -77.11 75.40 -32.77
C THR M 148 -77.73 76.37 -31.77
N GLN M 149 -77.88 75.89 -30.55
CA GLN M 149 -78.42 76.68 -29.47
C GLN M 149 -77.46 77.83 -29.16
N MET M 150 -76.21 77.50 -28.81
CA MET M 150 -75.17 78.49 -28.46
C MET M 150 -75.11 79.70 -29.39
N ARG M 151 -74.91 79.43 -30.66
CA ARG M 151 -74.82 80.47 -31.66
C ARG M 151 -76.13 81.26 -31.68
N ALA M 152 -77.24 80.54 -31.72
CA ALA M 152 -78.54 81.16 -31.73
C ALA M 152 -78.84 82.08 -30.52
N ARG M 153 -78.84 81.53 -29.30
CA ARG M 153 -79.13 82.31 -28.08
C ARG M 153 -78.13 83.41 -27.83
N GLY M 154 -77.48 83.82 -28.91
CA GLY M 154 -76.49 84.88 -28.85
C GLY M 154 -75.19 84.57 -28.15
N TYR M 155 -74.27 83.90 -28.85
CA TYR M 155 -72.97 83.57 -28.30
C TYR M 155 -71.91 83.82 -29.38
N GLU M 156 -70.72 84.24 -28.95
CA GLU M 156 -69.63 84.55 -29.89
C GLU M 156 -68.74 83.37 -30.26
N ALA M 157 -68.25 83.43 -31.51
CA ALA M 157 -67.39 82.41 -32.04
C ALA M 157 -65.99 82.54 -31.47
N ASP M 158 -65.60 81.57 -30.64
CA ASP M 158 -64.28 81.56 -30.01
C ASP M 158 -63.52 80.40 -30.62
N TRP M 159 -62.35 80.70 -31.15
CA TRP M 159 -61.48 79.71 -31.76
C TRP M 159 -61.10 78.66 -30.73
N ALA M 160 -60.38 79.11 -29.71
CA ALA M 160 -59.89 78.25 -28.63
C ALA M 160 -60.95 77.33 -28.02
N ARG M 161 -62.22 77.77 -28.07
CA ARG M 161 -63.32 76.98 -27.50
C ARG M 161 -63.12 75.51 -27.86
N LYS M 162 -63.46 74.62 -26.94
CA LYS M 162 -63.25 73.20 -27.21
C LYS M 162 -64.16 72.20 -26.53
N ARG M 163 -64.83 71.39 -27.35
CA ARG M 163 -65.74 70.34 -26.92
C ARG M 163 -65.31 69.02 -27.55
N GLY M 164 -66.01 67.93 -27.21
CA GLY M 164 -65.66 66.64 -27.78
C GLY M 164 -66.19 65.44 -27.00
N ILE M 165 -66.16 64.29 -27.65
CA ILE M 165 -66.62 63.04 -27.04
C ILE M 165 -65.53 61.98 -26.98
N VAL M 166 -65.26 61.48 -25.77
CA VAL M 166 -64.21 60.48 -25.60
C VAL M 166 -64.80 59.16 -25.17
N ASN M 167 -63.96 58.14 -25.23
CA ASN M 167 -64.33 56.79 -24.85
C ASN M 167 -63.20 56.18 -24.02
N ASN M 168 -63.43 56.00 -22.73
CA ASN M 168 -62.42 55.44 -21.83
C ASN M 168 -61.76 54.19 -22.41
N ASN M 169 -62.46 53.50 -23.29
CA ASN M 169 -61.91 52.29 -23.87
C ASN M 169 -60.66 52.63 -24.66
N HIS M 170 -60.72 53.72 -25.41
CA HIS M 170 -59.61 54.22 -26.22
C HIS M 170 -58.21 53.85 -25.72
N TRP M 171 -58.02 53.96 -24.40
CA TRP M 171 -56.74 53.62 -23.79
C TRP M 171 -56.81 52.33 -22.98
N TRP M 172 -57.87 52.17 -22.19
CA TRP M 172 -58.07 50.98 -21.33
C TRP M 172 -58.00 49.66 -22.05
N ASN M 173 -58.26 49.69 -23.34
CA ASN M 173 -58.25 48.48 -24.14
C ASN M 173 -56.86 47.89 -24.31
N LYS M 174 -55.84 48.73 -24.20
CA LYS M 174 -54.49 48.23 -24.31
C LYS M 174 -53.70 48.63 -23.08
N GLN M 175 -54.27 49.55 -22.29
CA GLN M 175 -53.61 50.05 -21.08
C GLN M 175 -53.06 48.97 -20.19
N PRO M 176 -51.74 48.80 -20.21
CA PRO M 176 -51.05 47.81 -19.40
C PRO M 176 -51.25 48.10 -17.93
N MET M 177 -51.29 47.02 -17.15
CA MET M 177 -51.50 47.12 -15.72
C MET M 177 -50.22 47.56 -15.04
N LEU M 178 -49.09 47.05 -15.52
CA LEU M 178 -47.83 47.42 -14.92
C LEU M 178 -47.78 48.93 -14.79
N GLU M 179 -48.08 49.62 -15.89
CA GLU M 179 -48.09 51.07 -15.93
C GLU M 179 -48.85 51.65 -14.73
N VAL M 180 -50.14 51.33 -14.67
CA VAL M 180 -51.01 51.80 -13.61
C VAL M 180 -50.50 51.41 -12.23
N LEU M 181 -50.59 50.12 -11.92
CA LEU M 181 -50.15 49.59 -10.64
C LEU M 181 -48.90 50.26 -10.12
N ARG M 182 -48.01 50.67 -11.03
CA ARG M 182 -46.79 51.34 -10.60
C ARG M 182 -47.00 52.85 -10.51
N ARG M 183 -47.37 53.47 -11.63
CA ARG M 183 -47.58 54.92 -11.67
C ARG M 183 -48.47 55.49 -10.54
N VAL M 184 -49.23 54.63 -9.87
CA VAL M 184 -50.09 55.10 -8.80
C VAL M 184 -50.25 54.10 -7.67
N GLY M 185 -50.13 52.81 -8.00
CA GLY M 185 -50.31 51.76 -7.00
C GLY M 185 -49.62 51.98 -5.67
N HIS M 186 -48.43 52.59 -5.70
CA HIS M 186 -47.67 52.85 -4.48
C HIS M 186 -48.28 53.99 -3.66
N ALA M 187 -49.01 54.87 -4.34
CA ALA M 187 -49.63 56.03 -3.71
C ALA M 187 -50.95 55.76 -2.99
N LEU M 188 -51.80 54.94 -3.59
CA LEU M 188 -53.07 54.63 -2.95
C LEU M 188 -52.85 53.55 -1.91
N ARG M 189 -53.81 53.44 -1.00
CA ARG M 189 -53.76 52.43 0.06
C ARG M 189 -55.22 51.98 0.29
N ILE M 190 -55.44 50.67 0.21
CA ILE M 190 -56.78 50.10 0.38
C ILE M 190 -57.53 50.66 1.58
N GLY M 191 -56.82 51.42 2.42
CA GLY M 191 -57.41 52.03 3.60
C GLY M 191 -58.59 52.90 3.26
N PRO M 192 -58.36 54.18 2.93
CA PRO M 192 -59.50 55.04 2.58
C PRO M 192 -60.30 54.49 1.39
N MET M 193 -60.02 53.24 1.02
CA MET M 193 -60.73 52.57 -0.07
C MET M 193 -61.69 51.54 0.52
N LEU M 194 -61.16 50.58 1.27
CA LEU M 194 -61.97 49.56 1.91
C LEU M 194 -62.83 50.23 2.98
N SER M 195 -62.37 51.37 3.48
CA SER M 195 -63.12 52.12 4.49
C SER M 195 -64.27 52.89 3.83
N ARG M 196 -64.16 53.14 2.52
CA ARG M 196 -65.18 53.89 1.78
C ARG M 196 -66.53 53.27 2.12
N ASP M 197 -67.42 54.06 2.71
CA ASP M 197 -68.71 53.55 3.11
C ASP M 197 -69.49 52.91 1.97
N THR M 198 -69.77 53.69 0.92
CA THR M 198 -70.52 53.20 -0.23
C THR M 198 -70.18 51.73 -0.56
N VAL M 199 -68.91 51.48 -0.83
CA VAL M 199 -68.46 50.12 -1.16
C VAL M 199 -68.30 49.21 0.07
N LYS M 200 -67.58 49.67 1.10
CA LYS M 200 -67.38 48.88 2.32
C LYS M 200 -68.70 48.31 2.79
N ASN M 201 -69.73 49.15 2.72
CA ASN M 201 -71.06 48.74 3.10
C ASN M 201 -71.50 47.57 2.23
N LYS M 202 -71.04 47.52 0.98
CA LYS M 202 -71.43 46.41 0.11
C LYS M 202 -70.99 45.03 0.60
N MET M 203 -69.83 44.96 1.26
CA MET M 203 -69.32 43.69 1.76
C MET M 203 -70.12 43.24 2.96
N THR M 204 -70.37 44.18 3.85
CA THR M 204 -71.14 43.89 5.05
C THR M 204 -72.60 43.59 4.65
N GLN M 205 -73.32 44.64 4.25
CA GLN M 205 -74.71 44.53 3.83
C GLN M 205 -74.77 44.22 2.35
N GLY M 206 -74.39 43.00 2.00
CA GLY M 206 -74.40 42.61 0.60
C GLY M 206 -73.69 41.30 0.41
N ASP M 207 -73.45 40.94 -0.84
CA ASP M 207 -72.74 39.70 -1.18
C ASP M 207 -71.26 39.91 -0.91
N GLY M 208 -70.76 41.07 -1.35
CA GLY M 208 -69.37 41.41 -1.19
C GLY M 208 -68.93 42.31 -2.33
N VAL M 209 -67.78 42.00 -2.91
CA VAL M 209 -67.25 42.83 -3.98
C VAL M 209 -66.17 42.09 -4.77
N SER M 210 -66.13 42.30 -6.08
CA SER M 210 -65.14 41.67 -6.94
C SER M 210 -63.97 42.63 -7.17
N PHE M 211 -62.77 42.07 -7.27
CA PHE M 211 -61.59 42.88 -7.45
C PHE M 211 -61.87 43.98 -8.44
N ALA M 212 -62.74 43.69 -9.39
CA ALA M 212 -63.09 44.67 -10.38
C ALA M 212 -63.72 45.88 -9.69
N GLU M 213 -64.84 45.65 -9.03
CA GLU M 213 -65.53 46.73 -8.35
C GLU M 213 -64.55 47.56 -7.53
N PHE M 214 -63.77 46.90 -6.67
CA PHE M 214 -62.82 47.59 -5.82
C PHE M 214 -61.92 48.51 -6.65
N THR M 215 -61.52 48.02 -7.81
CA THR M 215 -60.63 48.77 -8.69
C THR M 215 -61.34 49.82 -9.52
N TYR M 216 -62.63 49.60 -9.80
CA TYR M 216 -63.39 50.55 -10.61
C TYR M 216 -62.98 51.96 -10.28
N PRO M 217 -63.13 52.36 -9.01
CA PRO M 217 -62.73 53.74 -8.72
C PRO M 217 -61.36 54.02 -9.35
N ILE M 218 -60.36 53.25 -8.95
CA ILE M 218 -58.99 53.44 -9.46
C ILE M 218 -58.98 53.80 -10.94
N MET M 219 -59.81 53.17 -11.73
CA MET M 219 -59.83 53.46 -13.15
C MET M 219 -60.43 54.80 -13.41
N GLN M 220 -61.54 55.08 -12.72
CA GLN M 220 -62.26 56.35 -12.84
C GLN M 220 -61.28 57.48 -12.60
N GLY M 221 -60.23 57.16 -11.85
CA GLY M 221 -59.21 58.13 -11.53
C GLY M 221 -58.14 58.18 -12.60
N TRP M 222 -57.86 57.04 -13.23
CA TRP M 222 -56.86 56.99 -14.28
C TRP M 222 -57.47 57.71 -15.44
N ASP M 223 -58.79 57.69 -15.50
CA ASP M 223 -59.50 58.38 -16.56
C ASP M 223 -59.28 59.87 -16.40
N TRP M 224 -59.67 60.40 -15.25
CA TRP M 224 -59.51 61.83 -14.98
C TRP M 224 -58.13 62.26 -15.47
N PHE M 225 -57.09 61.59 -14.95
CA PHE M 225 -55.71 61.88 -15.32
C PHE M 225 -55.55 61.82 -16.83
N GLU M 226 -55.85 60.68 -17.43
CA GLU M 226 -55.72 60.56 -18.87
C GLU M 226 -56.19 61.87 -19.49
N LEU M 227 -57.40 62.29 -19.16
CA LEU M 227 -57.93 63.54 -19.70
C LEU M 227 -57.05 64.75 -19.40
N PHE M 228 -56.39 64.75 -18.24
CA PHE M 228 -55.51 65.85 -17.85
C PHE M 228 -54.25 65.73 -18.71
N TYR M 229 -53.65 64.54 -18.67
CA TYR M 229 -52.43 64.21 -19.40
C TYR M 229 -52.63 64.33 -20.90
N GLN M 230 -53.79 63.89 -21.37
CA GLN M 230 -54.12 63.93 -22.79
C GLN M 230 -55.02 65.10 -23.23
N GLN M 231 -55.49 65.92 -22.30
CA GLN M 231 -56.35 67.01 -22.71
C GLN M 231 -56.49 68.19 -21.76
N GLY M 232 -55.60 68.28 -20.78
CA GLY M 232 -55.67 69.39 -19.85
C GLY M 232 -57.02 69.57 -19.17
N VAL M 233 -57.37 68.58 -18.35
CA VAL M 233 -58.62 68.60 -17.62
C VAL M 233 -58.37 68.84 -16.14
N GLN M 234 -58.87 69.96 -15.63
CA GLN M 234 -58.68 70.26 -14.22
C GLN M 234 -60.02 70.22 -13.48
N MET M 235 -61.01 69.57 -14.09
CA MET M 235 -62.34 69.49 -13.48
C MET M 235 -63.21 68.32 -13.96
N GLN M 236 -64.07 67.83 -13.06
CA GLN M 236 -64.97 66.74 -13.39
C GLN M 236 -66.33 66.93 -12.71
N ILE M 237 -67.37 66.97 -13.54
CA ILE M 237 -68.73 67.14 -13.07
C ILE M 237 -69.43 65.81 -13.04
N GLY M 238 -70.10 65.49 -11.93
CA GLY M 238 -70.74 64.19 -11.86
C GLY M 238 -72.03 63.98 -11.08
N GLY M 239 -72.36 62.71 -10.85
CA GLY M 239 -73.55 62.36 -10.13
C GLY M 239 -73.46 62.76 -8.68
N SER M 240 -74.60 63.08 -8.09
CA SER M 240 -74.70 63.51 -6.70
C SER M 240 -73.94 62.54 -5.81
N ASP M 241 -74.06 61.26 -6.15
CA ASP M 241 -73.45 60.16 -5.41
C ASP M 241 -71.99 59.89 -5.83
N GLN M 242 -71.57 60.59 -6.88
CA GLN M 242 -70.24 60.47 -7.45
C GLN M 242 -69.16 61.24 -6.72
N TYR M 243 -69.51 61.81 -5.56
CA TYR M 243 -68.54 62.56 -4.77
C TYR M 243 -67.49 61.57 -4.30
N GLY M 244 -67.91 60.55 -3.56
CA GLY M 244 -67.00 59.55 -3.04
C GLY M 244 -66.02 59.07 -4.08
N ASN M 245 -66.44 59.18 -5.33
CA ASN M 245 -65.63 58.77 -6.46
C ASN M 245 -64.74 59.91 -6.95
N ILE M 246 -65.32 61.10 -7.05
CA ILE M 246 -64.56 62.27 -7.51
C ILE M 246 -63.38 62.50 -6.61
N ILE M 247 -63.56 62.21 -5.33
CA ILE M 247 -62.47 62.39 -4.37
C ILE M 247 -61.39 61.36 -4.65
N SER M 248 -61.73 60.08 -4.50
CA SER M 248 -60.78 59.00 -4.74
C SER M 248 -60.07 59.13 -6.08
N GLY M 249 -60.79 59.61 -7.10
CA GLY M 249 -60.18 59.77 -8.40
C GLY M 249 -59.03 60.75 -8.26
N LEU M 250 -59.36 61.90 -7.69
CA LEU M 250 -58.40 62.96 -7.45
C LEU M 250 -57.08 62.35 -7.04
N GLU M 251 -57.05 61.79 -5.84
CA GLU M 251 -55.84 61.16 -5.32
C GLU M 251 -55.09 60.47 -6.46
N VAL M 252 -55.77 59.57 -7.17
CA VAL M 252 -55.13 58.86 -8.26
C VAL M 252 -54.57 59.80 -9.32
N VAL M 253 -55.35 60.83 -9.63
CA VAL M 253 -54.94 61.83 -10.60
C VAL M 253 -53.52 62.29 -10.28
N LYS M 254 -53.39 62.94 -9.14
CA LYS M 254 -52.12 63.46 -8.65
C LYS M 254 -51.02 62.39 -8.70
N ALA M 255 -51.22 61.28 -7.99
CA ALA M 255 -50.24 60.20 -7.94
C ALA M 255 -49.48 60.03 -9.24
N ALA M 256 -50.20 59.92 -10.34
CA ALA M 256 -49.57 59.77 -11.65
C ALA M 256 -48.75 61.00 -11.98
N ARG M 257 -49.34 62.20 -11.81
CA ARG M 257 -48.66 63.46 -12.09
C ARG M 257 -47.34 63.53 -11.30
N GLU M 258 -47.37 63.03 -10.06
CA GLU M 258 -46.19 63.01 -9.20
C GLU M 258 -45.12 62.15 -9.85
N SER M 259 -45.38 60.84 -9.87
CA SER M 259 -44.47 59.88 -10.44
C SER M 259 -44.25 59.95 -11.96
N GLU M 260 -44.03 61.13 -12.51
CA GLU M 260 -43.81 61.23 -13.95
C GLU M 260 -42.32 61.02 -14.20
N PRO M 261 -41.92 59.79 -14.57
CA PRO M 261 -40.54 59.39 -14.85
C PRO M 261 -39.93 60.09 -16.06
N ASP M 262 -40.53 61.20 -16.44
CA ASP M 262 -40.02 61.96 -17.56
C ASP M 262 -39.76 63.39 -17.08
N PRO M 263 -38.48 63.82 -17.15
CA PRO M 263 -38.07 65.17 -16.73
C PRO M 263 -38.65 66.33 -17.57
N GLN M 264 -38.66 66.15 -18.89
CA GLN M 264 -39.20 67.14 -19.81
C GLN M 264 -40.74 67.14 -19.77
N GLU M 265 -41.31 66.01 -19.33
CA GLU M 265 -42.76 65.89 -19.21
C GLU M 265 -43.24 66.27 -17.81
N ARG M 266 -42.31 66.32 -16.86
CA ARG M 266 -42.64 66.70 -15.49
C ARG M 266 -42.99 68.19 -15.51
N LYS M 267 -42.31 68.91 -16.40
CA LYS M 267 -42.49 70.34 -16.60
C LYS M 267 -43.95 70.62 -16.93
N TYR M 268 -44.69 69.55 -17.23
CA TYR M 268 -46.09 69.65 -17.58
C TYR M 268 -46.93 69.11 -16.44
N VAL M 269 -47.13 67.80 -16.46
CA VAL M 269 -47.95 67.11 -15.47
C VAL M 269 -47.78 67.47 -13.99
N THR M 270 -46.54 67.49 -13.52
CA THR M 270 -46.26 67.78 -12.11
C THR M 270 -46.98 68.99 -11.53
N PRO M 271 -47.63 68.81 -10.37
CA PRO M 271 -48.38 69.85 -9.66
C PRO M 271 -47.52 71.07 -9.44
N LYS M 272 -47.47 71.92 -10.46
CA LYS M 272 -46.70 73.15 -10.43
C LYS M 272 -47.39 74.17 -9.50
N THR M 273 -47.88 75.26 -10.09
CA THR M 273 -48.58 76.32 -9.33
C THR M 273 -49.71 75.76 -8.44
N ALA M 274 -50.01 76.46 -7.34
CA ALA M 274 -51.07 76.02 -6.43
C ALA M 274 -52.40 75.85 -7.17
N LEU M 275 -52.74 76.81 -8.03
CA LEU M 275 -53.98 76.79 -8.83
C LEU M 275 -54.04 75.62 -9.81
N ASP M 276 -52.86 75.08 -10.12
CA ASP M 276 -52.70 73.96 -11.04
C ASP M 276 -53.29 72.70 -10.41
N GLU M 277 -54.40 72.87 -9.68
CA GLU M 277 -55.04 71.75 -9.00
C GLU M 277 -56.41 71.40 -9.62
N CYS M 278 -56.63 70.11 -9.87
CA CYS M 278 -57.89 69.62 -10.44
C CYS M 278 -58.97 69.58 -9.39
N VAL M 279 -60.07 70.26 -9.66
CA VAL M 279 -61.18 70.31 -8.70
C VAL M 279 -62.46 69.81 -9.36
N GLY M 280 -63.48 69.52 -8.57
CA GLY M 280 -64.73 69.05 -9.14
C GLY M 280 -65.94 69.41 -8.32
N PHE M 281 -67.12 69.08 -8.83
CA PHE M 281 -68.35 69.36 -8.11
C PHE M 281 -69.51 68.46 -8.56
N THR M 282 -70.18 67.89 -7.58
CA THR M 282 -71.32 67.00 -7.83
C THR M 282 -72.60 67.81 -7.88
N VAL M 283 -73.29 67.78 -9.01
CA VAL M 283 -74.54 68.50 -9.16
C VAL M 283 -75.51 67.84 -8.20
N PRO M 284 -76.53 68.57 -7.72
CA PRO M 284 -77.51 67.98 -6.79
C PRO M 284 -78.42 66.87 -7.34
N LEU M 285 -78.83 65.98 -6.44
CA LEU M 285 -79.72 64.86 -6.76
C LEU M 285 -81.16 65.42 -6.76
N LEU M 286 -81.82 65.48 -7.92
CA LEU M 286 -83.19 66.01 -7.96
C LEU M 286 -84.30 64.95 -7.93
N THR M 287 -85.52 65.41 -7.65
CA THR M 287 -86.69 64.54 -7.61
C THR M 287 -87.92 65.37 -8.02
N ASP M 288 -89.05 64.70 -8.23
CA ASP M 288 -90.29 65.38 -8.63
C ASP M 288 -91.06 65.92 -7.41
N SER M 289 -91.71 67.08 -7.58
CA SER M 289 -92.46 67.77 -6.51
C SER M 289 -93.08 66.84 -5.45
N SER M 290 -93.37 65.60 -5.85
CA SER M 290 -93.96 64.61 -4.94
C SER M 290 -92.89 63.85 -4.15
N GLY M 291 -92.41 62.73 -4.71
CA GLY M 291 -91.40 61.95 -4.03
C GLY M 291 -90.57 61.06 -4.95
N ALA M 292 -91.17 60.56 -6.04
CA ALA M 292 -90.46 59.69 -6.98
C ALA M 292 -89.14 60.35 -7.42
N LYS M 293 -88.04 59.61 -7.28
CA LYS M 293 -86.72 60.12 -7.65
C LYS M 293 -86.76 60.77 -9.05
N PHE M 294 -85.75 61.58 -9.37
CA PHE M 294 -85.73 62.24 -10.66
C PHE M 294 -85.25 61.35 -11.80
N GLY M 295 -85.91 61.44 -12.93
CA GLY M 295 -85.54 60.62 -14.05
C GLY M 295 -86.49 59.45 -14.21
N LYS M 296 -86.97 58.89 -13.11
CA LYS M 296 -87.90 57.74 -13.16
C LYS M 296 -89.37 58.22 -13.28
N SER M 297 -90.22 57.39 -13.90
CA SER M 297 -91.64 57.71 -14.06
C SER M 297 -92.54 56.48 -13.88
N ALA M 298 -93.14 56.40 -12.69
CA ALA M 298 -94.03 55.30 -12.31
C ALA M 298 -93.21 54.02 -12.10
N GLY M 299 -92.42 53.69 -13.12
CA GLY M 299 -91.57 52.52 -13.07
C GLY M 299 -90.22 52.80 -13.72
N ASN M 300 -90.23 52.87 -15.05
CA ASN M 300 -89.03 53.13 -15.83
C ASN M 300 -88.61 54.60 -15.65
N ALA M 301 -88.20 55.25 -16.73
CA ALA M 301 -87.76 56.64 -16.64
C ALA M 301 -88.11 57.45 -17.86
N ILE M 302 -87.73 58.71 -17.83
CA ILE M 302 -88.00 59.64 -18.92
C ILE M 302 -86.93 59.50 -20.01
N TRP M 303 -86.85 58.32 -20.62
CA TRP M 303 -85.88 58.06 -21.67
C TRP M 303 -85.70 59.21 -22.64
N LEU M 304 -84.69 59.06 -23.50
CA LEU M 304 -84.39 60.05 -24.53
C LEU M 304 -84.71 59.45 -25.88
N ASP M 305 -84.53 58.13 -25.98
CA ASP M 305 -84.79 57.38 -27.21
C ASP M 305 -86.26 57.54 -27.61
N PRO M 306 -86.52 58.12 -28.79
CA PRO M 306 -87.88 58.32 -29.26
C PRO M 306 -88.72 57.05 -29.27
N TYR M 307 -88.16 55.95 -29.77
CA TYR M 307 -88.89 54.69 -29.80
C TYR M 307 -88.89 54.01 -28.43
N GLN M 308 -88.95 54.82 -27.39
CA GLN M 308 -88.97 54.34 -26.00
C GLN M 308 -89.53 55.41 -25.09
N THR M 309 -89.83 56.56 -25.69
CA THR M 309 -90.38 57.71 -24.96
C THR M 309 -90.77 58.76 -26.01
N SER M 310 -91.93 58.56 -26.63
CA SER M 310 -92.39 59.48 -27.65
C SER M 310 -92.16 60.92 -27.29
N VAL M 311 -91.83 61.67 -28.31
CA VAL M 311 -91.61 63.09 -28.19
C VAL M 311 -92.71 63.67 -27.32
N PHE M 312 -93.93 63.22 -27.56
CA PHE M 312 -95.07 63.69 -26.80
C PHE M 312 -94.81 63.48 -25.31
N ASP M 313 -94.70 62.21 -24.92
CA ASP M 313 -94.47 61.82 -23.53
C ASP M 313 -93.36 62.63 -22.90
N PHE M 314 -92.32 62.88 -23.71
CA PHE M 314 -91.20 63.67 -23.24
C PHE M 314 -91.83 65.01 -22.83
N TYR M 315 -92.27 65.77 -23.81
CA TYR M 315 -92.90 67.06 -23.55
C TYR M 315 -93.76 66.96 -22.28
N GLY M 316 -94.32 65.78 -22.06
CA GLY M 316 -95.14 65.52 -20.89
C GLY M 316 -94.50 65.68 -19.52
N TYR M 317 -93.63 64.76 -19.12
CA TYR M 317 -92.98 64.81 -17.79
C TYR M 317 -92.39 66.17 -17.45
N PHE M 318 -92.24 67.03 -18.47
CA PHE M 318 -91.71 68.38 -18.25
C PHE M 318 -92.86 69.34 -17.98
N VAL M 319 -93.86 69.35 -18.84
CA VAL M 319 -95.00 70.24 -18.64
C VAL M 319 -95.73 69.79 -17.39
N ARG M 320 -95.44 68.57 -16.95
CA ARG M 320 -96.06 68.00 -15.78
C ARG M 320 -95.69 68.78 -14.50
N ARG M 321 -94.41 68.94 -14.22
CA ARG M 321 -94.00 69.65 -13.01
C ARG M 321 -94.81 70.88 -12.64
N SER M 322 -95.26 70.90 -11.38
CA SER M 322 -96.07 71.99 -10.86
C SER M 322 -95.26 73.27 -10.73
N ASP M 323 -95.94 74.32 -10.29
CA ASP M 323 -95.36 75.65 -10.12
C ASP M 323 -94.39 75.81 -8.93
N GLN M 324 -94.47 74.90 -7.95
CA GLN M 324 -93.63 74.93 -6.77
C GLN M 324 -92.16 74.75 -7.18
N GLU M 325 -91.93 73.82 -8.08
CA GLU M 325 -90.58 73.55 -8.54
C GLU M 325 -90.22 74.25 -9.86
N VAL M 326 -91.22 74.55 -10.70
CA VAL M 326 -90.94 75.18 -11.99
C VAL M 326 -89.88 76.26 -11.94
N GLU M 327 -89.79 76.97 -10.82
CA GLU M 327 -88.78 78.00 -10.67
C GLU M 327 -87.38 77.39 -10.62
N ASN M 328 -87.09 76.67 -9.55
CA ASN M 328 -85.79 76.00 -9.33
C ASN M 328 -85.39 75.06 -10.49
N LEU M 329 -86.37 74.40 -11.08
CA LEU M 329 -86.12 73.47 -12.19
C LEU M 329 -86.08 74.15 -13.56
N LEU M 330 -86.51 75.41 -13.62
CA LEU M 330 -86.47 76.13 -14.88
C LEU M 330 -85.04 76.62 -15.08
N LYS M 331 -84.42 77.06 -13.99
CA LYS M 331 -83.05 77.56 -13.95
C LYS M 331 -82.05 76.43 -14.17
N LEU M 332 -82.50 75.21 -13.89
CA LEU M 332 -81.65 74.05 -14.04
C LEU M 332 -81.54 73.49 -15.45
N PHE M 333 -82.63 73.45 -16.21
CA PHE M 333 -82.53 72.84 -17.54
C PHE M 333 -82.79 73.65 -18.78
N THR M 334 -82.61 74.95 -18.69
CA THR M 334 -82.82 75.78 -19.86
C THR M 334 -81.58 76.65 -20.03
N PHE M 335 -81.29 77.00 -21.28
CA PHE M 335 -80.14 77.86 -21.55
C PHE M 335 -80.65 79.30 -21.65
N MET M 336 -81.34 79.76 -20.61
CA MET M 336 -81.92 81.11 -20.59
C MET M 336 -81.40 81.99 -19.44
N PRO M 337 -80.95 83.22 -19.75
CA PRO M 337 -80.42 84.16 -18.75
C PRO M 337 -81.42 84.31 -17.63
N ILE M 338 -80.99 84.06 -16.39
CA ILE M 338 -81.90 84.17 -15.23
C ILE M 338 -82.64 85.48 -15.43
N SER M 339 -82.02 86.38 -16.19
CA SER M 339 -82.59 87.68 -16.51
C SER M 339 -83.96 87.46 -17.19
N GLU M 340 -83.93 86.77 -18.32
CA GLU M 340 -85.15 86.49 -19.06
C GLU M 340 -86.02 85.46 -18.34
N ILE M 341 -85.39 84.62 -17.50
CA ILE M 341 -86.12 83.59 -16.75
C ILE M 341 -87.21 84.19 -15.88
N THR M 342 -86.82 85.14 -15.02
CA THR M 342 -87.77 85.78 -14.12
C THR M 342 -88.85 86.51 -14.92
N LYS M 343 -88.59 86.74 -16.22
CA LYS M 343 -89.57 87.41 -17.10
C LYS M 343 -90.72 86.46 -17.49
N THR M 344 -90.35 85.21 -17.71
CA THR M 344 -91.30 84.18 -18.06
C THR M 344 -92.04 83.81 -16.77
N MET M 345 -91.28 83.69 -15.68
CA MET M 345 -91.83 83.35 -14.36
C MET M 345 -92.75 84.43 -13.78
N GLU M 346 -92.36 85.70 -13.94
CA GLU M 346 -93.15 86.84 -13.45
C GLU M 346 -94.45 86.98 -14.27
N GLU M 347 -94.45 86.35 -15.45
CA GLU M 347 -95.62 86.34 -16.34
C GLU M 347 -96.52 85.17 -15.95
N HIS M 348 -95.89 84.05 -15.69
CA HIS M 348 -96.61 82.86 -15.28
C HIS M 348 -97.36 83.07 -13.96
N ILE M 349 -96.67 83.60 -12.95
CA ILE M 349 -97.25 83.82 -11.61
C ILE M 349 -98.50 84.74 -11.55
N LYS M 350 -98.85 85.37 -12.67
CA LYS M 350 -100.02 86.23 -12.75
C LYS M 350 -101.14 85.46 -13.47
N ASP M 351 -100.94 84.15 -13.57
CA ASP M 351 -101.85 83.21 -14.20
C ASP M 351 -101.34 81.77 -14.04
N PRO M 352 -101.22 81.29 -12.78
CA PRO M 352 -100.75 79.94 -12.48
C PRO M 352 -101.51 78.85 -13.22
N SER M 353 -102.83 78.97 -13.20
CA SER M 353 -103.71 78.02 -13.85
C SER M 353 -103.36 77.68 -15.30
N LYS M 354 -103.21 78.71 -16.13
CA LYS M 354 -102.90 78.51 -17.53
C LYS M 354 -101.54 77.88 -17.74
N ARG M 355 -100.72 77.98 -16.70
CA ARG M 355 -99.36 77.44 -16.70
C ARG M 355 -98.51 77.80 -17.92
N VAL M 356 -98.26 79.10 -18.11
CA VAL M 356 -97.47 79.59 -19.22
C VAL M 356 -96.01 79.15 -19.05
N ALA M 357 -95.57 79.09 -17.79
CA ALA M 357 -94.21 78.71 -17.41
C ALA M 357 -93.94 77.23 -17.60
N GLN M 358 -94.95 76.40 -17.35
CA GLN M 358 -94.77 74.97 -17.49
C GLN M 358 -94.78 74.57 -18.97
N HIS M 359 -95.60 75.26 -19.78
CA HIS M 359 -95.67 74.96 -21.21
C HIS M 359 -94.39 75.40 -21.94
N THR M 360 -93.78 76.46 -21.44
CA THR M 360 -92.55 76.98 -22.01
C THR M 360 -91.33 76.13 -21.58
N LEU M 361 -91.05 76.00 -20.28
CA LEU M 361 -89.91 75.19 -19.82
C LEU M 361 -89.88 73.83 -20.47
N ALA M 362 -91.05 73.21 -20.65
CA ALA M 362 -91.08 71.91 -21.29
C ALA M 362 -90.62 72.08 -22.73
N ARG M 363 -91.28 72.94 -23.50
CA ARG M 363 -90.88 73.15 -24.89
C ARG M 363 -89.40 73.44 -25.06
N GLU M 364 -88.83 74.21 -24.15
CA GLU M 364 -87.41 74.55 -24.22
C GLU M 364 -86.48 73.33 -24.17
N VAL M 365 -86.62 72.49 -23.14
CA VAL M 365 -85.75 71.31 -23.00
C VAL M 365 -85.98 70.24 -24.09
N VAL M 366 -87.18 70.20 -24.66
CA VAL M 366 -87.50 69.23 -25.72
C VAL M 366 -86.73 69.63 -26.96
N THR M 367 -86.50 70.93 -27.09
CA THR M 367 -85.76 71.46 -28.22
C THR M 367 -84.33 70.93 -28.11
N LEU M 368 -83.61 71.43 -27.12
CA LEU M 368 -82.23 71.03 -26.89
C LEU M 368 -81.97 69.56 -27.18
N VAL M 369 -82.81 68.68 -26.65
CA VAL M 369 -82.59 67.26 -26.87
C VAL M 369 -83.20 66.74 -28.18
N HIS M 370 -84.37 67.27 -28.54
CA HIS M 370 -85.06 66.81 -29.77
C HIS M 370 -85.22 67.88 -30.88
N GLY M 371 -84.47 68.97 -30.80
CA GLY M 371 -84.56 70.00 -31.82
C GLY M 371 -85.90 70.73 -31.89
N LYS M 372 -85.84 71.99 -32.28
CA LYS M 372 -87.03 72.84 -32.39
C LYS M 372 -88.19 72.33 -33.26
N GLN M 373 -87.86 71.97 -34.50
CA GLN M 373 -88.85 71.49 -35.46
C GLN M 373 -89.88 70.58 -34.80
N GLU M 374 -89.39 69.51 -34.20
CA GLU M 374 -90.25 68.55 -33.52
C GLU M 374 -90.85 69.19 -32.27
N ALA M 375 -89.99 69.44 -31.27
CA ALA M 375 -90.39 70.03 -29.99
C ALA M 375 -91.54 71.02 -30.10
N SER M 376 -91.63 71.70 -31.25
CA SER M 376 -92.68 72.67 -31.48
C SER M 376 -93.97 71.93 -31.80
N ALA M 377 -93.88 70.93 -32.67
CA ALA M 377 -95.04 70.13 -33.04
C ALA M 377 -95.54 69.35 -31.82
N ALA M 378 -94.61 68.92 -30.98
CA ALA M 378 -94.92 68.17 -29.76
C ALA M 378 -95.73 68.99 -28.76
N GLU M 379 -95.65 70.31 -28.90
CA GLU M 379 -96.39 71.22 -28.03
C GLU M 379 -97.85 71.19 -28.49
N ASP M 380 -98.05 71.13 -29.81
CA ASP M 380 -99.38 71.09 -30.40
C ASP M 380 -100.16 69.91 -29.84
N GLN M 381 -99.51 68.76 -29.79
CA GLN M 381 -100.15 67.58 -29.27
C GLN M 381 -100.64 67.83 -27.83
N HIS M 382 -99.70 67.97 -26.90
CA HIS M 382 -100.03 68.16 -25.47
C HIS M 382 -100.82 69.45 -25.08
N ARG M 383 -100.91 70.42 -25.98
CA ARG M 383 -101.64 71.66 -25.69
C ARG M 383 -102.98 71.64 -26.49
N MET M 384 -103.43 70.45 -26.88
CA MET M 384 -104.61 70.24 -27.73
C MET M 384 -105.90 69.70 -27.06
N MET M 385 -106.96 69.39 -27.83
CA MET M 385 -108.23 68.82 -27.31
C MET M 385 -109.50 69.70 -27.52
N PRO N 8 -45.74 14.04 -38.73
CA PRO N 8 -44.34 14.49 -38.76
C PRO N 8 -43.50 13.77 -37.72
N LYS N 9 -42.19 13.69 -37.97
CA LYS N 9 -41.29 13.02 -37.05
C LYS N 9 -41.38 13.62 -35.66
N TYR N 10 -41.18 14.94 -35.57
CA TYR N 10 -41.25 15.65 -34.30
C TYR N 10 -42.42 15.07 -33.52
N THR N 11 -43.52 14.86 -34.24
CA THR N 11 -44.74 14.30 -33.67
C THR N 11 -44.39 12.99 -32.95
N ALA N 12 -43.91 12.02 -33.70
CA ALA N 12 -43.55 10.74 -33.13
C ALA N 12 -42.66 10.90 -31.90
N LYS N 13 -41.81 11.92 -31.91
CA LYS N 13 -40.91 12.15 -30.79
C LYS N 13 -41.65 12.39 -29.48
N ILE N 14 -42.50 13.40 -29.47
CA ILE N 14 -43.25 13.70 -28.25
C ILE N 14 -43.94 12.42 -27.79
N ASN N 15 -44.31 11.58 -28.75
CA ASN N 15 -44.99 10.34 -28.42
C ASN N 15 -44.07 9.37 -27.67
N GLU N 16 -42.83 9.30 -28.12
CA GLU N 16 -41.85 8.42 -27.52
C GLU N 16 -41.84 8.58 -26.02
N ALA N 17 -41.32 9.73 -25.59
CA ALA N 17 -41.22 10.05 -24.17
C ALA N 17 -42.52 9.78 -23.46
N GLU N 18 -43.60 9.96 -24.19
CA GLU N 18 -44.93 9.74 -23.64
C GLU N 18 -45.09 8.32 -23.15
N GLU N 19 -44.88 7.39 -24.07
CA GLU N 19 -44.98 5.98 -23.79
C GLU N 19 -44.17 5.60 -22.57
N ASN N 20 -42.89 5.97 -22.58
CA ASN N 20 -42.00 5.68 -21.46
C ASN N 20 -42.62 6.14 -20.17
N TRP N 21 -43.14 7.37 -20.17
CA TRP N 21 -43.76 7.94 -18.98
C TRP N 21 -44.74 6.98 -18.36
N GLN N 22 -45.42 6.20 -19.21
CA GLN N 22 -46.38 5.23 -18.72
C GLN N 22 -45.66 4.05 -18.08
N ALA N 23 -44.54 3.66 -18.67
CA ALA N 23 -43.75 2.54 -18.14
C ALA N 23 -43.37 2.89 -16.73
N ARG N 24 -42.97 4.15 -16.53
CA ARG N 24 -42.57 4.65 -15.22
C ARG N 24 -43.78 4.87 -14.32
N ALA N 25 -44.91 5.22 -14.92
CA ALA N 25 -46.14 5.43 -14.19
C ALA N 25 -46.50 4.12 -13.51
N GLU N 26 -46.19 3.03 -14.20
CA GLU N 26 -46.44 1.68 -13.73
C GLU N 26 -45.51 1.28 -12.58
N ALA N 27 -44.23 1.57 -12.72
CA ALA N 27 -43.24 1.22 -11.70
C ALA N 27 -43.69 1.67 -10.33
N ILE N 28 -44.25 2.88 -10.27
CA ILE N 28 -44.73 3.39 -9.00
C ILE N 28 -45.98 2.57 -8.64
N LYS N 29 -46.79 2.28 -9.66
CA LYS N 29 -48.02 1.52 -9.48
C LYS N 29 -47.76 0.08 -9.04
N LYS N 30 -46.55 -0.41 -9.26
CA LYS N 30 -46.23 -1.77 -8.84
C LYS N 30 -44.97 -1.78 -8.02
N GLY N 31 -44.70 -0.66 -7.35
CA GLY N 31 -43.53 -0.55 -6.51
C GLY N 31 -42.21 -0.91 -7.16
N LYS N 32 -41.58 0.08 -7.80
CA LYS N 32 -40.30 -0.12 -8.46
C LYS N 32 -39.46 1.16 -8.50
N LYS N 33 -40.13 2.32 -8.47
CA LYS N 33 -39.40 3.58 -8.44
C LYS N 33 -40.25 4.56 -7.65
N GLN N 34 -39.62 5.21 -6.68
CA GLN N 34 -40.32 6.16 -5.83
C GLN N 34 -41.00 7.25 -6.64
N ASN N 35 -42.28 7.50 -6.37
CA ASN N 35 -42.97 8.55 -7.09
C ASN N 35 -42.32 9.86 -6.67
N THR N 36 -42.00 10.68 -7.67
CA THR N 36 -41.37 11.98 -7.47
C THR N 36 -41.84 12.66 -6.18
N TRP N 37 -43.16 12.68 -6.00
CA TRP N 37 -43.77 13.31 -4.83
C TRP N 37 -43.44 12.61 -3.52
N ASP N 38 -43.20 11.31 -3.59
CA ASP N 38 -42.85 10.61 -2.38
C ASP N 38 -41.43 11.03 -2.08
N LEU N 39 -40.61 11.14 -3.12
CA LEU N 39 -39.23 11.55 -2.94
C LEU N 39 -39.23 12.95 -2.36
N PHE N 40 -40.31 13.66 -2.59
CA PHE N 40 -40.47 15.02 -2.08
C PHE N 40 -40.68 15.06 -0.57
N GLU N 41 -41.82 14.51 -0.15
CA GLU N 41 -42.16 14.48 1.26
C GLU N 41 -41.13 13.69 2.04
N GLU N 42 -40.46 12.79 1.33
CA GLU N 42 -39.45 11.94 1.93
C GLU N 42 -38.16 12.69 2.28
N ARG N 43 -37.59 13.39 1.30
CA ARG N 43 -36.36 14.15 1.52
C ARG N 43 -36.70 15.43 2.29
N GLY N 44 -37.92 15.45 2.82
CA GLY N 44 -38.42 16.56 3.61
C GLY N 44 -38.45 17.90 2.90
N TYR N 45 -38.96 17.90 1.69
CA TYR N 45 -39.03 19.15 0.96
C TYR N 45 -40.38 19.77 1.23
N VAL N 46 -41.30 18.95 1.75
CA VAL N 46 -42.64 19.46 1.98
C VAL N 46 -43.03 19.78 3.40
N LYS N 47 -43.71 20.92 3.56
CA LYS N 47 -44.20 21.37 4.86
C LYS N 47 -45.71 21.61 4.76
N ASP N 48 -46.17 22.24 3.68
CA ASP N 48 -47.61 22.47 3.48
C ASP N 48 -48.02 22.08 2.04
N THR N 49 -49.33 21.91 1.81
CA THR N 49 -49.79 21.54 0.47
C THR N 49 -51.14 22.10 0.10
N ALA N 50 -51.29 22.40 -1.18
CA ALA N 50 -52.54 22.91 -1.73
C ALA N 50 -53.00 21.86 -2.71
N GLY N 51 -53.88 20.99 -2.22
CA GLY N 51 -54.41 19.89 -3.02
C GLY N 51 -54.28 18.63 -2.19
N THR N 52 -54.86 17.53 -2.64
CA THR N 52 -54.80 16.27 -1.88
C THR N 52 -53.41 15.64 -1.93
N LYS N 53 -52.94 15.22 -0.77
CA LYS N 53 -51.65 14.59 -0.72
C LYS N 53 -51.63 13.48 -1.79
N GLU N 54 -52.72 12.72 -1.92
CA GLU N 54 -52.78 11.63 -2.93
C GLU N 54 -53.03 12.20 -4.32
N HIS N 55 -53.69 13.34 -4.35
CA HIS N 55 -54.00 14.03 -5.59
C HIS N 55 -52.68 14.30 -6.30
N ILE N 56 -51.86 15.14 -5.68
CA ILE N 56 -50.57 15.51 -6.24
C ILE N 56 -49.75 14.28 -6.57
N ALA N 57 -49.96 13.22 -5.80
CA ALA N 57 -49.25 11.96 -6.02
C ALA N 57 -49.58 11.42 -7.40
N GLU N 58 -50.83 10.99 -7.56
CA GLU N 58 -51.27 10.43 -8.83
C GLU N 58 -50.88 11.30 -10.03
N LEU N 59 -51.13 12.60 -9.92
CA LEU N 59 -50.82 13.53 -10.98
C LEU N 59 -49.36 13.40 -11.40
N MET N 60 -48.47 13.23 -10.43
CA MET N 60 -47.05 13.10 -10.78
C MET N 60 -46.70 11.74 -11.34
N ARG N 61 -47.64 10.80 -11.25
CA ARG N 61 -47.41 9.45 -11.78
C ARG N 61 -47.79 9.34 -13.25
N THR N 62 -48.80 10.09 -13.66
CA THR N 62 -49.28 10.05 -15.04
C THR N 62 -49.15 11.35 -15.81
N ARG N 63 -48.24 12.23 -15.39
CA ARG N 63 -48.10 13.49 -16.10
C ARG N 63 -46.77 14.18 -15.88
N ARG N 64 -46.08 14.41 -17.00
CA ARG N 64 -44.77 15.09 -17.01
C ARG N 64 -45.03 16.58 -16.75
N ILE N 65 -45.93 16.85 -15.82
CA ILE N 65 -46.31 18.21 -15.47
C ILE N 65 -45.18 19.20 -15.43
N GLY N 66 -45.57 20.47 -15.41
CA GLY N 66 -44.59 21.54 -15.34
C GLY N 66 -44.76 22.26 -14.01
N ALA N 67 -43.64 22.66 -13.42
CA ALA N 67 -43.66 23.36 -12.15
C ALA N 67 -42.58 24.44 -12.15
N TYR N 68 -42.84 25.52 -11.42
CA TYR N 68 -41.87 26.59 -11.38
C TYR N 68 -41.60 27.15 -9.99
N VAL N 69 -40.56 27.97 -9.89
CA VAL N 69 -40.16 28.59 -8.63
C VAL N 69 -39.98 30.08 -8.85
N GLY N 70 -40.82 30.89 -8.21
CA GLY N 70 -40.74 32.35 -8.36
C GLY N 70 -39.66 33.05 -7.57
N ILE N 71 -38.92 33.96 -8.22
CA ILE N 71 -37.84 34.71 -7.57
C ILE N 71 -37.70 36.18 -7.99
N ASP N 72 -38.10 37.07 -7.09
CA ASP N 72 -38.02 38.51 -7.34
C ASP N 72 -36.60 39.00 -7.15
N PRO N 73 -36.07 39.68 -8.18
CA PRO N 73 -34.71 40.25 -8.20
C PRO N 73 -34.61 41.57 -7.44
N THR N 74 -34.82 41.49 -6.13
CA THR N 74 -34.76 42.66 -5.29
C THR N 74 -33.38 42.80 -4.72
N ALA N 75 -32.57 41.78 -4.90
CA ALA N 75 -31.21 41.81 -4.39
C ALA N 75 -30.24 41.47 -5.51
N PRO N 76 -28.97 41.88 -5.38
CA PRO N 76 -27.94 41.62 -6.39
C PRO N 76 -27.34 40.22 -6.30
N SER N 77 -28.07 39.30 -5.69
CA SER N 77 -27.58 37.92 -5.57
C SER N 77 -28.55 37.01 -4.83
N LEU N 78 -28.66 35.78 -5.32
CA LEU N 78 -29.53 34.82 -4.70
C LEU N 78 -28.82 34.33 -3.47
N HIS N 79 -29.53 34.39 -2.35
CA HIS N 79 -28.98 33.96 -1.08
C HIS N 79 -29.31 32.49 -0.89
N VAL N 80 -28.43 31.78 -0.19
CA VAL N 80 -28.57 30.35 0.06
C VAL N 80 -29.99 29.91 0.34
N GLY N 81 -30.82 30.84 0.79
CA GLY N 81 -32.19 30.48 1.08
C GLY N 81 -32.95 30.04 -0.15
N HIS N 82 -32.72 30.74 -1.25
CA HIS N 82 -33.38 30.45 -2.51
C HIS N 82 -33.11 29.03 -3.02
N LEU N 83 -32.13 28.35 -2.44
CA LEU N 83 -31.78 27.01 -2.87
C LEU N 83 -32.90 26.02 -2.59
N LEU N 84 -33.13 25.78 -1.31
CA LEU N 84 -34.13 24.83 -0.87
C LEU N 84 -35.32 24.74 -1.77
N PRO N 85 -36.03 25.85 -1.95
CA PRO N 85 -37.21 25.83 -2.82
C PRO N 85 -36.91 25.32 -4.22
N LEU N 86 -35.78 25.73 -4.77
CA LEU N 86 -35.39 25.31 -6.11
C LEU N 86 -35.02 23.83 -6.12
N MET N 87 -34.31 23.40 -5.07
CA MET N 87 -33.85 22.03 -4.94
C MET N 87 -34.81 20.96 -5.45
N PRO N 88 -36.00 20.87 -4.85
CA PRO N 88 -36.92 19.85 -5.33
C PRO N 88 -37.16 20.01 -6.82
N LEU N 89 -37.36 21.24 -7.26
CA LEU N 89 -37.59 21.50 -8.68
C LEU N 89 -36.52 20.74 -9.46
N PHE N 90 -35.26 21.07 -9.19
CA PHE N 90 -34.14 20.41 -9.86
C PHE N 90 -34.39 18.91 -9.92
N TRP N 91 -34.69 18.33 -8.77
CA TRP N 91 -34.96 16.91 -8.75
C TRP N 91 -35.96 16.53 -9.83
N MET N 92 -37.12 17.17 -9.84
CA MET N 92 -38.10 16.86 -10.86
C MET N 92 -37.45 16.83 -12.23
N TYR N 93 -36.67 17.87 -12.54
CA TYR N 93 -35.97 17.94 -13.82
C TYR N 93 -35.17 16.67 -13.98
N LEU N 94 -34.51 16.26 -12.89
CA LEU N 94 -33.71 15.05 -12.94
C LEU N 94 -34.54 13.84 -13.28
N GLU N 95 -35.68 13.69 -12.61
CA GLU N 95 -36.54 12.56 -12.88
C GLU N 95 -37.15 12.62 -14.29
N GLY N 96 -37.12 13.80 -14.90
CA GLY N 96 -37.66 13.93 -16.24
C GLY N 96 -38.97 14.68 -16.37
N TYR N 97 -39.01 15.89 -15.82
CA TYR N 97 -40.22 16.69 -15.88
C TYR N 97 -40.03 17.98 -16.66
N LYS N 98 -40.98 18.88 -16.48
CA LYS N 98 -40.94 20.19 -17.11
C LYS N 98 -40.78 21.14 -15.96
N ALA N 99 -39.59 21.68 -15.78
CA ALA N 99 -39.35 22.61 -14.69
C ALA N 99 -38.90 23.98 -15.15
N PHE N 100 -39.26 24.98 -14.37
CA PHE N 100 -38.90 26.33 -14.72
C PHE N 100 -38.60 27.16 -13.49
N THR N 101 -37.95 28.27 -13.75
CA THR N 101 -37.62 29.23 -12.74
C THR N 101 -38.09 30.53 -13.37
N LEU N 102 -38.90 31.25 -12.61
CA LEU N 102 -39.49 32.50 -13.06
C LEU N 102 -38.79 33.69 -12.45
N ILE N 103 -38.45 34.69 -13.25
CA ILE N 103 -37.79 35.87 -12.69
C ILE N 103 -38.79 36.99 -12.60
N GLY N 104 -38.87 37.62 -11.44
CA GLY N 104 -39.82 38.70 -11.25
C GLY N 104 -39.36 40.09 -11.63
N GLY N 105 -38.57 40.17 -12.69
CA GLY N 105 -38.04 41.43 -13.17
C GLY N 105 -38.95 42.65 -13.24
N SER N 106 -40.24 42.46 -12.93
CA SER N 106 -41.18 43.57 -12.94
C SER N 106 -41.88 43.61 -11.61
N THR N 107 -42.10 42.43 -11.02
CA THR N 107 -42.76 42.37 -9.73
C THR N 107 -41.92 42.93 -8.59
N ALA N 108 -40.65 43.20 -8.87
CA ALA N 108 -39.74 43.75 -7.87
C ALA N 108 -40.25 45.12 -7.42
N LYS N 109 -40.83 45.88 -8.34
CA LYS N 109 -41.35 47.20 -8.01
C LYS N 109 -42.59 47.04 -7.17
N ILE N 110 -42.75 45.84 -6.60
CA ILE N 110 -43.89 45.52 -5.78
C ILE N 110 -43.51 44.63 -4.59
N GLY N 111 -42.98 43.45 -4.89
CA GLY N 111 -42.56 42.55 -3.84
C GLY N 111 -43.65 41.92 -2.98
N ASP N 112 -43.37 40.72 -2.51
CA ASP N 112 -44.32 40.01 -1.68
C ASP N 112 -44.52 40.72 -0.37
N PRO N 113 -45.76 41.09 -0.07
CA PRO N 113 -46.02 41.76 1.19
C PRO N 113 -46.18 40.72 2.32
N THR N 114 -45.45 40.96 3.41
CA THR N 114 -45.47 40.06 4.56
C THR N 114 -44.80 40.67 5.82
N GLY N 115 -45.54 41.53 6.55
CA GLY N 115 -45.00 42.14 7.75
C GLY N 115 -45.26 43.63 7.85
N ASP N 127 -30.47 50.77 -12.59
CA ASP N 127 -30.28 50.52 -11.17
C ASP N 127 -30.76 49.11 -10.81
N ALA N 128 -31.85 49.05 -10.07
CA ALA N 128 -32.43 47.79 -9.66
C ALA N 128 -32.53 46.90 -10.88
N THR N 129 -32.42 47.53 -12.05
CA THR N 129 -32.50 46.85 -13.32
C THR N 129 -31.43 45.80 -13.43
N MET N 130 -30.22 46.19 -13.06
CA MET N 130 -29.14 45.24 -13.14
C MET N 130 -29.24 44.24 -12.01
N ASN N 131 -29.89 44.64 -10.92
CA ASN N 131 -30.07 43.72 -9.80
C ASN N 131 -30.54 42.43 -10.42
N MET N 132 -31.60 42.56 -11.19
CA MET N 132 -32.17 41.44 -11.90
C MET N 132 -31.11 40.78 -12.78
N THR N 133 -30.53 41.55 -13.72
CA THR N 133 -29.52 41.01 -14.61
C THR N 133 -28.65 40.04 -13.87
N LYS N 134 -28.10 40.48 -12.75
CA LYS N 134 -27.26 39.61 -11.94
C LYS N 134 -27.93 38.24 -11.79
N ILE N 135 -29.11 38.18 -11.18
CA ILE N 135 -29.78 36.89 -11.01
C ILE N 135 -29.93 36.06 -12.29
N HIS N 136 -30.23 36.73 -13.41
CA HIS N 136 -30.39 36.04 -14.68
C HIS N 136 -29.14 35.13 -14.83
N TYR N 137 -28.02 35.72 -15.25
CA TYR N 137 -26.72 35.02 -15.41
C TYR N 137 -26.67 33.92 -14.33
N GLN N 138 -27.11 34.25 -13.11
CA GLN N 138 -27.09 33.29 -12.02
C GLN N 138 -27.86 32.02 -12.41
N LEU N 139 -29.14 31.99 -12.11
CA LEU N 139 -29.98 30.86 -12.42
C LEU N 139 -29.41 30.03 -13.58
N LYS N 140 -29.01 30.71 -14.64
CA LYS N 140 -28.45 30.01 -15.79
C LYS N 140 -27.31 29.12 -15.32
N LYS N 141 -26.13 29.72 -15.12
CA LYS N 141 -24.92 29.04 -14.67
C LYS N 141 -25.33 27.90 -13.71
N LEU N 142 -26.20 28.21 -12.76
CA LEU N 142 -26.65 27.20 -11.80
C LEU N 142 -27.27 26.03 -12.54
N TRP N 143 -28.32 26.32 -13.29
CA TRP N 143 -29.01 25.31 -14.04
C TRP N 143 -27.96 24.42 -14.65
N GLU N 144 -27.01 25.06 -15.32
CA GLU N 144 -25.93 24.34 -15.97
C GLU N 144 -25.37 23.20 -15.13
N ASN N 145 -24.97 23.50 -13.90
CA ASN N 145 -24.43 22.49 -13.01
C ASN N 145 -25.46 21.44 -12.66
N VAL N 146 -26.70 21.87 -12.45
CA VAL N 146 -27.78 20.95 -12.12
C VAL N 146 -27.77 19.91 -13.24
N ASP N 147 -27.89 20.41 -14.47
CA ASP N 147 -27.87 19.55 -15.64
C ASP N 147 -26.58 18.74 -15.54
N THR N 148 -25.48 19.45 -15.28
CA THR N 148 -24.20 18.83 -15.16
C THR N 148 -24.26 17.61 -14.23
N GLN N 149 -24.37 17.84 -12.93
CA GLN N 149 -24.46 16.72 -12.01
C GLN N 149 -25.43 15.65 -12.53
N MET N 150 -26.56 16.07 -13.08
CA MET N 150 -27.56 15.12 -13.58
C MET N 150 -26.93 13.94 -14.30
N ARG N 151 -26.52 14.17 -15.54
CA ARG N 151 -25.90 13.13 -16.35
C ARG N 151 -24.65 12.64 -15.64
N ALA N 152 -24.08 13.55 -14.86
CA ALA N 152 -22.88 13.24 -14.13
C ALA N 152 -23.08 11.96 -13.31
N ARG N 153 -24.29 11.71 -12.86
CA ARG N 153 -24.54 10.51 -12.07
C ARG N 153 -25.66 9.59 -12.52
N GLY N 154 -25.38 8.82 -13.58
CA GLY N 154 -26.32 7.87 -14.13
C GLY N 154 -27.73 8.35 -14.41
N TYR N 155 -27.87 9.57 -14.92
CA TYR N 155 -29.19 10.16 -15.27
C TYR N 155 -29.39 10.19 -16.76
N GLU N 156 -30.23 9.31 -17.30
CA GLU N 156 -30.47 9.29 -18.75
C GLU N 156 -31.42 10.35 -19.24
N ALA N 157 -30.89 11.24 -20.06
CA ALA N 157 -31.67 12.34 -20.62
C ALA N 157 -32.96 11.84 -21.24
N ASP N 158 -33.91 12.75 -21.31
CA ASP N 158 -35.22 12.47 -21.85
C ASP N 158 -35.62 13.58 -22.81
N TRP N 159 -36.09 13.19 -23.98
CA TRP N 159 -36.51 14.15 -24.98
C TRP N 159 -37.42 15.22 -24.35
N ALA N 160 -38.45 14.76 -23.64
CA ALA N 160 -39.45 15.62 -22.99
C ALA N 160 -39.00 16.41 -21.77
N ARG N 161 -37.94 15.95 -21.13
CA ARG N 161 -37.39 16.63 -19.97
C ARG N 161 -36.92 17.99 -20.44
N LYS N 162 -37.45 19.07 -19.85
CA LYS N 162 -36.99 20.38 -20.27
C LYS N 162 -36.96 21.32 -19.09
N ARG N 163 -36.01 22.24 -19.13
CA ARG N 163 -35.83 23.23 -18.09
C ARG N 163 -36.01 24.59 -18.76
N GLY N 164 -35.78 25.66 -18.01
CA GLY N 164 -35.91 26.96 -18.62
C GLY N 164 -36.23 28.09 -17.67
N ILE N 165 -35.87 29.30 -18.09
CA ILE N 165 -36.10 30.49 -17.31
C ILE N 165 -37.00 31.47 -18.06
N VAL N 166 -37.83 32.19 -17.32
CA VAL N 166 -38.68 33.16 -17.95
C VAL N 166 -38.93 34.37 -17.11
N ASN N 167 -38.72 35.51 -17.74
CA ASN N 167 -38.86 36.81 -17.13
C ASN N 167 -40.33 37.08 -16.94
N ASN N 168 -40.70 37.73 -15.84
CA ASN N 168 -42.11 38.03 -15.62
C ASN N 168 -42.55 39.26 -16.42
N ASN N 169 -41.62 40.17 -16.68
CA ASN N 169 -41.93 41.37 -17.47
C ASN N 169 -42.29 40.88 -18.86
N HIS N 170 -41.69 39.75 -19.23
CA HIS N 170 -41.90 39.10 -20.53
C HIS N 170 -43.30 39.36 -21.03
N TRP N 171 -44.25 39.38 -20.10
CA TRP N 171 -45.63 39.61 -20.45
C TRP N 171 -46.18 40.91 -19.87
N TRP N 172 -45.97 41.10 -18.56
CA TRP N 172 -46.48 42.28 -17.85
C TRP N 172 -46.14 43.56 -18.57
N ASN N 173 -45.00 43.53 -19.25
CA ASN N 173 -44.52 44.67 -20.00
C ASN N 173 -45.64 45.40 -20.72
N LYS N 174 -46.58 44.62 -21.26
CA LYS N 174 -47.71 45.19 -21.99
C LYS N 174 -49.05 44.49 -21.71
N GLN N 175 -49.21 43.88 -20.54
CA GLN N 175 -50.47 43.20 -20.23
C GLN N 175 -51.63 44.15 -20.06
N PRO N 176 -52.67 44.02 -20.91
CA PRO N 176 -53.87 44.85 -20.86
C PRO N 176 -54.59 44.76 -19.54
N MET N 177 -54.81 45.90 -18.90
CA MET N 177 -55.51 45.95 -17.62
C MET N 177 -56.91 45.37 -17.75
N LEU N 178 -57.67 45.92 -18.70
CA LEU N 178 -59.05 45.49 -18.95
C LEU N 178 -59.21 43.99 -18.87
N GLU N 179 -58.66 43.30 -19.86
CA GLU N 179 -58.74 41.84 -19.92
C GLU N 179 -58.50 41.19 -18.57
N VAL N 180 -57.28 41.29 -18.08
CA VAL N 180 -56.90 40.73 -16.79
C VAL N 180 -58.08 40.89 -15.83
N LEU N 181 -58.33 42.13 -15.45
CA LEU N 181 -59.41 42.47 -14.56
C LEU N 181 -60.66 41.63 -14.83
N ARG N 182 -60.99 41.44 -16.10
CA ARG N 182 -62.19 40.66 -16.44
C ARG N 182 -61.92 39.17 -16.35
N ARG N 183 -60.89 38.71 -17.05
CA ARG N 183 -60.51 37.30 -17.07
C ARG N 183 -60.40 36.67 -15.68
N VAL N 184 -60.67 37.42 -14.62
CA VAL N 184 -60.58 36.83 -13.30
C VAL N 184 -61.21 37.67 -12.21
N GLY N 185 -61.27 38.97 -12.43
CA GLY N 185 -61.85 39.85 -11.42
C GLY N 185 -63.30 39.61 -11.11
N HIS N 186 -64.04 39.16 -12.12
CA HIS N 186 -65.46 38.91 -11.96
C HIS N 186 -65.77 37.75 -11.04
N ALA N 187 -64.74 37.00 -10.67
CA ALA N 187 -64.92 35.85 -9.80
C ALA N 187 -64.11 35.94 -8.51
N LEU N 188 -63.42 37.05 -8.31
CA LEU N 188 -62.61 37.24 -7.11
C LEU N 188 -63.20 38.31 -6.21
N ARG N 189 -63.35 37.97 -4.93
CA ARG N 189 -63.90 38.86 -3.93
C ARG N 189 -62.76 39.43 -3.07
N ILE N 190 -62.76 40.75 -2.83
CA ILE N 190 -61.70 41.35 -2.03
C ILE N 190 -61.82 40.90 -0.59
N GLY N 191 -62.90 40.19 -0.29
CA GLY N 191 -63.11 39.70 1.06
C GLY N 191 -61.99 38.80 1.53
N PRO N 192 -62.09 37.48 1.28
CA PRO N 192 -61.05 36.52 1.68
C PRO N 192 -59.67 36.92 1.18
N MET N 193 -59.63 37.68 0.09
CA MET N 193 -58.37 38.15 -0.49
C MET N 193 -57.71 39.13 0.52
N LEU N 194 -58.52 39.65 1.44
CA LEU N 194 -58.06 40.58 2.48
C LEU N 194 -58.12 39.89 3.85
N SER N 195 -58.76 38.73 3.89
CA SER N 195 -58.88 37.97 5.12
C SER N 195 -57.62 37.18 5.39
N ARG N 196 -56.76 37.12 4.38
CA ARG N 196 -55.49 36.40 4.52
C ARG N 196 -54.81 37.17 5.63
N ASP N 197 -54.28 36.45 6.61
CA ASP N 197 -53.64 37.14 7.73
C ASP N 197 -52.50 38.05 7.25
N THR N 198 -51.66 37.50 6.39
CA THR N 198 -50.53 38.21 5.81
C THR N 198 -50.89 39.71 5.65
N VAL N 199 -52.15 39.96 5.29
CA VAL N 199 -52.72 41.29 5.07
C VAL N 199 -53.15 41.99 6.34
N LYS N 200 -54.24 41.50 6.91
CA LYS N 200 -54.82 42.03 8.13
C LYS N 200 -53.75 42.60 9.03
N ASN N 201 -52.64 41.89 9.15
CA ASN N 201 -51.56 42.39 9.97
C ASN N 201 -50.95 43.60 9.29
N LYS N 202 -50.61 43.45 8.01
CA LYS N 202 -50.00 44.54 7.25
C LYS N 202 -50.96 45.73 7.16
N MET N 203 -51.86 45.83 8.12
CA MET N 203 -52.83 46.93 8.17
C MET N 203 -53.09 47.37 9.60
N THR N 204 -53.48 46.42 10.44
CA THR N 204 -53.75 46.69 11.84
C THR N 204 -52.41 46.99 12.47
N GLN N 205 -51.64 45.93 12.66
CA GLN N 205 -50.32 46.08 13.22
C GLN N 205 -49.49 46.79 12.16
N GLY N 206 -48.41 47.43 12.60
CA GLY N 206 -47.54 48.12 11.68
C GLY N 206 -48.20 49.22 10.87
N ASP N 207 -47.89 49.23 9.58
CA ASP N 207 -48.40 50.24 8.65
C ASP N 207 -49.66 49.86 7.90
N GLY N 208 -49.74 50.32 6.65
CA GLY N 208 -50.89 50.04 5.82
C GLY N 208 -50.53 49.22 4.59
N VAL N 209 -51.54 48.79 3.85
CA VAL N 209 -51.32 48.00 2.65
C VAL N 209 -51.81 48.69 1.37
N SER N 210 -50.84 49.12 0.56
CA SER N 210 -51.09 49.81 -0.70
C SER N 210 -51.89 48.98 -1.71
N PHE N 211 -52.38 49.63 -2.76
CA PHE N 211 -53.16 48.95 -3.77
C PHE N 211 -52.23 48.05 -4.54
N ALA N 212 -51.06 48.60 -4.81
CA ALA N 212 -50.06 47.86 -5.51
C ALA N 212 -49.89 46.51 -4.81
N GLU N 213 -49.11 46.50 -3.73
CA GLU N 213 -48.83 45.27 -2.96
C GLU N 213 -50.04 44.37 -2.79
N PHE N 214 -51.22 44.96 -2.65
CA PHE N 214 -52.44 44.17 -2.50
C PHE N 214 -52.55 43.26 -3.71
N THR N 215 -52.17 43.80 -4.86
CA THR N 215 -52.25 43.05 -6.11
C THR N 215 -51.16 41.99 -6.34
N TYR N 216 -50.04 42.09 -5.61
CA TYR N 216 -48.96 41.10 -5.77
C TYR N 216 -49.51 39.66 -5.76
N PRO N 217 -50.36 39.32 -4.77
CA PRO N 217 -50.88 37.94 -4.75
C PRO N 217 -51.55 37.54 -6.06
N ILE N 218 -52.32 38.46 -6.64
CA ILE N 218 -53.02 38.22 -7.91
C ILE N 218 -51.99 38.01 -9.00
N MET N 219 -51.07 38.95 -9.11
CA MET N 219 -50.02 38.87 -10.10
C MET N 219 -49.43 37.47 -10.13
N GLN N 220 -48.73 37.10 -9.06
CA GLN N 220 -48.07 35.77 -8.95
C GLN N 220 -49.02 34.67 -9.34
N GLY N 221 -50.31 34.98 -9.25
CA GLY N 221 -51.31 34.03 -9.63
C GLY N 221 -51.37 34.00 -11.15
N TRP N 222 -51.41 35.19 -11.74
CA TRP N 222 -51.47 35.29 -13.18
C TRP N 222 -50.23 34.64 -13.76
N ASP N 223 -49.08 35.00 -13.24
CA ASP N 223 -47.83 34.42 -13.70
C ASP N 223 -48.06 32.95 -13.94
N TRP N 224 -48.53 32.28 -12.90
CA TRP N 224 -48.79 30.85 -12.95
C TRP N 224 -49.59 30.57 -14.23
N PHE N 225 -50.75 31.19 -14.33
CA PHE N 225 -51.60 31.01 -15.49
C PHE N 225 -50.74 30.99 -16.74
N GLU N 226 -49.95 32.05 -16.92
CA GLU N 226 -49.05 32.17 -18.06
C GLU N 226 -48.35 30.84 -18.26
N LEU N 227 -47.48 30.53 -17.32
CA LEU N 227 -46.73 29.29 -17.37
C LEU N 227 -47.57 28.08 -17.72
N PHE N 228 -48.78 28.02 -17.18
CA PHE N 228 -49.64 26.88 -17.46
C PHE N 228 -50.03 26.88 -18.93
N TYR N 229 -50.10 28.07 -19.47
CA TYR N 229 -50.47 28.28 -20.85
C TYR N 229 -49.33 28.14 -21.83
N GLN N 230 -48.25 28.85 -21.56
CA GLN N 230 -47.09 28.83 -22.44
C GLN N 230 -46.18 27.60 -22.34
N GLN N 231 -46.48 26.65 -21.45
CA GLN N 231 -45.64 25.45 -21.30
C GLN N 231 -46.31 24.22 -20.67
N GLY N 232 -47.42 24.43 -19.96
CA GLY N 232 -48.09 23.31 -19.32
C GLY N 232 -47.66 23.16 -17.87
N VAL N 233 -47.43 24.29 -17.22
CA VAL N 233 -47.00 24.30 -15.83
C VAL N 233 -48.23 24.36 -14.96
N GLN N 234 -48.52 23.30 -14.24
CA GLN N 234 -49.69 23.28 -13.39
C GLN N 234 -49.31 23.00 -11.94
N MET N 235 -48.28 23.66 -11.44
CA MET N 235 -47.82 23.44 -10.07
C MET N 235 -46.78 24.45 -9.60
N GLN N 236 -47.02 25.06 -8.45
CA GLN N 236 -46.09 26.03 -7.92
C GLN N 236 -45.30 25.52 -6.74
N ILE N 237 -44.09 26.02 -6.60
CA ILE N 237 -43.23 25.61 -5.51
C ILE N 237 -42.69 26.87 -4.90
N GLY N 238 -43.18 27.22 -3.72
CA GLY N 238 -42.72 28.45 -3.11
C GLY N 238 -42.15 28.37 -1.72
N GLY N 239 -41.65 29.50 -1.24
CA GLY N 239 -41.08 29.54 0.09
C GLY N 239 -42.10 29.04 1.09
N SER N 240 -41.64 28.61 2.27
CA SER N 240 -42.50 28.10 3.35
C SER N 240 -43.60 29.08 3.70
N ASP N 241 -43.31 30.37 3.53
CA ASP N 241 -44.27 31.40 3.82
C ASP N 241 -45.14 31.69 2.59
N GLN N 242 -44.54 31.69 1.39
CA GLN N 242 -45.28 31.96 0.15
C GLN N 242 -46.51 31.04 -0.01
N TYR N 243 -46.79 30.23 1.02
CA TYR N 243 -47.95 29.33 1.00
C TYR N 243 -49.19 30.08 0.57
N GLY N 244 -49.57 31.07 1.38
CA GLY N 244 -50.74 31.88 1.09
C GLY N 244 -50.81 32.24 -0.38
N ASN N 245 -49.74 32.83 -0.89
CA ASN N 245 -49.70 33.18 -2.30
C ASN N 245 -50.06 31.96 -3.16
N ILE N 246 -49.54 30.80 -2.77
CA ILE N 246 -49.81 29.60 -3.54
C ILE N 246 -51.31 29.36 -3.62
N ILE N 247 -52.04 29.78 -2.58
CA ILE N 247 -53.48 29.60 -2.56
C ILE N 247 -54.17 30.69 -3.36
N SER N 248 -54.00 31.94 -2.93
CA SER N 248 -54.58 33.11 -3.61
C SER N 248 -54.26 33.02 -5.10
N GLY N 249 -53.09 32.45 -5.40
CA GLY N 249 -52.68 32.32 -6.78
C GLY N 249 -53.59 31.33 -7.48
N LEU N 250 -53.57 30.09 -7.02
CA LEU N 250 -54.41 29.05 -7.62
C LEU N 250 -55.79 29.56 -8.00
N GLU N 251 -56.32 30.46 -7.17
CA GLU N 251 -57.64 31.05 -7.43
C GLU N 251 -57.66 31.69 -8.80
N VAL N 252 -56.78 32.65 -9.01
CA VAL N 252 -56.71 33.34 -10.29
C VAL N 252 -56.55 32.32 -11.43
N VAL N 253 -55.78 31.27 -11.19
CA VAL N 253 -55.52 30.19 -12.14
C VAL N 253 -56.78 29.57 -12.69
N LYS N 254 -57.64 29.14 -11.78
CA LYS N 254 -58.92 28.53 -12.15
C LYS N 254 -59.75 29.48 -13.02
N ALA N 255 -60.29 30.53 -12.41
CA ALA N 255 -61.11 31.53 -13.13
C ALA N 255 -60.56 31.82 -14.52
N ALA N 256 -59.24 31.75 -14.64
CA ALA N 256 -58.58 32.00 -15.90
C ALA N 256 -58.95 30.93 -16.93
N ARG N 257 -58.63 29.67 -16.64
CA ARG N 257 -58.91 28.56 -17.55
C ARG N 257 -60.38 28.54 -17.96
N GLU N 258 -61.21 29.22 -17.16
CA GLU N 258 -62.65 29.32 -17.41
C GLU N 258 -62.97 30.50 -18.31
N SER N 259 -62.47 31.65 -17.90
CA SER N 259 -62.67 32.87 -18.65
C SER N 259 -62.34 32.73 -20.12
N GLU N 260 -61.37 31.89 -20.46
CA GLU N 260 -60.98 31.75 -21.85
C GLU N 260 -62.18 31.96 -22.77
N PRO N 261 -62.17 33.04 -23.56
CA PRO N 261 -63.24 33.39 -24.51
C PRO N 261 -63.48 32.34 -25.58
N ASP N 262 -62.53 32.17 -26.52
CA ASP N 262 -62.73 31.18 -27.58
C ASP N 262 -62.85 29.77 -27.01
N PRO N 263 -64.01 29.13 -27.23
CA PRO N 263 -64.34 27.78 -26.75
C PRO N 263 -63.33 26.75 -27.21
N GLN N 264 -63.16 26.62 -28.51
CA GLN N 264 -62.23 25.66 -29.07
C GLN N 264 -60.99 25.54 -28.19
N GLU N 265 -60.49 26.68 -27.72
CA GLU N 265 -59.30 26.71 -26.88
C GLU N 265 -59.63 26.13 -25.52
N ARG N 266 -60.75 26.56 -24.98
CA ARG N 266 -61.20 26.09 -23.68
C ARG N 266 -61.05 24.57 -23.69
N LYS N 267 -61.30 23.98 -24.85
CA LYS N 267 -61.22 22.53 -25.02
C LYS N 267 -59.93 21.96 -24.48
N TYR N 268 -58.93 22.81 -24.28
CA TYR N 268 -57.65 22.35 -23.78
C TYR N 268 -57.37 23.04 -22.47
N VAL N 269 -57.39 24.36 -22.53
CA VAL N 269 -57.12 25.24 -21.41
C VAL N 269 -58.05 25.16 -20.21
N THR N 270 -59.25 24.62 -20.41
CA THR N 270 -60.19 24.51 -19.31
C THR N 270 -60.02 23.18 -18.60
N PRO N 271 -60.11 23.20 -17.26
CA PRO N 271 -59.99 22.00 -16.43
C PRO N 271 -61.09 20.97 -16.75
N LYS N 272 -60.75 20.01 -17.60
CA LYS N 272 -61.71 18.98 -17.99
C LYS N 272 -61.84 17.89 -16.91
N THR N 273 -60.97 16.88 -16.94
CA THR N 273 -61.03 15.82 -15.93
C THR N 273 -60.36 16.27 -14.63
N ALA N 274 -60.34 15.40 -13.62
CA ALA N 274 -59.70 15.73 -12.33
C ALA N 274 -58.17 15.80 -12.47
N LEU N 275 -57.67 15.25 -13.58
CA LEU N 275 -56.23 15.22 -13.89
C LEU N 275 -55.66 16.63 -14.20
N ASP N 276 -56.47 17.45 -14.85
CA ASP N 276 -56.07 18.82 -15.21
C ASP N 276 -56.11 19.73 -13.99
N GLU N 277 -55.71 19.19 -12.86
CA GLU N 277 -55.69 19.92 -11.60
C GLU N 277 -54.31 20.47 -11.29
N CYS N 278 -54.22 21.79 -11.10
CA CYS N 278 -52.95 22.42 -10.77
C CYS N 278 -52.77 22.55 -9.26
N VAL N 279 -51.78 21.83 -8.73
CA VAL N 279 -51.48 21.82 -7.31
C VAL N 279 -50.18 22.55 -7.01
N GLY N 280 -50.03 23.01 -5.77
CA GLY N 280 -48.82 23.71 -5.38
C GLY N 280 -48.40 23.34 -3.97
N PHE N 281 -47.11 23.21 -3.73
CA PHE N 281 -46.64 22.87 -2.39
C PHE N 281 -45.52 23.80 -1.93
N THR N 282 -45.35 23.87 -0.62
CA THR N 282 -44.34 24.73 -0.04
C THR N 282 -43.28 23.98 0.75
N VAL N 283 -42.04 24.34 0.51
CA VAL N 283 -40.92 23.74 1.21
C VAL N 283 -41.03 24.20 2.64
N PRO N 284 -40.26 23.58 3.53
CA PRO N 284 -40.27 23.93 4.95
C PRO N 284 -39.56 25.25 5.27
N LEU N 285 -39.68 25.68 6.51
CA LEU N 285 -39.02 26.89 6.98
C LEU N 285 -37.69 26.42 7.54
N LEU N 286 -36.61 26.57 6.79
CA LEU N 286 -35.31 26.13 7.28
C LEU N 286 -34.50 27.30 7.83
N THR N 287 -34.21 27.21 9.11
CA THR N 287 -33.46 28.22 9.83
C THR N 287 -32.34 27.51 10.61
N ASP N 288 -31.19 28.17 10.75
CA ASP N 288 -30.06 27.57 11.47
C ASP N 288 -30.41 27.39 12.95
N SER N 289 -29.58 26.62 13.65
CA SER N 289 -29.81 26.38 15.06
C SER N 289 -29.74 27.72 15.79
N SER N 290 -29.65 28.81 15.03
CA SER N 290 -29.58 30.17 15.57
C SER N 290 -30.91 30.94 15.59
N GLY N 291 -32.02 30.23 15.51
CA GLY N 291 -33.31 30.90 15.53
C GLY N 291 -33.40 32.02 14.51
N ALA N 292 -32.51 31.97 13.52
CA ALA N 292 -32.49 32.97 12.46
C ALA N 292 -32.54 32.22 11.14
N LYS N 293 -33.35 32.71 10.20
CA LYS N 293 -33.49 32.09 8.87
C LYS N 293 -32.17 31.54 8.38
N PHE N 294 -32.18 30.43 7.67
CA PHE N 294 -30.92 29.88 7.22
C PHE N 294 -30.33 30.71 6.09
N GLY N 295 -30.74 31.97 6.00
CA GLY N 295 -30.23 32.84 4.96
C GLY N 295 -29.89 34.25 5.38
N LYS N 296 -30.41 34.67 6.53
CA LYS N 296 -30.16 36.02 7.08
C LYS N 296 -29.19 35.97 8.27
N SER N 297 -28.22 35.05 8.21
CA SER N 297 -27.22 34.84 9.26
C SER N 297 -25.89 35.50 8.86
N ALA N 298 -24.87 35.33 9.71
CA ALA N 298 -23.55 35.94 9.48
C ALA N 298 -23.66 37.44 9.81
N GLY N 299 -22.95 38.27 9.06
CA GLY N 299 -23.02 39.70 9.30
C GLY N 299 -24.26 40.36 8.73
N ASN N 300 -24.93 39.63 7.83
CA ASN N 300 -26.15 40.07 7.15
C ASN N 300 -26.86 38.85 6.55
N ALA N 301 -26.25 38.26 5.53
CA ALA N 301 -26.80 37.08 4.87
C ALA N 301 -25.71 36.10 4.44
N ILE N 302 -26.10 35.09 3.66
CA ILE N 302 -25.16 34.11 3.15
C ILE N 302 -25.51 33.99 1.70
N TRP N 303 -24.77 34.66 0.83
CA TRP N 303 -25.11 34.62 -0.58
C TRP N 303 -24.27 33.63 -1.38
N LEU N 304 -24.44 33.66 -2.71
CA LEU N 304 -23.69 32.79 -3.62
C LEU N 304 -22.59 33.62 -4.26
N ASP N 305 -22.92 34.87 -4.56
CA ASP N 305 -21.97 35.81 -5.16
C ASP N 305 -20.62 35.73 -4.47
N PRO N 306 -19.62 35.12 -5.15
CA PRO N 306 -18.27 34.95 -4.63
C PRO N 306 -17.67 36.23 -4.10
N TYR N 307 -17.75 37.29 -4.90
CA TYR N 307 -17.22 38.55 -4.45
C TYR N 307 -18.19 39.22 -3.49
N GLN N 308 -18.91 38.42 -2.72
CA GLN N 308 -19.85 38.92 -1.72
C GLN N 308 -19.98 37.93 -0.58
N THR N 309 -19.29 36.80 -0.73
CA THR N 309 -19.28 35.72 0.26
C THR N 309 -18.20 34.72 -0.11
N SER N 310 -16.99 34.96 0.39
CA SER N 310 -15.84 34.10 0.12
C SER N 310 -16.27 32.65 -0.04
N VAL N 311 -15.73 31.98 -1.05
CA VAL N 311 -16.06 30.59 -1.30
C VAL N 311 -15.81 29.87 0.01
N PHE N 312 -14.65 30.16 0.58
CA PHE N 312 -14.23 29.59 1.84
C PHE N 312 -15.28 29.82 2.93
N ASP N 313 -15.67 31.09 3.09
CA ASP N 313 -16.67 31.47 4.07
C ASP N 313 -17.95 30.67 3.79
N PHE N 314 -18.33 30.59 2.52
CA PHE N 314 -19.50 29.82 2.14
C PHE N 314 -19.27 28.39 2.61
N TYR N 315 -18.32 27.70 1.98
CA TYR N 315 -17.99 26.32 2.33
C TYR N 315 -18.23 26.09 3.79
N GLY N 316 -17.67 26.99 4.57
CA GLY N 316 -17.80 26.91 6.01
C GLY N 316 -19.23 26.76 6.49
N TYR N 317 -20.09 27.69 6.10
CA TYR N 317 -21.49 27.66 6.51
C TYR N 317 -22.05 26.25 6.60
N PHE N 318 -21.43 25.32 5.87
CA PHE N 318 -21.89 23.95 5.91
C PHE N 318 -20.98 23.06 6.72
N VAL N 319 -19.72 22.97 6.32
CA VAL N 319 -18.76 22.12 7.03
C VAL N 319 -18.97 22.18 8.54
N ARG N 320 -19.53 23.28 9.02
CA ARG N 320 -19.80 23.44 10.44
C ARG N 320 -21.32 23.58 10.64
N ARG N 321 -21.93 22.51 11.12
CA ARG N 321 -23.36 22.48 11.40
C ARG N 321 -23.67 21.32 12.34
N SER N 322 -24.78 21.42 13.06
CA SER N 322 -25.21 20.40 14.01
C SER N 322 -24.90 18.97 13.58
N ASP N 323 -24.17 18.24 14.42
CA ASP N 323 -23.81 16.84 14.14
C ASP N 323 -25.07 16.03 13.84
N GLN N 324 -26.20 16.55 14.28
CA GLN N 324 -27.49 15.91 14.06
C GLN N 324 -28.06 16.41 12.73
N GLU N 325 -28.00 17.72 12.51
CA GLU N 325 -28.53 18.35 11.31
C GLU N 325 -28.06 17.70 10.02
N VAL N 326 -26.82 17.20 10.02
CA VAL N 326 -26.24 16.56 8.85
C VAL N 326 -27.23 15.75 8.04
N GLU N 327 -27.93 14.84 8.71
CA GLU N 327 -28.93 13.99 8.11
C GLU N 327 -29.84 14.77 7.16
N ASN N 328 -30.99 15.17 7.69
CA ASN N 328 -31.97 15.91 6.92
C ASN N 328 -31.36 17.03 6.05
N LEU N 329 -30.14 17.46 6.37
CA LEU N 329 -29.47 18.50 5.60
C LEU N 329 -28.85 17.95 4.33
N LEU N 330 -28.55 16.65 4.34
CA LEU N 330 -28.00 15.99 3.17
C LEU N 330 -29.16 15.75 2.19
N LYS N 331 -30.30 15.31 2.70
CA LYS N 331 -31.49 15.06 1.88
C LYS N 331 -31.99 16.30 1.16
N LEU N 332 -31.83 17.44 1.83
CA LEU N 332 -32.29 18.69 1.27
C LEU N 332 -31.32 19.44 0.37
N PHE N 333 -30.02 19.20 0.48
CA PHE N 333 -29.10 19.96 -0.37
C PHE N 333 -28.14 19.17 -1.24
N THR N 334 -28.38 17.87 -1.38
CA THR N 334 -27.51 17.06 -2.22
C THR N 334 -28.33 16.05 -2.97
N PHE N 335 -28.01 15.89 -4.26
CA PHE N 335 -28.69 14.95 -5.12
C PHE N 335 -28.04 13.61 -4.90
N MET N 336 -27.89 13.25 -3.62
CA MET N 336 -27.29 11.99 -3.23
C MET N 336 -28.36 10.96 -2.96
N PRO N 337 -28.28 9.79 -3.61
CA PRO N 337 -29.26 8.73 -3.42
C PRO N 337 -29.42 8.37 -1.93
N ILE N 338 -30.67 8.38 -1.42
CA ILE N 338 -30.94 8.04 -0.01
C ILE N 338 -30.01 6.90 0.42
N SER N 339 -29.81 5.98 -0.51
CA SER N 339 -28.96 4.82 -0.34
C SER N 339 -27.62 5.20 0.34
N GLU N 340 -26.62 5.54 -0.47
CA GLU N 340 -25.32 5.91 0.08
C GLU N 340 -25.33 7.23 0.88
N ILE N 341 -26.50 7.87 0.99
CA ILE N 341 -26.59 9.12 1.76
C ILE N 341 -26.36 8.70 3.20
N THR N 342 -26.89 7.52 3.54
CA THR N 342 -26.72 6.98 4.88
C THR N 342 -25.29 6.54 5.10
N LYS N 343 -24.65 6.08 4.02
CA LYS N 343 -23.25 5.65 4.13
C LYS N 343 -22.43 6.78 4.72
N THR N 344 -22.62 7.97 4.16
CA THR N 344 -21.93 9.14 4.61
C THR N 344 -22.20 9.29 6.11
N MET N 345 -23.37 8.86 6.55
CA MET N 345 -23.69 8.92 7.98
C MET N 345 -22.94 7.84 8.78
N GLU N 346 -22.43 6.83 8.09
CA GLU N 346 -21.70 5.73 8.72
C GLU N 346 -20.31 6.14 9.13
N GLU N 347 -19.66 6.89 8.25
CA GLU N 347 -18.31 7.40 8.47
C GLU N 347 -18.35 8.52 9.48
N HIS N 348 -19.39 9.36 9.39
CA HIS N 348 -19.56 10.49 10.28
C HIS N 348 -19.67 10.07 11.73
N ILE N 349 -20.55 9.11 12.03
CA ILE N 349 -20.75 8.66 13.40
C ILE N 349 -19.58 7.91 14.05
N LYS N 350 -18.64 7.42 13.23
CA LYS N 350 -17.46 6.74 13.78
C LYS N 350 -16.59 7.81 14.43
N ASP N 351 -16.88 9.07 14.10
CA ASP N 351 -16.16 10.23 14.65
C ASP N 351 -16.97 11.50 14.50
N PRO N 352 -17.86 11.79 15.48
CA PRO N 352 -18.70 12.98 15.45
C PRO N 352 -17.91 14.28 15.18
N SER N 353 -16.87 14.53 15.98
CA SER N 353 -16.04 15.73 15.85
C SER N 353 -15.09 15.73 14.64
N LYS N 354 -15.31 14.84 13.68
CA LYS N 354 -14.48 14.78 12.49
C LYS N 354 -15.21 15.40 11.30
N ARG N 355 -16.52 15.60 11.47
CA ARG N 355 -17.33 16.20 10.41
C ARG N 355 -17.17 15.47 9.09
N VAL N 356 -17.14 14.14 9.14
CA VAL N 356 -16.97 13.36 7.93
C VAL N 356 -18.14 13.70 6.99
N ALA N 357 -19.35 13.70 7.54
CA ALA N 357 -20.54 13.99 6.78
C ALA N 357 -20.63 15.47 6.40
N GLN N 358 -20.13 16.34 7.29
CA GLN N 358 -20.16 17.78 7.02
C GLN N 358 -19.34 18.16 5.81
N HIS N 359 -18.26 17.43 5.57
CA HIS N 359 -17.42 17.69 4.40
C HIS N 359 -18.16 17.28 3.14
N THR N 360 -18.74 16.08 3.18
CA THR N 360 -19.48 15.56 2.02
C THR N 360 -20.71 16.44 1.71
N LEU N 361 -21.46 16.81 2.75
CA LEU N 361 -22.63 17.67 2.53
C LEU N 361 -22.20 19.10 2.20
N ALA N 362 -21.13 19.58 2.83
CA ALA N 362 -20.65 20.91 2.54
C ALA N 362 -20.17 20.94 1.09
N ARG N 363 -19.30 20.01 0.73
CA ARG N 363 -18.77 19.94 -0.64
C ARG N 363 -19.88 20.00 -1.71
N GLU N 364 -20.84 19.10 -1.59
CA GLU N 364 -21.96 19.05 -2.53
C GLU N 364 -22.48 20.41 -2.84
N VAL N 365 -22.93 21.10 -1.81
CA VAL N 365 -23.45 22.44 -2.01
C VAL N 365 -22.49 23.33 -2.80
N VAL N 366 -21.25 23.41 -2.33
CA VAL N 366 -20.26 24.25 -3.00
C VAL N 366 -20.09 23.88 -4.47
N THR N 367 -19.88 22.59 -4.70
CA THR N 367 -19.71 22.08 -6.05
C THR N 367 -20.91 22.47 -6.91
N LEU N 368 -22.11 22.28 -6.39
CA LEU N 368 -23.31 22.63 -7.13
C LEU N 368 -23.33 24.09 -7.51
N VAL N 369 -23.18 24.98 -6.52
CA VAL N 369 -23.24 26.40 -6.78
C VAL N 369 -21.88 27.05 -7.02
N HIS N 370 -20.84 26.26 -7.21
CA HIS N 370 -19.53 26.83 -7.46
C HIS N 370 -18.58 25.92 -8.20
N GLY N 371 -19.07 24.77 -8.65
CA GLY N 371 -18.24 23.83 -9.41
C GLY N 371 -17.30 22.96 -8.60
N LYS N 372 -16.88 21.84 -9.17
CA LYS N 372 -15.98 20.93 -8.47
C LYS N 372 -14.63 21.58 -8.18
N GLN N 373 -14.03 22.17 -9.21
CA GLN N 373 -12.72 22.81 -9.07
C GLN N 373 -12.67 23.65 -7.81
N GLU N 374 -13.76 24.31 -7.51
CA GLU N 374 -13.79 25.12 -6.32
C GLU N 374 -14.11 24.26 -5.11
N ALA N 375 -15.01 23.30 -5.28
CA ALA N 375 -15.38 22.41 -4.18
C ALA N 375 -14.12 21.98 -3.47
N SER N 376 -13.12 21.58 -4.26
CA SER N 376 -11.84 21.14 -3.71
C SER N 376 -11.09 22.30 -3.09
N ALA N 377 -10.65 23.23 -3.94
CA ALA N 377 -9.90 24.40 -3.50
C ALA N 377 -10.36 24.91 -2.14
N ALA N 378 -11.68 24.93 -1.94
CA ALA N 378 -12.27 25.39 -0.70
C ALA N 378 -11.97 24.41 0.43
N GLU N 379 -12.31 23.14 0.21
CA GLU N 379 -12.07 22.12 1.20
C GLU N 379 -10.63 22.21 1.69
N ASP N 380 -9.70 22.42 0.76
CA ASP N 380 -8.28 22.54 1.08
C ASP N 380 -8.04 23.59 2.15
N GLN N 381 -8.45 24.82 1.88
CA GLN N 381 -8.26 25.87 2.85
C GLN N 381 -8.89 25.42 4.18
N HIS N 382 -10.09 24.86 4.13
CA HIS N 382 -10.74 24.41 5.36
C HIS N 382 -10.22 23.08 5.90
N ARG N 383 -9.11 22.64 5.32
CA ARG N 383 -8.44 21.38 5.69
C ARG N 383 -7.00 21.59 6.24
N MET N 384 -6.56 22.85 6.35
CA MET N 384 -5.19 23.20 6.79
C MET N 384 -4.90 22.84 8.27
N MET N 385 -3.76 23.22 8.84
CA MET N 385 -3.46 22.82 10.24
C MET N 385 -4.11 23.77 11.25
N PRO O 8 8.24 -58.84 -95.43
CA PRO O 8 9.09 -58.02 -96.33
C PRO O 8 10.26 -58.84 -96.86
N LYS O 9 11.15 -58.16 -97.56
CA LYS O 9 12.34 -58.77 -98.14
C LYS O 9 13.21 -59.31 -97.01
N TYR O 10 13.17 -58.61 -95.88
CA TYR O 10 13.94 -58.99 -94.70
C TYR O 10 13.55 -60.41 -94.26
N THR O 11 12.23 -60.66 -94.23
CA THR O 11 11.69 -61.96 -93.84
C THR O 11 12.14 -63.03 -94.86
N ALA O 12 12.44 -62.57 -96.08
CA ALA O 12 12.88 -63.45 -97.17
C ALA O 12 14.19 -64.18 -96.88
N LYS O 13 15.17 -63.43 -96.41
CA LYS O 13 16.48 -64.01 -96.10
C LYS O 13 16.32 -64.91 -94.89
N ILE O 14 15.51 -64.47 -93.93
CA ILE O 14 15.25 -65.21 -92.70
C ILE O 14 14.92 -66.68 -93.00
N ASN O 15 13.89 -66.89 -93.82
CA ASN O 15 13.46 -68.24 -94.15
C ASN O 15 14.53 -68.95 -94.97
N GLU O 16 15.26 -68.17 -95.75
CA GLU O 16 16.33 -68.71 -96.56
C GLU O 16 17.34 -69.36 -95.62
N ALA O 17 17.63 -68.65 -94.53
CA ALA O 17 18.57 -69.14 -93.54
C ALA O 17 18.09 -70.46 -92.95
N GLU O 18 16.80 -70.57 -92.69
CA GLU O 18 16.25 -71.79 -92.11
C GLU O 18 16.71 -73.00 -92.90
N GLU O 19 16.50 -72.96 -94.21
CA GLU O 19 16.89 -74.06 -95.08
C GLU O 19 18.36 -74.39 -94.91
N ASN O 20 19.20 -73.37 -95.06
CA ASN O 20 20.64 -73.54 -94.95
C ASN O 20 20.93 -74.38 -93.70
N TRP O 21 20.42 -73.91 -92.56
CA TRP O 21 20.60 -74.55 -91.27
C TRP O 21 20.08 -75.98 -91.28
N GLN O 22 19.31 -76.33 -92.30
CA GLN O 22 18.80 -77.67 -92.39
C GLN O 22 19.79 -78.57 -93.14
N ALA O 23 20.46 -78.04 -94.16
CA ALA O 23 21.45 -78.82 -94.88
C ALA O 23 22.47 -79.21 -93.82
N ARG O 24 22.63 -78.32 -92.84
CA ARG O 24 23.54 -78.49 -91.72
C ARG O 24 23.01 -79.55 -90.76
N ALA O 25 21.78 -79.35 -90.30
CA ALA O 25 21.16 -80.29 -89.38
C ALA O 25 21.24 -81.68 -90.00
N GLU O 26 21.34 -81.71 -91.33
CA GLU O 26 21.41 -82.96 -92.06
C GLU O 26 22.77 -83.60 -91.91
N ALA O 27 23.80 -82.91 -92.37
CA ALA O 27 25.16 -83.41 -92.26
C ALA O 27 25.33 -84.06 -90.88
N ILE O 28 24.97 -83.33 -89.83
CA ILE O 28 25.11 -83.86 -88.48
C ILE O 28 24.32 -85.15 -88.31
N LYS O 29 23.15 -85.22 -88.94
CA LYS O 29 22.29 -86.40 -88.85
C LYS O 29 23.02 -87.64 -89.36
N LYS O 30 23.86 -87.49 -90.38
CA LYS O 30 24.62 -88.59 -90.95
C LYS O 30 26.10 -88.40 -90.62
N GLY O 31 26.35 -87.74 -89.49
CA GLY O 31 27.71 -87.49 -89.06
C GLY O 31 28.60 -86.91 -90.14
N LYS O 32 27.99 -86.24 -91.10
CA LYS O 32 28.74 -85.63 -92.21
C LYS O 32 29.58 -84.44 -91.73
N LYS O 33 29.12 -83.78 -90.66
CA LYS O 33 29.82 -82.64 -90.04
C LYS O 33 29.57 -82.74 -88.53
N GLN O 34 30.61 -82.51 -87.73
CA GLN O 34 30.47 -82.63 -86.28
C GLN O 34 29.39 -81.72 -85.69
N ASN O 35 28.77 -82.16 -84.60
CA ASN O 35 27.76 -81.35 -83.93
C ASN O 35 28.46 -80.40 -83.00
N THR O 36 28.15 -79.11 -83.17
CA THR O 36 28.73 -78.06 -82.37
C THR O 36 28.87 -78.53 -80.93
N TRP O 37 27.90 -79.32 -80.49
CA TRP O 37 27.92 -79.84 -79.14
C TRP O 37 29.05 -80.82 -78.96
N ASP O 38 29.16 -81.76 -79.89
CA ASP O 38 30.22 -82.75 -79.79
C ASP O 38 31.55 -82.04 -80.00
N LEU O 39 31.48 -80.77 -80.35
CA LEU O 39 32.67 -79.98 -80.55
C LEU O 39 33.13 -79.57 -79.16
N PHE O 40 32.15 -79.26 -78.31
CA PHE O 40 32.38 -78.87 -76.92
C PHE O 40 32.95 -80.02 -76.11
N GLU O 41 32.61 -81.25 -76.53
CA GLU O 41 33.10 -82.43 -75.86
C GLU O 41 34.51 -82.72 -76.38
N GLU O 42 34.81 -82.24 -77.58
CA GLU O 42 36.12 -82.49 -78.16
C GLU O 42 37.20 -81.53 -77.71
N ARG O 43 36.85 -80.51 -76.96
CA ARG O 43 37.87 -79.59 -76.49
C ARG O 43 37.80 -79.51 -74.98
N GLY O 44 36.78 -80.18 -74.43
CA GLY O 44 36.56 -80.23 -73.00
C GLY O 44 35.84 -79.08 -72.32
N TYR O 45 34.81 -78.51 -72.95
CA TYR O 45 34.08 -77.38 -72.36
C TYR O 45 32.88 -77.82 -71.53
N VAL O 46 32.79 -79.10 -71.19
CA VAL O 46 31.64 -79.56 -70.42
C VAL O 46 31.93 -80.14 -69.04
N LYS O 47 31.58 -79.40 -68.00
CA LYS O 47 31.77 -79.85 -66.63
C LYS O 47 30.46 -80.48 -66.16
N ASP O 48 29.40 -79.68 -66.14
CA ASP O 48 28.09 -80.17 -65.74
C ASP O 48 27.06 -79.75 -66.77
N THR O 49 25.85 -80.30 -66.65
CA THR O 49 24.79 -79.95 -67.58
C THR O 49 23.41 -79.89 -66.96
N ALA O 50 22.73 -78.78 -67.23
CA ALA O 50 21.38 -78.52 -66.76
C ALA O 50 20.58 -78.72 -68.03
N GLY O 51 20.35 -79.99 -68.34
CA GLY O 51 19.61 -80.36 -69.53
C GLY O 51 20.25 -81.59 -70.14
N THR O 52 19.46 -82.65 -70.26
CA THR O 52 19.93 -83.89 -70.84
C THR O 52 21.09 -83.66 -71.82
N LYS O 53 22.30 -84.03 -71.40
CA LYS O 53 23.51 -83.87 -72.20
C LYS O 53 23.14 -84.11 -73.66
N GLU O 54 22.38 -85.17 -73.85
CA GLU O 54 21.90 -85.61 -75.15
C GLU O 54 20.93 -84.60 -75.76
N HIS O 55 19.81 -84.37 -75.07
CA HIS O 55 18.81 -83.43 -75.53
C HIS O 55 19.52 -82.20 -76.07
N ILE O 56 20.31 -81.57 -75.20
CA ILE O 56 21.05 -80.37 -75.55
C ILE O 56 21.61 -80.50 -76.95
N ALA O 57 22.26 -81.64 -77.20
CA ALA O 57 22.87 -81.91 -78.50
C ALA O 57 21.88 -81.71 -79.64
N GLU O 58 20.77 -82.43 -79.58
CA GLU O 58 19.76 -82.34 -80.61
C GLU O 58 19.31 -80.90 -80.77
N LEU O 59 18.94 -80.26 -79.67
CA LEU O 59 18.52 -78.87 -79.70
C LEU O 59 19.50 -78.04 -80.55
N MET O 60 20.78 -78.41 -80.56
CA MET O 60 21.83 -77.69 -81.30
C MET O 60 21.96 -78.07 -82.76
N ARG O 61 22.00 -79.36 -83.03
CA ARG O 61 22.09 -79.84 -84.40
C ARG O 61 20.90 -79.23 -85.14
N THR O 62 19.74 -79.34 -84.49
CA THR O 62 18.45 -78.88 -85.01
C THR O 62 18.24 -77.40 -85.25
N ARG O 63 17.76 -76.70 -84.23
CA ARG O 63 17.47 -75.27 -84.32
C ARG O 63 18.73 -74.39 -84.34
N ARG O 64 18.55 -73.14 -84.77
CA ARG O 64 19.64 -72.17 -84.80
C ARG O 64 19.58 -71.40 -83.48
N ILE O 65 19.60 -72.15 -82.37
CA ILE O 65 19.50 -71.56 -81.03
C ILE O 65 20.51 -70.48 -80.71
N GLY O 66 20.30 -69.88 -79.53
CA GLY O 66 21.17 -68.83 -79.04
C GLY O 66 21.60 -69.06 -77.60
N ALA O 67 22.65 -68.36 -77.18
CA ALA O 67 23.16 -68.48 -75.83
C ALA O 67 23.87 -67.19 -75.43
N TYR O 68 24.36 -67.15 -74.18
CA TYR O 68 25.05 -65.98 -73.67
C TYR O 68 25.96 -66.27 -72.48
N VAL O 69 26.81 -65.31 -72.12
CA VAL O 69 27.70 -65.48 -70.97
C VAL O 69 27.74 -64.18 -70.19
N GLY O 70 27.38 -64.24 -68.92
CA GLY O 70 27.34 -63.07 -68.06
C GLY O 70 28.63 -62.75 -67.34
N ILE O 71 28.95 -61.46 -67.25
CA ILE O 71 30.17 -61.05 -66.60
C ILE O 71 29.90 -59.91 -65.63
N ASP O 72 30.14 -60.18 -64.34
CA ASP O 72 29.97 -59.20 -63.28
C ASP O 72 31.01 -58.11 -63.41
N PRO O 73 30.60 -56.91 -63.85
CA PRO O 73 31.53 -55.79 -64.02
C PRO O 73 32.07 -55.20 -62.73
N THR O 74 32.62 -56.06 -61.88
CA THR O 74 33.20 -55.63 -60.61
C THR O 74 34.63 -55.15 -60.81
N ALA O 75 35.40 -55.84 -61.66
CA ALA O 75 36.79 -55.47 -61.96
C ALA O 75 36.85 -54.54 -63.18
N PRO O 76 37.88 -53.70 -63.27
CA PRO O 76 37.97 -52.79 -64.42
C PRO O 76 38.69 -53.48 -65.57
N SER O 77 38.61 -54.80 -65.55
CA SER O 77 39.20 -55.64 -66.60
C SER O 77 39.00 -57.12 -66.32
N LEU O 78 38.69 -57.87 -67.37
CA LEU O 78 38.50 -59.30 -67.23
C LEU O 78 39.86 -59.93 -67.25
N HIS O 79 39.94 -61.13 -66.70
CA HIS O 79 41.19 -61.84 -66.68
C HIS O 79 40.97 -63.12 -67.42
N VAL O 80 42.05 -63.83 -67.71
CA VAL O 80 41.97 -65.07 -68.44
C VAL O 80 40.85 -66.01 -67.97
N GLY O 81 40.61 -66.12 -66.66
CA GLY O 81 39.56 -66.99 -66.15
C GLY O 81 38.20 -66.90 -66.81
N HIS O 82 37.94 -65.79 -67.51
CA HIS O 82 36.68 -65.52 -68.21
C HIS O 82 36.76 -66.03 -69.64
N LEU O 83 37.98 -66.15 -70.15
CA LEU O 83 38.22 -66.60 -71.51
C LEU O 83 37.75 -68.05 -71.71
N LEU O 84 37.73 -68.83 -70.63
CA LEU O 84 37.32 -70.22 -70.79
C LEU O 84 35.89 -70.33 -71.31
N PRO O 85 34.91 -69.83 -70.54
CA PRO O 85 33.50 -69.91 -70.96
C PRO O 85 33.13 -69.13 -72.21
N LEU O 86 33.97 -68.19 -72.61
CA LEU O 86 33.63 -67.41 -73.79
C LEU O 86 33.99 -68.16 -75.06
N MET O 87 34.92 -69.09 -74.94
CA MET O 87 35.36 -69.87 -76.09
C MET O 87 34.21 -70.62 -76.70
N PRO O 88 33.58 -71.54 -75.95
CA PRO O 88 32.46 -72.29 -76.52
C PRO O 88 31.38 -71.38 -77.12
N LEU O 89 31.23 -70.19 -76.56
CA LEU O 89 30.24 -69.25 -77.08
C LEU O 89 30.73 -68.95 -78.49
N PHE O 90 31.95 -68.42 -78.53
CA PHE O 90 32.63 -68.08 -79.78
C PHE O 90 32.43 -69.17 -80.83
N TRP O 91 32.81 -70.38 -80.48
CA TRP O 91 32.64 -71.48 -81.41
C TRP O 91 31.19 -71.47 -81.93
N MET O 92 30.22 -71.44 -81.02
CA MET O 92 28.82 -71.42 -81.45
C MET O 92 28.62 -70.32 -82.47
N TYR O 93 29.34 -69.22 -82.27
CA TYR O 93 29.24 -68.07 -83.17
C TYR O 93 29.80 -68.41 -84.52
N LEU O 94 30.89 -69.16 -84.50
CA LEU O 94 31.57 -69.53 -85.72
C LEU O 94 30.68 -70.47 -86.53
N GLU O 95 29.69 -71.06 -85.88
CA GLU O 95 28.76 -71.99 -86.53
C GLU O 95 27.51 -71.30 -87.10
N GLY O 96 27.20 -70.10 -86.61
CA GLY O 96 26.06 -69.36 -87.10
C GLY O 96 24.94 -69.09 -86.11
N TYR O 97 25.08 -69.61 -84.90
CA TYR O 97 24.07 -69.41 -83.87
C TYR O 97 23.90 -67.93 -83.50
N LYS O 98 23.27 -67.66 -82.36
CA LYS O 98 23.04 -66.30 -81.86
C LYS O 98 23.65 -66.22 -80.48
N ALA O 99 24.82 -65.63 -80.40
CA ALA O 99 25.51 -65.55 -79.12
C ALA O 99 25.59 -64.13 -78.62
N PHE O 100 25.62 -63.99 -77.31
CA PHE O 100 25.73 -62.68 -76.70
C PHE O 100 26.51 -62.76 -75.40
N THR O 101 27.03 -61.62 -74.98
CA THR O 101 27.81 -61.49 -73.76
C THR O 101 27.11 -60.47 -72.86
N LEU O 102 26.40 -60.95 -71.85
CA LEU O 102 25.66 -60.07 -70.95
C LEU O 102 26.53 -59.46 -69.86
N ILE O 103 26.52 -58.14 -69.80
CA ILE O 103 27.30 -57.44 -68.80
C ILE O 103 26.36 -57.22 -67.64
N GLY O 104 26.87 -57.40 -66.42
CA GLY O 104 26.04 -57.23 -65.24
C GLY O 104 26.01 -55.84 -64.62
N GLY O 105 26.15 -54.83 -65.47
CA GLY O 105 26.14 -53.44 -65.04
C GLY O 105 25.35 -53.12 -63.79
N SER O 106 24.25 -53.82 -63.58
CA SER O 106 23.46 -53.57 -62.39
C SER O 106 23.77 -54.66 -61.38
N THR O 107 23.81 -55.90 -61.84
CA THR O 107 24.09 -57.00 -60.95
C THR O 107 25.31 -56.77 -60.07
N ALA O 108 26.36 -56.19 -60.63
CA ALA O 108 27.56 -55.93 -59.86
C ALA O 108 27.15 -55.27 -58.53
N LYS O 109 26.23 -54.32 -58.60
CA LYS O 109 25.75 -53.59 -57.42
C LYS O 109 25.28 -54.50 -56.28
N ILE O 110 25.04 -55.77 -56.58
CA ILE O 110 24.63 -56.75 -55.58
C ILE O 110 25.71 -57.80 -55.49
N GLY O 111 26.10 -58.30 -56.66
CA GLY O 111 27.17 -59.29 -56.73
C GLY O 111 26.72 -60.72 -56.51
N ASP O 112 27.31 -61.63 -57.27
CA ASP O 112 26.97 -63.05 -57.16
C ASP O 112 27.33 -63.58 -55.79
N PRO O 113 26.31 -63.82 -54.94
CA PRO O 113 26.52 -64.35 -53.59
C PRO O 113 26.90 -65.85 -53.60
N THR O 114 27.97 -66.16 -54.33
CA THR O 114 28.47 -67.52 -54.44
C THR O 114 29.66 -67.68 -53.50
N GLY O 115 29.36 -68.01 -52.25
CA GLY O 115 30.40 -68.16 -51.25
C GLY O 115 30.03 -67.53 -49.92
N ASP O 127 31.44 -44.88 -58.90
CA ASP O 127 32.62 -45.09 -59.75
C ASP O 127 32.51 -46.44 -60.46
N ALA O 128 31.58 -47.25 -59.94
CA ALA O 128 31.34 -48.56 -60.48
C ALA O 128 31.22 -48.47 -62.00
N THR O 129 30.79 -47.30 -62.46
CA THR O 129 30.60 -47.03 -63.88
C THR O 129 31.90 -47.27 -64.61
N MET O 130 32.93 -46.57 -64.13
CA MET O 130 34.26 -46.69 -64.70
C MET O 130 34.50 -48.14 -65.05
N ASN O 131 34.29 -49.00 -64.06
CA ASN O 131 34.49 -50.42 -64.32
C ASN O 131 33.60 -50.86 -65.48
N MET O 132 32.29 -50.90 -65.24
CA MET O 132 31.31 -51.30 -66.25
C MET O 132 31.71 -50.84 -67.66
N THR O 133 32.14 -49.60 -67.77
CA THR O 133 32.55 -49.01 -69.05
C THR O 133 33.63 -49.82 -69.71
N LYS O 134 34.81 -49.75 -69.11
CA LYS O 134 35.97 -50.48 -69.60
C LYS O 134 35.53 -51.84 -70.12
N ILE O 135 35.06 -52.68 -69.21
CA ILE O 135 34.60 -54.03 -69.52
C ILE O 135 33.86 -54.13 -70.84
N HIS O 136 32.84 -53.28 -71.02
CA HIS O 136 32.07 -53.28 -72.26
C HIS O 136 33.07 -53.35 -73.39
N TYR O 137 33.70 -52.21 -73.62
CA TYR O 137 34.68 -52.10 -74.66
C TYR O 137 35.56 -53.35 -74.70
N GLN O 138 36.16 -53.69 -73.57
CA GLN O 138 37.04 -54.87 -73.48
C GLN O 138 36.40 -56.06 -74.20
N LEU O 139 35.10 -56.24 -74.01
CA LEU O 139 34.38 -57.34 -74.64
C LEU O 139 34.27 -57.18 -76.15
N LYS O 140 33.84 -56.02 -76.61
CA LYS O 140 33.70 -55.80 -78.05
C LYS O 140 35.01 -56.11 -78.74
N LYS O 141 36.10 -55.60 -78.18
CA LYS O 141 37.43 -55.83 -78.74
C LYS O 141 37.58 -57.32 -79.10
N LEU O 142 37.31 -58.19 -78.14
CA LEU O 142 37.42 -59.61 -78.39
C LEU O 142 36.69 -60.01 -79.68
N TRP O 143 35.41 -59.67 -79.77
CA TRP O 143 34.64 -60.02 -80.97
C TRP O 143 35.39 -59.49 -82.17
N GLU O 144 35.80 -58.22 -82.11
CA GLU O 144 36.53 -57.56 -83.19
C GLU O 144 37.64 -58.48 -83.71
N ASN O 145 38.16 -59.31 -82.80
CA ASN O 145 39.20 -60.27 -83.13
C ASN O 145 38.60 -61.63 -83.48
N VAL O 146 37.59 -62.04 -82.72
CA VAL O 146 36.95 -63.31 -83.01
C VAL O 146 36.55 -63.30 -84.49
N ASP O 147 36.01 -62.19 -84.96
CA ASP O 147 35.64 -62.06 -86.36
C ASP O 147 36.89 -62.23 -87.20
N THR O 148 37.80 -61.26 -87.10
CA THR O 148 39.06 -61.26 -87.86
C THR O 148 39.61 -62.68 -87.89
N GLN O 149 39.51 -63.34 -86.75
CA GLN O 149 39.95 -64.71 -86.62
C GLN O 149 39.05 -65.61 -87.49
N MET O 150 37.74 -65.60 -87.19
CA MET O 150 36.75 -66.43 -87.90
C MET O 150 36.91 -66.47 -89.41
N ARG O 151 36.87 -65.28 -90.01
CA ARG O 151 37.01 -65.15 -91.45
C ARG O 151 38.36 -65.71 -91.87
N ALA O 152 39.41 -65.29 -91.17
CA ALA O 152 40.76 -65.77 -91.46
C ALA O 152 40.94 -67.30 -91.39
N ARG O 153 40.73 -67.89 -90.22
CA ARG O 153 40.90 -69.34 -90.04
C ARG O 153 39.95 -70.15 -90.89
N GLY O 154 39.48 -69.53 -91.97
CA GLY O 154 38.59 -70.18 -92.91
C GLY O 154 37.18 -70.45 -92.43
N TYR O 155 36.33 -69.43 -92.47
CA TYR O 155 34.94 -69.56 -92.07
C TYR O 155 34.07 -68.82 -93.09
N GLU O 156 32.86 -69.33 -93.32
CA GLU O 156 31.95 -68.72 -94.31
C GLU O 156 31.03 -67.64 -93.76
N ALA O 157 30.74 -66.69 -94.63
CA ALA O 157 29.88 -65.57 -94.30
C ALA O 157 28.44 -66.01 -94.25
N ASP O 158 27.86 -66.02 -93.04
CA ASP O 158 26.47 -66.40 -92.85
C ASP O 158 25.70 -65.15 -92.44
N TRP O 159 24.64 -64.86 -93.18
CA TRP O 159 23.80 -63.71 -92.91
C TRP O 159 23.19 -63.82 -91.53
N ALA O 160 22.36 -64.85 -91.35
CA ALA O 160 21.67 -65.12 -90.10
C ALA O 160 22.56 -65.10 -88.85
N ARG O 161 23.85 -65.41 -89.03
CA ARG O 161 24.80 -65.44 -87.91
C ARG O 161 24.55 -64.24 -87.01
N LYS O 162 24.68 -64.43 -85.70
CA LYS O 162 24.42 -63.31 -84.81
C LYS O 162 25.14 -63.27 -83.48
N ARG O 163 25.86 -62.16 -83.27
CA ARG O 163 26.61 -61.91 -82.05
C ARG O 163 26.18 -60.55 -81.46
N GLY O 164 26.73 -60.20 -80.30
CA GLY O 164 26.38 -58.92 -79.69
C GLY O 164 26.68 -58.82 -78.20
N ILE O 165 26.65 -57.59 -77.70
CA ILE O 165 26.93 -57.32 -76.28
C ILE O 165 25.77 -56.64 -75.58
N VAL O 166 25.28 -57.26 -74.51
CA VAL O 166 24.15 -56.70 -73.78
C VAL O 166 24.57 -56.24 -72.42
N ASN O 167 23.67 -55.51 -71.78
CA ASN O 167 23.89 -54.98 -70.45
C ASN O 167 22.60 -55.17 -69.63
N ASN O 168 22.64 -56.07 -68.66
CA ASN O 168 21.48 -56.34 -67.82
C ASN O 168 20.82 -55.07 -67.30
N ASN O 169 21.58 -54.00 -67.19
CA ASN O 169 21.03 -52.74 -66.69
C ASN O 169 19.92 -52.26 -67.63
N HIS O 170 20.16 -52.37 -68.93
CA HIS O 170 19.23 -51.97 -69.98
C HIS O 170 17.75 -52.06 -69.60
N TRP O 171 17.38 -53.13 -68.90
CA TRP O 171 16.00 -53.31 -68.47
C TRP O 171 15.85 -53.15 -66.95
N TRP O 172 16.78 -53.72 -66.18
CA TRP O 172 16.76 -53.67 -64.72
C TRP O 172 16.70 -52.27 -64.14
N ASN O 173 17.14 -51.30 -64.92
CA ASN O 173 17.15 -49.92 -64.47
C ASN O 173 15.76 -49.33 -64.30
N LYS O 174 14.81 -49.87 -65.03
CA LYS O 174 13.45 -49.40 -64.92
C LYS O 174 12.52 -50.56 -64.61
N GLN O 175 13.04 -51.78 -64.75
CA GLN O 175 12.26 -52.99 -64.50
C GLN O 175 11.51 -52.98 -63.20
N PRO O 176 10.19 -52.76 -63.28
CA PRO O 176 9.33 -52.72 -62.10
C PRO O 176 9.33 -54.06 -61.40
N MET O 177 9.18 -54.00 -60.08
CA MET O 177 9.18 -55.19 -59.26
C MET O 177 7.85 -55.90 -59.37
N LEU O 178 6.77 -55.15 -59.42
CA LEU O 178 5.45 -55.76 -59.54
C LEU O 178 5.51 -56.79 -60.65
N GLU O 179 6.01 -56.38 -61.81
CA GLU O 179 6.14 -57.26 -62.96
C GLU O 179 6.75 -58.61 -62.56
N VAL O 180 7.99 -58.54 -62.08
CA VAL O 180 8.75 -59.72 -61.67
C VAL O 180 8.01 -60.53 -60.61
N LEU O 181 7.96 -59.96 -59.40
CA LEU O 181 7.31 -60.59 -58.27
C LEU O 181 6.04 -61.33 -58.67
N ARG O 182 5.33 -60.84 -59.67
CA ARG O 182 4.11 -61.51 -60.11
C ARG O 182 4.42 -62.53 -61.21
N ARG O 183 5.00 -62.07 -62.32
CA ARG O 183 5.32 -62.96 -63.43
C ARG O 183 6.07 -64.22 -63.05
N VAL O 184 6.66 -64.27 -61.86
CA VAL O 184 7.40 -65.47 -61.44
C VAL O 184 7.32 -65.73 -59.95
N GLY O 185 7.16 -64.67 -59.17
CA GLY O 185 7.10 -64.81 -57.72
C GLY O 185 6.24 -65.94 -57.19
N HIS O 186 5.13 -66.22 -57.87
CA HIS O 186 4.21 -67.27 -57.44
C HIS O 186 4.79 -68.65 -57.72
N ALA O 187 5.68 -68.71 -58.70
CA ALA O 187 6.29 -69.97 -59.13
C ALA O 187 7.45 -70.45 -58.28
N LEU O 188 8.33 -69.54 -57.89
CA LEU O 188 9.46 -69.94 -57.07
C LEU O 188 9.02 -70.06 -55.63
N ARG O 189 9.81 -70.76 -54.83
CA ARG O 189 9.54 -70.95 -53.41
C ARG O 189 10.90 -70.93 -52.71
N ILE O 190 11.04 -70.07 -51.71
CA ILE O 190 12.29 -69.93 -50.95
C ILE O 190 12.91 -71.26 -50.55
N GLY O 191 12.14 -72.35 -50.72
CA GLY O 191 12.60 -73.69 -50.38
C GLY O 191 13.88 -74.04 -51.11
N PRO O 192 13.80 -74.58 -52.33
CA PRO O 192 15.03 -74.92 -53.04
C PRO O 192 15.96 -73.70 -53.21
N MET O 193 15.63 -72.61 -52.52
CA MET O 193 16.43 -71.38 -52.55
C MET O 193 17.23 -71.27 -51.25
N LEU O 194 16.52 -71.22 -50.13
CA LEU O 194 17.16 -71.14 -48.83
C LEU O 194 17.90 -72.45 -48.57
N SER O 195 17.45 -73.51 -49.23
CA SER O 195 18.11 -74.80 -49.06
C SER O 195 19.40 -74.85 -49.89
N ARG O 196 19.48 -73.98 -50.92
CA ARG O 196 20.66 -73.93 -51.80
C ARG O 196 21.90 -73.90 -50.91
N ASP O 197 22.76 -74.90 -51.05
CA ASP O 197 23.95 -74.98 -50.20
C ASP O 197 24.83 -73.74 -50.27
N THR O 198 25.30 -73.44 -51.48
CA THR O 198 26.17 -72.29 -51.69
C THR O 198 25.78 -71.11 -50.80
N VAL O 199 24.55 -70.64 -50.97
CA VAL O 199 24.05 -69.52 -50.19
C VAL O 199 23.64 -69.89 -48.74
N LYS O 200 22.82 -70.93 -48.58
CA LYS O 200 22.37 -71.37 -47.23
C LYS O 200 23.57 -71.47 -46.30
N ASN O 201 24.65 -72.01 -46.86
CA ASN O 201 25.88 -72.16 -46.11
C ASN O 201 26.36 -70.77 -45.65
N LYS O 202 26.09 -69.73 -46.45
CA LYS O 202 26.52 -68.38 -46.07
C LYS O 202 25.91 -67.87 -44.76
N MET O 203 24.68 -68.27 -44.48
CA MET O 203 23.99 -67.85 -43.26
C MET O 203 24.57 -68.55 -42.06
N THR O 204 24.75 -69.86 -42.20
CA THR O 204 25.30 -70.66 -41.12
C THR O 204 26.78 -70.25 -40.92
N GLN O 205 27.62 -70.64 -41.88
CA GLN O 205 29.07 -70.33 -41.84
C GLN O 205 29.31 -68.98 -42.50
N GLY O 206 28.88 -67.91 -41.83
CA GLY O 206 29.07 -66.59 -42.38
C GLY O 206 28.28 -65.58 -41.57
N ASP O 207 28.21 -64.37 -42.10
CA ASP O 207 27.46 -63.29 -41.45
C ASP O 207 25.99 -63.54 -41.66
N GLY O 208 25.65 -63.87 -42.90
CA GLY O 208 24.28 -64.12 -43.28
C GLY O 208 24.09 -63.77 -44.74
N VAL O 209 23.01 -63.04 -45.02
CA VAL O 209 22.71 -62.69 -46.40
C VAL O 209 21.69 -61.55 -46.46
N SER O 210 21.86 -60.66 -47.45
CA SER O 210 20.96 -59.52 -47.65
C SER O 210 19.93 -59.87 -48.69
N PHE O 211 18.70 -59.38 -48.50
CA PHE O 211 17.61 -59.66 -49.42
C PHE O 211 18.12 -59.59 -50.83
N ALA O 212 19.10 -58.73 -51.05
CA ALA O 212 19.66 -58.57 -52.38
C ALA O 212 20.25 -59.90 -52.77
N GLU O 213 21.25 -60.35 -52.03
CA GLU O 213 21.90 -61.60 -52.35
C GLU O 213 20.89 -62.72 -52.63
N PHE O 214 19.95 -62.90 -51.72
CA PHE O 214 18.94 -63.94 -51.89
C PHE O 214 18.25 -63.81 -53.23
N THR O 215 17.97 -62.57 -53.63
CA THR O 215 17.29 -62.29 -54.89
C THR O 215 18.18 -62.35 -56.11
N TYR O 216 19.48 -62.10 -55.92
CA TYR O 216 20.42 -62.10 -57.04
C TYR O 216 20.09 -63.23 -57.99
N PRO O 217 20.08 -64.46 -57.50
CA PRO O 217 19.75 -65.51 -58.45
C PRO O 217 18.51 -65.11 -59.27
N ILE O 218 17.40 -64.87 -58.57
CA ILE O 218 16.15 -64.51 -59.22
C ILE O 218 16.37 -63.59 -60.42
N MET O 219 17.25 -62.62 -60.29
CA MET O 219 17.51 -61.70 -61.39
C MET O 219 18.25 -62.38 -62.49
N GLN O 220 19.25 -63.17 -62.11
CA GLN O 220 20.08 -63.90 -63.07
C GLN O 220 19.15 -64.72 -63.95
N GLY O 221 17.99 -65.05 -63.39
CA GLY O 221 17.01 -65.83 -64.11
C GLY O 221 16.11 -64.96 -64.97
N TRP O 222 15.85 -63.75 -64.50
CA TRP O 222 15.01 -62.84 -65.25
C TRP O 222 15.83 -62.42 -66.43
N ASP O 223 17.14 -62.44 -66.25
CA ASP O 223 18.04 -62.09 -67.32
C ASP O 223 17.91 -63.15 -68.42
N TRP O 224 18.18 -64.41 -68.08
CA TRP O 224 18.07 -65.49 -69.05
C TRP O 224 16.82 -65.29 -69.89
N PHE O 225 15.69 -65.20 -69.20
CA PHE O 225 14.39 -65.00 -69.86
C PHE O 225 14.44 -63.78 -70.76
N GLU O 226 14.74 -62.62 -70.19
CA GLU O 226 14.80 -61.41 -71.00
C GLU O 226 15.46 -61.78 -72.33
N LEU O 227 16.63 -62.37 -72.29
CA LEU O 227 17.34 -62.76 -73.51
C LEU O 227 16.52 -63.69 -74.39
N PHE O 228 15.71 -64.56 -73.78
CA PHE O 228 14.85 -65.48 -74.52
C PHE O 228 13.72 -64.64 -75.14
N TYR O 229 13.05 -63.90 -74.27
CA TYR O 229 11.92 -63.05 -74.65
C TYR O 229 12.36 -61.98 -75.63
N GLN O 230 13.53 -61.42 -75.40
CA GLN O 230 14.05 -60.36 -76.26
C GLN O 230 15.09 -60.80 -77.30
N GLN O 231 15.48 -62.07 -77.30
CA GLN O 231 16.48 -62.49 -78.28
C GLN O 231 16.57 -63.95 -78.58
N GLY O 232 15.56 -64.72 -78.19
CA GLY O 232 15.57 -66.15 -78.47
C GLY O 232 16.82 -66.89 -78.00
N VAL O 233 16.97 -66.94 -76.68
CA VAL O 233 18.10 -67.59 -76.06
C VAL O 233 17.65 -68.88 -75.39
N GLN O 234 18.16 -70.00 -75.87
CA GLN O 234 17.80 -71.28 -75.27
C GLN O 234 19.01 -71.90 -74.59
N MET O 235 20.03 -71.09 -74.31
CA MET O 235 21.25 -71.61 -73.68
C MET O 235 22.09 -70.58 -72.91
N GLN O 236 22.77 -71.02 -71.87
CA GLN O 236 23.62 -70.14 -71.08
C GLN O 236 24.88 -70.86 -70.61
N ILE O 237 26.01 -70.32 -71.00
CA ILE O 237 27.31 -70.89 -70.65
C ILE O 237 27.89 -70.12 -69.48
N GLY O 238 28.36 -70.83 -68.45
CA GLY O 238 28.89 -70.13 -67.29
C GLY O 238 30.05 -70.70 -66.46
N GLY O 239 30.25 -70.09 -65.30
CA GLY O 239 31.29 -70.52 -64.41
C GLY O 239 31.01 -71.90 -63.86
N SER O 240 32.08 -72.63 -63.58
CA SER O 240 32.00 -73.98 -63.05
C SER O 240 31.04 -74.03 -61.86
N ASP O 241 31.11 -72.97 -61.04
CA ASP O 241 30.32 -72.81 -59.82
C ASP O 241 28.93 -72.23 -60.08
N GLN O 242 28.73 -71.82 -61.33
CA GLN O 242 27.49 -71.19 -61.77
C GLN O 242 26.38 -72.18 -62.08
N TYR O 243 26.61 -73.46 -61.77
CA TYR O 243 25.60 -74.47 -62.02
C TYR O 243 24.40 -74.16 -61.12
N GLY O 244 24.65 -74.12 -59.83
CA GLY O 244 23.58 -73.85 -58.87
C GLY O 244 22.72 -72.66 -59.28
N ASN O 245 23.34 -71.79 -60.07
CA ASN O 245 22.67 -70.60 -60.57
C ASN O 245 21.95 -70.88 -61.87
N ILE O 246 22.62 -71.58 -62.77
CA ILE O 246 22.03 -71.89 -64.07
C ILE O 246 20.74 -72.68 -63.87
N ILE O 247 20.71 -73.51 -62.83
CA ILE O 247 19.53 -74.29 -62.56
C ILE O 247 18.42 -73.35 -62.10
N SER O 248 18.64 -72.70 -60.96
CA SER O 248 17.65 -71.79 -60.42
C SER O 248 17.15 -70.77 -61.44
N GLY O 249 18.05 -70.33 -62.31
CA GLY O 249 17.66 -69.37 -63.32
C GLY O 249 16.59 -70.02 -64.16
N LEU O 250 16.90 -71.21 -64.66
CA LEU O 250 16.00 -71.99 -65.49
C LEU O 250 14.58 -71.85 -64.97
N GLU O 251 14.33 -72.42 -63.80
CA GLU O 251 13.03 -72.35 -63.18
C GLU O 251 12.39 -70.99 -63.45
N VAL O 252 13.08 -69.91 -63.08
CA VAL O 252 12.57 -68.56 -63.27
C VAL O 252 12.24 -68.29 -64.74
N VAL O 253 13.12 -68.75 -65.63
CA VAL O 253 12.93 -68.59 -67.05
C VAL O 253 11.53 -69.03 -67.43
N LYS O 254 11.28 -70.31 -67.24
CA LYS O 254 10.00 -70.93 -67.54
C LYS O 254 8.84 -70.18 -66.92
N ALA O 255 8.86 -70.05 -65.59
CA ALA O 255 7.80 -69.36 -64.87
C ALA O 255 7.21 -68.19 -65.65
N ALA O 256 8.09 -67.30 -66.13
CA ALA O 256 7.66 -66.14 -66.90
C ALA O 256 6.98 -66.59 -68.19
N ARG O 257 7.64 -67.49 -68.91
CA ARG O 257 7.09 -68.03 -70.16
C ARG O 257 5.69 -68.60 -69.92
N GLU O 258 5.50 -69.27 -68.78
CA GLU O 258 4.21 -69.83 -68.41
C GLU O 258 3.17 -68.73 -68.30
N SER O 259 3.34 -67.90 -67.27
CA SER O 259 2.44 -66.80 -66.99
C SER O 259 2.46 -65.64 -68.00
N GLU O 260 2.41 -65.94 -69.29
CA GLU O 260 2.40 -64.87 -70.29
C GLU O 260 0.95 -64.45 -70.50
N PRO O 261 0.52 -63.36 -69.83
CA PRO O 261 -0.84 -62.80 -69.89
C PRO O 261 -1.22 -62.25 -71.26
N ASP O 262 -0.49 -62.69 -72.28
CA ASP O 262 -0.77 -62.28 -73.63
C ASP O 262 -0.98 -63.52 -74.50
N PRO O 263 -2.19 -63.65 -75.05
CA PRO O 263 -2.56 -64.79 -75.92
C PRO O 263 -1.78 -64.89 -77.23
N GLN O 264 -1.58 -63.75 -77.91
CA GLN O 264 -0.85 -63.71 -79.16
C GLN O 264 0.65 -63.83 -78.90
N GLU O 265 1.07 -63.51 -77.68
CA GLU O 265 2.48 -63.61 -77.30
C GLU O 265 2.78 -64.97 -76.66
N ARG O 266 1.73 -65.67 -76.26
CA ARG O 266 1.89 -67.00 -75.65
C ARG O 266 2.35 -67.94 -76.78
N LYS O 267 1.87 -67.64 -77.99
CA LYS O 267 2.18 -68.40 -79.20
C LYS O 267 3.69 -68.42 -79.40
N TYR O 268 4.37 -67.56 -78.65
CA TYR O 268 5.81 -67.45 -78.73
C TYR O 268 6.45 -68.05 -77.49
N VAL O 269 6.55 -67.24 -76.44
CA VAL O 269 7.16 -67.62 -75.17
C VAL O 269 6.80 -68.99 -74.57
N THR O 270 5.52 -69.30 -74.49
CA THR O 270 5.06 -70.56 -73.89
C THR O 270 5.77 -71.81 -74.38
N PRO O 271 6.24 -72.64 -73.42
CA PRO O 271 6.94 -73.90 -73.69
C PRO O 271 6.16 -74.78 -74.65
N LYS O 272 6.33 -74.51 -75.93
CA LYS O 272 5.66 -75.25 -76.98
C LYS O 272 6.29 -76.64 -77.10
N THR O 273 6.94 -76.90 -78.23
CA THR O 273 7.58 -78.19 -78.49
C THR O 273 8.53 -78.61 -77.34
N ALA O 274 8.74 -79.91 -77.17
CA ALA O 274 9.61 -80.42 -76.12
C ALA O 274 11.01 -79.83 -76.24
N LEU O 275 11.55 -79.79 -77.46
CA LEU O 275 12.89 -79.25 -77.75
C LEU O 275 12.99 -77.76 -77.44
N ASP O 276 11.83 -77.10 -77.37
CA ASP O 276 11.71 -75.68 -77.08
C ASP O 276 12.12 -75.42 -75.62
N GLU O 277 13.10 -76.17 -75.14
CA GLU O 277 13.57 -76.03 -73.74
C GLU O 277 14.97 -75.43 -73.64
N CYS O 278 15.12 -74.44 -72.76
CA CYS O 278 16.41 -73.77 -72.57
C CYS O 278 17.33 -74.65 -71.74
N VAL O 279 18.50 -74.94 -72.27
CA VAL O 279 19.47 -75.78 -71.56
C VAL O 279 20.78 -75.04 -71.38
N GLY O 280 21.66 -75.55 -70.52
CA GLY O 280 22.93 -74.88 -70.31
C GLY O 280 24.05 -75.84 -69.92
N PHE O 281 25.27 -75.32 -69.80
CA PHE O 281 26.42 -76.13 -69.39
C PHE O 281 27.55 -75.29 -68.80
N THR O 282 28.03 -75.71 -67.64
CA THR O 282 29.10 -75.03 -66.93
C THR O 282 30.44 -75.60 -67.40
N VAL O 283 31.27 -74.74 -67.97
CA VAL O 283 32.59 -75.17 -68.42
C VAL O 283 33.35 -75.56 -67.18
N PRO O 284 34.35 -76.46 -67.32
CA PRO O 284 35.13 -76.88 -66.14
C PRO O 284 36.02 -75.82 -65.47
N LEU O 285 36.24 -75.99 -64.17
CA LEU O 285 37.08 -75.10 -63.37
C LEU O 285 38.53 -75.54 -63.59
N LEU O 286 39.35 -74.71 -64.23
CA LEU O 286 40.75 -75.11 -64.46
C LEU O 286 41.76 -74.54 -63.46
N THR O 287 42.95 -75.12 -63.46
CA THR O 287 44.05 -74.70 -62.59
C THR O 287 45.37 -74.97 -63.30
N ASP O 288 46.48 -74.47 -62.74
CA ASP O 288 47.82 -74.66 -63.33
C ASP O 288 48.45 -76.01 -62.89
N SER O 289 49.20 -76.64 -63.81
CA SER O 289 49.83 -77.95 -63.58
C SER O 289 50.22 -78.23 -62.13
N SER O 290 50.48 -77.17 -61.36
CA SER O 290 50.85 -77.29 -59.95
C SER O 290 49.62 -77.36 -59.03
N GLY O 291 49.14 -76.20 -58.58
CA GLY O 291 47.99 -76.16 -57.71
C GLY O 291 47.23 -74.85 -57.71
N ALA O 292 47.94 -73.74 -57.88
CA ALA O 292 47.31 -72.42 -57.90
C ALA O 292 46.12 -72.39 -58.86
N LYS O 293 44.96 -71.98 -58.38
CA LYS O 293 43.75 -71.91 -59.21
C LYS O 293 44.05 -71.24 -60.55
N PHE O 294 43.16 -71.43 -61.51
CA PHE O 294 43.37 -70.83 -62.81
C PHE O 294 42.99 -69.35 -62.88
N GLY O 295 43.82 -68.58 -63.55
CA GLY O 295 43.56 -67.16 -63.67
C GLY O 295 44.43 -66.37 -62.71
N LYS O 296 44.69 -66.92 -61.52
CA LYS O 296 45.52 -66.21 -60.53
C LYS O 296 47.02 -66.53 -60.75
N SER O 297 47.89 -65.58 -60.36
CA SER O 297 49.35 -65.75 -60.50
C SER O 297 50.12 -65.19 -59.29
N ALA O 298 50.54 -66.10 -58.41
CA ALA O 298 51.27 -65.78 -57.19
C ALA O 298 50.34 -65.07 -56.20
N GLY O 299 49.68 -64.02 -56.68
CA GLY O 299 48.74 -63.26 -55.87
C GLY O 299 47.52 -62.85 -56.69
N ASN O 300 47.72 -61.85 -57.55
CA ASN O 300 46.67 -61.34 -58.41
C ASN O 300 46.34 -62.36 -59.49
N ALA O 301 46.16 -61.89 -60.72
CA ALA O 301 45.81 -62.79 -61.81
C ALA O 301 46.40 -62.36 -63.13
N ILE O 302 46.11 -63.16 -64.16
CA ILE O 302 46.59 -62.91 -65.51
C ILE O 302 45.68 -61.91 -66.21
N TRP O 303 45.59 -60.70 -65.67
CA TRP O 303 44.76 -59.67 -66.28
C TRP O 303 44.82 -59.61 -67.79
N LEU O 304 43.94 -58.78 -68.34
CA LEU O 304 43.86 -58.57 -69.77
C LEU O 304 44.32 -57.14 -70.08
N ASP O 305 44.06 -56.24 -69.13
CA ASP O 305 44.46 -54.84 -69.28
C ASP O 305 45.97 -54.73 -69.44
N PRO O 306 46.44 -54.21 -70.56
CA PRO O 306 47.88 -54.06 -70.82
C PRO O 306 48.61 -53.31 -69.70
N TYR O 307 48.02 -52.21 -69.22
CA TYR O 307 48.65 -51.42 -68.16
C TYR O 307 48.41 -52.06 -66.79
N GLN O 308 48.38 -53.38 -66.78
CA GLN O 308 48.17 -54.16 -65.57
C GLN O 308 48.68 -55.58 -65.76
N THR O 309 49.14 -55.85 -66.97
CA THR O 309 49.67 -57.17 -67.34
C THR O 309 50.29 -57.04 -68.75
N SER O 310 51.51 -56.51 -68.79
CA SER O 310 52.18 -56.33 -70.06
C SER O 310 52.00 -57.48 -70.98
N VAL O 311 51.87 -57.14 -72.24
CA VAL O 311 51.74 -58.10 -73.31
C VAL O 311 52.76 -59.20 -73.07
N PHE O 312 53.97 -58.83 -72.70
CA PHE O 312 55.02 -59.80 -72.42
C PHE O 312 54.54 -60.80 -71.37
N ASP O 313 54.27 -60.31 -70.16
CA ASP O 313 53.81 -61.12 -69.05
C ASP O 313 52.67 -62.03 -69.46
N PHE O 314 51.78 -61.50 -70.28
CA PHE O 314 50.68 -62.29 -70.78
C PHE O 314 51.34 -63.49 -71.45
N TYR O 315 51.99 -63.23 -72.59
CA TYR O 315 52.69 -64.27 -73.36
C TYR O 315 53.33 -65.25 -72.40
N GLY O 316 53.76 -64.73 -71.25
CA GLY O 316 54.38 -65.53 -70.22
C GLY O 316 53.56 -66.65 -69.60
N TYR O 317 52.56 -66.33 -68.76
CA TYR O 317 51.75 -67.35 -68.10
C TYR O 317 51.22 -68.44 -69.03
N PHE O 318 51.27 -68.18 -70.34
CA PHE O 318 50.82 -69.14 -71.33
C PHE O 318 51.98 -70.04 -71.74
N VAL O 319 53.10 -69.44 -72.14
CA VAL O 319 54.26 -70.23 -72.54
C VAL O 319 54.76 -70.97 -71.31
N ARG O 320 54.34 -70.52 -70.15
CA ARG O 320 54.73 -71.12 -68.88
C ARG O 320 54.27 -72.58 -68.77
N ARG O 321 52.96 -72.81 -68.90
CA ARG O 321 52.43 -74.16 -68.77
C ARG O 321 53.28 -75.26 -69.37
N SER O 322 53.54 -76.30 -68.56
CA SER O 322 54.36 -77.43 -68.97
C SER O 322 53.64 -78.30 -69.99
N ASP O 323 54.32 -79.36 -70.44
CA ASP O 323 53.82 -80.27 -71.46
C ASP O 323 52.69 -81.24 -71.01
N GLN O 324 52.57 -81.41 -69.70
CA GLN O 324 51.55 -82.29 -69.13
C GLN O 324 50.16 -81.76 -69.46
N GLU O 325 49.98 -80.46 -69.32
CA GLU O 325 48.70 -79.85 -69.60
C GLU O 325 48.58 -79.25 -71.00
N VAL O 326 49.70 -78.84 -71.59
CA VAL O 326 49.67 -78.22 -72.93
C VAL O 326 48.69 -78.86 -73.88
N GLU O 327 48.50 -80.17 -73.74
CA GLU O 327 47.58 -80.85 -74.62
C GLU O 327 46.15 -80.41 -74.33
N ASN O 328 45.66 -80.78 -73.15
CA ASN O 328 44.29 -80.45 -72.71
C ASN O 328 43.99 -78.95 -72.76
N LEU O 329 45.00 -78.13 -72.45
CA LEU O 329 44.82 -76.67 -72.44
C LEU O 329 45.03 -76.04 -73.80
N LEU O 330 45.55 -76.80 -74.74
CA LEU O 330 45.75 -76.27 -76.08
C LEU O 330 44.40 -76.33 -76.79
N LYS O 331 43.67 -77.41 -76.54
CA LYS O 331 42.35 -77.65 -77.13
C LYS O 331 41.32 -76.73 -76.52
N LEU O 332 41.64 -76.19 -75.35
CA LEU O 332 40.72 -75.31 -74.68
C LEU O 332 40.77 -73.85 -75.12
N PHE O 333 41.95 -73.30 -75.39
CA PHE O 333 41.98 -71.87 -75.74
C PHE O 333 42.48 -71.43 -77.10
N THR O 334 42.39 -72.30 -78.09
CA THR O 334 42.83 -71.92 -79.41
C THR O 334 41.71 -72.25 -80.37
N PHE O 335 41.62 -71.49 -81.44
CA PHE O 335 40.59 -71.74 -82.44
C PHE O 335 41.22 -72.58 -83.55
N MET O 336 41.78 -73.74 -83.17
CA MET O 336 42.46 -74.62 -84.12
C MET O 336 41.84 -76.03 -84.18
N PRO O 337 41.54 -76.51 -85.40
CA PRO O 337 40.95 -77.85 -85.59
C PRO O 337 41.78 -78.89 -84.85
N ILE O 338 41.16 -79.67 -83.96
CA ILE O 338 41.90 -80.70 -83.22
C ILE O 338 42.78 -81.42 -84.24
N SER O 339 42.33 -81.36 -85.50
CA SER O 339 43.04 -81.95 -86.63
C SER O 339 44.47 -81.38 -86.67
N GLU O 340 44.56 -80.06 -86.83
CA GLU O 340 45.84 -79.40 -86.88
C GLU O 340 46.52 -79.37 -85.50
N ILE O 341 45.72 -79.47 -84.44
CA ILE O 341 46.24 -79.44 -83.08
C ILE O 341 47.24 -80.57 -82.86
N THR O 342 46.80 -81.79 -83.13
CA THR O 342 47.66 -82.94 -82.94
C THR O 342 48.89 -82.84 -83.83
N LYS O 343 48.84 -81.96 -84.83
CA LYS O 343 49.98 -81.77 -85.74
C LYS O 343 51.10 -80.95 -85.07
N THR O 344 50.67 -79.98 -84.29
CA THR O 344 51.59 -79.14 -83.56
C THR O 344 52.10 -79.95 -82.38
N MET O 345 51.18 -80.67 -81.74
CA MET O 345 51.52 -81.53 -80.59
C MET O 345 52.43 -82.70 -80.93
N GLU O 346 52.17 -83.36 -82.07
CA GLU O 346 52.97 -84.50 -82.54
C GLU O 346 54.37 -84.02 -82.95
N GLU O 347 54.49 -82.72 -83.18
CA GLU O 347 55.77 -82.11 -83.55
C GLU O 347 56.52 -81.75 -82.27
N HIS O 348 55.78 -81.21 -81.32
CA HIS O 348 56.33 -80.81 -80.05
C HIS O 348 56.88 -82.02 -79.30
N ILE O 349 56.10 -83.11 -79.20
CA ILE O 349 56.52 -84.32 -78.47
C ILE O 349 57.80 -85.03 -78.95
N LYS O 350 58.36 -84.57 -80.07
CA LYS O 350 59.60 -85.12 -80.62
C LYS O 350 60.74 -84.14 -80.29
N ASP O 351 60.45 -83.24 -79.36
CA ASP O 351 61.38 -82.22 -78.88
C ASP O 351 60.73 -81.41 -77.73
N PRO O 352 60.39 -82.10 -76.61
CA PRO O 352 59.77 -81.44 -75.45
C PRO O 352 60.55 -80.23 -74.94
N SER O 353 61.86 -80.42 -74.82
CA SER O 353 62.77 -79.38 -74.35
C SER O 353 62.60 -78.03 -75.03
N LYS O 354 62.65 -78.01 -76.36
CA LYS O 354 62.54 -76.78 -77.13
C LYS O 354 61.16 -76.14 -76.97
N ARG O 355 60.21 -76.96 -76.53
CA ARG O 355 58.83 -76.53 -76.30
C ARG O 355 58.21 -75.74 -77.45
N VAL O 356 58.09 -76.40 -78.60
CA VAL O 356 57.50 -75.77 -79.79
C VAL O 356 56.01 -75.55 -79.55
N ALA O 357 55.39 -76.46 -78.79
CA ALA O 357 53.96 -76.41 -78.47
C ALA O 357 53.60 -75.33 -77.48
N GLN O 358 54.49 -75.08 -76.53
CA GLN O 358 54.24 -74.04 -75.54
C GLN O 358 54.43 -72.64 -76.13
N HIS O 359 55.41 -72.50 -77.03
CA HIS O 359 55.67 -71.19 -77.66
C HIS O 359 54.54 -70.83 -78.63
N THR O 360 53.94 -71.85 -79.24
CA THR O 360 52.85 -71.65 -80.19
C THR O 360 51.53 -71.36 -79.45
N LEU O 361 51.07 -72.28 -78.59
CA LEU O 361 49.81 -72.05 -77.85
C LEU O 361 49.77 -70.68 -77.20
N ALA O 362 50.90 -70.24 -76.67
CA ALA O 362 50.92 -68.94 -76.03
C ALA O 362 50.68 -67.91 -77.11
N ARG O 363 51.51 -67.90 -78.15
CA ARG O 363 51.33 -66.91 -79.21
C ARG O 363 49.91 -66.85 -79.76
N GLU O 364 49.27 -68.00 -79.88
CA GLU O 364 47.91 -68.07 -80.41
C GLU O 364 46.90 -67.29 -79.57
N VAL O 365 46.83 -67.57 -78.27
CA VAL O 365 45.87 -66.88 -77.40
C VAL O 365 46.18 -65.39 -77.20
N VAL O 366 47.45 -65.00 -77.33
CA VAL O 366 47.83 -63.60 -77.19
C VAL O 366 47.27 -62.82 -78.37
N THR O 367 47.15 -63.52 -79.49
CA THR O 367 46.62 -62.91 -80.70
C THR O 367 45.16 -62.59 -80.43
N LEU O 368 44.34 -63.62 -80.31
CA LEU O 368 42.92 -63.46 -80.08
C LEU O 368 42.58 -62.30 -79.16
N VAL O 369 43.27 -62.20 -78.03
CA VAL O 369 42.99 -61.13 -77.09
C VAL O 369 43.75 -59.85 -77.38
N HIS O 370 44.99 -59.96 -77.83
CA HIS O 370 45.81 -58.78 -78.14
C HIS O 370 46.23 -58.59 -79.62
N GLY O 371 45.57 -59.28 -80.53
CA GLY O 371 45.88 -59.11 -81.95
C GLY O 371 47.25 -59.60 -82.37
N LYS O 372 47.35 -60.07 -83.60
CA LYS O 372 48.59 -60.61 -84.15
C LYS O 372 49.80 -59.69 -84.10
N GLN O 373 49.65 -58.46 -84.62
CA GLN O 373 50.72 -57.48 -84.69
C GLN O 373 51.56 -57.50 -83.42
N GLU O 374 50.91 -57.28 -82.30
CA GLU O 374 51.60 -57.27 -81.03
C GLU O 374 52.04 -58.69 -80.66
N ALA O 375 51.08 -59.56 -80.38
CA ALA O 375 51.35 -60.95 -79.99
C ALA O 375 52.58 -61.56 -80.65
N SER O 376 52.88 -61.11 -81.87
CA SER O 376 54.04 -61.61 -82.61
C SER O 376 55.30 -61.00 -82.04
N ALA O 377 55.25 -59.69 -81.79
CA ALA O 377 56.38 -58.97 -81.23
C ALA O 377 56.63 -59.45 -79.80
N ALA O 378 55.56 -59.77 -79.09
CA ALA O 378 55.63 -60.26 -77.72
C ALA O 378 56.36 -61.61 -77.63
N GLU O 379 56.40 -62.31 -78.75
CA GLU O 379 57.07 -63.61 -78.83
C GLU O 379 58.58 -63.33 -78.87
N ASP O 380 58.95 -62.29 -79.60
CA ASP O 380 60.34 -61.90 -79.73
C ASP O 380 60.95 -61.63 -78.35
N GLN O 381 60.20 -60.93 -77.51
CA GLN O 381 60.67 -60.63 -76.18
C GLN O 381 60.96 -61.94 -75.43
N HIS O 382 59.91 -62.69 -75.12
CA HIS O 382 60.04 -63.94 -74.34
C HIS O 382 60.86 -65.09 -74.98
N ARG O 383 61.17 -65.01 -76.28
CA ARG O 383 61.94 -66.05 -76.95
C ARG O 383 63.38 -65.52 -77.22
N MET O 384 63.80 -64.51 -76.47
CA MET O 384 65.06 -63.78 -76.66
C MET O 384 66.20 -64.05 -75.62
N MET O 385 67.33 -63.32 -75.69
CA MET O 385 68.47 -63.45 -74.76
C MET O 385 69.82 -63.92 -75.38
N PRO P 8 4.32 -16.22 -48.52
CA PRO P 8 2.97 -16.40 -49.10
C PRO P 8 1.93 -16.70 -48.02
N LYS P 9 0.67 -16.36 -48.30
CA LYS P 9 -0.41 -16.60 -47.35
C LYS P 9 -0.46 -18.06 -46.94
N TYR P 10 -0.57 -18.94 -47.94
CA TYR P 10 -0.62 -20.39 -47.70
C TYR P 10 0.37 -20.71 -46.59
N THR P 11 1.56 -20.09 -46.71
CA THR P 11 2.63 -20.28 -45.73
C THR P 11 2.08 -19.99 -44.33
N ALA P 12 1.65 -18.76 -44.10
CA ALA P 12 1.11 -18.37 -42.81
C ALA P 12 0.06 -19.37 -42.32
N LYS P 13 -0.70 -19.94 -43.25
CA LYS P 13 -1.73 -20.90 -42.88
C LYS P 13 -1.16 -22.12 -42.15
N ILE P 14 -0.23 -22.82 -42.82
CA ILE P 14 0.36 -24.00 -42.19
C ILE P 14 0.89 -23.60 -40.82
N ASN P 15 1.31 -22.35 -40.69
CA ASN P 15 1.82 -21.88 -39.41
C ASN P 15 0.74 -21.79 -38.36
N GLU P 16 -0.43 -21.32 -38.76
CA GLU P 16 -1.55 -21.18 -37.86
C GLU P 16 -1.76 -22.46 -37.05
N ALA P 17 -2.26 -23.46 -37.75
CA ALA P 17 -2.54 -24.75 -37.14
C ALA P 17 -1.37 -25.23 -36.31
N GLU P 18 -0.18 -24.85 -36.73
CA GLU P 18 1.04 -25.23 -36.04
C GLU P 18 1.01 -24.73 -34.61
N GLU P 19 0.87 -23.42 -34.49
CA GLU P 19 0.83 -22.76 -33.20
C GLU P 19 -0.19 -23.43 -32.28
N ASN P 20 -1.42 -23.57 -32.77
CA ASN P 20 -2.48 -24.19 -31.98
C ASN P 20 -2.02 -25.54 -31.45
N TRP P 21 -1.40 -26.33 -32.33
CA TRP P 21 -0.92 -27.65 -31.96
C TRP P 21 -0.11 -27.60 -30.68
N GLN P 22 0.62 -26.50 -30.50
CA GLN P 22 1.42 -26.33 -29.32
C GLN P 22 0.54 -26.03 -28.12
N ALA P 23 -0.52 -25.27 -28.34
CA ALA P 23 -1.44 -24.92 -27.27
C ALA P 23 -2.00 -26.23 -26.71
N ARG P 24 -2.33 -27.14 -27.63
CA ARG P 24 -2.88 -28.44 -27.27
C ARG P 24 -1.80 -29.37 -26.71
N ALA P 25 -0.57 -29.19 -27.19
CA ALA P 25 0.55 -29.99 -26.73
C ALA P 25 0.71 -29.71 -25.25
N GLU P 26 0.43 -28.46 -24.88
CA GLU P 26 0.51 -27.99 -23.50
C GLU P 26 -0.60 -28.59 -22.61
N ALA P 27 -1.84 -28.57 -23.11
CA ALA P 27 -2.99 -29.09 -22.37
C ALA P 27 -2.71 -30.48 -21.81
N ILE P 28 -2.08 -31.31 -22.62
CA ILE P 28 -1.73 -32.63 -22.17
C ILE P 28 -0.61 -32.48 -21.15
N LYS P 29 0.31 -31.55 -21.42
CA LYS P 29 1.45 -31.30 -20.53
C LYS P 29 1.04 -30.73 -19.18
N LYS P 30 -0.17 -30.17 -19.11
CA LYS P 30 -0.65 -29.63 -17.85
C LYS P 30 -2.03 -30.18 -17.52
N GLY P 31 -2.30 -31.39 -18.02
CA GLY P 31 -3.58 -32.04 -17.77
C GLY P 31 -4.81 -31.24 -18.10
N LYS P 32 -5.24 -31.31 -19.35
CA LYS P 32 -6.44 -30.59 -19.78
C LYS P 32 -7.16 -31.31 -20.92
N LYS P 33 -6.42 -32.08 -21.70
CA LYS P 33 -7.05 -32.85 -22.77
C LYS P 33 -6.25 -34.12 -22.92
N GLN P 34 -6.96 -35.25 -22.94
CA GLN P 34 -6.32 -36.55 -23.05
C GLN P 34 -5.46 -36.66 -24.31
N ASN P 35 -4.22 -37.10 -24.14
CA ASN P 35 -3.35 -37.24 -25.29
C ASN P 35 -3.96 -38.33 -26.14
N THR P 36 -4.07 -38.04 -27.43
CA THR P 36 -4.62 -38.96 -28.41
C THR P 36 -4.27 -40.43 -28.10
N TRP P 37 -2.99 -40.68 -27.80
CA TRP P 37 -2.50 -42.01 -27.49
C TRP P 37 -3.07 -42.57 -26.20
N ASP P 38 -3.40 -41.70 -25.25
CA ASP P 38 -4.00 -42.16 -24.01
C ASP P 38 -5.42 -42.58 -24.35
N LEU P 39 -6.06 -41.79 -25.19
CA LEU P 39 -7.42 -42.10 -25.61
C LEU P 39 -7.40 -43.43 -26.35
N PHE P 40 -6.23 -43.76 -26.88
CA PHE P 40 -6.05 -45.02 -27.61
C PHE P 40 -6.03 -46.23 -26.67
N GLU P 41 -5.01 -46.30 -25.84
CA GLU P 41 -4.88 -47.40 -24.90
C GLU P 41 -6.07 -47.44 -23.97
N GLU P 42 -6.70 -46.29 -23.80
CA GLU P 42 -7.86 -46.14 -22.92
C GLU P 42 -9.11 -46.79 -23.49
N ARG P 43 -9.49 -46.43 -24.71
CA ARG P 43 -10.67 -47.01 -25.34
C ARG P 43 -10.34 -48.43 -25.81
N GLY P 44 -9.21 -48.94 -25.34
CA GLY P 44 -8.75 -50.29 -25.65
C GLY P 44 -8.52 -50.57 -27.10
N TYR P 45 -7.85 -49.66 -27.79
CA TYR P 45 -7.58 -49.87 -29.18
C TYR P 45 -6.23 -50.55 -29.28
N VAL P 46 -5.47 -50.53 -28.20
CA VAL P 46 -4.14 -51.10 -28.27
C VAL P 46 -3.94 -52.42 -27.59
N LYS P 47 -3.19 -53.29 -28.26
CA LYS P 47 -2.85 -54.62 -27.75
C LYS P 47 -1.33 -54.80 -27.78
N ASP P 48 -0.68 -54.37 -28.85
CA ASP P 48 0.77 -54.45 -28.94
C ASP P 48 1.35 -53.11 -29.44
N THR P 49 2.67 -52.91 -29.28
CA THR P 49 3.30 -51.68 -29.75
C THR P 49 4.74 -51.84 -30.21
N ALA P 50 5.09 -51.04 -31.20
CA ALA P 50 6.44 -51.00 -31.75
C ALA P 50 6.94 -49.60 -31.46
N GLY P 51 7.67 -49.48 -30.35
CA GLY P 51 8.20 -48.20 -29.92
C GLY P 51 7.87 -48.05 -28.45
N THR P 52 8.44 -47.05 -27.79
CA THR P 52 8.17 -46.85 -26.36
C THR P 52 6.78 -46.36 -26.12
N LYS P 53 6.10 -46.96 -25.15
CA LYS P 53 4.77 -46.53 -24.80
C LYS P 53 4.82 -45.00 -24.60
N GLU P 54 5.86 -44.49 -23.92
CA GLU P 54 6.00 -43.02 -23.68
C GLU P 54 6.48 -42.32 -24.93
N HIS P 55 7.23 -43.06 -25.74
CA HIS P 55 7.75 -42.55 -26.99
C HIS P 55 6.58 -42.09 -27.83
N ILE P 56 5.74 -43.04 -28.22
CA ILE P 56 4.58 -42.74 -29.03
C ILE P 56 3.71 -41.67 -28.40
N ALA P 57 3.72 -41.61 -27.07
CA ALA P 57 2.95 -40.61 -26.34
C ALA P 57 3.42 -39.20 -26.72
N GLU P 58 4.65 -38.89 -26.30
CA GLU P 58 5.24 -37.59 -26.58
C GLU P 58 5.09 -37.16 -28.05
N LEU P 59 5.45 -38.07 -28.97
CA LEU P 59 5.34 -37.81 -30.39
C LEU P 59 3.94 -37.31 -30.76
N MET P 60 2.90 -37.89 -30.16
CA MET P 60 1.53 -37.48 -30.46
C MET P 60 1.18 -36.16 -29.78
N ARG P 61 2.02 -35.71 -28.86
CA ARG P 61 1.76 -34.45 -28.18
C ARG P 61 2.32 -33.26 -28.95
N THR P 62 3.44 -33.47 -29.63
CA THR P 62 4.10 -32.39 -30.37
C THR P 62 4.19 -32.60 -31.89
N ARG P 63 3.31 -33.42 -32.44
CA ARG P 63 3.37 -33.65 -33.87
C ARG P 63 2.08 -34.16 -34.48
N ARG P 64 1.58 -33.40 -35.44
CA ARG P 64 0.35 -33.73 -36.16
C ARG P 64 0.67 -34.86 -37.11
N ILE P 65 1.45 -35.82 -36.62
CA ILE P 65 1.88 -36.97 -37.41
C ILE P 65 0.83 -37.54 -38.32
N GLY P 66 1.31 -38.38 -39.23
CA GLY P 66 0.44 -39.06 -40.17
C GLY P 66 0.46 -40.54 -39.89
N ALA P 67 -0.70 -41.18 -40.00
CA ALA P 67 -0.82 -42.61 -39.77
C ALA P 67 -1.79 -43.21 -40.76
N TYR P 68 -1.58 -44.46 -41.13
CA TYR P 68 -2.46 -45.10 -42.08
C TYR P 68 -2.88 -46.51 -41.70
N VAL P 69 -3.86 -47.03 -42.44
CA VAL P 69 -4.38 -48.37 -42.22
C VAL P 69 -4.40 -49.12 -43.55
N GLY P 70 -3.61 -50.19 -43.65
CA GLY P 70 -3.56 -50.94 -44.90
C GLY P 70 -4.69 -51.93 -45.12
N ILE P 71 -5.25 -51.94 -46.34
CA ILE P 71 -6.35 -52.86 -46.67
C ILE P 71 -6.32 -53.44 -48.09
N ASP P 72 -5.99 -54.72 -48.18
CA ASP P 72 -5.92 -55.44 -49.45
C ASP P 72 -7.32 -55.79 -49.93
N PRO P 73 -7.64 -55.40 -51.17
CA PRO P 73 -8.93 -55.64 -51.82
C PRO P 73 -9.04 -57.05 -52.40
N THR P 74 -9.01 -58.04 -51.51
CA THR P 74 -9.12 -59.42 -51.92
C THR P 74 -10.56 -59.86 -51.87
N ALA P 75 -11.41 -59.03 -51.33
CA ALA P 75 -12.82 -59.35 -51.24
C ALA P 75 -13.64 -58.21 -51.79
N PRO P 76 -14.87 -58.50 -52.22
CA PRO P 76 -15.76 -57.48 -52.78
C PRO P 76 -16.46 -56.64 -51.71
N SER P 77 -15.90 -56.57 -50.52
CA SER P 77 -16.51 -55.78 -49.45
C SER P 77 -15.73 -55.83 -48.15
N LEU P 78 -15.63 -54.69 -47.49
CA LEU P 78 -14.94 -54.63 -46.23
C LEU P 78 -15.85 -55.24 -45.20
N HIS P 79 -15.32 -56.21 -44.48
CA HIS P 79 -16.07 -56.89 -43.44
C HIS P 79 -15.90 -56.12 -42.13
N VAL P 80 -16.92 -56.17 -41.28
CA VAL P 80 -16.93 -55.48 -39.99
C VAL P 80 -15.60 -55.51 -39.27
N GLY P 81 -14.77 -56.50 -39.58
CA GLY P 81 -13.49 -56.61 -38.93
C GLY P 81 -12.60 -55.42 -39.23
N HIS P 82 -12.63 -54.97 -40.48
CA HIS P 82 -11.81 -53.85 -40.93
C HIS P 82 -12.10 -52.54 -40.19
N LEU P 83 -13.20 -52.52 -39.45
CA LEU P 83 -13.60 -51.33 -38.70
C LEU P 83 -12.61 -51.00 -37.60
N LEU P 84 -12.59 -51.85 -36.59
CA LEU P 84 -11.72 -51.68 -35.44
C LEU P 84 -10.40 -50.99 -35.75
N PRO P 85 -9.58 -51.61 -36.61
CA PRO P 85 -8.31 -51.00 -36.94
C PRO P 85 -8.46 -49.57 -37.44
N LEU P 86 -9.47 -49.32 -38.28
CA LEU P 86 -9.69 -47.98 -38.83
C LEU P 86 -10.18 -47.04 -37.74
N MET P 87 -11.06 -47.55 -36.88
CA MET P 87 -11.62 -46.75 -35.81
C MET P 87 -10.68 -45.76 -35.14
N PRO P 88 -9.59 -46.24 -34.52
CA PRO P 88 -8.69 -45.28 -33.87
C PRO P 88 -8.24 -44.22 -34.87
N LEU P 89 -7.89 -44.67 -36.08
CA LEU P 89 -7.45 -43.74 -37.12
C LEU P 89 -8.45 -42.58 -37.17
N PHE P 90 -9.71 -42.93 -37.44
CA PHE P 90 -10.77 -41.92 -37.50
C PHE P 90 -10.62 -40.97 -36.33
N TRP P 91 -10.51 -41.50 -35.13
CA TRP P 91 -10.37 -40.65 -33.98
C TRP P 91 -9.26 -39.64 -34.20
N MET P 92 -8.08 -40.11 -34.53
CA MET P 92 -7.00 -39.19 -34.75
C MET P 92 -7.45 -38.07 -35.66
N TYR P 93 -8.09 -38.42 -36.78
CA TYR P 93 -8.59 -37.41 -37.72
C TYR P 93 -9.46 -36.44 -36.96
N LEU P 94 -10.29 -36.99 -36.08
CA LEU P 94 -11.17 -36.15 -35.29
C LEU P 94 -10.37 -35.19 -34.43
N GLU P 95 -9.35 -35.69 -33.73
CA GLU P 95 -8.55 -34.81 -32.89
C GLU P 95 -7.75 -33.79 -33.70
N GLY P 96 -7.60 -34.05 -35.00
CA GLY P 96 -6.87 -33.13 -35.86
C GLY P 96 -5.50 -33.58 -36.32
N TYR P 97 -5.43 -34.76 -36.92
CA TYR P 97 -4.18 -35.30 -37.40
C TYR P 97 -4.15 -35.49 -38.90
N LYS P 98 -3.18 -36.27 -39.35
CA LYS P 98 -3.05 -36.57 -40.74
C LYS P 98 -3.29 -38.06 -40.79
N ALA P 99 -4.45 -38.45 -41.30
CA ALA P 99 -4.77 -39.87 -41.38
C ALA P 99 -5.04 -40.32 -42.81
N PHE P 100 -4.71 -41.58 -43.06
CA PHE P 100 -4.91 -42.14 -44.38
C PHE P 100 -5.31 -43.59 -44.31
N THR P 101 -5.81 -44.04 -45.44
CA THR P 101 -6.23 -45.41 -45.62
C THR P 101 -5.56 -45.77 -46.94
N LEU P 102 -4.82 -46.87 -46.91
CA LEU P 102 -4.09 -47.34 -48.07
C LEU P 102 -4.80 -48.52 -48.71
N ILE P 103 -4.96 -48.49 -50.02
CA ILE P 103 -5.59 -49.61 -50.70
C ILE P 103 -4.53 -50.44 -51.37
N GLY P 104 -4.57 -51.75 -51.15
CA GLY P 104 -3.58 -52.63 -51.73
C GLY P 104 -3.87 -53.19 -53.11
N GLY P 105 -4.46 -52.35 -53.95
CA GLY P 105 -4.84 -52.71 -55.31
C GLY P 105 -3.84 -53.49 -56.14
N SER P 106 -2.63 -53.70 -55.62
CA SER P 106 -1.63 -54.45 -56.35
C SER P 106 -1.13 -55.55 -55.45
N THR P 107 -1.09 -55.29 -54.14
CA THR P 107 -0.61 -56.29 -53.21
C THR P 107 -1.56 -57.47 -53.08
N ALA P 108 -2.76 -57.32 -53.63
CA ALA P 108 -3.74 -58.39 -53.58
C ALA P 108 -3.21 -59.63 -54.28
N LYS P 109 -2.45 -59.44 -55.37
CA LYS P 109 -1.87 -60.56 -56.12
C LYS P 109 -0.76 -61.20 -55.29
N ILE P 110 -0.80 -60.91 -54.00
CA ILE P 110 0.19 -61.42 -53.07
C ILE P 110 -0.41 -61.74 -51.72
N GLY P 111 -1.00 -60.75 -51.07
CA GLY P 111 -1.64 -60.97 -49.78
C GLY P 111 -0.73 -61.31 -48.61
N ASP P 112 -1.16 -60.90 -47.42
CA ASP P 112 -0.39 -61.17 -46.22
C ASP P 112 -0.33 -62.66 -45.94
N PRO P 113 0.88 -63.21 -45.86
CA PRO P 113 1.01 -64.64 -45.57
C PRO P 113 0.92 -64.87 -44.06
N THR P 114 0.06 -65.82 -43.68
CA THR P 114 -0.16 -66.13 -42.27
C THR P 114 -0.94 -67.46 -42.08
N GLY P 115 -0.26 -68.61 -42.18
CA GLY P 115 -0.91 -69.89 -42.01
C GLY P 115 -0.55 -70.92 -43.07
N ASP P 127 -11.69 -58.53 -63.31
CA ASP P 127 -12.10 -59.46 -62.27
C ASP P 127 -11.79 -58.90 -60.89
N ALA P 128 -10.82 -59.51 -60.22
CA ALA P 128 -10.41 -59.08 -58.91
C ALA P 128 -10.20 -57.57 -58.95
N THR P 129 -10.07 -57.05 -60.17
CA THR P 129 -9.86 -55.63 -60.41
C THR P 129 -10.99 -54.82 -59.81
N MET P 130 -12.21 -55.27 -60.07
CA MET P 130 -13.34 -54.55 -59.55
C MET P 130 -13.48 -54.82 -58.05
N ASN P 131 -12.95 -55.96 -57.61
CA ASN P 131 -13.02 -56.27 -56.19
C ASN P 131 -12.55 -55.01 -55.49
N MET P 132 -11.40 -54.56 -55.91
CA MET P 132 -10.81 -53.35 -55.40
C MET P 132 -11.79 -52.19 -55.57
N THR P 133 -12.17 -51.91 -56.82
CA THR P 133 -13.09 -50.80 -57.11
C THR P 133 -14.14 -50.72 -56.01
N LYS P 134 -14.79 -51.84 -55.75
CA LYS P 134 -15.80 -51.85 -54.71
C LYS P 134 -15.27 -51.15 -53.46
N ILE P 135 -14.18 -51.66 -52.87
CA ILE P 135 -13.65 -51.02 -51.66
C ILE P 135 -13.38 -49.53 -51.78
N HIS P 136 -12.90 -49.10 -52.94
CA HIS P 136 -12.61 -47.69 -53.16
C HIS P 136 -13.87 -46.94 -52.73
N TYR P 137 -14.87 -46.91 -53.62
CA TYR P 137 -16.17 -46.27 -53.35
C TYR P 137 -16.48 -46.42 -51.85
N GLN P 138 -16.18 -47.59 -51.29
CA GLN P 138 -16.44 -47.83 -49.87
C GLN P 138 -15.73 -46.78 -49.02
N LEU P 139 -14.50 -47.08 -48.64
CA LEU P 139 -13.70 -46.17 -47.82
C LEU P 139 -14.16 -44.74 -47.96
N LYS P 140 -14.34 -44.30 -49.20
CA LYS P 140 -14.80 -42.94 -49.43
C LYS P 140 -16.06 -42.68 -48.62
N LYS P 141 -17.20 -43.12 -49.14
CA LYS P 141 -18.52 -42.95 -48.51
C LYS P 141 -18.35 -43.02 -46.98
N LEU P 142 -17.59 -44.01 -46.51
CA LEU P 142 -17.35 -44.17 -45.07
C LEU P 142 -16.72 -42.90 -44.52
N TRP P 143 -15.55 -42.58 -45.04
CA TRP P 143 -14.85 -41.40 -44.60
C TRP P 143 -15.87 -40.29 -44.44
N GLU P 144 -16.67 -40.11 -45.48
CA GLU P 144 -17.70 -39.08 -45.50
C GLU P 144 -18.44 -39.00 -44.19
N ASN P 145 -19.00 -40.12 -43.74
CA ASN P 145 -19.74 -40.14 -42.49
C ASN P 145 -18.85 -39.81 -41.30
N VAL P 146 -17.62 -40.32 -41.34
CA VAL P 146 -16.68 -40.07 -40.26
C VAL P 146 -16.60 -38.57 -40.13
N ASP P 147 -16.26 -37.93 -41.25
CA ASP P 147 -16.18 -36.49 -41.30
C ASP P 147 -17.53 -35.98 -40.79
N THR P 148 -18.59 -36.56 -41.34
CA THR P 148 -19.94 -36.16 -40.98
C THR P 148 -20.09 -36.14 -39.46
N GLN P 149 -20.14 -37.30 -38.83
CA GLN P 149 -20.28 -37.32 -37.38
C GLN P 149 -19.33 -36.32 -36.73
N MET P 150 -18.11 -36.22 -37.23
CA MET P 150 -17.12 -35.30 -36.64
C MET P 150 -17.73 -33.96 -36.24
N ARG P 151 -17.94 -33.12 -37.24
CA ARG P 151 -18.51 -31.78 -37.02
C ARG P 151 -19.89 -31.96 -36.40
N ALA P 152 -20.50 -33.08 -36.72
CA ALA P 152 -21.81 -33.38 -36.20
C ALA P 152 -21.82 -33.23 -34.69
N ARG P 153 -20.69 -33.51 -34.04
CA ARG P 153 -20.64 -33.40 -32.58
C ARG P 153 -19.54 -32.56 -31.98
N GLY P 154 -19.74 -31.24 -32.07
CA GLY P 154 -18.82 -30.27 -31.52
C GLY P 154 -17.36 -30.43 -31.88
N TYR P 155 -17.07 -30.82 -33.12
CA TYR P 155 -15.68 -30.99 -33.58
C TYR P 155 -15.25 -29.85 -34.49
N GLU P 156 -14.41 -28.94 -34.01
CA GLU P 156 -13.98 -27.82 -34.83
C GLU P 156 -12.89 -28.16 -35.82
N ALA P 157 -13.23 -28.04 -37.10
CA ALA P 157 -12.30 -28.33 -38.18
C ALA P 157 -10.96 -27.63 -37.98
N ASP P 158 -9.94 -28.20 -38.60
CA ASP P 158 -8.59 -27.70 -38.51
C ASP P 158 -7.97 -27.66 -39.90
N TRP P 159 -7.37 -26.54 -40.24
CA TRP P 159 -6.75 -26.40 -41.53
C TRP P 159 -5.85 -27.61 -41.84
N ALA P 160 -4.98 -27.95 -40.89
CA ALA P 160 -4.02 -29.06 -41.02
C ALA P 160 -4.58 -30.46 -40.97
N ARG P 161 -5.75 -30.60 -40.36
CA ARG P 161 -6.40 -31.90 -40.26
C ARG P 161 -6.68 -32.36 -41.68
N LYS P 162 -6.16 -33.50 -42.09
CA LYS P 162 -6.46 -33.97 -43.43
C LYS P 162 -6.58 -35.48 -43.45
N ARG P 163 -7.45 -35.94 -44.34
CA ARG P 163 -7.71 -37.36 -44.50
C ARG P 163 -7.34 -37.71 -45.93
N GLY P 164 -7.58 -38.96 -46.33
CA GLY P 164 -7.26 -39.32 -47.69
C GLY P 164 -7.02 -40.77 -47.95
N ILE P 165 -7.22 -41.18 -49.20
CA ILE P 165 -7.01 -42.55 -49.61
C ILE P 165 -5.95 -42.64 -50.69
N VAL P 166 -5.19 -43.72 -50.68
CA VAL P 166 -4.16 -43.87 -51.69
C VAL P 166 -3.96 -45.31 -52.07
N ASN P 167 -3.97 -45.51 -53.39
CA ASN P 167 -3.81 -46.80 -54.01
C ASN P 167 -2.36 -47.22 -53.87
N ASN P 168 -2.11 -48.51 -53.65
CA ASN P 168 -0.74 -48.95 -53.53
C ASN P 168 -0.10 -49.11 -54.92
N ASN P 169 -0.92 -49.43 -55.92
CA ASN P 169 -0.40 -49.58 -57.29
C ASN P 169 0.11 -48.22 -57.70
N HIS P 170 -0.51 -47.19 -57.12
CA HIS P 170 -0.17 -45.80 -57.39
C HIS P 170 1.31 -45.66 -57.68
N TRP P 171 2.12 -46.46 -56.99
CA TRP P 171 3.55 -46.42 -57.20
C TRP P 171 4.10 -47.71 -57.76
N TRP P 172 3.74 -48.83 -57.14
CA TRP P 172 4.22 -50.15 -57.57
C TRP P 172 4.08 -50.36 -59.06
N ASN P 173 3.06 -49.74 -59.61
CA ASN P 173 2.77 -49.86 -61.02
C ASN P 173 4.03 -49.82 -61.85
N LYS P 174 4.98 -48.99 -61.44
CA LYS P 174 6.23 -48.84 -62.16
C LYS P 174 7.47 -48.71 -61.25
N GLN P 175 7.42 -49.25 -60.03
CA GLN P 175 8.57 -49.13 -59.14
C GLN P 175 9.76 -49.94 -59.59
N PRO P 176 10.89 -49.26 -59.85
CA PRO P 176 12.12 -49.89 -60.29
C PRO P 176 12.64 -50.91 -59.29
N MET P 177 12.86 -52.14 -59.75
CA MET P 177 13.38 -53.22 -58.91
C MET P 177 14.74 -52.82 -58.33
N LEU P 178 15.68 -52.51 -59.22
CA LEU P 178 17.03 -52.12 -58.85
C LEU P 178 17.05 -51.26 -57.62
N GLU P 179 16.60 -50.03 -57.77
CA GLU P 179 16.57 -49.08 -56.67
C GLU P 179 16.11 -49.71 -55.37
N VAL P 180 14.83 -50.07 -55.33
CA VAL P 180 14.23 -50.69 -54.17
C VAL P 180 15.26 -51.60 -53.51
N LEU P 181 15.57 -52.68 -54.22
CA LEU P 181 16.53 -53.66 -53.77
C LEU P 181 17.74 -53.01 -53.10
N ARG P 182 18.23 -51.91 -53.68
CA ARG P 182 19.39 -51.24 -53.11
C ARG P 182 19.00 -50.36 -51.94
N ARG P 183 18.05 -49.47 -52.17
CA ARG P 183 17.58 -48.56 -51.13
C ARG P 183 17.22 -49.24 -49.81
N VAL P 184 17.40 -50.55 -49.71
CA VAL P 184 17.06 -51.22 -48.47
C VAL P 184 17.59 -52.63 -48.36
N GLY P 185 17.79 -53.27 -49.49
CA GLY P 185 18.27 -54.64 -49.47
C GLY P 185 19.65 -54.82 -48.87
N HIS P 186 20.50 -53.83 -49.05
CA HIS P 186 21.85 -53.88 -48.54
C HIS P 186 21.95 -53.89 -47.02
N ALA P 187 20.83 -53.64 -46.35
CA ALA P 187 20.78 -53.60 -44.89
C ALA P 187 19.80 -54.59 -44.29
N LEU P 188 19.16 -55.39 -45.15
CA LEU P 188 18.20 -56.40 -44.68
C LEU P 188 18.77 -57.82 -44.87
N ARG P 189 18.71 -58.61 -43.80
CA ARG P 189 19.19 -59.99 -43.80
C ARG P 189 17.98 -60.94 -43.89
N ILE P 190 18.05 -61.94 -44.77
CA ILE P 190 16.92 -62.86 -44.92
C ILE P 190 16.78 -63.73 -43.66
N GLY P 191 17.74 -63.60 -42.76
CA GLY P 191 17.73 -64.35 -41.52
C GLY P 191 16.47 -64.06 -40.70
N PRO P 192 16.52 -63.05 -39.80
CA PRO P 192 15.37 -62.69 -38.96
C PRO P 192 14.11 -62.47 -39.80
N MET P 193 14.28 -62.09 -41.07
CA MET P 193 13.16 -61.86 -41.98
C MET P 193 12.45 -63.20 -42.22
N LEU P 194 13.16 -64.30 -41.94
CA LEU P 194 12.62 -65.65 -42.09
C LEU P 194 12.44 -66.29 -40.71
N SER P 195 12.96 -65.63 -39.69
CA SER P 195 12.85 -66.13 -38.32
C SER P 195 11.50 -65.76 -37.73
N ARG P 196 10.78 -64.89 -38.43
CA ARG P 196 9.47 -64.48 -37.98
C ARG P 196 8.70 -65.78 -37.99
N ASP P 197 7.99 -66.07 -36.91
CA ASP P 197 7.26 -67.32 -36.85
C ASP P 197 6.29 -67.44 -38.02
N THR P 198 5.53 -66.37 -38.24
CA THR P 198 4.55 -66.29 -39.32
C THR P 198 5.04 -67.12 -40.54
N VAL P 199 6.36 -67.08 -40.76
CA VAL P 199 7.04 -67.77 -41.85
C VAL P 199 7.33 -69.23 -41.55
N LYS P 200 8.28 -69.44 -40.64
CA LYS P 200 8.72 -70.76 -40.23
C LYS P 200 7.58 -71.75 -40.29
N ASN P 201 6.42 -71.32 -39.81
CA ASN P 201 5.28 -72.22 -39.87
C ASN P 201 4.86 -72.40 -41.32
N LYS P 202 4.69 -71.29 -42.04
CA LYS P 202 4.29 -71.34 -43.44
C LYS P 202 5.34 -72.06 -44.29
N MET P 203 6.10 -72.94 -43.64
CA MET P 203 7.12 -73.71 -44.32
C MET P 203 7.19 -75.11 -43.74
N THR P 204 7.39 -75.19 -42.43
CA THR P 204 7.48 -76.48 -41.73
C THR P 204 6.10 -77.07 -41.78
N GLN P 205 5.23 -76.51 -40.94
CA GLN P 205 3.86 -76.95 -40.92
C GLN P 205 3.24 -76.53 -42.25
N GLY P 206 2.17 -77.19 -42.64
CA GLY P 206 1.49 -76.85 -43.88
C GLY P 206 2.34 -76.94 -45.13
N ASP P 207 2.22 -75.94 -45.99
CA ASP P 207 2.93 -75.89 -47.26
C ASP P 207 4.27 -75.15 -47.24
N GLY P 208 4.55 -74.46 -48.33
CA GLY P 208 5.79 -73.70 -48.44
C GLY P 208 5.55 -72.22 -48.62
N VAL P 209 6.62 -71.44 -48.58
CA VAL P 209 6.51 -70.00 -48.74
C VAL P 209 7.22 -69.48 -49.99
N SER P 210 6.42 -69.04 -50.96
CA SER P 210 6.89 -68.50 -52.24
C SER P 210 7.78 -67.26 -52.09
N PHE P 211 8.45 -66.88 -53.17
CA PHE P 211 9.32 -65.71 -53.15
C PHE P 211 8.44 -64.49 -53.07
N ALA P 212 7.35 -64.56 -53.81
CA ALA P 212 6.41 -63.48 -53.80
C ALA P 212 6.05 -63.19 -52.35
N GLU P 213 5.10 -63.95 -51.80
CA GLU P 213 4.64 -63.75 -50.43
C GLU P 213 5.74 -63.40 -49.44
N PHE P 214 6.94 -63.97 -49.64
CA PHE P 214 8.04 -63.66 -48.74
C PHE P 214 8.26 -62.17 -48.77
N THR P 215 8.09 -61.58 -49.94
CA THR P 215 8.30 -60.16 -50.11
C THR P 215 7.19 -59.25 -49.58
N TYR P 216 5.98 -59.79 -49.36
CA TYR P 216 4.87 -58.97 -48.87
C TYR P 216 5.29 -58.13 -47.68
N PRO P 217 5.97 -58.73 -46.70
CA PRO P 217 6.37 -57.92 -45.54
C PRO P 217 7.17 -56.69 -45.94
N ILE P 218 8.09 -56.87 -46.87
CA ILE P 218 8.93 -55.78 -47.33
C ILE P 218 8.06 -54.73 -47.99
N MET P 219 7.23 -55.18 -48.91
CA MET P 219 6.35 -54.30 -49.62
C MET P 219 5.67 -53.35 -48.66
N GLN P 220 4.81 -53.91 -47.82
CA GLN P 220 4.03 -53.13 -46.83
C GLN P 220 4.95 -52.20 -46.08
N GLY P 221 6.24 -52.55 -46.07
CA GLY P 221 7.21 -51.71 -45.39
C GLY P 221 7.47 -50.53 -46.29
N TRP P 222 7.69 -50.80 -47.57
CA TRP P 222 7.95 -49.75 -48.52
C TRP P 222 6.76 -48.82 -48.56
N ASP P 223 5.57 -49.38 -48.71
CA ASP P 223 4.35 -48.58 -48.71
C ASP P 223 4.50 -47.47 -47.68
N TRP P 224 4.75 -47.88 -46.43
CA TRP P 224 4.93 -46.97 -45.33
C TRP P 224 5.86 -45.86 -45.77
N PHE P 225 7.08 -46.24 -46.13
CA PHE P 225 8.06 -45.29 -46.59
C PHE P 225 7.40 -44.23 -47.48
N GLU P 226 6.73 -44.72 -48.53
CA GLU P 226 6.02 -43.84 -49.45
C GLU P 226 5.26 -42.81 -48.65
N LEU P 227 4.24 -43.29 -47.95
CA LEU P 227 3.41 -42.43 -47.13
C LEU P 227 4.19 -41.45 -46.26
N PHE P 228 5.29 -41.90 -45.71
CA PHE P 228 6.11 -41.04 -44.88
C PHE P 228 6.71 -39.94 -45.71
N TYR P 229 6.95 -40.27 -46.97
CA TYR P 229 7.53 -39.34 -47.92
C TYR P 229 6.52 -38.42 -48.58
N GLN P 230 5.47 -39.00 -49.14
CA GLN P 230 4.45 -38.23 -49.82
C GLN P 230 3.44 -37.47 -48.95
N GLN P 231 3.54 -37.60 -47.62
CA GLN P 231 2.59 -36.91 -46.71
C GLN P 231 3.07 -36.66 -45.26
N GLY P 232 4.07 -37.42 -44.83
CA GLY P 232 4.56 -37.25 -43.46
C GLY P 232 3.92 -38.26 -42.51
N VAL P 233 3.68 -39.46 -43.03
CA VAL P 233 3.07 -40.54 -42.26
C VAL P 233 4.18 -41.33 -41.61
N GLN P 234 4.27 -41.26 -40.29
CA GLN P 234 5.31 -41.99 -39.57
C GLN P 234 4.71 -42.91 -38.52
N MET P 235 3.67 -43.63 -38.89
CA MET P 235 3.01 -44.53 -37.95
C MET P 235 1.99 -45.46 -38.60
N GLN P 236 2.11 -46.76 -38.35
CA GLN P 236 1.19 -47.71 -38.93
C GLN P 236 0.21 -48.25 -37.92
N ILE P 237 -0.97 -48.60 -38.40
CA ILE P 237 -2.03 -49.14 -37.55
C ILE P 237 -2.55 -50.37 -38.23
N GLY P 238 -2.20 -51.54 -37.72
CA GLY P 238 -2.63 -52.76 -38.36
C GLY P 238 -3.41 -53.73 -37.52
N GLY P 239 -3.89 -54.80 -38.16
CA GLY P 239 -4.64 -55.83 -37.48
C GLY P 239 -3.80 -56.37 -36.33
N SER P 240 -4.47 -56.98 -35.36
CA SER P 240 -3.80 -57.54 -34.18
C SER P 240 -2.69 -58.49 -34.56
N ASP P 241 -2.86 -59.15 -35.69
CA ASP P 241 -1.88 -60.08 -36.17
C ASP P 241 -0.83 -59.35 -37.01
N GLN P 242 -1.25 -58.38 -37.83
CA GLN P 242 -0.33 -57.62 -38.70
C GLN P 242 0.84 -57.01 -37.89
N TYR P 243 0.92 -57.32 -36.60
CA TYR P 243 2.00 -56.82 -35.73
C TYR P 243 3.35 -57.03 -36.40
N GLY P 244 3.68 -58.30 -36.62
CA GLY P 244 4.94 -58.65 -37.25
C GLY P 244 5.24 -57.73 -38.41
N ASN P 245 4.30 -57.65 -39.35
CA ASN P 245 4.48 -56.78 -40.50
C ASN P 245 4.86 -55.38 -40.01
N ILE P 246 4.21 -54.93 -38.95
CA ILE P 246 4.49 -53.60 -38.44
C ILE P 246 5.97 -53.49 -38.09
N ILE P 247 6.56 -54.60 -37.68
CA ILE P 247 7.97 -54.60 -37.31
C ILE P 247 8.84 -54.69 -38.54
N SER P 248 8.71 -55.80 -39.28
CA SER P 248 9.47 -56.03 -40.51
C SER P 248 9.37 -54.80 -41.42
N GLY P 249 8.23 -54.12 -41.33
CA GLY P 249 8.00 -52.93 -42.13
C GLY P 249 8.91 -51.83 -41.65
N LEU P 250 8.75 -51.42 -40.40
CA LEU P 250 9.57 -50.37 -39.84
C LEU P 250 11.02 -50.49 -40.27
N GLU P 251 11.50 -51.71 -40.39
CA GLU P 251 12.88 -51.97 -40.80
C GLU P 251 13.15 -51.29 -42.14
N VAL P 252 12.39 -51.68 -43.15
CA VAL P 252 12.55 -51.09 -44.47
C VAL P 252 12.48 -49.57 -44.40
N VAL P 253 11.60 -49.07 -43.54
CA VAL P 253 11.40 -47.63 -43.34
C VAL P 253 12.68 -46.90 -42.99
N LYS P 254 13.37 -47.40 -41.97
CA LYS P 254 14.63 -46.79 -41.54
C LYS P 254 15.64 -46.76 -42.69
N ALA P 255 16.16 -47.93 -43.07
CA ALA P 255 17.16 -48.04 -44.14
C ALA P 255 16.84 -47.12 -45.30
N ALA P 256 15.55 -46.89 -45.52
CA ALA P 256 15.10 -46.03 -46.58
C ALA P 256 15.52 -44.59 -46.33
N ARG P 257 15.07 -44.01 -45.21
CA ARG P 257 15.41 -42.63 -44.87
C ARG P 257 16.90 -42.39 -44.88
N GLU P 258 17.66 -43.48 -44.79
CA GLU P 258 19.13 -43.44 -44.81
C GLU P 258 19.65 -43.51 -46.24
N SER P 259 19.20 -44.52 -46.95
CA SER P 259 19.59 -44.72 -48.33
C SER P 259 19.46 -43.46 -49.17
N GLU P 260 18.48 -42.60 -48.87
CA GLU P 260 18.29 -41.39 -49.68
C GLU P 260 19.62 -40.87 -50.22
N PRO P 261 19.81 -40.93 -51.56
CA PRO P 261 21.02 -40.49 -52.24
C PRO P 261 21.33 -39.03 -52.04
N ASP P 262 20.53 -38.13 -52.63
CA ASP P 262 20.79 -36.71 -52.46
C ASP P 262 20.73 -36.28 -50.99
N PRO P 263 21.86 -35.77 -50.46
CA PRO P 263 22.02 -35.32 -49.07
C PRO P 263 21.01 -34.26 -48.69
N GLN P 264 21.04 -33.14 -49.41
CA GLN P 264 20.11 -32.05 -49.15
C GLN P 264 18.74 -32.59 -48.73
N GLU P 265 18.25 -33.63 -49.40
CA GLU P 265 16.96 -34.24 -49.07
C GLU P 265 17.05 -34.96 -47.75
N ARG P 266 18.12 -35.73 -47.61
CA ARG P 266 18.35 -36.46 -46.38
C ARG P 266 18.07 -35.50 -45.23
N LYS P 267 18.46 -34.24 -45.42
CA LYS P 267 18.29 -33.20 -44.40
C LYS P 267 16.89 -33.18 -43.80
N TYR P 268 15.93 -33.79 -44.50
CA TYR P 268 14.56 -33.81 -44.04
C TYR P 268 14.16 -35.25 -43.82
N VAL P 269 14.29 -36.02 -44.89
CA VAL P 269 13.94 -37.43 -44.92
C VAL P 269 14.67 -38.37 -43.98
N THR P 270 15.84 -37.96 -43.51
CA THR P 270 16.60 -38.81 -42.61
C THR P 270 16.24 -38.52 -41.16
N PRO P 271 16.13 -39.59 -40.35
CA PRO P 271 15.80 -39.47 -38.92
C PRO P 271 16.84 -38.64 -38.17
N LYS P 272 16.56 -37.36 -37.98
CA LYS P 272 17.48 -36.48 -37.28
C LYS P 272 17.37 -36.64 -35.76
N THR P 273 16.45 -35.93 -35.11
CA THR P 273 16.29 -36.07 -33.66
C THR P 273 15.47 -37.32 -33.32
N ALA P 274 15.23 -37.57 -32.02
CA ALA P 274 14.46 -38.72 -31.59
C ALA P 274 12.98 -38.55 -31.94
N LEU P 275 12.60 -37.32 -32.27
CA LEU P 275 11.21 -36.97 -32.64
C LEU P 275 10.81 -37.56 -34.00
N ASP P 276 11.76 -37.63 -34.94
CA ASP P 276 11.53 -38.15 -36.28
C ASP P 276 11.47 -39.69 -36.25
N GLU P 277 10.85 -40.21 -35.19
CA GLU P 277 10.69 -41.64 -34.98
C GLU P 277 9.31 -42.15 -35.42
N CYS P 278 9.31 -43.10 -36.35
CA CYS P 278 8.06 -43.66 -36.83
C CYS P 278 7.68 -44.90 -36.02
N VAL P 279 6.58 -44.80 -35.29
CA VAL P 279 6.10 -45.90 -34.46
C VAL P 279 4.82 -46.51 -35.04
N GLY P 280 4.53 -47.75 -34.65
CA GLY P 280 3.33 -48.41 -35.14
C GLY P 280 2.69 -49.24 -34.06
N PHE P 281 1.36 -49.28 -34.01
CA PHE P 281 0.68 -50.07 -33.00
C PHE P 281 -0.42 -50.93 -33.59
N THR P 282 -0.77 -51.97 -32.88
CA THR P 282 -1.79 -52.91 -33.34
C THR P 282 -2.98 -52.99 -32.43
N VAL P 283 -4.15 -52.96 -33.05
CA VAL P 283 -5.40 -53.05 -32.32
C VAL P 283 -5.46 -54.46 -31.77
N PRO P 284 -6.39 -54.71 -30.84
CA PRO P 284 -6.55 -56.04 -30.26
C PRO P 284 -7.21 -57.05 -31.18
N LEU P 285 -7.23 -58.31 -30.74
CA LEU P 285 -7.85 -59.39 -31.50
C LEU P 285 -9.29 -59.45 -30.99
N LEU P 286 -10.24 -58.89 -31.74
CA LEU P 286 -11.62 -58.92 -31.30
C LEU P 286 -12.41 -60.02 -31.99
N THR P 287 -12.89 -60.94 -31.17
CA THR P 287 -13.66 -62.07 -31.64
C THR P 287 -14.92 -62.16 -30.78
N ASP P 288 -16.02 -62.62 -31.38
CA ASP P 288 -17.28 -62.73 -30.64
C ASP P 288 -17.17 -63.78 -29.52
N SER P 289 -18.14 -63.80 -28.62
CA SER P 289 -18.15 -64.77 -27.54
C SER P 289 -18.21 -66.19 -28.15
N SER P 290 -18.10 -66.27 -29.47
CA SER P 290 -18.16 -67.54 -30.20
C SER P 290 -16.79 -68.12 -30.59
N GLY P 291 -15.73 -67.69 -29.92
CA GLY P 291 -14.41 -68.21 -30.25
C GLY P 291 -14.09 -68.11 -31.73
N ALA P 292 -14.82 -67.24 -32.43
CA ALA P 292 -14.63 -67.04 -33.86
C ALA P 292 -14.44 -65.54 -34.08
N LYS P 293 -13.48 -65.16 -34.92
CA LYS P 293 -13.18 -63.76 -35.22
C LYS P 293 -14.48 -62.95 -35.27
N PHE P 294 -14.44 -61.70 -34.82
CA PHE P 294 -15.66 -60.91 -34.87
C PHE P 294 -16.02 -60.52 -36.32
N GLY P 295 -15.51 -61.26 -37.30
CA GLY P 295 -15.78 -60.95 -38.70
C GLY P 295 -16.08 -62.16 -39.58
N LYS P 296 -15.69 -63.35 -39.11
CA LYS P 296 -15.91 -64.60 -39.86
C LYS P 296 -17.06 -65.43 -39.23
N SER P 297 -18.07 -64.74 -38.70
CA SER P 297 -19.22 -65.37 -38.05
C SER P 297 -20.43 -65.39 -39.00
N ALA P 298 -21.56 -65.90 -38.51
CA ALA P 298 -22.78 -66.01 -39.31
C ALA P 298 -22.62 -67.20 -40.26
N GLY P 299 -23.15 -67.08 -41.47
CA GLY P 299 -23.02 -68.16 -42.43
C GLY P 299 -21.64 -68.21 -43.10
N ASN P 300 -20.92 -67.11 -42.99
CA ASN P 300 -19.57 -66.93 -43.57
C ASN P 300 -18.87 -65.75 -42.87
N ALA P 301 -19.37 -64.53 -43.14
CA ALA P 301 -18.83 -63.31 -42.55
C ALA P 301 -19.92 -62.29 -42.21
N ILE P 302 -19.49 -61.09 -41.85
CA ILE P 302 -20.43 -60.03 -41.53
C ILE P 302 -19.88 -58.85 -42.27
N TRP P 303 -20.45 -58.54 -43.43
CA TRP P 303 -19.92 -57.44 -44.22
C TRP P 303 -20.71 -56.13 -44.06
N LEU P 304 -20.36 -55.13 -44.87
CA LEU P 304 -21.02 -53.84 -44.86
C LEU P 304 -21.96 -53.80 -46.05
N ASP P 305 -21.50 -54.37 -47.15
CA ASP P 305 -22.27 -54.43 -48.38
C ASP P 305 -23.71 -54.81 -48.11
N PRO P 306 -24.63 -53.85 -48.21
CA PRO P 306 -26.06 -54.06 -47.96
C PRO P 306 -26.64 -55.23 -48.73
N TYR P 307 -26.35 -55.29 -50.01
CA TYR P 307 -26.85 -56.38 -50.82
C TYR P 307 -25.98 -57.62 -50.59
N GLN P 308 -25.44 -57.75 -49.38
CA GLN P 308 -24.62 -58.90 -49.04
C GLN P 308 -24.73 -59.18 -47.55
N THR P 309 -25.46 -58.31 -46.86
CA THR P 309 -25.70 -58.41 -45.42
C THR P 309 -26.80 -57.42 -45.04
N SER P 310 -28.05 -57.87 -45.10
CA SER P 310 -29.21 -57.05 -44.76
C SER P 310 -28.86 -56.05 -43.66
N VAL P 311 -29.31 -54.81 -43.85
CA VAL P 311 -29.06 -53.78 -42.86
C VAL P 311 -29.54 -54.33 -41.55
N PHE P 312 -30.74 -54.89 -41.60
CA PHE P 312 -31.38 -55.50 -40.44
C PHE P 312 -30.49 -56.55 -39.81
N ASP P 313 -30.04 -57.49 -40.64
CA ASP P 313 -29.16 -58.56 -40.17
C ASP P 313 -27.92 -57.90 -39.53
N PHE P 314 -27.37 -56.89 -40.18
CA PHE P 314 -26.20 -56.19 -39.64
C PHE P 314 -26.61 -55.66 -38.27
N TYR P 315 -27.50 -54.67 -38.27
CA TYR P 315 -27.97 -54.06 -37.03
C TYR P 315 -27.96 -55.09 -35.93
N GLY P 316 -28.58 -56.21 -36.23
CA GLY P 316 -28.66 -57.28 -35.27
C GLY P 316 -27.33 -57.65 -34.65
N TYR P 317 -26.36 -57.97 -35.49
CA TYR P 317 -25.05 -58.37 -35.01
C TYR P 317 -24.62 -57.60 -33.77
N PHE P 318 -25.18 -56.41 -33.58
CA PHE P 318 -24.83 -55.63 -32.43
C PHE P 318 -25.91 -55.64 -31.37
N VAL P 319 -27.10 -55.20 -31.74
CA VAL P 319 -28.22 -55.15 -30.79
C VAL P 319 -28.22 -56.38 -29.88
N ARG P 320 -27.64 -57.48 -30.36
CA ARG P 320 -27.57 -58.70 -29.57
C ARG P 320 -26.10 -59.05 -29.33
N ARG P 321 -25.65 -58.79 -28.11
CA ARG P 321 -24.28 -59.10 -27.72
C ARG P 321 -24.21 -59.11 -26.20
N SER P 322 -23.20 -59.81 -25.66
CA SER P 322 -22.98 -59.94 -24.21
C SER P 322 -23.34 -58.68 -23.40
N ASP P 323 -24.23 -58.83 -22.42
CA ASP P 323 -24.64 -57.72 -21.57
C ASP P 323 -23.43 -57.06 -20.93
N GLN P 324 -22.33 -57.79 -20.92
CA GLN P 324 -21.09 -57.30 -20.36
C GLN P 324 -20.29 -56.62 -21.47
N GLU P 325 -20.21 -57.26 -22.63
CA GLU P 325 -19.47 -56.73 -23.78
C GLU P 325 -19.80 -55.30 -24.14
N VAL P 326 -21.06 -54.90 -23.93
CA VAL P 326 -21.52 -53.57 -24.25
C VAL P 326 -20.47 -52.50 -23.97
N GLU P 327 -19.96 -52.51 -22.74
CA GLU P 327 -18.95 -51.56 -22.29
C GLU P 327 -17.88 -51.37 -23.34
N ASN P 328 -16.78 -52.10 -23.16
CA ASN P 328 -15.65 -52.03 -24.07
C ASN P 328 -16.04 -52.02 -25.56
N LEU P 329 -17.26 -52.45 -25.87
CA LEU P 329 -17.73 -52.46 -27.25
C LEU P 329 -18.19 -51.09 -27.69
N LEU P 330 -18.58 -50.26 -26.72
CA LEU P 330 -19.01 -48.90 -27.01
C LEU P 330 -17.75 -48.06 -27.24
N LYS P 331 -16.74 -48.26 -26.42
CA LYS P 331 -15.48 -47.54 -26.54
C LYS P 331 -14.79 -47.80 -27.89
N LEU P 332 -14.94 -49.02 -28.39
CA LEU P 332 -14.32 -49.40 -29.63
C LEU P 332 -15.07 -49.11 -30.92
N PHE P 333 -16.39 -48.96 -30.84
CA PHE P 333 -17.13 -48.70 -32.07
C PHE P 333 -18.01 -47.48 -32.13
N THR P 334 -17.86 -46.56 -31.18
CA THR P 334 -18.64 -45.33 -31.21
C THR P 334 -17.80 -44.17 -30.77
N PHE P 335 -17.96 -43.07 -31.48
CA PHE P 335 -17.23 -41.87 -31.18
C PHE P 335 -18.01 -41.15 -30.08
N MET P 336 -18.37 -41.90 -29.05
CA MET P 336 -19.11 -41.36 -27.92
C MET P 336 -18.17 -41.01 -26.78
N PRO P 337 -18.25 -39.77 -26.29
CA PRO P 337 -17.39 -39.32 -25.21
C PRO P 337 -17.48 -40.26 -23.99
N ILE P 338 -16.32 -40.73 -23.49
CA ILE P 338 -16.26 -41.63 -22.34
C ILE P 338 -17.33 -41.21 -21.33
N SER P 339 -17.46 -39.89 -21.22
CA SER P 339 -18.42 -39.26 -20.34
C SER P 339 -19.80 -39.95 -20.43
N GLU P 340 -20.65 -39.47 -21.32
CA GLU P 340 -21.99 -40.04 -21.46
C GLU P 340 -21.98 -41.48 -22.01
N ILE P 341 -20.80 -42.03 -22.28
CA ILE P 341 -20.73 -43.41 -22.77
C ILE P 341 -21.20 -44.25 -21.60
N THR P 342 -20.82 -43.82 -20.38
CA THR P 342 -21.21 -44.52 -19.15
C THR P 342 -22.69 -44.32 -18.88
N LYS P 343 -23.21 -43.15 -19.26
CA LYS P 343 -24.64 -42.88 -19.08
C LYS P 343 -25.45 -44.00 -19.73
N THR P 344 -25.09 -44.32 -20.97
CA THR P 344 -25.75 -45.36 -21.71
C THR P 344 -25.67 -46.63 -20.86
N MET P 345 -24.61 -46.78 -20.08
CA MET P 345 -24.48 -47.96 -19.20
C MET P 345 -25.41 -47.86 -17.99
N GLU P 346 -25.91 -46.65 -17.71
CA GLU P 346 -26.80 -46.41 -16.58
C GLU P 346 -28.21 -46.90 -16.86
N GLU P 347 -28.67 -46.63 -18.07
CA GLU P 347 -29.99 -47.03 -18.54
C GLU P 347 -30.02 -48.54 -18.78
N HIS P 348 -28.91 -49.04 -19.33
CA HIS P 348 -28.79 -50.45 -19.64
C HIS P 348 -28.92 -51.34 -18.41
N ILE P 349 -28.16 -51.01 -17.35
CA ILE P 349 -28.19 -51.81 -16.12
C ILE P 349 -29.50 -51.77 -15.32
N LYS P 350 -30.34 -50.78 -15.58
CA LYS P 350 -31.62 -50.71 -14.89
C LYS P 350 -32.48 -51.82 -15.45
N ASP P 351 -32.06 -52.37 -16.60
CA ASP P 351 -32.76 -53.47 -17.27
C ASP P 351 -31.84 -54.21 -18.24
N PRO P 352 -31.10 -55.20 -17.73
CA PRO P 352 -30.17 -55.99 -18.55
C PRO P 352 -30.82 -56.53 -19.84
N SER P 353 -31.93 -57.24 -19.69
CA SER P 353 -32.64 -57.83 -20.82
C SER P 353 -33.42 -56.85 -21.70
N LYS P 354 -33.12 -55.55 -21.57
CA LYS P 354 -33.79 -54.54 -22.38
C LYS P 354 -32.84 -54.05 -23.48
N ARG P 355 -31.56 -54.38 -23.35
CA ARG P 355 -30.56 -53.99 -24.33
C ARG P 355 -30.60 -52.48 -24.59
N VAL P 356 -30.75 -51.70 -23.54
CA VAL P 356 -30.77 -50.25 -23.70
C VAL P 356 -29.47 -49.81 -24.36
N ALA P 357 -28.35 -50.32 -23.84
CA ALA P 357 -27.03 -49.99 -24.37
C ALA P 357 -26.78 -50.64 -25.72
N GLN P 358 -27.31 -51.83 -25.93
CA GLN P 358 -27.14 -52.52 -27.21
C GLN P 358 -27.74 -51.75 -28.37
N HIS P 359 -28.84 -51.05 -28.11
CA HIS P 359 -29.50 -50.26 -29.14
C HIS P 359 -28.62 -49.06 -29.49
N THR P 360 -28.14 -48.37 -28.46
CA THR P 360 -27.29 -47.20 -28.65
C THR P 360 -25.96 -47.58 -29.33
N LEU P 361 -25.35 -48.67 -28.89
CA LEU P 361 -24.10 -49.13 -29.50
C LEU P 361 -24.36 -49.73 -30.88
N ALA P 362 -25.48 -50.45 -31.02
CA ALA P 362 -25.81 -51.02 -32.31
C ALA P 362 -26.06 -49.88 -33.29
N ARG P 363 -26.95 -48.95 -32.91
CA ARG P 363 -27.28 -47.81 -33.77
C ARG P 363 -26.04 -47.09 -34.31
N GLU P 364 -25.16 -46.65 -33.39
CA GLU P 364 -23.94 -45.96 -33.77
C GLU P 364 -23.28 -46.63 -34.96
N VAL P 365 -22.91 -47.89 -34.79
CA VAL P 365 -22.27 -48.60 -35.87
C VAL P 365 -23.03 -48.49 -37.19
N VAL P 366 -24.32 -48.82 -37.15
CA VAL P 366 -25.14 -48.76 -38.36
C VAL P 366 -25.13 -47.39 -38.98
N THR P 367 -25.39 -46.39 -38.16
CA THR P 367 -25.42 -45.01 -38.61
C THR P 367 -24.09 -44.66 -39.27
N LEU P 368 -23.00 -45.04 -38.64
CA LEU P 368 -21.67 -44.74 -39.17
C LEU P 368 -21.48 -45.34 -40.55
N VAL P 369 -21.71 -46.65 -40.64
CA VAL P 369 -21.51 -47.34 -41.91
C VAL P 369 -22.76 -47.48 -42.76
N HIS P 370 -23.82 -46.78 -42.41
CA HIS P 370 -25.05 -46.87 -43.20
C HIS P 370 -25.95 -45.64 -43.08
N GLY P 371 -25.47 -44.61 -42.38
CA GLY P 371 -26.25 -43.39 -42.24
C GLY P 371 -27.37 -43.42 -41.21
N LYS P 372 -27.79 -42.25 -40.75
CA LYS P 372 -28.85 -42.17 -39.74
C LYS P 372 -30.17 -42.71 -40.27
N GLN P 373 -30.57 -42.24 -41.45
CA GLN P 373 -31.83 -42.67 -42.06
C GLN P 373 -31.99 -44.16 -41.95
N GLU P 374 -30.89 -44.87 -42.11
CA GLU P 374 -30.98 -46.30 -42.02
C GLU P 374 -30.90 -46.73 -40.57
N ALA P 375 -30.07 -46.05 -39.80
CA ALA P 375 -29.93 -46.38 -38.38
C ALA P 375 -31.30 -46.57 -37.78
N SER P 376 -32.21 -45.65 -38.12
CA SER P 376 -33.59 -45.72 -37.63
C SER P 376 -34.34 -46.87 -38.27
N ALA P 377 -34.59 -46.76 -39.57
CA ALA P 377 -35.30 -47.79 -40.32
C ALA P 377 -35.00 -49.21 -39.81
N ALA P 378 -33.73 -49.46 -39.52
CA ALA P 378 -33.28 -50.77 -39.02
C ALA P 378 -33.81 -51.02 -37.62
N GLU P 379 -33.54 -50.09 -36.71
CA GLU P 379 -34.00 -50.19 -35.33
C GLU P 379 -35.49 -50.53 -35.32
N ASP P 380 -36.26 -49.86 -36.18
CA ASP P 380 -37.70 -50.10 -36.30
C ASP P 380 -38.00 -51.57 -36.50
N GLN P 381 -37.46 -52.14 -37.56
CA GLN P 381 -37.70 -53.55 -37.80
C GLN P 381 -37.31 -54.34 -36.56
N HIS P 382 -36.16 -54.04 -35.99
CA HIS P 382 -35.71 -54.77 -34.79
C HIS P 382 -36.42 -54.31 -33.50
N ARG P 383 -37.47 -53.51 -33.68
CA ARG P 383 -38.28 -52.96 -32.56
C ARG P 383 -39.76 -53.44 -32.60
N MET P 384 -40.12 -54.27 -33.59
CA MET P 384 -41.49 -54.75 -33.78
C MET P 384 -42.01 -55.66 -32.65
N MET P 385 -43.20 -56.27 -32.76
CA MET P 385 -43.72 -57.09 -31.63
C MET P 385 -43.16 -58.53 -31.64
#